data_3G0B
#
_entry.id   3G0B
#
_cell.length_a   121.686
_cell.length_b   122.398
_cell.length_c   144.010
_cell.angle_alpha   90.00
_cell.angle_beta   114.72
_cell.angle_gamma   90.00
#
_symmetry.space_group_name_H-M   'P 1 21 1'
#
loop_
_entity.id
_entity.type
_entity.pdbx_description
1 polymer 'Dipeptidyl peptidase 4'
2 branched 2-acetamido-2-deoxy-beta-D-glucopyranose-(1-4)-2-acetamido-2-deoxy-beta-D-glucopyranose
3 non-polymer 2-acetamido-2-deoxy-beta-D-glucopyranose
4 non-polymer 2-({6-[(3R)-3-aminopiperidin-1-yl]-3-methyl-2,4-dioxo-3,4-dihydropyrimidin-1(2H)-yl}methyl)benzonitrile
5 water water
#
_entity_poly.entity_id   1
_entity_poly.type   'polypeptide(L)'
_entity_poly.pdbx_seq_one_letter_code
;ADPGGSHHHHHHSRKTYTLTDYLKNTYRLKLYSLRWISDHEYLYKQENNILVFNAEYGNSSVFLENSTFDEFGHSINDYS
ISPDGQFILLEYNYVKQWRHSYTASYDIYDLNKRQLITEERIPNNTQWVTWSPVGHKLAYVWNNDIYVKIEPNLPSYRIT
WTGKEDIIYNGITDWVYEEEVFSAYSALWWSPNGTFLAYAQFNDTEVPLIEYSFYSDESLQYPKTVRVPYPKAGAVNPTV
KFFVVNTDSLSSVTNATSIQITAPASMLIGDHYLCDVTWATQERISLQWLRRIQNYSVMDICDYDESSGRWNCLVARQHI
EMSTTGWVGRFRPSEPHFTLDGNSFYKIISNEEGYRHICYFQIDKKDCTFITKGTWEVIGIEALTSDYLYYISNEYKGMP
GGRNLYKIQLSDYTKVTCLSCELNPERCQYYSVSFSKEAKYYQLRCSGPGLPLYTLHSSVNDKGLRVLEDNSALDKMLQN
VQMPSKKLDFIILNETKFWYQMILPPHFDKSKKYPLLLDVYAGPCSQKADTVFRLNWATYLASTENIIVASFDGRGSGYQ
GDKIMHAINRRLGTFEVEDQIEAARQFSKMGFVDNKRIAIWGWSYGGYVTSMVLGSGSGVFKCGIAVAPVSRWEYYDSVY
TERYMGLPTPEDNLDHYRNSTVMSRAENFKQVEYLLIHGTADDNVHFQQSAQISKALVDVGVDFQAMWYTDEDHGIASST
AHQHIYTHMSHFIKQCFSLP
;
_entity_poly.pdbx_strand_id   A,B,C,D
#
loop_
_chem_comp.id
_chem_comp.type
_chem_comp.name
_chem_comp.formula
NAG D-saccharide, beta linking 2-acetamido-2-deoxy-beta-D-glucopyranose 'C8 H15 N O6'
T22 non-polymer 2-({6-[(3R)-3-aminopiperidin-1-yl]-3-methyl-2,4-dioxo-3,4-dihydropyrimidin-1(2H)-yl}methyl)benzonitrile 'C18 H21 N5 O2'
#
# COMPACT_ATOMS: atom_id res chain seq x y z
N ARG A 14 29.57 -5.38 11.71
CA ARG A 14 29.84 -6.61 12.50
C ARG A 14 28.67 -7.63 12.41
N LYS A 15 27.62 -7.23 11.69
CA LYS A 15 26.52 -8.14 11.38
C LYS A 15 26.93 -9.16 10.30
N THR A 16 26.23 -10.28 10.24
CA THR A 16 26.46 -11.25 9.18
C THR A 16 25.31 -11.21 8.18
N TYR A 17 25.51 -11.91 7.07
CA TYR A 17 24.47 -12.00 6.05
C TYR A 17 23.59 -13.19 6.42
N THR A 18 22.35 -12.90 6.81
CA THR A 18 21.48 -13.90 7.44
C THR A 18 20.61 -14.63 6.43
N LEU A 19 19.91 -15.66 6.89
CA LEU A 19 18.94 -16.35 6.06
C LEU A 19 17.84 -15.40 5.65
N THR A 20 17.35 -14.62 6.61
CA THR A 20 16.34 -13.59 6.32
C THR A 20 16.80 -12.59 5.27
N ASP A 21 18.07 -12.18 5.34
CA ASP A 21 18.68 -11.33 4.29
C ASP A 21 18.52 -11.93 2.92
N TYR A 22 18.93 -13.19 2.79
CA TYR A 22 18.72 -13.92 1.53
C TYR A 22 17.23 -14.02 1.17
N LEU A 23 16.40 -14.44 2.14
CA LEU A 23 14.99 -14.70 1.87
C LEU A 23 14.17 -13.46 1.51
N LYS A 24 14.49 -12.36 2.20
CA LYS A 24 13.75 -11.09 2.06
C LYS A 24 14.44 -10.07 1.17
N ASN A 25 15.52 -10.47 0.51
CA ASN A 25 16.32 -9.60 -0.38
C ASN A 25 16.69 -8.26 0.26
N THR A 26 17.27 -8.31 1.45
CA THR A 26 17.71 -7.11 2.15
C THR A 26 18.72 -6.32 1.30
N TYR A 27 19.65 -7.05 0.69
CA TYR A 27 20.75 -6.48 -0.10
C TYR A 27 20.54 -6.81 -1.57
N ARG A 28 20.00 -5.85 -2.31
CA ARG A 28 19.68 -6.08 -3.72
C ARG A 28 20.89 -5.85 -4.61
N LEU A 29 20.98 -6.65 -5.68
CA LEU A 29 21.88 -6.37 -6.77
C LEU A 29 21.09 -5.57 -7.78
N LYS A 30 21.56 -4.35 -8.04
CA LYS A 30 20.93 -3.52 -9.04
C LYS A 30 21.33 -3.97 -10.44
N LEU A 31 20.34 -3.97 -11.33
CA LEU A 31 20.56 -4.33 -12.71
C LEU A 31 20.59 -3.03 -13.51
N TYR A 32 20.95 -3.15 -14.77
CA TYR A 32 20.64 -2.10 -15.72
C TYR A 32 20.13 -2.79 -16.96
N SER A 33 18.84 -3.09 -16.93
CA SER A 33 18.22 -3.75 -18.04
C SER A 33 17.76 -2.71 -19.05
N LEU A 34 18.34 -2.77 -20.24
CA LEU A 34 17.90 -1.96 -21.33
C LEU A 34 17.42 -2.85 -22.48
N ARG A 35 16.55 -2.28 -23.30
CA ARG A 35 16.14 -2.90 -24.56
C ARG A 35 16.37 -1.89 -25.67
N TRP A 36 17.34 -2.18 -26.54
CA TRP A 36 17.66 -1.35 -27.68
C TRP A 36 16.44 -1.15 -28.56
N ILE A 37 16.27 0.09 -29.03
CA ILE A 37 15.13 0.48 -29.85
C ILE A 37 15.56 0.74 -31.30
N SER A 38 16.78 1.24 -31.44
CA SER A 38 17.40 1.50 -32.72
C SER A 38 18.90 1.30 -32.58
N ASP A 39 19.69 1.86 -33.49
CA ASP A 39 21.14 1.71 -33.43
C ASP A 39 21.82 2.70 -32.46
N HIS A 40 21.04 3.57 -31.85
CA HIS A 40 21.57 4.51 -30.85
C HIS A 40 20.59 4.88 -29.74
N GLU A 41 19.46 4.18 -29.69
CA GLU A 41 18.49 4.42 -28.63
C GLU A 41 18.06 3.15 -27.94
N TYR A 42 17.81 3.27 -26.64
CA TYR A 42 17.33 2.15 -25.86
C TYR A 42 16.36 2.62 -24.79
N LEU A 43 15.48 1.72 -24.37
CA LEU A 43 14.51 2.03 -23.33
C LEU A 43 15.00 1.58 -21.96
N TYR A 44 14.73 2.41 -20.96
CA TYR A 44 15.00 2.05 -19.58
C TYR A 44 13.81 2.35 -18.67
N LYS A 45 13.52 1.40 -17.79
CA LYS A 45 12.37 1.47 -16.90
C LYS A 45 12.79 2.09 -15.55
N GLN A 46 12.89 3.42 -15.51
CA GLN A 46 13.21 4.17 -14.28
C GLN A 46 12.07 4.09 -13.26
N GLU A 47 11.93 2.91 -12.64
CA GLU A 47 10.86 2.59 -11.69
C GLU A 47 9.47 2.61 -12.34
N ASN A 48 8.69 3.64 -12.00
CA ASN A 48 7.34 3.82 -12.54
C ASN A 48 7.34 4.23 -14.01
N ASN A 49 8.40 4.91 -14.45
CA ASN A 49 8.49 5.47 -15.80
C ASN A 49 9.17 4.56 -16.80
N ILE A 50 8.96 4.86 -18.08
CA ILE A 50 9.75 4.30 -19.16
C ILE A 50 10.46 5.47 -19.84
N LEU A 51 11.78 5.42 -19.85
CA LEU A 51 12.61 6.47 -20.44
C LEU A 51 13.23 5.99 -21.74
N VAL A 52 13.28 6.87 -22.74
CA VAL A 52 14.15 6.65 -23.88
C VAL A 52 15.49 7.28 -23.55
N PHE A 53 16.55 6.50 -23.67
CA PHE A 53 17.89 7.01 -23.46
C PHE A 53 18.60 7.15 -24.80
N ASN A 54 19.27 8.28 -24.97
CA ASN A 54 20.20 8.46 -26.07
C ASN A 54 21.52 7.85 -25.65
N ALA A 55 21.94 6.81 -26.37
CA ALA A 55 23.22 6.15 -26.11
C ALA A 55 24.39 7.08 -26.42
N GLU A 56 24.19 8.00 -27.37
CA GLU A 56 25.18 9.03 -27.68
C GLU A 56 25.50 9.93 -26.48
N TYR A 57 24.46 10.54 -25.90
CA TYR A 57 24.63 11.63 -24.94
C TYR A 57 24.30 11.25 -23.50
N GLY A 58 23.60 10.13 -23.33
CA GLY A 58 23.25 9.62 -21.99
C GLY A 58 22.10 10.37 -21.34
N ASN A 59 21.41 11.19 -22.13
CA ASN A 59 20.25 11.92 -21.63
C ASN A 59 18.94 11.18 -21.92
N SER A 60 17.91 11.54 -21.16
CA SER A 60 16.64 10.82 -21.24
C SER A 60 15.43 11.77 -21.25
N SER A 61 14.39 11.33 -21.95
CA SER A 61 13.08 11.96 -21.90
C SER A 61 12.10 10.85 -21.52
N VAL A 62 11.04 11.22 -20.78
CA VAL A 62 10.03 10.24 -20.40
C VAL A 62 9.26 9.77 -21.63
N PHE A 63 9.57 8.55 -22.08
CA PHE A 63 8.95 7.96 -23.27
C PHE A 63 7.51 7.61 -23.01
N LEU A 64 7.26 7.09 -21.81
CA LEU A 64 5.93 6.65 -21.40
C LEU A 64 5.81 6.82 -19.90
N GLU A 65 4.86 7.66 -19.49
CA GLU A 65 4.67 7.99 -18.08
C GLU A 65 4.07 6.83 -17.28
N ASN A 66 4.21 6.92 -15.96
CA ASN A 66 3.66 5.96 -15.02
C ASN A 66 2.13 5.94 -14.99
N SER A 67 1.53 7.13 -15.04
CA SER A 67 0.08 7.30 -14.92
C SER A 67 -0.64 7.45 -16.26
N THR A 68 0.05 7.15 -17.36
CA THR A 68 -0.56 7.11 -18.69
C THR A 68 -1.71 6.10 -18.71
N PHE A 69 -1.47 4.94 -18.08
CA PHE A 69 -2.46 3.87 -18.02
C PHE A 69 -3.06 3.73 -16.62
N ASP A 70 -3.15 4.86 -15.92
CA ASP A 70 -3.87 4.96 -14.66
C ASP A 70 -5.31 4.51 -14.89
N GLU A 71 -5.88 4.95 -16.01
CA GLU A 71 -7.26 4.67 -16.39
C GLU A 71 -7.47 3.27 -16.99
N PHE A 72 -6.39 2.48 -17.06
CA PHE A 72 -6.46 1.14 -17.65
C PHE A 72 -7.35 0.18 -16.85
N GLY A 73 -7.17 0.16 -15.53
CA GLY A 73 -7.98 -0.66 -14.64
C GLY A 73 -7.45 -2.07 -14.46
N HIS A 74 -6.42 -2.41 -15.25
CA HIS A 74 -5.72 -3.68 -15.15
C HIS A 74 -4.27 -3.45 -14.71
N SER A 75 -3.65 -4.50 -14.21
CA SER A 75 -2.24 -4.46 -13.84
C SER A 75 -1.35 -4.90 -15.01
N ILE A 76 -0.55 -3.96 -15.53
CA ILE A 76 0.32 -4.22 -16.69
C ILE A 76 1.54 -5.05 -16.29
N ASN A 77 1.62 -6.25 -16.86
CA ASN A 77 2.73 -7.15 -16.60
C ASN A 77 3.98 -6.75 -17.38
N ASP A 78 3.81 -6.43 -18.66
CA ASP A 78 4.94 -6.12 -19.53
C ASP A 78 4.48 -5.31 -20.73
N TYR A 79 5.40 -4.54 -21.29
CA TYR A 79 5.15 -3.76 -22.49
C TYR A 79 6.01 -4.29 -23.63
N SER A 80 5.71 -3.85 -24.85
CA SER A 80 6.51 -4.19 -26.03
C SER A 80 6.24 -3.21 -27.17
N ILE A 81 7.21 -2.34 -27.43
CA ILE A 81 7.11 -1.36 -28.51
C ILE A 81 7.33 -2.01 -29.87
N SER A 82 6.48 -1.66 -30.84
CA SER A 82 6.73 -2.04 -32.22
C SER A 82 8.05 -1.39 -32.71
N PRO A 83 8.79 -2.10 -33.58
CA PRO A 83 10.06 -1.62 -34.14
C PRO A 83 10.03 -0.21 -34.73
N ASP A 84 8.93 0.16 -35.38
CA ASP A 84 8.78 1.50 -35.92
C ASP A 84 8.33 2.53 -34.88
N GLY A 85 7.97 2.06 -33.69
CA GLY A 85 7.65 2.91 -32.55
C GLY A 85 6.30 3.59 -32.62
N GLN A 86 5.43 3.07 -33.48
CA GLN A 86 4.12 3.67 -33.70
C GLN A 86 3.07 3.11 -32.74
N PHE A 87 3.32 1.90 -32.24
CA PHE A 87 2.39 1.21 -31.34
C PHE A 87 3.11 0.53 -30.21
N ILE A 88 2.47 0.51 -29.04
CA ILE A 88 2.96 -0.27 -27.91
C ILE A 88 1.96 -1.37 -27.52
N LEU A 89 2.46 -2.59 -27.47
CA LEU A 89 1.71 -3.74 -27.01
C LEU A 89 1.76 -3.80 -25.50
N LEU A 90 0.57 -3.81 -24.87
CA LEU A 90 0.46 -3.94 -23.42
C LEU A 90 -0.05 -5.32 -23.04
N GLU A 91 0.62 -5.92 -22.07
CA GLU A 91 0.37 -7.29 -21.66
C GLU A 91 -0.12 -7.33 -20.22
N TYR A 92 -1.23 -8.02 -20.01
CA TYR A 92 -1.80 -8.17 -18.68
C TYR A 92 -2.50 -9.53 -18.57
N ASN A 93 -3.14 -9.79 -17.43
CA ASN A 93 -3.72 -11.11 -17.14
C ASN A 93 -2.73 -12.24 -17.41
N TYR A 94 -1.52 -12.05 -16.90
CA TYR A 94 -0.43 -13.00 -17.03
C TYR A 94 -0.71 -14.25 -16.20
N VAL A 95 -0.68 -15.41 -16.86
CA VAL A 95 -0.82 -16.69 -16.18
C VAL A 95 0.33 -17.58 -16.65
N LYS A 96 1.26 -17.84 -15.74
CA LYS A 96 2.38 -18.70 -16.05
C LYS A 96 1.90 -20.09 -16.42
N GLN A 97 2.55 -20.70 -17.42
CA GLN A 97 2.40 -22.14 -17.63
C GLN A 97 3.69 -22.87 -17.25
N TRP A 98 4.48 -23.31 -18.24
CA TRP A 98 5.73 -23.99 -17.95
C TRP A 98 6.86 -22.97 -17.72
N ARG A 99 8.09 -23.30 -18.07
CA ARG A 99 9.22 -22.43 -17.71
C ARG A 99 9.20 -21.12 -18.49
N HIS A 100 8.71 -21.19 -19.73
CA HIS A 100 8.72 -20.03 -20.64
C HIS A 100 7.32 -19.65 -21.06
N SER A 101 6.45 -20.65 -21.17
CA SER A 101 5.09 -20.48 -21.63
C SER A 101 4.22 -19.78 -20.60
N TYR A 102 3.35 -18.91 -21.10
CA TYR A 102 2.32 -18.32 -20.29
C TYR A 102 1.17 -17.92 -21.21
N THR A 103 0.09 -17.49 -20.57
CA THR A 103 -1.09 -16.87 -21.21
C THR A 103 -1.18 -15.42 -20.78
N ALA A 104 -1.72 -14.57 -21.65
CA ALA A 104 -1.99 -13.17 -21.32
C ALA A 104 -3.09 -12.55 -22.17
N SER A 105 -3.66 -11.47 -21.66
CA SER A 105 -4.52 -10.57 -22.41
C SER A 105 -3.67 -9.48 -23.02
N TYR A 106 -4.13 -8.88 -24.12
CA TYR A 106 -3.37 -7.82 -24.77
C TYR A 106 -4.22 -6.64 -25.27
N ASP A 107 -3.66 -5.44 -25.11
CA ASP A 107 -4.18 -4.23 -25.75
C ASP A 107 -3.06 -3.57 -26.55
N ILE A 108 -3.44 -2.92 -27.65
CA ILE A 108 -2.48 -2.14 -28.44
C ILE A 108 -2.81 -0.66 -28.26
N TYR A 109 -1.78 0.11 -27.94
CA TYR A 109 -1.91 1.54 -27.71
C TYR A 109 -1.27 2.30 -28.87
N ASP A 110 -2.05 3.19 -29.47
CA ASP A 110 -1.59 4.01 -30.60
C ASP A 110 -0.78 5.18 -30.04
N LEU A 111 0.53 5.12 -30.23
CA LEU A 111 1.43 6.17 -29.74
C LEU A 111 1.28 7.51 -30.50
N ASN A 112 0.90 7.43 -31.77
CA ASN A 112 0.67 8.61 -32.60
C ASN A 112 -0.61 9.36 -32.21
N LYS A 113 -1.51 8.66 -31.53
CA LYS A 113 -2.84 9.18 -31.22
C LYS A 113 -3.10 9.25 -29.71
N ARG A 114 -2.33 8.50 -28.93
CA ARG A 114 -2.49 8.40 -27.47
C ARG A 114 -3.81 7.76 -27.04
N GLN A 115 -4.15 6.63 -27.65
CA GLN A 115 -5.38 5.90 -27.31
C GLN A 115 -5.31 4.40 -27.59
N LEU A 116 -6.00 3.63 -26.76
CA LEU A 116 -6.12 2.19 -26.93
C LEU A 116 -6.93 1.87 -28.18
N ILE A 117 -6.43 0.93 -28.98
CA ILE A 117 -7.24 0.36 -30.07
C ILE A 117 -8.33 -0.49 -29.42
N THR A 118 -9.59 -0.25 -29.82
CA THR A 118 -10.72 -1.00 -29.26
C THR A 118 -11.40 -1.95 -30.26
N GLU A 119 -11.00 -1.90 -31.52
CA GLU A 119 -11.58 -2.76 -32.56
C GLU A 119 -10.61 -3.85 -33.02
N GLU A 120 -11.16 -5.04 -33.26
CA GLU A 120 -10.41 -6.23 -33.70
C GLU A 120 -9.24 -6.54 -32.75
N ARG A 121 -9.54 -6.65 -31.46
CA ARG A 121 -8.49 -6.80 -30.46
C ARG A 121 -7.92 -8.22 -30.40
N ILE A 122 -6.70 -8.30 -29.90
CA ILE A 122 -6.05 -9.57 -29.58
C ILE A 122 -6.89 -10.24 -28.49
N PRO A 123 -7.25 -11.52 -28.69
CA PRO A 123 -8.14 -12.18 -27.74
C PRO A 123 -7.49 -12.36 -26.36
N ASN A 124 -8.32 -12.66 -25.36
CA ASN A 124 -7.81 -13.12 -24.08
C ASN A 124 -7.20 -14.49 -24.27
N ASN A 125 -6.34 -14.88 -23.33
CA ASN A 125 -5.72 -16.21 -23.34
C ASN A 125 -4.80 -16.44 -24.55
N THR A 126 -4.18 -15.35 -24.99
CA THR A 126 -3.22 -15.40 -26.08
C THR A 126 -1.94 -16.06 -25.57
N GLN A 127 -1.45 -16.99 -26.37
CA GLN A 127 -0.34 -17.83 -26.00
C GLN A 127 0.99 -17.15 -26.30
N TRP A 128 1.04 -16.43 -27.41
CA TRP A 128 2.25 -15.75 -27.84
C TRP A 128 1.92 -14.57 -28.77
N VAL A 129 2.65 -13.47 -28.63
CA VAL A 129 2.56 -12.31 -29.51
C VAL A 129 3.95 -11.89 -29.99
N THR A 130 4.08 -11.56 -31.27
CA THR A 130 5.32 -10.97 -31.74
C THR A 130 5.08 -9.92 -32.83
N TRP A 131 5.72 -8.76 -32.66
CA TRP A 131 5.85 -7.76 -33.69
C TRP A 131 6.75 -8.33 -34.78
N SER A 132 6.51 -7.93 -36.04
CA SER A 132 7.45 -8.18 -37.12
C SER A 132 8.73 -7.39 -36.84
N PRO A 133 9.87 -7.79 -37.45
CA PRO A 133 11.15 -7.15 -37.10
C PRO A 133 11.25 -5.67 -37.46
N VAL A 134 10.55 -5.26 -38.52
CA VAL A 134 10.42 -3.84 -38.86
C VAL A 134 8.94 -3.50 -39.02
N GLY A 135 8.58 -2.25 -38.74
CA GLY A 135 7.20 -1.81 -38.89
C GLY A 135 6.32 -2.20 -37.72
N HIS A 136 5.06 -2.55 -38.00
CA HIS A 136 4.11 -2.89 -36.95
C HIS A 136 3.11 -4.01 -37.29
N LYS A 137 3.55 -4.98 -38.10
CA LYS A 137 2.78 -6.22 -38.27
C LYS A 137 2.86 -7.02 -36.97
N LEU A 138 1.82 -7.80 -36.71
CA LEU A 138 1.73 -8.53 -35.47
C LEU A 138 1.31 -9.97 -35.75
N ALA A 139 2.07 -10.92 -35.23
CA ALA A 139 1.67 -12.32 -35.27
C ALA A 139 1.39 -12.79 -33.85
N TYR A 140 0.36 -13.59 -33.70
CA TYR A 140 0.02 -14.10 -32.38
C TYR A 140 -0.59 -15.48 -32.47
N VAL A 141 -0.51 -16.19 -31.37
CA VAL A 141 -1.02 -17.55 -31.28
C VAL A 141 -2.15 -17.58 -30.25
N TRP A 142 -3.28 -18.15 -30.62
CA TRP A 142 -4.43 -18.26 -29.74
C TRP A 142 -5.14 -19.57 -30.06
N ASN A 143 -5.46 -20.32 -29.00
CA ASN A 143 -6.00 -21.68 -29.14
C ASN A 143 -5.17 -22.56 -30.10
N ASN A 144 -3.85 -22.43 -30.00
CA ASN A 144 -2.88 -23.24 -30.77
C ASN A 144 -2.80 -22.91 -32.25
N ASP A 145 -3.46 -21.84 -32.66
CA ASP A 145 -3.41 -21.39 -34.06
C ASP A 145 -2.74 -20.03 -34.21
N ILE A 146 -2.22 -19.78 -35.42
CA ILE A 146 -1.53 -18.54 -35.74
C ILE A 146 -2.42 -17.50 -36.44
N TYR A 147 -2.38 -16.27 -35.92
CA TYR A 147 -3.07 -15.13 -36.54
C TYR A 147 -2.07 -14.03 -36.80
N VAL A 148 -2.30 -13.29 -37.88
CA VAL A 148 -1.48 -12.14 -38.26
C VAL A 148 -2.35 -10.89 -38.37
N LYS A 149 -1.87 -9.80 -37.80
CA LYS A 149 -2.47 -8.47 -38.00
C LYS A 149 -1.49 -7.57 -38.75
N ILE A 150 -1.88 -7.12 -39.94
CA ILE A 150 -1.05 -6.22 -40.73
C ILE A 150 -1.10 -4.83 -40.11
N GLU A 151 -2.31 -4.40 -39.74
CA GLU A 151 -2.51 -3.19 -38.96
C GLU A 151 -3.19 -3.55 -37.64
N PRO A 152 -2.79 -2.90 -36.53
CA PRO A 152 -3.25 -3.23 -35.18
C PRO A 152 -4.77 -3.10 -34.96
N ASN A 153 -5.43 -2.27 -35.74
CA ASN A 153 -6.88 -2.08 -35.61
C ASN A 153 -7.73 -2.84 -36.64
N LEU A 154 -7.06 -3.56 -37.54
CA LEU A 154 -7.74 -4.30 -38.61
C LEU A 154 -7.91 -5.78 -38.27
N PRO A 155 -8.92 -6.44 -38.87
CA PRO A 155 -9.14 -7.87 -38.59
C PRO A 155 -7.88 -8.71 -38.81
N SER A 156 -7.67 -9.71 -37.95
CA SER A 156 -6.52 -10.59 -38.08
C SER A 156 -6.80 -11.70 -39.10
N TYR A 157 -5.78 -12.08 -39.85
CA TYR A 157 -5.87 -13.17 -40.81
C TYR A 157 -5.47 -14.46 -40.10
N ARG A 158 -6.36 -15.45 -40.14
CA ARG A 158 -6.07 -16.75 -39.57
C ARG A 158 -5.19 -17.55 -40.53
N ILE A 159 -4.03 -17.99 -40.05
CA ILE A 159 -3.06 -18.74 -40.85
C ILE A 159 -3.31 -20.25 -40.74
N THR A 160 -3.56 -20.71 -39.52
CA THR A 160 -3.67 -22.15 -39.27
C THR A 160 -5.01 -22.47 -38.65
N TRP A 161 -5.54 -23.64 -39.00
CA TRP A 161 -6.88 -24.04 -38.60
C TRP A 161 -6.84 -25.41 -37.93
N THR A 162 -5.65 -25.85 -37.57
CA THR A 162 -5.42 -27.21 -37.09
C THR A 162 -5.12 -27.28 -35.60
N GLY A 163 -4.86 -26.12 -34.99
CA GLY A 163 -4.52 -26.04 -33.57
C GLY A 163 -5.52 -26.73 -32.68
N LYS A 164 -5.01 -27.51 -31.73
CA LYS A 164 -5.84 -28.29 -30.83
C LYS A 164 -5.09 -28.52 -29.53
N GLU A 165 -5.75 -28.16 -28.43
CA GLU A 165 -5.16 -28.19 -27.10
C GLU A 165 -4.52 -29.54 -26.77
N ASP A 166 -3.24 -29.48 -26.40
CA ASP A 166 -2.41 -30.65 -26.08
C ASP A 166 -2.02 -31.53 -27.30
N ILE A 167 -2.42 -31.14 -28.50
CA ILE A 167 -2.30 -32.06 -29.64
C ILE A 167 -1.59 -31.43 -30.83
N ILE A 168 -2.16 -30.37 -31.39
CA ILE A 168 -1.52 -29.65 -32.50
C ILE A 168 -1.16 -28.24 -32.03
N TYR A 169 0.11 -27.91 -32.17
CA TYR A 169 0.68 -26.64 -31.69
C TYR A 169 1.23 -25.90 -32.89
N ASN A 170 0.57 -24.81 -33.27
CA ASN A 170 1.06 -23.98 -34.38
C ASN A 170 1.68 -22.69 -33.87
N GLY A 171 2.99 -22.56 -34.08
CA GLY A 171 3.69 -21.34 -33.71
C GLY A 171 4.04 -21.24 -32.24
N ILE A 172 3.65 -22.26 -31.48
CA ILE A 172 4.08 -22.41 -30.09
C ILE A 172 4.62 -23.84 -29.91
N THR A 173 5.46 -24.03 -28.90
CA THR A 173 6.10 -25.31 -28.63
C THR A 173 5.28 -26.12 -27.63
N ASP A 174 5.49 -27.43 -27.65
CA ASP A 174 4.89 -28.33 -26.67
C ASP A 174 5.89 -28.46 -25.53
N TRP A 175 5.55 -29.26 -24.53
CA TRP A 175 6.30 -29.26 -23.30
C TRP A 175 7.79 -29.48 -23.52
N VAL A 176 8.15 -30.50 -24.31
CA VAL A 176 9.55 -30.91 -24.43
C VAL A 176 10.37 -29.96 -25.30
N TYR A 177 9.74 -29.42 -26.33
CA TYR A 177 10.40 -28.43 -27.17
C TYR A 177 10.58 -27.13 -26.43
N GLU A 178 9.62 -26.81 -25.58
CA GLU A 178 9.76 -25.61 -24.75
C GLU A 178 10.93 -25.73 -23.78
N GLU A 179 11.01 -26.86 -23.08
CA GLU A 179 11.97 -27.04 -22.00
C GLU A 179 13.37 -27.34 -22.52
N GLU A 180 13.43 -28.17 -23.56
CA GLU A 180 14.66 -28.84 -23.94
C GLU A 180 15.24 -28.45 -25.30
N VAL A 181 14.46 -27.79 -26.15
CA VAL A 181 14.95 -27.47 -27.49
C VAL A 181 15.12 -25.98 -27.76
N PHE A 182 14.05 -25.22 -27.58
CA PHE A 182 14.05 -23.81 -27.94
C PHE A 182 14.17 -22.88 -26.75
N SER A 183 14.01 -23.45 -25.55
CA SER A 183 14.06 -22.66 -24.30
C SER A 183 13.09 -21.49 -24.39
N ALA A 184 11.94 -21.73 -25.02
CA ALA A 184 10.98 -20.69 -25.37
C ALA A 184 9.67 -21.34 -25.73
N TYR A 185 8.59 -20.57 -25.59
CA TYR A 185 7.26 -21.00 -25.98
C TYR A 185 6.99 -20.76 -27.46
N SER A 186 7.56 -19.70 -28.02
CA SER A 186 7.29 -19.33 -29.40
C SER A 186 8.01 -20.22 -30.36
N ALA A 187 7.33 -20.49 -31.47
CA ALA A 187 7.91 -21.19 -32.60
C ALA A 187 7.44 -20.42 -33.84
N LEU A 188 7.67 -19.11 -33.80
CA LEU A 188 7.38 -18.19 -34.90
C LEU A 188 8.65 -17.42 -35.22
N TRP A 189 9.00 -17.36 -36.50
CA TRP A 189 10.20 -16.66 -36.93
C TRP A 189 9.96 -15.79 -38.15
N TRP A 190 9.84 -14.49 -37.91
CA TRP A 190 9.69 -13.49 -38.96
C TRP A 190 10.98 -13.40 -39.77
N SER A 191 10.85 -13.20 -41.09
CA SER A 191 12.01 -12.83 -41.91
C SER A 191 12.46 -11.40 -41.53
N PRO A 192 13.75 -11.06 -41.76
CA PRO A 192 14.32 -9.78 -41.30
C PRO A 192 13.49 -8.51 -41.57
N ASN A 193 12.85 -8.40 -42.74
CA ASN A 193 11.98 -7.26 -43.03
C ASN A 193 10.50 -7.53 -42.79
N GLY A 194 10.19 -8.73 -42.32
CA GLY A 194 8.83 -9.08 -41.90
C GLY A 194 7.88 -9.56 -42.99
N THR A 195 8.37 -9.69 -44.23
CA THR A 195 7.57 -10.23 -45.33
C THR A 195 7.02 -11.63 -44.99
N PHE A 196 7.92 -12.52 -44.58
CA PHE A 196 7.59 -13.92 -44.32
C PHE A 196 7.46 -14.24 -42.84
N LEU A 197 6.45 -15.05 -42.51
CA LEU A 197 6.35 -15.65 -41.18
C LEU A 197 6.60 -17.16 -41.28
N ALA A 198 7.73 -17.59 -40.74
CA ALA A 198 8.07 -19.00 -40.64
C ALA A 198 7.60 -19.55 -39.29
N TYR A 199 7.09 -20.77 -39.32
CA TYR A 199 6.64 -21.39 -38.07
C TYR A 199 6.79 -22.91 -38.04
N ALA A 200 6.93 -23.45 -36.84
CA ALA A 200 6.91 -24.90 -36.64
C ALA A 200 5.53 -25.33 -36.17
N GLN A 201 5.22 -26.60 -36.43
CA GLN A 201 3.97 -27.19 -36.01
C GLN A 201 4.31 -28.51 -35.34
N PHE A 202 3.97 -28.59 -34.06
CA PHE A 202 4.18 -29.78 -33.25
C PHE A 202 2.92 -30.59 -33.08
N ASN A 203 3.09 -31.90 -33.10
CA ASN A 203 1.98 -32.80 -33.03
C ASN A 203 2.22 -33.82 -31.92
N ASP A 204 1.42 -33.70 -30.85
CA ASP A 204 1.58 -34.55 -29.69
C ASP A 204 0.58 -35.69 -29.60
N THR A 205 -0.03 -36.03 -30.72
CA THR A 205 -1.14 -37.00 -30.75
C THR A 205 -0.88 -38.29 -29.96
N GLU A 206 0.30 -38.87 -30.13
CA GLU A 206 0.58 -40.18 -29.53
C GLU A 206 1.58 -40.11 -28.38
N VAL A 207 1.92 -38.89 -27.97
CA VAL A 207 2.79 -38.64 -26.85
C VAL A 207 2.02 -38.95 -25.55
N PRO A 208 2.55 -39.84 -24.70
CA PRO A 208 1.80 -40.18 -23.50
C PRO A 208 1.77 -39.01 -22.52
N LEU A 209 0.77 -39.02 -21.65
CA LEU A 209 0.54 -37.91 -20.73
C LEU A 209 1.08 -38.22 -19.36
N ILE A 210 1.88 -37.32 -18.82
CA ILE A 210 2.10 -37.32 -17.39
C ILE A 210 0.84 -36.78 -16.73
N GLU A 211 0.40 -37.48 -15.70
CA GLU A 211 -0.75 -37.06 -14.93
C GLU A 211 -0.32 -36.93 -13.49
N TYR A 212 -0.73 -35.83 -12.88
CA TYR A 212 -0.52 -35.63 -11.46
C TYR A 212 -1.66 -34.82 -10.87
N SER A 213 -1.77 -34.89 -9.55
CA SER A 213 -2.80 -34.18 -8.81
C SER A 213 -2.43 -32.71 -8.61
N PHE A 214 -3.44 -31.84 -8.71
CA PHE A 214 -3.28 -30.43 -8.37
C PHE A 214 -4.34 -30.09 -7.34
N TYR A 215 -3.90 -29.65 -6.17
CA TYR A 215 -4.82 -29.52 -5.04
C TYR A 215 -5.54 -28.19 -5.04
N SER A 216 -4.85 -27.17 -5.58
CA SER A 216 -5.39 -25.83 -5.75
C SER A 216 -5.71 -25.20 -4.40
N ASP A 217 -6.55 -24.16 -4.41
CA ASP A 217 -6.98 -23.49 -3.19
C ASP A 217 -7.79 -24.47 -2.33
N GLU A 218 -7.72 -24.25 -1.02
CA GLU A 218 -8.48 -24.99 -0.02
C GLU A 218 -9.96 -25.19 -0.39
N SER A 219 -10.51 -24.24 -1.15
CA SER A 219 -11.92 -24.27 -1.55
C SER A 219 -12.25 -25.37 -2.58
N LEU A 220 -11.24 -25.89 -3.26
CA LEU A 220 -11.41 -26.99 -4.21
C LEU A 220 -11.69 -28.29 -3.46
N GLN A 221 -12.90 -28.81 -3.61
CA GLN A 221 -13.33 -30.02 -2.90
C GLN A 221 -12.59 -31.26 -3.41
N TYR A 222 -12.50 -31.38 -4.72
CA TYR A 222 -11.84 -32.49 -5.35
C TYR A 222 -10.66 -31.97 -6.11
N PRO A 223 -9.47 -32.56 -5.86
CA PRO A 223 -8.27 -32.25 -6.59
C PRO A 223 -8.47 -32.39 -8.09
N LYS A 224 -7.66 -31.66 -8.85
CA LYS A 224 -7.66 -31.74 -10.30
C LYS A 224 -6.52 -32.65 -10.76
N THR A 225 -6.76 -33.42 -11.79
CA THR A 225 -5.66 -34.13 -12.46
C THR A 225 -5.18 -33.26 -13.62
N VAL A 226 -3.92 -32.85 -13.51
CA VAL A 226 -3.23 -32.20 -14.63
C VAL A 226 -2.69 -33.33 -15.51
N ARG A 227 -2.90 -33.18 -16.82
CA ARG A 227 -2.44 -34.15 -17.80
C ARG A 227 -1.63 -33.40 -18.86
N VAL A 228 -0.39 -33.82 -19.09
CA VAL A 228 0.52 -33.08 -19.97
C VAL A 228 1.22 -34.04 -20.91
N PRO A 229 1.09 -33.79 -22.23
CA PRO A 229 1.83 -34.63 -23.17
C PRO A 229 3.29 -34.47 -22.87
N TYR A 230 3.92 -35.57 -22.48
CA TYR A 230 5.28 -35.54 -21.97
C TYR A 230 5.95 -36.84 -22.34
N PRO A 231 6.92 -36.79 -23.27
CA PRO A 231 7.67 -38.00 -23.63
C PRO A 231 8.81 -38.27 -22.63
N LYS A 232 8.69 -39.39 -21.91
CA LYS A 232 9.76 -39.89 -21.07
C LYS A 232 10.73 -40.67 -21.97
N ALA A 233 11.92 -41.00 -21.45
CA ALA A 233 12.97 -41.60 -22.27
C ALA A 233 12.47 -42.85 -23.00
N GLY A 234 12.68 -42.88 -24.31
CA GLY A 234 12.23 -43.99 -25.16
C GLY A 234 10.74 -44.05 -25.50
N ALA A 235 9.96 -43.02 -25.15
CA ALA A 235 8.53 -42.99 -25.48
C ALA A 235 8.29 -42.34 -26.86
N VAL A 236 7.04 -42.31 -27.31
CA VAL A 236 6.70 -41.68 -28.57
C VAL A 236 6.91 -40.17 -28.43
N ASN A 237 7.68 -39.61 -29.34
CA ASN A 237 7.98 -38.19 -29.33
C ASN A 237 6.94 -37.40 -30.11
N PRO A 238 6.83 -36.08 -29.85
CA PRO A 238 6.13 -35.21 -30.79
C PRO A 238 6.77 -35.30 -32.17
N THR A 239 5.97 -35.08 -33.21
CA THR A 239 6.52 -34.90 -34.55
C THR A 239 6.45 -33.42 -34.89
N VAL A 240 7.30 -33.01 -35.81
CA VAL A 240 7.42 -31.60 -36.16
C VAL A 240 7.32 -31.41 -37.68
N LYS A 241 6.64 -30.34 -38.07
CA LYS A 241 6.55 -29.88 -39.44
C LYS A 241 6.96 -28.42 -39.46
N PHE A 242 7.43 -27.95 -40.60
CA PHE A 242 7.87 -26.58 -40.72
C PHE A 242 7.21 -25.89 -41.91
N PHE A 243 6.73 -24.68 -41.67
CA PHE A 243 6.01 -23.92 -42.69
C PHE A 243 6.48 -22.48 -42.76
N VAL A 244 6.27 -21.89 -43.93
CA VAL A 244 6.55 -20.46 -44.15
C VAL A 244 5.37 -19.85 -44.89
N VAL A 245 4.86 -18.74 -44.37
CA VAL A 245 3.74 -18.03 -45.01
C VAL A 245 4.16 -16.60 -45.38
N ASN A 246 3.74 -16.18 -46.58
CA ASN A 246 3.95 -14.81 -47.06
C ASN A 246 2.86 -13.89 -46.51
N THR A 247 3.23 -13.03 -45.56
CA THR A 247 2.27 -12.16 -44.88
C THR A 247 1.85 -10.94 -45.70
N ASP A 248 2.54 -10.70 -46.81
CA ASP A 248 2.21 -9.57 -47.72
C ASP A 248 1.10 -9.88 -48.72
N SER A 249 0.88 -11.16 -48.99
CA SER A 249 -0.16 -11.57 -49.93
C SER A 249 -1.33 -12.31 -49.26
N LEU A 250 -1.50 -12.06 -47.97
CA LEU A 250 -2.68 -12.53 -47.23
C LEU A 250 -3.98 -11.94 -47.79
N SER A 251 -4.98 -12.79 -47.95
CA SER A 251 -6.29 -12.37 -48.44
C SER A 251 -7.35 -12.53 -47.36
N SER A 252 -8.31 -11.62 -47.35
CA SER A 252 -9.45 -11.70 -46.43
C SER A 252 -10.55 -12.59 -47.02
N VAL A 253 -10.38 -12.97 -48.28
CA VAL A 253 -11.32 -13.81 -49.02
C VAL A 253 -10.85 -15.27 -49.05
N THR A 254 -9.57 -15.47 -49.34
CA THR A 254 -9.01 -16.82 -49.40
C THR A 254 -8.18 -17.13 -48.16
N ASN A 255 -8.00 -18.41 -47.88
CA ASN A 255 -7.15 -18.85 -46.81
C ASN A 255 -5.67 -18.62 -47.08
N ALA A 256 -4.90 -18.38 -46.02
CA ALA A 256 -3.46 -18.24 -46.14
C ALA A 256 -2.86 -19.53 -46.65
N THR A 257 -1.93 -19.41 -47.58
CA THR A 257 -1.19 -20.56 -48.08
C THR A 257 0.14 -20.67 -47.31
N SER A 258 0.32 -21.77 -46.60
CA SER A 258 1.54 -22.02 -45.86
C SER A 258 2.37 -23.05 -46.60
N ILE A 259 3.57 -22.63 -46.98
CA ILE A 259 4.49 -23.49 -47.72
C ILE A 259 5.31 -24.33 -46.74
N GLN A 260 5.20 -25.64 -46.86
CA GLN A 260 5.94 -26.56 -46.02
C GLN A 260 7.38 -26.69 -46.48
N ILE A 261 8.31 -26.63 -45.53
CA ILE A 261 9.68 -27.07 -45.78
C ILE A 261 9.86 -28.40 -45.07
N THR A 262 10.09 -29.47 -45.84
CA THR A 262 10.24 -30.81 -45.25
C THR A 262 11.67 -31.04 -44.76
N ALA A 263 11.81 -31.77 -43.66
CA ALA A 263 13.11 -32.12 -43.11
C ALA A 263 13.88 -32.86 -44.19
N PRO A 264 15.23 -32.82 -44.15
CA PRO A 264 16.03 -33.55 -45.13
C PRO A 264 15.73 -35.04 -45.09
N ALA A 265 16.06 -35.71 -46.20
CA ALA A 265 15.86 -37.14 -46.35
C ALA A 265 16.59 -37.94 -45.28
N SER A 266 17.75 -37.41 -44.85
CA SER A 266 18.57 -38.02 -43.80
C SER A 266 17.94 -37.92 -42.41
N MET A 267 16.91 -37.09 -42.30
CA MET A 267 16.17 -36.90 -41.05
C MET A 267 14.86 -37.65 -41.10
N LEU A 268 14.26 -37.73 -42.29
CA LEU A 268 12.96 -38.38 -42.47
C LEU A 268 13.03 -39.90 -42.31
N ILE A 269 14.23 -40.46 -42.42
CA ILE A 269 14.48 -41.90 -42.19
C ILE A 269 14.05 -42.40 -40.79
N GLY A 270 13.97 -41.51 -39.80
CA GLY A 270 13.54 -41.87 -38.45
C GLY A 270 13.08 -40.68 -37.63
N ASP A 271 12.89 -40.89 -36.32
CA ASP A 271 12.56 -39.81 -35.39
C ASP A 271 13.64 -38.74 -35.44
N HIS A 272 13.21 -37.49 -35.37
CA HIS A 272 14.08 -36.35 -35.47
C HIS A 272 13.44 -35.16 -34.79
N TYR A 273 14.20 -34.08 -34.69
CA TYR A 273 13.79 -32.84 -34.08
C TYR A 273 14.17 -31.70 -34.99
N LEU A 274 13.39 -30.63 -34.97
CA LEU A 274 13.84 -29.35 -35.49
C LEU A 274 14.56 -28.67 -34.33
N CYS A 275 15.82 -28.29 -34.50
CA CYS A 275 16.59 -27.77 -33.35
C CYS A 275 17.05 -26.32 -33.50
N ASP A 276 16.89 -25.75 -34.69
CA ASP A 276 17.27 -24.36 -34.93
C ASP A 276 16.56 -23.79 -36.16
N VAL A 277 16.15 -22.53 -36.05
CA VAL A 277 15.62 -21.77 -37.17
C VAL A 277 16.33 -20.42 -37.19
N THR A 278 16.91 -20.10 -38.33
CA THR A 278 17.66 -18.86 -38.50
C THR A 278 17.52 -18.34 -39.93
N TRP A 279 16.94 -17.15 -40.04
CA TRP A 279 16.85 -16.44 -41.31
C TRP A 279 18.22 -15.91 -41.71
N ALA A 280 18.55 -16.06 -43.00
CA ALA A 280 19.83 -15.61 -43.51
C ALA A 280 19.68 -14.25 -44.17
N THR A 281 18.63 -14.12 -44.99
CA THR A 281 18.32 -12.91 -45.73
C THR A 281 16.80 -12.79 -45.79
N GLN A 282 16.31 -11.96 -46.71
CA GLN A 282 14.86 -11.79 -46.93
C GLN A 282 14.19 -13.02 -47.53
N GLU A 283 14.99 -13.85 -48.22
CA GLU A 283 14.47 -14.98 -48.98
C GLU A 283 15.32 -16.24 -48.83
N ARG A 284 16.09 -16.30 -47.74
CA ARG A 284 16.86 -17.49 -47.40
C ARG A 284 16.75 -17.80 -45.91
N ILE A 285 16.24 -18.99 -45.61
CA ILE A 285 16.13 -19.44 -44.23
C ILE A 285 16.97 -20.70 -43.99
N SER A 286 17.64 -20.76 -42.84
CA SER A 286 18.39 -21.95 -42.47
C SER A 286 17.65 -22.70 -41.37
N LEU A 287 17.61 -24.03 -41.54
CA LEU A 287 16.96 -24.93 -40.59
C LEU A 287 17.96 -25.96 -40.16
N GLN A 288 18.03 -26.21 -38.86
CA GLN A 288 18.80 -27.33 -38.37
C GLN A 288 17.89 -28.40 -37.79
N TRP A 289 18.19 -29.63 -38.17
CA TRP A 289 17.43 -30.78 -37.75
C TRP A 289 18.35 -31.74 -37.02
N LEU A 290 17.85 -32.34 -35.94
CA LEU A 290 18.61 -33.30 -35.14
C LEU A 290 17.95 -34.68 -35.17
N ARG A 291 18.72 -35.73 -35.42
CA ARG A 291 18.19 -37.09 -35.27
C ARG A 291 17.85 -37.35 -33.81
N ARG A 292 16.90 -38.24 -33.55
CA ARG A 292 16.56 -38.63 -32.17
C ARG A 292 17.81 -39.11 -31.40
N ILE A 293 18.66 -39.88 -32.09
CA ILE A 293 20.00 -40.16 -31.61
C ILE A 293 20.82 -38.95 -32.01
N GLN A 294 21.09 -38.12 -31.01
CA GLN A 294 21.49 -36.73 -31.20
C GLN A 294 22.97 -36.55 -31.48
N ASN A 295 23.56 -37.44 -32.26
CA ASN A 295 24.95 -37.26 -32.64
C ASN A 295 25.07 -36.88 -34.11
N TYR A 296 23.95 -36.52 -34.71
CA TYR A 296 23.90 -36.24 -36.13
C TYR A 296 22.86 -35.16 -36.44
N SER A 297 23.33 -34.06 -37.01
CA SER A 297 22.42 -33.00 -37.39
C SER A 297 22.76 -32.43 -38.75
N VAL A 298 21.77 -31.80 -39.36
CA VAL A 298 21.90 -31.29 -40.70
C VAL A 298 21.33 -29.88 -40.71
N MET A 299 22.06 -28.96 -41.31
CA MET A 299 21.52 -27.65 -41.59
C MET A 299 21.05 -27.60 -43.02
N ASP A 300 19.80 -27.17 -43.21
CA ASP A 300 19.25 -26.88 -44.51
C ASP A 300 19.33 -25.39 -44.82
N ILE A 301 19.70 -25.06 -46.05
CA ILE A 301 19.64 -23.68 -46.53
C ILE A 301 18.61 -23.56 -47.62
N CYS A 302 17.48 -22.94 -47.28
CA CYS A 302 16.31 -22.92 -48.14
C CYS A 302 16.04 -21.53 -48.70
N ASP A 303 15.89 -21.47 -50.02
CA ASP A 303 15.66 -20.24 -50.75
C ASP A 303 14.25 -20.13 -51.32
N TYR A 304 13.70 -18.92 -51.25
CA TYR A 304 12.41 -18.64 -51.87
C TYR A 304 12.52 -18.54 -53.39
N ASP A 305 11.60 -19.23 -54.08
CA ASP A 305 11.51 -19.18 -55.54
C ASP A 305 10.27 -18.40 -55.96
N GLU A 306 10.48 -17.32 -56.72
CA GLU A 306 9.39 -16.43 -57.15
C GLU A 306 8.37 -17.06 -58.12
N SER A 307 8.86 -17.80 -59.11
CA SER A 307 8.00 -18.47 -60.09
C SER A 307 7.28 -19.67 -59.48
N SER A 308 7.87 -20.22 -58.41
CA SER A 308 7.27 -21.33 -57.67
C SER A 308 6.28 -20.84 -56.63
N GLY A 309 6.72 -19.89 -55.80
CA GLY A 309 6.02 -19.54 -54.57
C GLY A 309 6.44 -20.50 -53.49
N ARG A 310 7.49 -21.28 -53.79
CA ARG A 310 7.95 -22.36 -52.94
C ARG A 310 9.37 -22.12 -52.41
N TRP A 311 9.74 -22.94 -51.42
CA TRP A 311 11.04 -22.87 -50.78
C TRP A 311 11.89 -24.08 -51.15
N ASN A 312 13.07 -23.83 -51.72
CA ASN A 312 13.96 -24.90 -52.17
C ASN A 312 15.24 -25.00 -51.33
N CYS A 313 15.47 -26.20 -50.80
CA CYS A 313 16.64 -26.46 -49.99
C CYS A 313 17.56 -27.43 -50.73
N LEU A 314 18.52 -26.87 -51.46
CA LEU A 314 19.50 -27.65 -52.23
C LEU A 314 20.26 -28.63 -51.35
N VAL A 315 20.23 -29.91 -51.74
CA VAL A 315 20.92 -30.99 -51.02
C VAL A 315 22.42 -30.75 -50.95
N ALA A 316 22.95 -30.08 -51.97
CA ALA A 316 24.37 -29.71 -52.01
C ALA A 316 24.69 -28.54 -51.08
N ARG A 317 23.65 -27.99 -50.44
CA ARG A 317 23.83 -26.90 -49.49
C ARG A 317 23.63 -27.36 -48.04
N GLN A 318 23.34 -28.65 -47.85
CA GLN A 318 23.21 -29.21 -46.51
C GLN A 318 24.58 -29.29 -45.87
N HIS A 319 24.64 -28.77 -44.66
CA HIS A 319 25.83 -28.88 -43.83
C HIS A 319 25.53 -29.84 -42.71
N ILE A 320 26.29 -30.92 -42.66
CA ILE A 320 26.21 -31.90 -41.59
C ILE A 320 27.07 -31.49 -40.41
N GLU A 321 26.52 -31.57 -39.20
CA GLU A 321 27.33 -31.47 -37.98
C GLU A 321 27.11 -32.71 -37.12
N MET A 322 28.18 -33.45 -36.91
CA MET A 322 28.08 -34.70 -36.18
C MET A 322 29.18 -34.85 -35.14
N SER A 323 29.03 -35.87 -34.30
CA SER A 323 29.96 -36.17 -33.21
C SER A 323 30.14 -37.68 -33.06
N THR A 324 31.39 -38.10 -32.94
CA THR A 324 31.72 -39.51 -32.73
C THR A 324 31.87 -39.85 -31.24
N THR A 325 32.04 -38.84 -30.40
CA THR A 325 32.26 -39.05 -28.98
C THR A 325 31.05 -38.68 -28.11
N GLY A 326 30.07 -38.01 -28.70
CA GLY A 326 28.93 -37.58 -27.93
C GLY A 326 27.74 -37.13 -28.73
N TRP A 327 27.05 -36.13 -28.21
CA TRP A 327 25.91 -35.52 -28.85
C TRP A 327 26.41 -34.29 -29.62
N VAL A 328 25.53 -33.61 -30.36
CA VAL A 328 25.91 -32.39 -31.09
C VAL A 328 25.53 -31.12 -30.34
N GLY A 329 26.48 -30.19 -30.27
CA GLY A 329 26.29 -28.93 -29.57
C GLY A 329 26.49 -29.09 -28.08
N ARG A 330 26.37 -27.98 -27.35
CA ARG A 330 26.40 -28.07 -25.89
C ARG A 330 25.11 -28.75 -25.40
N PHE A 331 23.97 -28.16 -25.75
CA PHE A 331 22.67 -28.74 -25.48
C PHE A 331 21.91 -28.97 -26.80
N ARG A 332 22.42 -28.37 -27.88
CA ARG A 332 21.85 -28.46 -29.23
C ARG A 332 22.87 -27.83 -30.16
N PRO A 333 22.85 -28.19 -31.46
CA PRO A 333 23.74 -27.55 -32.44
C PRO A 333 23.63 -26.02 -32.41
N SER A 334 24.77 -25.33 -32.39
CA SER A 334 24.81 -23.88 -32.33
C SER A 334 24.13 -23.20 -33.49
N GLU A 335 23.72 -21.94 -33.27
CA GLU A 335 23.08 -21.15 -34.34
C GLU A 335 24.10 -20.48 -35.28
N PRO A 336 23.82 -20.49 -36.60
CA PRO A 336 24.68 -19.81 -37.55
C PRO A 336 24.45 -18.29 -37.54
N HIS A 337 25.50 -17.54 -37.87
CA HIS A 337 25.45 -16.09 -37.98
C HIS A 337 25.88 -15.76 -39.38
N PHE A 338 24.91 -15.43 -40.23
CA PHE A 338 25.14 -15.25 -41.65
C PHE A 338 25.71 -13.89 -41.92
N THR A 339 26.54 -13.79 -42.97
CA THR A 339 26.96 -12.50 -43.48
C THR A 339 25.74 -11.84 -44.14
N LEU A 340 25.85 -10.55 -44.45
CA LEU A 340 24.73 -9.77 -44.99
C LEU A 340 24.12 -10.38 -46.26
N ASP A 341 24.96 -10.78 -47.22
CA ASP A 341 24.46 -11.42 -48.43
C ASP A 341 23.90 -12.83 -48.17
N GLY A 342 24.26 -13.42 -47.05
CA GLY A 342 23.79 -14.73 -46.67
C GLY A 342 24.46 -15.86 -47.44
N ASN A 343 25.63 -15.58 -48.01
CA ASN A 343 26.42 -16.54 -48.77
C ASN A 343 27.47 -17.26 -47.92
N SER A 344 27.66 -16.76 -46.69
CA SER A 344 28.57 -17.34 -45.72
C SER A 344 27.97 -17.20 -44.33
N PHE A 345 28.45 -18.02 -43.40
CA PHE A 345 28.05 -17.91 -42.01
C PHE A 345 29.16 -18.36 -41.07
N TYR A 346 29.06 -17.93 -39.82
CA TYR A 346 29.96 -18.35 -38.76
C TYR A 346 29.13 -19.09 -37.73
N LYS A 347 29.61 -20.28 -37.33
CA LYS A 347 29.06 -20.93 -36.15
C LYS A 347 30.10 -21.68 -35.34
N ILE A 348 29.78 -21.82 -34.06
CA ILE A 348 30.54 -22.60 -33.11
C ILE A 348 30.34 -24.10 -33.34
N ILE A 349 31.46 -24.79 -33.54
CA ILE A 349 31.47 -26.25 -33.63
C ILE A 349 32.72 -26.69 -32.90
N SER A 350 32.76 -27.95 -32.45
CA SER A 350 34.01 -28.37 -31.80
C SER A 350 35.03 -28.73 -32.86
N ASN A 351 36.25 -28.25 -32.66
CA ASN A 351 37.32 -28.54 -33.59
C ASN A 351 37.81 -29.96 -33.43
N GLU A 352 38.93 -30.27 -34.09
CA GLU A 352 39.51 -31.61 -34.04
C GLU A 352 40.11 -31.98 -32.66
N GLU A 353 40.48 -30.99 -31.86
CA GLU A 353 40.89 -31.21 -30.47
C GLU A 353 39.70 -31.31 -29.50
N GLY A 354 38.47 -31.14 -30.01
CA GLY A 354 37.26 -31.21 -29.18
C GLY A 354 36.92 -29.89 -28.49
N TYR A 355 37.59 -28.81 -28.88
CA TYR A 355 37.27 -27.50 -28.33
C TYR A 355 36.34 -26.72 -29.26
N ARG A 356 35.33 -26.07 -28.68
CA ARG A 356 34.32 -25.34 -29.45
C ARG A 356 34.82 -23.97 -29.87
N HIS A 357 34.87 -23.76 -31.19
CA HIS A 357 35.43 -22.57 -31.77
C HIS A 357 34.62 -22.16 -32.99
N ILE A 358 34.83 -20.92 -33.43
CA ILE A 358 34.08 -20.36 -34.55
C ILE A 358 34.64 -20.89 -35.87
N CYS A 359 33.77 -21.51 -36.65
CA CYS A 359 34.10 -21.95 -38.00
C CYS A 359 33.32 -21.09 -39.00
N TYR A 360 34.00 -20.76 -40.09
CA TYR A 360 33.47 -19.94 -41.16
C TYR A 360 33.15 -20.82 -42.36
N PHE A 361 31.89 -20.80 -42.78
CA PHE A 361 31.40 -21.65 -43.85
C PHE A 361 31.01 -20.78 -45.02
N GLN A 362 31.26 -21.28 -46.23
CA GLN A 362 30.59 -20.79 -47.42
C GLN A 362 29.36 -21.66 -47.63
N ILE A 363 28.28 -21.01 -48.03
CA ILE A 363 26.97 -21.63 -48.21
C ILE A 363 27.00 -22.87 -49.13
N ASP A 364 27.83 -22.80 -50.16
CA ASP A 364 27.91 -23.84 -51.19
C ASP A 364 29.00 -24.90 -50.97
N LYS A 365 29.78 -24.79 -49.90
CA LYS A 365 30.85 -25.78 -49.63
C LYS A 365 30.85 -26.44 -48.24
N LYS A 366 31.39 -27.66 -48.21
CA LYS A 366 31.36 -28.54 -47.03
C LYS A 366 32.41 -28.15 -45.99
N ASP A 367 33.63 -27.86 -46.45
CA ASP A 367 34.72 -27.47 -45.56
C ASP A 367 34.52 -26.07 -45.01
N CYS A 368 34.70 -25.92 -43.71
CA CYS A 368 34.80 -24.60 -43.16
C CYS A 368 36.22 -24.34 -42.67
N THR A 369 36.54 -23.08 -42.44
CA THR A 369 37.79 -22.76 -41.81
C THR A 369 37.53 -22.25 -40.39
N PHE A 370 38.29 -22.78 -39.43
CA PHE A 370 38.24 -22.30 -38.05
C PHE A 370 38.96 -20.94 -37.95
N ILE A 371 38.31 -19.97 -37.35
CA ILE A 371 38.88 -18.61 -37.25
C ILE A 371 39.42 -18.34 -35.83
N THR A 372 38.95 -19.13 -34.87
CA THR A 372 39.53 -19.18 -33.54
C THR A 372 40.08 -20.57 -33.27
N LYS A 373 41.07 -20.64 -32.39
CA LYS A 373 41.76 -21.88 -32.02
C LYS A 373 42.27 -21.75 -30.61
N GLY A 374 42.47 -22.91 -29.96
CA GLY A 374 43.10 -22.93 -28.64
C GLY A 374 42.41 -23.86 -27.67
N THR A 375 43.04 -24.05 -26.52
CA THR A 375 42.50 -24.93 -25.47
C THR A 375 41.62 -24.13 -24.52
N TRP A 376 40.52 -23.65 -25.08
CA TRP A 376 39.51 -22.83 -24.42
C TRP A 376 38.39 -22.82 -25.45
N GLU A 377 37.24 -22.30 -25.07
CA GLU A 377 36.08 -22.38 -25.94
C GLU A 377 35.41 -21.04 -26.15
N VAL A 378 34.87 -20.87 -27.35
CA VAL A 378 33.97 -19.78 -27.65
C VAL A 378 32.61 -20.13 -27.03
N ILE A 379 32.06 -19.19 -26.28
CA ILE A 379 30.79 -19.40 -25.60
C ILE A 379 29.64 -19.01 -26.52
N GLY A 380 29.80 -17.89 -27.22
CA GLY A 380 28.77 -17.39 -28.13
C GLY A 380 29.29 -16.32 -29.08
N ILE A 381 28.80 -16.34 -30.32
CA ILE A 381 28.96 -15.23 -31.24
C ILE A 381 27.88 -14.20 -30.87
N GLU A 382 28.30 -12.95 -30.71
CA GLU A 382 27.42 -11.91 -30.20
C GLU A 382 26.96 -10.92 -31.26
N ALA A 383 27.85 -10.57 -32.19
CA ALA A 383 27.48 -9.72 -33.32
C ALA A 383 28.44 -9.96 -34.47
N LEU A 384 27.94 -9.85 -35.70
CA LEU A 384 28.84 -9.76 -36.84
C LEU A 384 28.55 -8.55 -37.71
N THR A 385 29.60 -7.77 -37.91
CA THR A 385 29.55 -6.61 -38.78
C THR A 385 30.36 -6.98 -40.03
N SER A 386 30.42 -6.07 -41.00
CA SER A 386 31.17 -6.30 -42.23
C SER A 386 32.67 -6.48 -41.98
N ASP A 387 33.16 -5.91 -40.88
CA ASP A 387 34.60 -5.88 -40.58
C ASP A 387 35.04 -6.72 -39.38
N TYR A 388 34.13 -6.91 -38.42
CA TYR A 388 34.47 -7.63 -37.20
C TYR A 388 33.41 -8.67 -36.82
N LEU A 389 33.88 -9.72 -36.15
CA LEU A 389 33.03 -10.68 -35.49
C LEU A 389 33.28 -10.54 -33.99
N TYR A 390 32.20 -10.33 -33.24
CA TYR A 390 32.29 -10.16 -31.80
C TYR A 390 31.82 -11.44 -31.11
N TYR A 391 32.65 -11.95 -30.21
CA TYR A 391 32.32 -13.17 -29.47
C TYR A 391 32.72 -13.10 -28.01
N ILE A 392 32.08 -13.93 -27.21
CA ILE A 392 32.46 -14.12 -25.81
C ILE A 392 33.15 -15.48 -25.69
N SER A 393 34.22 -15.53 -24.88
CA SER A 393 34.94 -16.77 -24.63
C SER A 393 35.57 -16.78 -23.26
N ASN A 394 36.05 -17.95 -22.86
CA ASN A 394 36.79 -18.11 -21.61
C ASN A 394 38.29 -18.31 -21.85
N GLU A 395 38.84 -17.64 -22.86
CA GLU A 395 40.28 -17.74 -23.11
C GLU A 395 41.13 -17.05 -22.06
N TYR A 396 40.61 -15.95 -21.48
CA TYR A 396 41.43 -15.10 -20.61
C TYR A 396 41.96 -15.83 -19.39
N LYS A 397 43.30 -15.93 -19.35
CA LYS A 397 44.06 -16.50 -18.23
C LYS A 397 43.80 -18.01 -18.05
N GLY A 398 43.31 -18.64 -19.12
CA GLY A 398 43.00 -20.07 -19.13
C GLY A 398 41.95 -20.47 -18.13
N MET A 399 41.05 -19.55 -17.79
CA MET A 399 39.99 -19.79 -16.80
C MET A 399 38.62 -20.10 -17.42
N PRO A 400 38.21 -21.38 -17.42
CA PRO A 400 37.01 -21.77 -18.16
C PRO A 400 35.75 -21.10 -17.56
N GLY A 401 35.90 -20.54 -16.37
CA GLY A 401 34.78 -19.93 -15.64
C GLY A 401 34.81 -18.42 -15.69
N GLY A 402 35.71 -17.87 -16.50
CA GLY A 402 35.73 -16.45 -16.80
C GLY A 402 35.08 -16.22 -18.15
N ARG A 403 34.64 -14.99 -18.41
CA ARG A 403 33.92 -14.66 -19.64
C ARG A 403 34.32 -13.29 -20.12
N ASN A 404 34.82 -13.21 -21.35
CA ASN A 404 35.23 -11.93 -21.89
C ASN A 404 34.77 -11.75 -23.32
N LEU A 405 34.59 -10.48 -23.71
CA LEU A 405 34.19 -10.13 -25.06
C LEU A 405 35.41 -9.81 -25.91
N TYR A 406 35.46 -10.41 -27.10
CA TYR A 406 36.55 -10.25 -28.05
C TYR A 406 36.01 -9.88 -29.41
N LYS A 407 36.84 -9.21 -30.21
CA LYS A 407 36.51 -9.00 -31.61
C LYS A 407 37.61 -9.53 -32.51
N ILE A 408 37.19 -10.24 -33.55
CA ILE A 408 38.10 -10.81 -34.51
C ILE A 408 37.97 -10.02 -35.81
N GLN A 409 39.08 -9.45 -36.25
CA GLN A 409 39.14 -8.71 -37.50
C GLN A 409 38.96 -9.72 -38.63
N LEU A 410 37.83 -9.60 -39.34
CA LEU A 410 37.46 -10.55 -40.39
C LEU A 410 38.47 -10.66 -41.52
N SER A 411 39.17 -9.56 -41.81
CA SER A 411 40.21 -9.53 -42.83
C SER A 411 41.54 -10.14 -42.37
N ASP A 412 41.63 -10.53 -41.10
CA ASP A 412 42.87 -11.05 -40.50
C ASP A 412 42.63 -11.66 -39.11
N TYR A 413 42.51 -12.99 -39.06
CA TYR A 413 42.09 -13.72 -37.86
C TYR A 413 43.03 -13.61 -36.65
N THR A 414 44.32 -13.41 -36.89
CA THR A 414 45.31 -13.27 -35.81
C THR A 414 45.15 -11.95 -35.06
N LYS A 415 44.41 -11.02 -35.64
CA LYS A 415 44.09 -9.74 -35.01
C LYS A 415 42.83 -9.86 -34.16
N VAL A 416 43.02 -10.30 -32.93
CA VAL A 416 41.94 -10.46 -31.97
C VAL A 416 42.17 -9.49 -30.82
N THR A 417 41.15 -8.69 -30.51
CA THR A 417 41.23 -7.72 -29.43
C THR A 417 40.29 -8.14 -28.31
N CYS A 418 40.82 -8.27 -27.10
CA CYS A 418 39.94 -8.44 -25.96
C CYS A 418 39.39 -7.09 -25.55
N LEU A 419 38.07 -6.99 -25.62
CA LEU A 419 37.39 -5.74 -25.36
C LEU A 419 37.10 -5.50 -23.87
N SER A 420 37.06 -6.56 -23.09
CA SER A 420 36.63 -6.46 -21.69
C SER A 420 37.66 -6.89 -20.66
N CYS A 421 38.65 -7.69 -21.10
CA CYS A 421 39.69 -8.29 -20.23
C CYS A 421 40.31 -7.33 -19.22
N GLU A 422 40.67 -6.13 -19.68
CA GLU A 422 41.46 -5.19 -18.90
C GLU A 422 40.68 -3.99 -18.34
N LEU A 423 39.35 -4.02 -18.46
CA LEU A 423 38.54 -2.88 -18.05
C LEU A 423 38.62 -2.63 -16.56
N ASN A 424 38.40 -3.68 -15.79
CA ASN A 424 38.64 -3.71 -14.36
C ASN A 424 38.96 -5.15 -14.02
N PRO A 425 40.21 -5.58 -14.28
CA PRO A 425 40.59 -7.00 -14.23
C PRO A 425 40.33 -7.69 -12.90
N GLU A 426 40.33 -6.90 -11.82
CA GLU A 426 40.14 -7.42 -10.46
C GLU A 426 38.66 -7.59 -10.10
N ARG A 427 37.82 -6.65 -10.54
CA ARG A 427 36.40 -6.67 -10.23
C ARG A 427 35.58 -7.49 -11.22
N CYS A 428 36.13 -7.63 -12.44
CA CYS A 428 35.36 -8.04 -13.59
C CYS A 428 36.02 -9.13 -14.48
N GLN A 429 35.48 -10.34 -14.42
CA GLN A 429 36.03 -11.48 -15.13
C GLN A 429 34.89 -12.30 -15.74
N TYR A 430 33.69 -11.76 -15.67
CA TYR A 430 32.54 -12.46 -16.20
C TYR A 430 31.64 -11.50 -16.94
N TYR A 431 31.82 -11.45 -18.26
CA TYR A 431 31.09 -10.51 -19.08
C TYR A 431 30.04 -11.16 -19.96
N SER A 432 28.91 -10.46 -20.07
CA SER A 432 27.97 -10.65 -21.17
C SER A 432 27.83 -9.27 -21.81
N VAL A 433 27.13 -9.19 -22.93
CA VAL A 433 27.10 -7.98 -23.75
C VAL A 433 25.77 -7.83 -24.48
N SER A 434 25.35 -6.58 -24.68
CA SER A 434 24.18 -6.26 -25.49
C SER A 434 24.51 -5.16 -26.50
N PHE A 435 24.61 -5.57 -27.77
CA PHE A 435 24.92 -4.67 -28.87
C PHE A 435 23.66 -4.00 -29.38
N SER A 436 23.82 -2.77 -29.88
CA SER A 436 22.74 -2.04 -30.53
C SER A 436 22.35 -2.70 -31.84
N LYS A 437 21.25 -2.22 -32.43
CA LYS A 437 20.66 -2.79 -33.65
C LYS A 437 21.69 -3.09 -34.75
N GLU A 438 22.61 -2.17 -34.98
CA GLU A 438 23.64 -2.34 -36.02
C GLU A 438 25.03 -2.42 -35.39
N ALA A 439 25.07 -2.77 -34.11
CA ALA A 439 26.31 -2.92 -33.33
C ALA A 439 27.16 -1.64 -33.16
N LYS A 440 26.54 -0.47 -33.30
CA LYS A 440 27.24 0.83 -33.12
C LYS A 440 27.67 1.02 -31.66
N TYR A 441 26.83 0.59 -30.74
CA TYR A 441 27.14 0.59 -29.32
C TYR A 441 26.99 -0.79 -28.71
N TYR A 442 27.63 -1.00 -27.57
CA TYR A 442 27.36 -2.18 -26.75
C TYR A 442 27.36 -1.86 -25.26
N GLN A 443 26.44 -2.50 -24.54
CA GLN A 443 26.43 -2.45 -23.09
C GLN A 443 27.16 -3.69 -22.59
N LEU A 444 28.16 -3.50 -21.75
CA LEU A 444 28.80 -4.62 -21.07
C LEU A 444 28.16 -4.85 -19.71
N ARG A 445 27.83 -6.12 -19.43
CA ARG A 445 27.42 -6.55 -18.09
C ARG A 445 28.51 -7.43 -17.48
N CYS A 446 29.11 -6.95 -16.40
CA CYS A 446 30.08 -7.70 -15.63
C CYS A 446 29.36 -8.26 -14.40
N SER A 447 29.33 -9.59 -14.29
CA SER A 447 28.66 -10.30 -13.19
C SER A 447 29.58 -10.67 -12.02
N GLY A 448 30.86 -10.39 -12.14
CA GLY A 448 31.79 -10.74 -11.08
C GLY A 448 33.23 -10.84 -11.53
N PRO A 449 34.16 -11.12 -10.58
CA PRO A 449 33.93 -11.52 -9.18
C PRO A 449 33.48 -10.41 -8.21
N GLY A 450 33.66 -9.15 -8.58
CA GLY A 450 33.15 -8.07 -7.76
C GLY A 450 31.67 -7.86 -8.00
N LEU A 451 31.11 -6.86 -7.34
CA LEU A 451 29.76 -6.36 -7.59
C LEU A 451 29.56 -6.12 -9.10
N PRO A 452 28.41 -6.56 -9.66
CA PRO A 452 28.10 -6.26 -11.05
C PRO A 452 28.24 -4.80 -11.48
N LEU A 453 28.80 -4.64 -12.68
CA LEU A 453 29.05 -3.35 -13.28
C LEU A 453 28.49 -3.35 -14.70
N TYR A 454 27.65 -2.36 -14.97
CA TYR A 454 27.03 -2.17 -16.27
C TYR A 454 27.59 -0.89 -16.88
N THR A 455 28.10 -1.01 -18.10
CA THR A 455 28.78 0.08 -18.78
C THR A 455 28.34 0.18 -20.24
N LEU A 456 28.34 1.39 -20.78
CA LEU A 456 28.03 1.66 -22.19
C LEU A 456 29.31 1.97 -22.95
N HIS A 457 29.45 1.39 -24.15
CA HIS A 457 30.62 1.60 -25.01
C HIS A 457 30.18 1.82 -26.45
N SER A 458 31.07 2.43 -27.23
CA SER A 458 30.84 2.65 -28.65
C SER A 458 31.80 1.75 -29.41
N SER A 459 31.28 1.01 -30.38
CA SER A 459 32.10 0.02 -31.06
C SER A 459 33.08 0.61 -32.09
N VAL A 460 32.88 1.85 -32.51
CA VAL A 460 33.76 2.46 -33.51
C VAL A 460 35.20 2.64 -32.98
N ASN A 461 35.33 2.96 -31.70
CA ASN A 461 36.64 3.13 -31.07
C ASN A 461 36.81 2.29 -29.79
N ASP A 462 35.75 1.58 -29.43
CA ASP A 462 35.72 0.70 -28.25
C ASP A 462 35.99 1.42 -26.92
N LYS A 463 35.84 2.74 -26.92
CA LYS A 463 35.96 3.52 -25.70
C LYS A 463 34.71 3.37 -24.84
N GLY A 464 34.84 3.67 -23.55
CA GLY A 464 33.72 3.67 -22.64
C GLY A 464 32.99 4.98 -22.75
N LEU A 465 31.70 4.92 -23.02
CA LEU A 465 30.83 6.09 -22.95
C LEU A 465 30.60 6.45 -21.48
N ARG A 466 30.02 5.53 -20.71
CA ARG A 466 29.76 5.77 -19.30
C ARG A 466 29.40 4.53 -18.48
N VAL A 467 29.59 4.66 -17.17
CA VAL A 467 29.07 3.72 -16.19
C VAL A 467 27.55 3.90 -16.12
N LEU A 468 26.81 2.81 -16.30
CA LEU A 468 25.36 2.83 -16.23
C LEU A 468 24.88 2.52 -14.82
N GLU A 469 25.42 1.45 -14.24
CA GLU A 469 25.13 1.08 -12.86
C GLU A 469 26.36 0.41 -12.26
N ASP A 470 26.89 1.00 -11.18
CA ASP A 470 28.10 0.48 -10.56
C ASP A 470 27.85 -0.26 -9.24
N ASN A 471 26.59 -0.26 -8.80
CA ASN A 471 26.17 -0.97 -7.59
C ASN A 471 26.83 -0.44 -6.33
N SER A 472 27.03 0.88 -6.30
CA SER A 472 27.65 1.57 -5.17
C SER A 472 26.73 1.58 -3.95
N ALA A 473 25.42 1.62 -4.20
CA ALA A 473 24.42 1.60 -3.12
C ALA A 473 24.51 0.31 -2.30
N LEU A 474 24.71 -0.82 -2.99
CA LEU A 474 24.92 -2.10 -2.35
C LEU A 474 26.26 -2.17 -1.62
N ASP A 475 27.31 -1.66 -2.28
CA ASP A 475 28.68 -1.63 -1.74
C ASP A 475 28.71 -0.96 -0.37
N LYS A 476 27.99 0.16 -0.26
CA LYS A 476 27.91 0.94 0.97
C LYS A 476 27.24 0.13 2.08
N MET A 477 26.21 -0.65 1.70
CA MET A 477 25.50 -1.54 2.62
C MET A 477 26.36 -2.72 3.09
N LEU A 478 27.02 -3.37 2.14
CA LEU A 478 27.88 -4.53 2.41
C LEU A 478 29.14 -4.18 3.22
N GLN A 479 29.44 -2.89 3.32
CA GLN A 479 30.50 -2.37 4.20
C GLN A 479 30.32 -2.84 5.65
N ASN A 480 29.05 -2.91 6.08
CA ASN A 480 28.71 -3.20 7.47
C ASN A 480 28.64 -4.70 7.76
N VAL A 481 28.44 -5.50 6.72
CA VAL A 481 28.25 -6.93 6.90
C VAL A 481 29.54 -7.72 6.70
N GLN A 482 29.77 -8.68 7.60
CA GLN A 482 30.81 -9.68 7.44
C GLN A 482 30.46 -10.61 6.29
N MET A 483 30.97 -10.27 5.11
CA MET A 483 30.71 -11.01 3.88
C MET A 483 31.74 -12.10 3.64
N PRO A 484 31.27 -13.25 3.11
CA PRO A 484 32.17 -14.32 2.74
C PRO A 484 32.97 -13.97 1.47
N SER A 485 34.12 -14.63 1.31
CA SER A 485 34.89 -14.51 0.06
C SER A 485 34.70 -15.74 -0.82
N LYS A 486 35.28 -15.69 -2.01
CA LYS A 486 35.20 -16.81 -2.94
C LYS A 486 36.59 -17.19 -3.40
N LYS A 487 36.89 -18.48 -3.38
CA LYS A 487 38.09 -18.99 -4.01
C LYS A 487 37.67 -19.79 -5.23
N LEU A 488 38.28 -19.43 -6.37
CA LEU A 488 38.15 -20.15 -7.62
C LEU A 488 39.52 -20.69 -7.94
N ASP A 489 39.63 -22.01 -8.06
CA ASP A 489 40.94 -22.61 -8.33
C ASP A 489 40.71 -23.99 -8.95
N PHE A 490 41.80 -24.69 -9.26
CA PHE A 490 41.71 -26.02 -9.81
C PHE A 490 42.57 -27.01 -9.01
N ILE A 491 42.19 -28.28 -9.14
CA ILE A 491 42.99 -29.38 -8.70
C ILE A 491 43.35 -30.23 -9.93
N ILE A 492 44.39 -31.04 -9.83
CA ILE A 492 44.78 -31.94 -10.90
C ILE A 492 44.27 -33.34 -10.60
N LEU A 493 43.48 -33.88 -11.52
CA LEU A 493 43.08 -35.28 -11.50
C LEU A 493 43.52 -35.89 -12.81
N ASN A 494 44.48 -36.83 -12.75
CA ASN A 494 44.99 -37.52 -13.93
C ASN A 494 45.54 -36.57 -15.00
N GLU A 495 46.38 -35.63 -14.57
CA GLU A 495 47.01 -34.65 -15.45
C GLU A 495 46.02 -33.70 -16.11
N THR A 496 44.84 -33.57 -15.52
CA THR A 496 43.81 -32.68 -16.02
C THR A 496 43.38 -31.73 -14.90
N LYS A 497 43.23 -30.47 -15.28
CA LYS A 497 42.69 -29.45 -14.39
C LYS A 497 41.20 -29.62 -14.25
N PHE A 498 40.75 -29.65 -12.99
CA PHE A 498 39.32 -29.54 -12.68
C PHE A 498 39.09 -28.41 -11.70
N TRP A 499 38.15 -27.55 -12.04
CA TRP A 499 37.96 -26.29 -11.33
C TRP A 499 36.93 -26.41 -10.24
N TYR A 500 37.19 -25.73 -9.13
CA TYR A 500 36.29 -25.74 -8.02
C TYR A 500 36.18 -24.31 -7.53
N GLN A 501 35.08 -24.00 -6.85
CA GLN A 501 35.01 -22.74 -6.14
C GLN A 501 34.56 -23.02 -4.69
N MET A 502 35.01 -22.17 -3.77
CA MET A 502 34.58 -22.24 -2.38
C MET A 502 34.08 -20.88 -1.93
N ILE A 503 32.91 -20.88 -1.32
CA ILE A 503 32.41 -19.70 -0.63
C ILE A 503 32.90 -19.83 0.82
N LEU A 504 33.89 -19.02 1.17
CA LEU A 504 34.59 -19.12 2.46
C LEU A 504 34.01 -18.15 3.48
N PRO A 505 33.77 -18.62 4.72
CA PRO A 505 33.30 -17.76 5.80
C PRO A 505 34.14 -16.51 6.02
N PRO A 506 33.52 -15.42 6.52
CA PRO A 506 34.27 -14.20 6.86
C PRO A 506 35.41 -14.50 7.81
N HIS A 507 36.52 -13.77 7.67
CA HIS A 507 37.70 -13.91 8.52
C HIS A 507 38.17 -15.35 8.57
N PHE A 508 38.30 -15.94 7.39
CA PHE A 508 38.63 -17.33 7.22
C PHE A 508 40.03 -17.71 7.75
N ASP A 509 40.05 -18.67 8.68
CA ASP A 509 41.26 -19.14 9.33
C ASP A 509 41.58 -20.57 8.86
N LYS A 510 42.67 -20.71 8.09
CA LYS A 510 43.02 -22.02 7.50
C LYS A 510 43.55 -23.04 8.53
N SER A 511 43.91 -22.56 9.72
CA SER A 511 44.27 -23.43 10.83
C SER A 511 43.04 -23.95 11.58
N LYS A 512 41.85 -23.56 11.13
CA LYS A 512 40.60 -23.98 11.76
C LYS A 512 39.92 -24.98 10.83
N LYS A 513 39.17 -25.92 11.39
CA LYS A 513 38.42 -26.91 10.61
C LYS A 513 36.96 -26.52 10.47
N TYR A 514 36.51 -26.37 9.23
CA TYR A 514 35.15 -25.93 8.93
C TYR A 514 34.32 -27.07 8.34
N PRO A 515 33.03 -27.13 8.73
CA PRO A 515 32.12 -28.02 8.02
C PRO A 515 32.07 -27.59 6.55
N LEU A 516 31.87 -28.53 5.65
CA LEU A 516 31.79 -28.20 4.23
C LEU A 516 30.50 -28.71 3.61
N LEU A 517 29.85 -27.87 2.81
CA LEU A 517 28.72 -28.27 2.00
C LEU A 517 29.08 -28.17 0.52
N LEU A 518 28.93 -29.31 -0.16
CA LEU A 518 29.16 -29.40 -1.59
C LEU A 518 27.85 -29.16 -2.35
N ASP A 519 27.84 -28.03 -3.07
CA ASP A 519 26.72 -27.55 -3.88
C ASP A 519 26.95 -28.15 -5.28
N VAL A 520 26.03 -29.02 -5.70
CA VAL A 520 26.24 -29.80 -6.91
C VAL A 520 25.18 -29.55 -7.96
N TYR A 521 25.64 -29.49 -9.20
CA TYR A 521 24.82 -29.61 -10.39
C TYR A 521 25.36 -30.87 -11.11
N ALA A 522 26.53 -30.73 -11.77
CA ALA A 522 27.29 -31.84 -12.39
C ALA A 522 26.59 -32.51 -13.56
N GLY A 523 25.49 -31.91 -14.02
CA GLY A 523 24.90 -32.29 -15.29
C GLY A 523 25.87 -32.02 -16.43
N PRO A 524 25.68 -32.73 -17.55
CA PRO A 524 26.42 -32.48 -18.78
C PRO A 524 26.43 -30.99 -19.15
N CYS A 525 27.62 -30.46 -19.41
CA CYS A 525 27.83 -29.05 -19.72
C CYS A 525 27.53 -28.07 -18.58
N SER A 526 27.47 -28.56 -17.35
CA SER A 526 27.29 -27.69 -16.19
C SER A 526 28.57 -26.93 -15.89
N GLN A 527 28.44 -25.80 -15.20
CA GLN A 527 29.58 -25.09 -14.71
C GLN A 527 29.20 -24.41 -13.43
N LYS A 528 29.72 -24.94 -12.34
CA LYS A 528 29.41 -24.43 -11.01
C LYS A 528 30.58 -23.70 -10.38
N ALA A 529 31.75 -23.77 -11.02
CA ALA A 529 32.92 -23.01 -10.60
C ALA A 529 33.10 -21.85 -11.57
N ASP A 530 32.85 -20.63 -11.11
CA ASP A 530 32.96 -19.49 -12.01
C ASP A 530 33.21 -18.18 -11.27
N THR A 531 33.46 -17.11 -12.01
CA THR A 531 33.85 -15.85 -11.39
C THR A 531 32.65 -14.97 -11.05
N VAL A 532 31.44 -15.52 -11.04
CA VAL A 532 30.23 -14.73 -10.80
C VAL A 532 30.01 -14.41 -9.32
N PHE A 533 29.71 -13.15 -9.05
CA PHE A 533 29.26 -12.72 -7.74
C PHE A 533 27.79 -13.10 -7.55
N ARG A 534 27.49 -13.81 -6.46
CA ARG A 534 26.13 -14.20 -6.12
C ARG A 534 25.80 -13.90 -4.66
N LEU A 535 24.58 -13.41 -4.42
CA LEU A 535 24.00 -13.37 -3.07
C LEU A 535 22.93 -14.46 -2.98
N ASN A 536 23.26 -15.55 -2.29
CA ASN A 536 22.35 -16.70 -2.24
C ASN A 536 22.36 -17.44 -0.90
N TRP A 537 21.86 -18.66 -0.92
CA TRP A 537 21.82 -19.48 0.27
C TRP A 537 23.22 -19.74 0.78
N ALA A 538 24.11 -20.10 -0.15
CA ALA A 538 25.55 -20.32 0.13
C ALA A 538 26.21 -19.11 0.83
N THR A 539 25.81 -17.91 0.44
CA THR A 539 26.29 -16.69 1.07
C THR A 539 25.93 -16.67 2.56
N TYR A 540 24.68 -17.01 2.89
CA TYR A 540 24.23 -17.05 4.28
C TYR A 540 24.93 -18.15 5.07
N LEU A 541 25.06 -19.32 4.48
CA LEU A 541 25.70 -20.45 5.14
C LEU A 541 27.13 -20.12 5.48
N ALA A 542 27.83 -19.49 4.55
CA ALA A 542 29.23 -19.11 4.81
C ALA A 542 29.34 -17.95 5.80
N SER A 543 28.53 -16.90 5.58
CA SER A 543 28.54 -15.69 6.42
C SER A 543 28.03 -15.91 7.85
N THR A 544 26.89 -16.57 7.99
CA THR A 544 26.27 -16.73 9.31
C THR A 544 26.62 -18.03 10.02
N GLU A 545 26.81 -19.09 9.25
CA GLU A 545 26.93 -20.44 9.82
C GLU A 545 28.36 -20.97 9.82
N ASN A 546 29.25 -20.19 9.22
CA ASN A 546 30.67 -20.51 9.08
C ASN A 546 30.92 -21.86 8.40
N ILE A 547 30.05 -22.16 7.43
CA ILE A 547 30.13 -23.34 6.60
C ILE A 547 30.80 -22.97 5.27
N ILE A 548 31.81 -23.73 4.86
CA ILE A 548 32.34 -23.60 3.51
C ILE A 548 31.36 -24.24 2.52
N VAL A 549 31.00 -23.51 1.49
CA VAL A 549 30.25 -24.14 0.42
C VAL A 549 31.02 -24.20 -0.90
N ALA A 550 31.30 -25.44 -1.28
CA ALA A 550 32.13 -25.74 -2.42
C ALA A 550 31.29 -26.28 -3.57
N SER A 551 31.72 -25.96 -4.78
CA SER A 551 31.21 -26.57 -6.01
C SER A 551 32.38 -27.05 -6.85
N PHE A 552 32.17 -28.13 -7.59
CA PHE A 552 33.26 -28.75 -8.34
C PHE A 552 32.81 -29.12 -9.73
N ASP A 553 33.63 -28.80 -10.74
CA ASP A 553 33.31 -29.14 -12.12
C ASP A 553 34.14 -30.32 -12.63
N GLY A 554 33.57 -31.52 -12.54
CA GLY A 554 34.27 -32.73 -12.94
C GLY A 554 33.99 -33.12 -14.37
N ARG A 555 34.14 -34.41 -14.66
CA ARG A 555 33.87 -34.92 -15.99
C ARG A 555 32.39 -34.71 -16.29
N GLY A 556 32.11 -34.33 -17.54
CA GLY A 556 30.76 -33.96 -17.94
C GLY A 556 30.55 -32.45 -17.97
N SER A 557 31.33 -31.72 -17.18
CA SER A 557 31.18 -30.28 -17.09
C SER A 557 31.60 -29.62 -18.41
N GLY A 558 31.16 -28.38 -18.58
CA GLY A 558 31.23 -27.73 -19.88
C GLY A 558 32.34 -26.72 -20.03
N TYR A 559 32.48 -26.21 -21.25
CA TYR A 559 33.34 -25.05 -21.56
C TYR A 559 34.84 -25.37 -21.46
N GLN A 560 35.16 -26.66 -21.42
CA GLN A 560 36.55 -27.12 -21.29
C GLN A 560 36.90 -28.14 -22.37
N GLY A 561 36.06 -28.22 -23.38
CA GLY A 561 36.26 -29.20 -24.44
C GLY A 561 35.51 -30.48 -24.24
N ASP A 562 35.41 -31.24 -25.32
CA ASP A 562 34.62 -32.45 -25.40
C ASP A 562 35.22 -33.64 -24.65
N LYS A 563 36.53 -33.65 -24.51
CA LYS A 563 37.20 -34.70 -23.75
C LYS A 563 36.64 -34.77 -22.32
N ILE A 564 36.41 -33.61 -21.72
CA ILE A 564 35.78 -33.52 -20.40
C ILE A 564 34.26 -33.65 -20.45
N MET A 565 33.62 -32.94 -21.39
CA MET A 565 32.17 -32.90 -21.48
C MET A 565 31.59 -34.25 -21.90
N HIS A 566 32.21 -34.90 -22.87
CA HIS A 566 31.68 -36.14 -23.41
C HIS A 566 32.04 -37.36 -22.59
N ALA A 567 32.80 -37.14 -21.51
CA ALA A 567 33.33 -38.22 -20.67
C ALA A 567 32.22 -39.10 -20.13
N ILE A 568 31.06 -38.50 -19.92
CA ILE A 568 29.90 -39.21 -19.37
C ILE A 568 28.87 -39.66 -20.43
N ASN A 569 29.18 -39.46 -21.70
CA ASN A 569 28.34 -39.95 -22.80
C ASN A 569 27.88 -41.38 -22.54
N ARG A 570 26.56 -41.59 -22.61
CA ARG A 570 25.93 -42.92 -22.41
C ARG A 570 26.07 -43.50 -21.02
N ARG A 571 26.65 -42.72 -20.10
CA ARG A 571 27.11 -43.21 -18.80
C ARG A 571 26.81 -42.19 -17.72
N LEU A 572 25.59 -41.69 -17.71
CA LEU A 572 25.13 -40.77 -16.68
C LEU A 572 25.11 -41.47 -15.34
N GLY A 573 25.38 -40.73 -14.27
CA GLY A 573 25.49 -41.31 -12.95
C GLY A 573 26.73 -42.16 -12.74
N THR A 574 27.83 -41.84 -13.43
CA THR A 574 29.09 -42.54 -13.21
C THR A 574 30.20 -41.54 -12.86
N PHE A 575 30.94 -41.08 -13.86
CA PHE A 575 32.14 -40.26 -13.66
C PHE A 575 31.89 -38.93 -12.96
N GLU A 576 30.76 -38.28 -13.24
CA GLU A 576 30.42 -37.00 -12.60
C GLU A 576 30.01 -37.22 -11.13
N VAL A 577 29.52 -38.43 -10.82
CA VAL A 577 29.22 -38.81 -9.44
C VAL A 577 30.52 -39.05 -8.69
N GLU A 578 31.40 -39.85 -9.28
CA GLU A 578 32.71 -40.17 -8.71
C GLU A 578 33.53 -38.90 -8.50
N ASP A 579 33.43 -37.95 -9.44
CA ASP A 579 34.27 -36.76 -9.37
C ASP A 579 33.88 -35.81 -8.23
N GLN A 580 32.62 -35.78 -7.84
CA GLN A 580 32.16 -34.98 -6.68
C GLN A 580 32.70 -35.59 -5.39
N ILE A 581 32.73 -36.92 -5.34
CA ILE A 581 33.27 -37.69 -4.23
C ILE A 581 34.77 -37.44 -4.11
N GLU A 582 35.49 -37.56 -5.22
CA GLU A 582 36.92 -37.31 -5.22
C GLU A 582 37.27 -35.87 -4.84
N ALA A 583 36.47 -34.92 -5.34
CA ALA A 583 36.63 -33.50 -5.02
C ALA A 583 36.55 -33.26 -3.51
N ALA A 584 35.53 -33.85 -2.89
CA ALA A 584 35.38 -33.84 -1.43
C ALA A 584 36.56 -34.51 -0.72
N ARG A 585 37.07 -35.62 -1.26
CA ARG A 585 38.31 -36.19 -0.72
C ARG A 585 39.49 -35.19 -0.83
N GLN A 586 39.57 -34.47 -1.95
CA GLN A 586 40.61 -33.47 -2.13
C GLN A 586 40.41 -32.27 -1.21
N PHE A 587 39.15 -31.89 -0.96
CA PHE A 587 38.90 -30.78 -0.06
C PHE A 587 39.27 -31.12 1.39
N SER A 588 39.07 -32.38 1.79
CA SER A 588 39.53 -32.82 3.14
C SER A 588 41.03 -32.80 3.30
N LYS A 589 41.77 -33.14 2.24
CA LYS A 589 43.23 -33.03 2.23
C LYS A 589 43.72 -31.57 2.25
N MET A 590 42.80 -30.62 2.29
CA MET A 590 43.19 -29.22 2.26
C MET A 590 43.44 -28.64 3.66
N GLY A 591 43.01 -29.36 4.69
CA GLY A 591 43.45 -29.09 6.06
C GLY A 591 42.57 -28.19 6.89
N PHE A 592 41.69 -27.43 6.22
CA PHE A 592 40.73 -26.55 6.90
C PHE A 592 39.30 -27.10 6.84
N VAL A 593 39.18 -28.36 6.43
CA VAL A 593 37.86 -28.99 6.33
C VAL A 593 37.68 -30.02 7.43
N ASP A 594 36.54 -29.98 8.10
CA ASP A 594 36.20 -30.99 9.09
C ASP A 594 35.64 -32.19 8.33
N ASN A 595 36.42 -33.27 8.29
CA ASN A 595 36.01 -34.45 7.53
C ASN A 595 34.82 -35.19 8.16
N LYS A 596 34.53 -34.87 9.42
CA LYS A 596 33.35 -35.37 10.12
C LYS A 596 32.07 -34.62 9.72
N ARG A 597 32.23 -33.48 9.05
CA ARG A 597 31.09 -32.67 8.64
C ARG A 597 31.15 -32.21 7.19
N ILE A 598 31.01 -33.18 6.29
CA ILE A 598 30.88 -32.90 4.86
C ILE A 598 29.47 -33.29 4.42
N ALA A 599 28.78 -32.34 3.79
CA ALA A 599 27.45 -32.55 3.26
C ALA A 599 27.39 -32.23 1.77
N ILE A 600 26.31 -32.66 1.13
CA ILE A 600 26.16 -32.49 -0.31
C ILE A 600 24.71 -32.17 -0.61
N TRP A 601 24.49 -31.28 -1.57
CA TRP A 601 23.14 -30.95 -1.97
C TRP A 601 23.11 -30.49 -3.39
N GLY A 602 21.94 -30.64 -3.99
CA GLY A 602 21.70 -30.12 -5.32
C GLY A 602 20.23 -30.24 -5.68
N TRP A 603 19.88 -29.47 -6.70
CA TRP A 603 18.55 -29.41 -7.28
C TRP A 603 18.65 -30.05 -8.67
N SER A 604 17.59 -30.75 -9.10
CA SER A 604 17.51 -31.34 -10.47
C SER A 604 18.58 -32.37 -10.70
N TYR A 605 19.45 -32.15 -11.68
CA TYR A 605 20.57 -33.08 -11.93
C TYR A 605 21.43 -33.19 -10.66
N GLY A 606 21.63 -32.07 -9.97
CA GLY A 606 22.31 -32.03 -8.71
C GLY A 606 21.63 -32.83 -7.61
N GLY A 607 20.31 -33.00 -7.69
CA GLY A 607 19.57 -33.84 -6.73
C GLY A 607 19.86 -35.32 -7.02
N TYR A 608 19.87 -35.66 -8.30
CA TYR A 608 20.32 -36.94 -8.79
C TYR A 608 21.72 -37.29 -8.32
N VAL A 609 22.68 -36.38 -8.53
CA VAL A 609 24.08 -36.67 -8.21
C VAL A 609 24.28 -36.74 -6.69
N THR A 610 23.63 -35.84 -5.97
CA THR A 610 23.60 -35.88 -4.51
C THR A 610 23.12 -37.23 -4.00
N SER A 611 21.98 -37.69 -4.54
CA SER A 611 21.41 -38.97 -4.16
C SER A 611 22.33 -40.10 -4.52
N MET A 612 22.90 -40.04 -5.72
CA MET A 612 23.86 -41.05 -6.16
C MET A 612 25.12 -41.08 -5.31
N VAL A 613 25.59 -39.90 -4.88
CA VAL A 613 26.76 -39.80 -4.01
C VAL A 613 26.44 -40.37 -2.63
N LEU A 614 25.30 -39.98 -2.09
CA LEU A 614 24.88 -40.46 -0.76
C LEU A 614 24.61 -41.95 -0.73
N GLY A 615 24.17 -42.53 -1.85
CA GLY A 615 23.93 -43.96 -1.93
C GLY A 615 25.15 -44.73 -2.43
N SER A 616 26.33 -44.08 -2.46
CA SER A 616 27.53 -44.70 -3.05
C SER A 616 28.34 -45.53 -2.05
N GLY A 617 28.13 -45.26 -0.76
CA GLY A 617 28.86 -45.97 0.28
C GLY A 617 30.31 -45.56 0.38
N SER A 618 30.64 -44.36 -0.09
CA SER A 618 32.00 -43.82 0.00
C SER A 618 32.41 -43.56 1.44
N GLY A 619 31.45 -43.15 2.27
CA GLY A 619 31.69 -42.79 3.68
C GLY A 619 32.13 -41.35 3.89
N VAL A 620 32.21 -40.57 2.80
CA VAL A 620 32.74 -39.21 2.82
C VAL A 620 31.71 -38.19 3.39
N PHE A 621 30.44 -38.41 3.08
CA PHE A 621 29.41 -37.43 3.42
C PHE A 621 28.55 -37.87 4.60
N LYS A 622 28.36 -36.94 5.54
CA LYS A 622 27.50 -37.21 6.68
C LYS A 622 26.05 -37.16 6.23
N CYS A 623 25.75 -36.23 5.34
CA CYS A 623 24.37 -35.91 5.03
C CYS A 623 24.24 -35.17 3.71
N GLY A 624 22.99 -34.98 3.30
CA GLY A 624 22.70 -34.25 2.08
C GLY A 624 21.23 -34.04 1.86
N ILE A 625 20.94 -33.22 0.86
CA ILE A 625 19.60 -32.81 0.50
C ILE A 625 19.51 -32.94 -1.03
N ALA A 626 18.56 -33.75 -1.51
CA ALA A 626 18.23 -33.77 -2.92
C ALA A 626 16.91 -33.02 -3.11
N VAL A 627 16.93 -31.98 -3.92
CA VAL A 627 15.71 -31.24 -4.26
C VAL A 627 15.27 -31.57 -5.70
N ALA A 628 14.04 -32.05 -5.85
CA ALA A 628 13.46 -32.44 -7.15
C ALA A 628 14.43 -33.25 -8.01
N PRO A 629 14.99 -34.34 -7.44
CA PRO A 629 16.00 -35.09 -8.14
C PRO A 629 15.40 -35.99 -9.22
N VAL A 630 16.14 -36.19 -10.31
CA VAL A 630 15.92 -37.39 -11.12
C VAL A 630 16.32 -38.63 -10.27
N SER A 631 15.53 -39.69 -10.36
CA SER A 631 15.85 -40.93 -9.66
C SER A 631 16.20 -42.08 -10.64
N ARG A 632 15.62 -42.03 -11.82
CA ARG A 632 16.00 -42.98 -12.88
C ARG A 632 15.66 -42.39 -14.23
N TRP A 633 16.49 -42.68 -15.22
CA TRP A 633 16.46 -41.89 -16.44
C TRP A 633 15.23 -42.09 -17.31
N GLU A 634 14.60 -43.27 -17.22
CA GLU A 634 13.36 -43.56 -17.94
C GLU A 634 12.19 -42.66 -17.51
N TYR A 635 12.30 -42.03 -16.34
CA TYR A 635 11.26 -41.12 -15.85
C TYR A 635 11.40 -39.70 -16.42
N TYR A 636 12.59 -39.40 -16.92
CA TYR A 636 12.84 -38.06 -17.41
C TYR A 636 12.59 -37.92 -18.91
N ASP A 637 12.54 -36.69 -19.40
CA ASP A 637 12.06 -36.43 -20.76
C ASP A 637 13.04 -37.01 -21.79
N SER A 638 12.54 -37.30 -22.97
CA SER A 638 13.34 -37.93 -24.02
C SER A 638 14.48 -37.02 -24.49
N VAL A 639 14.19 -35.76 -24.79
CA VAL A 639 15.17 -34.90 -25.46
C VAL A 639 16.46 -34.72 -24.66
N TYR A 640 16.31 -34.37 -23.39
CA TYR A 640 17.47 -34.23 -22.51
C TYR A 640 18.12 -35.58 -22.27
N THR A 641 17.32 -36.54 -21.80
CA THR A 641 17.82 -37.85 -21.38
C THR A 641 18.53 -38.62 -22.47
N GLU A 642 17.89 -38.72 -23.64
CA GLU A 642 18.43 -39.50 -24.74
C GLU A 642 19.67 -38.86 -25.33
N ARG A 643 19.76 -37.53 -25.27
CA ARG A 643 20.95 -36.83 -25.73
C ARG A 643 22.21 -37.49 -25.16
N TYR A 644 22.18 -37.78 -23.87
CA TYR A 644 23.31 -38.37 -23.18
C TYR A 644 23.22 -39.88 -22.98
N MET A 645 22.01 -40.41 -22.90
CA MET A 645 21.82 -41.79 -22.47
C MET A 645 21.46 -42.73 -23.61
N GLY A 646 21.12 -42.18 -24.77
CA GLY A 646 20.54 -42.95 -25.86
C GLY A 646 19.17 -43.47 -25.45
N LEU A 647 18.77 -44.60 -26.05
CA LEU A 647 17.44 -45.18 -25.82
C LEU A 647 17.49 -46.29 -24.79
N PRO A 648 16.47 -46.38 -23.92
CA PRO A 648 16.45 -47.45 -22.93
C PRO A 648 15.97 -48.79 -23.52
N THR A 649 16.68 -49.29 -24.51
CA THR A 649 16.32 -50.53 -25.18
C THR A 649 17.49 -51.50 -25.11
N PRO A 650 17.19 -52.81 -25.11
CA PRO A 650 18.19 -53.88 -25.10
C PRO A 650 19.31 -53.67 -26.12
N GLU A 651 18.97 -53.14 -27.28
CA GLU A 651 19.95 -52.98 -28.36
C GLU A 651 20.69 -51.65 -28.29
N ASP A 652 20.26 -50.77 -27.38
CA ASP A 652 20.99 -49.53 -27.17
C ASP A 652 21.58 -49.49 -25.76
N ASN A 653 20.91 -48.84 -24.82
CA ASN A 653 21.52 -48.55 -23.52
C ASN A 653 20.66 -48.96 -22.32
N LEU A 654 19.75 -49.91 -22.50
CA LEU A 654 18.88 -50.32 -21.40
C LEU A 654 19.65 -50.66 -20.11
N ASP A 655 20.71 -51.47 -20.25
CA ASP A 655 21.55 -51.91 -19.13
C ASP A 655 22.03 -50.79 -18.23
N HIS A 656 22.53 -49.70 -18.82
CA HIS A 656 22.99 -48.57 -18.03
C HIS A 656 21.85 -47.73 -17.48
N TYR A 657 20.72 -47.68 -18.19
CA TYR A 657 19.53 -47.08 -17.63
C TYR A 657 19.17 -47.78 -16.28
N ARG A 658 19.26 -49.10 -16.27
CA ARG A 658 18.93 -49.92 -15.09
C ARG A 658 20.00 -49.83 -14.00
N ASN A 659 21.23 -49.61 -14.41
CA ASN A 659 22.36 -49.47 -13.51
C ASN A 659 22.49 -48.12 -12.83
N SER A 660 21.83 -47.10 -13.38
CA SER A 660 22.11 -45.73 -12.96
C SER A 660 21.02 -45.07 -12.10
N THR A 661 20.23 -45.89 -11.41
CA THR A 661 19.11 -45.40 -10.60
C THR A 661 19.52 -45.13 -9.14
N VAL A 662 18.87 -44.17 -8.48
CA VAL A 662 19.16 -44.00 -7.04
C VAL A 662 18.54 -45.13 -6.23
N MET A 663 17.37 -45.61 -6.64
CA MET A 663 16.71 -46.79 -6.02
C MET A 663 17.63 -47.98 -5.80
N SER A 664 18.48 -48.28 -6.79
CA SER A 664 19.40 -49.42 -6.69
C SER A 664 20.46 -49.24 -5.60
N ARG A 665 20.60 -48.02 -5.09
CA ARG A 665 21.58 -47.70 -4.06
C ARG A 665 20.97 -47.50 -2.68
N ALA A 666 19.66 -47.73 -2.58
CA ALA A 666 18.89 -47.50 -1.35
C ALA A 666 19.56 -48.00 -0.07
N GLU A 667 20.17 -49.18 -0.12
CA GLU A 667 20.78 -49.82 1.04
C GLU A 667 21.91 -48.96 1.64
N ASN A 668 22.69 -48.30 0.79
CA ASN A 668 23.79 -47.46 1.24
C ASN A 668 23.35 -46.17 1.91
N PHE A 669 22.08 -45.81 1.79
CA PHE A 669 21.57 -44.62 2.48
C PHE A 669 21.53 -44.81 4.00
N LYS A 670 21.69 -46.05 4.46
CA LYS A 670 21.83 -46.36 5.90
C LYS A 670 23.02 -45.65 6.58
N GLN A 671 23.98 -45.23 5.77
CA GLN A 671 25.21 -44.64 6.27
C GLN A 671 25.15 -43.11 6.41
N VAL A 672 24.04 -42.52 5.91
CA VAL A 672 23.93 -41.06 5.79
C VAL A 672 22.58 -40.52 6.27
N GLU A 673 22.50 -39.20 6.42
CA GLU A 673 21.26 -38.52 6.74
C GLU A 673 20.80 -37.81 5.48
N TYR A 674 19.56 -38.11 5.07
CA TYR A 674 19.05 -37.66 3.79
C TYR A 674 17.81 -36.82 4.01
N LEU A 675 17.77 -35.69 3.31
CA LEU A 675 16.54 -34.96 3.13
C LEU A 675 16.16 -34.98 1.65
N LEU A 676 14.95 -35.48 1.37
CA LEU A 676 14.43 -35.57 0.04
C LEU A 676 13.27 -34.59 -0.11
N ILE A 677 13.37 -33.69 -1.07
CA ILE A 677 12.39 -32.62 -1.22
C ILE A 677 11.85 -32.54 -2.63
N HIS A 678 10.53 -32.33 -2.75
CA HIS A 678 9.89 -32.30 -4.08
C HIS A 678 8.55 -31.58 -4.11
N GLY A 679 8.37 -30.73 -5.12
CA GLY A 679 7.06 -30.10 -5.39
C GLY A 679 6.12 -31.10 -6.03
N THR A 680 4.87 -31.13 -5.57
CA THR A 680 3.91 -32.15 -6.07
C THR A 680 3.39 -31.88 -7.49
N ALA A 681 3.46 -30.62 -7.91
CA ALA A 681 3.01 -30.23 -9.24
C ALA A 681 4.18 -29.94 -10.18
N ASP A 682 5.27 -30.67 -9.97
CA ASP A 682 6.46 -30.59 -10.81
C ASP A 682 6.18 -31.32 -12.11
N ASP A 683 6.07 -30.53 -13.18
CA ASP A 683 5.80 -31.02 -14.52
C ASP A 683 7.09 -31.48 -15.20
N ASN A 684 8.22 -31.17 -14.58
CA ASN A 684 9.52 -31.31 -15.20
C ASN A 684 10.15 -32.59 -14.67
N VAL A 685 10.58 -32.56 -13.42
CA VAL A 685 10.94 -33.76 -12.70
C VAL A 685 9.72 -34.15 -11.88
N HIS A 686 9.09 -35.22 -12.30
CA HIS A 686 7.81 -35.57 -11.75
C HIS A 686 7.96 -36.01 -10.32
N PHE A 687 7.01 -35.63 -9.48
CA PHE A 687 7.05 -36.07 -8.08
C PHE A 687 7.35 -37.58 -7.98
N GLN A 688 6.76 -38.35 -8.90
CA GLN A 688 7.08 -39.77 -9.14
C GLN A 688 8.52 -40.17 -8.84
N GLN A 689 9.45 -39.35 -9.32
CA GLN A 689 10.88 -39.63 -9.20
C GLN A 689 11.31 -39.74 -7.74
N SER A 690 10.85 -38.80 -6.92
CA SER A 690 11.11 -38.82 -5.47
C SER A 690 10.23 -39.84 -4.74
N ALA A 691 9.02 -40.06 -5.25
CA ALA A 691 8.11 -41.04 -4.66
C ALA A 691 8.69 -42.44 -4.80
N GLN A 692 9.44 -42.66 -5.89
CA GLN A 692 10.11 -43.95 -6.08
C GLN A 692 11.34 -44.09 -5.20
N ILE A 693 12.05 -42.99 -4.95
CA ILE A 693 13.18 -42.99 -4.02
C ILE A 693 12.72 -43.33 -2.62
N SER A 694 11.66 -42.64 -2.15
CA SER A 694 11.21 -42.81 -0.79
C SER A 694 10.73 -44.24 -0.56
N LYS A 695 10.02 -44.79 -1.54
CA LYS A 695 9.51 -46.16 -1.47
C LYS A 695 10.66 -47.15 -1.36
N ALA A 696 11.70 -46.95 -2.17
CA ALA A 696 12.88 -47.80 -2.11
C ALA A 696 13.62 -47.69 -0.77
N LEU A 697 13.65 -46.50 -0.16
CA LEU A 697 14.31 -46.34 1.14
C LEU A 697 13.50 -46.98 2.25
N VAL A 698 12.17 -46.94 2.12
CA VAL A 698 11.26 -47.56 3.07
C VAL A 698 11.43 -49.06 3.00
N ASP A 699 11.51 -49.57 1.77
CA ASP A 699 11.62 -51.02 1.54
C ASP A 699 12.87 -51.64 2.12
N VAL A 700 13.97 -50.88 2.25
CA VAL A 700 15.18 -51.42 2.90
C VAL A 700 15.37 -50.96 4.34
N GLY A 701 14.37 -50.26 4.88
CA GLY A 701 14.39 -49.83 6.27
C GLY A 701 15.33 -48.69 6.57
N VAL A 702 15.44 -47.75 5.63
CA VAL A 702 16.27 -46.55 5.80
C VAL A 702 15.42 -45.37 6.29
N ASP A 703 15.78 -44.84 7.44
CA ASP A 703 15.14 -43.63 7.90
C ASP A 703 15.77 -42.41 7.26
N PHE A 704 14.93 -41.51 6.75
CA PHE A 704 15.39 -40.31 6.12
C PHE A 704 14.34 -39.24 6.40
N GLN A 705 14.63 -38.04 5.91
CA GLN A 705 13.78 -36.86 6.09
C GLN A 705 13.21 -36.49 4.74
N ALA A 706 11.98 -36.00 4.74
CA ALA A 706 11.30 -35.66 3.49
C ALA A 706 10.46 -34.42 3.64
N MET A 707 10.15 -33.82 2.49
CA MET A 707 9.25 -32.69 2.41
C MET A 707 8.67 -32.61 1.01
N TRP A 708 7.34 -32.65 0.94
CA TRP A 708 6.62 -32.37 -0.28
C TRP A 708 6.24 -30.90 -0.24
N TYR A 709 6.19 -30.27 -1.42
CA TYR A 709 5.63 -28.93 -1.51
C TYR A 709 4.39 -28.97 -2.39
N THR A 710 3.23 -28.83 -1.76
CA THR A 710 1.93 -28.91 -2.42
C THR A 710 1.82 -27.88 -3.54
N ASP A 711 1.57 -28.36 -4.76
CA ASP A 711 1.25 -27.50 -5.90
C ASP A 711 2.44 -26.71 -6.43
N GLU A 712 3.60 -26.92 -5.82
CA GLU A 712 4.84 -26.29 -6.29
C GLU A 712 5.38 -27.10 -7.45
N ASP A 713 6.07 -26.42 -8.36
CA ASP A 713 6.65 -27.06 -9.51
C ASP A 713 8.16 -27.19 -9.36
N HIS A 714 8.87 -27.43 -10.45
CA HIS A 714 10.31 -27.64 -10.39
C HIS A 714 11.09 -26.51 -9.72
N GLY A 715 10.58 -25.30 -9.79
CA GLY A 715 11.30 -24.15 -9.22
C GLY A 715 11.07 -24.01 -7.72
N ILE A 716 9.99 -24.62 -7.21
CA ILE A 716 9.53 -24.42 -5.83
C ILE A 716 9.66 -22.92 -5.48
N ALA A 717 9.02 -22.10 -6.30
CA ALA A 717 9.39 -20.70 -6.42
C ALA A 717 8.38 -19.73 -5.89
N SER A 718 7.25 -20.21 -5.36
CA SER A 718 6.31 -19.34 -4.65
C SER A 718 7.08 -18.61 -3.57
N SER A 719 6.74 -17.36 -3.33
CA SER A 719 7.41 -16.62 -2.30
C SER A 719 7.45 -17.43 -0.99
N THR A 720 6.31 -17.99 -0.62
CA THR A 720 6.21 -18.71 0.64
C THR A 720 6.93 -20.06 0.60
N ALA A 721 6.80 -20.79 -0.51
CA ALA A 721 7.48 -22.08 -0.64
C ALA A 721 8.99 -21.90 -0.70
N HIS A 722 9.43 -20.91 -1.48
CA HIS A 722 10.85 -20.57 -1.53
C HIS A 722 11.43 -20.34 -0.14
N GLN A 723 10.72 -19.57 0.66
CA GLN A 723 11.24 -19.28 1.98
C GLN A 723 11.22 -20.50 2.86
N HIS A 724 10.16 -21.31 2.73
CA HIS A 724 9.99 -22.49 3.56
C HIS A 724 11.04 -23.55 3.24
N ILE A 725 11.33 -23.78 1.97
CA ILE A 725 12.30 -24.84 1.63
C ILE A 725 13.70 -24.49 2.20
N TYR A 726 14.16 -23.26 1.96
CA TYR A 726 15.47 -22.83 2.43
C TYR A 726 15.61 -22.78 3.95
N THR A 727 14.55 -22.37 4.64
CA THR A 727 14.49 -22.44 6.08
C THR A 727 14.60 -23.89 6.55
N HIS A 728 13.90 -24.78 5.86
CA HIS A 728 13.83 -26.19 6.22
C HIS A 728 15.18 -26.86 5.99
N MET A 729 15.78 -26.63 4.82
CA MET A 729 17.13 -27.09 4.50
C MET A 729 18.20 -26.57 5.46
N SER A 730 18.05 -25.31 5.88
CA SER A 730 19.01 -24.69 6.80
C SER A 730 18.98 -25.39 8.14
N HIS A 731 17.80 -25.69 8.65
CA HIS A 731 17.71 -26.40 9.92
C HIS A 731 18.35 -27.78 9.78
N PHE A 732 18.09 -28.44 8.66
CA PHE A 732 18.64 -29.79 8.39
C PHE A 732 20.19 -29.76 8.34
N ILE A 733 20.75 -28.86 7.55
CA ILE A 733 22.22 -28.71 7.49
C ILE A 733 22.82 -28.36 8.86
N LYS A 734 22.22 -27.38 9.55
CA LYS A 734 22.68 -26.97 10.87
C LYS A 734 22.64 -28.11 11.88
N GLN A 735 21.58 -28.91 11.85
CA GLN A 735 21.45 -30.08 12.72
C GLN A 735 22.49 -31.15 12.38
N CYS A 736 22.69 -31.37 11.07
CA CYS A 736 23.72 -32.28 10.58
C CYS A 736 25.11 -31.85 11.10
N PHE A 737 25.34 -30.54 11.13
CA PHE A 737 26.62 -29.97 11.50
C PHE A 737 26.80 -29.64 12.99
N SER A 738 25.79 -29.99 13.81
CA SER A 738 25.76 -29.62 15.24
C SER A 738 25.90 -28.12 15.47
N LEU A 739 25.17 -27.34 14.67
CA LEU A 739 25.19 -25.90 14.78
C LEU A 739 23.94 -25.39 15.51
N PRO A 740 24.13 -24.74 16.68
CA PRO A 740 22.96 -24.32 17.48
C PRO A 740 22.12 -23.23 16.79
N HIS B 8 26.22 -59.72 38.46
CA HIS B 8 25.20 -59.98 39.52
C HIS B 8 23.90 -59.20 39.27
N HIS B 9 23.04 -59.79 38.45
CA HIS B 9 21.74 -59.20 38.09
C HIS B 9 20.63 -59.67 39.02
N HIS B 10 20.82 -60.84 39.62
CA HIS B 10 19.90 -61.41 40.62
C HIS B 10 18.50 -61.73 40.06
N HIS B 11 18.44 -61.94 38.75
CA HIS B 11 17.23 -62.33 38.02
C HIS B 11 16.15 -61.26 38.01
N HIS B 12 16.54 -60.03 38.36
CA HIS B 12 15.71 -58.85 38.20
C HIS B 12 15.47 -58.62 36.70
N SER B 13 14.28 -58.12 36.37
CA SER B 13 13.92 -57.82 34.99
C SER B 13 14.72 -56.59 34.56
N ARG B 14 15.60 -56.77 33.58
CA ARG B 14 16.36 -55.64 33.05
C ARG B 14 16.06 -55.36 31.56
N LYS B 15 15.41 -56.33 30.92
CA LYS B 15 14.82 -56.18 29.58
C LYS B 15 13.66 -55.20 29.57
N THR B 16 13.54 -54.46 28.48
CA THR B 16 12.37 -53.63 28.23
C THR B 16 11.72 -54.16 26.95
N TYR B 17 10.48 -53.72 26.70
CA TYR B 17 9.81 -53.99 25.42
C TYR B 17 10.25 -52.90 24.44
N THR B 18 11.07 -53.29 23.47
CA THR B 18 11.74 -52.32 22.59
C THR B 18 10.91 -52.08 21.31
N LEU B 19 11.35 -51.12 20.49
CA LEU B 19 10.72 -50.85 19.19
C LEU B 19 10.86 -52.05 18.23
N THR B 20 12.04 -52.64 18.19
CA THR B 20 12.28 -53.88 17.43
C THR B 20 11.37 -55.02 17.86
N ASP B 21 11.14 -55.15 19.17
CA ASP B 21 10.14 -56.10 19.69
C ASP B 21 8.79 -55.86 19.05
N TYR B 22 8.35 -54.61 19.03
CA TYR B 22 7.08 -54.26 18.41
C TYR B 22 7.10 -54.52 16.90
N LEU B 23 8.16 -54.09 16.22
CA LEU B 23 8.25 -54.17 14.75
C LEU B 23 8.51 -55.57 14.23
N LYS B 24 9.30 -56.35 14.97
CA LYS B 24 9.62 -57.73 14.57
C LYS B 24 8.72 -58.76 15.25
N ASN B 25 7.83 -58.27 16.11
CA ASN B 25 6.80 -59.13 16.68
C ASN B 25 7.40 -60.27 17.52
N THR B 26 8.34 -59.88 18.37
CA THR B 26 9.06 -60.77 19.28
C THR B 26 8.08 -61.44 20.24
N TYR B 27 7.19 -60.62 20.81
CA TYR B 27 6.22 -61.07 21.79
C TYR B 27 4.86 -61.16 21.12
N ARG B 28 4.43 -62.38 20.85
CA ARG B 28 3.29 -62.63 20.02
C ARG B 28 2.07 -63.02 20.85
N LEU B 29 0.95 -62.36 20.59
CA LEU B 29 -0.33 -62.74 21.16
C LEU B 29 -0.87 -63.94 20.40
N LYS B 30 -1.16 -65.01 21.12
CA LYS B 30 -1.78 -66.14 20.46
C LYS B 30 -3.28 -65.96 20.48
N LEU B 31 -3.89 -66.33 19.37
CA LEU B 31 -5.33 -66.24 19.20
C LEU B 31 -5.85 -67.66 19.22
N TYR B 32 -7.16 -67.79 19.29
CA TYR B 32 -7.78 -69.06 19.02
C TYR B 32 -8.98 -68.79 18.15
N SER B 33 -8.76 -68.87 16.86
CA SER B 33 -9.78 -68.60 15.87
C SER B 33 -10.43 -69.89 15.37
N LEU B 34 -11.74 -69.97 15.55
CA LEU B 34 -12.51 -71.11 15.16
C LEU B 34 -13.66 -70.67 14.25
N ARG B 35 -14.27 -71.64 13.58
CA ARG B 35 -15.46 -71.40 12.78
C ARG B 35 -16.46 -72.49 13.12
N TRP B 36 -17.59 -72.08 13.68
CA TRP B 36 -18.66 -73.03 13.99
C TRP B 36 -19.31 -73.52 12.69
N ILE B 37 -19.39 -74.83 12.53
CA ILE B 37 -20.05 -75.39 11.35
C ILE B 37 -21.39 -76.01 11.72
N SER B 38 -21.51 -76.43 12.97
CA SER B 38 -22.72 -77.07 13.50
C SER B 38 -23.07 -76.43 14.83
N ASP B 39 -23.93 -77.09 15.60
CA ASP B 39 -24.21 -76.64 16.95
C ASP B 39 -23.30 -77.30 17.98
N HIS B 40 -22.35 -78.10 17.51
CA HIS B 40 -21.49 -78.87 18.41
C HIS B 40 -20.04 -78.99 17.97
N GLU B 41 -19.75 -78.61 16.73
CA GLU B 41 -18.38 -78.71 16.21
C GLU B 41 -17.88 -77.40 15.60
N TYR B 42 -16.56 -77.22 15.64
CA TYR B 42 -15.91 -76.07 15.01
C TYR B 42 -14.64 -76.48 14.27
N LEU B 43 -14.13 -75.58 13.44
CA LEU B 43 -12.88 -75.81 12.72
C LEU B 43 -11.76 -74.93 13.25
N TYR B 44 -10.53 -75.44 13.24
CA TYR B 44 -9.35 -74.70 13.70
C TYR B 44 -8.05 -75.15 13.02
N LYS B 45 -7.18 -74.19 12.70
CA LYS B 45 -5.87 -74.46 12.09
C LYS B 45 -4.76 -74.65 13.13
N GLN B 46 -4.22 -75.87 13.17
CA GLN B 46 -3.24 -76.31 14.15
C GLN B 46 -1.81 -76.07 13.66
N GLU B 47 -1.42 -76.83 12.63
CA GLU B 47 -0.16 -76.59 11.92
C GLU B 47 -0.45 -76.60 10.42
N ASN B 48 -1.25 -75.63 10.00
CA ASN B 48 -1.77 -75.54 8.62
C ASN B 48 -2.77 -76.64 8.25
N ASN B 49 -2.84 -77.68 9.08
CA ASN B 49 -3.92 -78.64 9.04
C ASN B 49 -5.20 -78.01 9.54
N ILE B 50 -6.30 -78.26 8.85
CA ILE B 50 -7.61 -77.87 9.36
C ILE B 50 -8.11 -79.02 10.21
N LEU B 51 -8.19 -78.77 11.51
CA LEU B 51 -8.73 -79.72 12.47
C LEU B 51 -10.20 -79.39 12.77
N VAL B 52 -11.03 -80.42 12.78
CA VAL B 52 -12.40 -80.30 13.26
C VAL B 52 -12.41 -80.66 14.74
N PHE B 53 -13.15 -79.90 15.55
CA PHE B 53 -13.19 -80.12 16.98
C PHE B 53 -14.58 -80.40 17.47
N ASN B 54 -14.71 -81.46 18.26
CA ASN B 54 -15.92 -81.71 19.01
C ASN B 54 -15.89 -80.89 20.30
N ALA B 55 -16.84 -79.97 20.42
CA ALA B 55 -16.86 -78.99 21.51
C ALA B 55 -17.03 -79.62 22.89
N GLU B 56 -17.78 -80.72 22.97
CA GLU B 56 -18.03 -81.39 24.25
C GLU B 56 -16.82 -82.11 24.84
N TYR B 57 -16.21 -82.99 24.04
CA TYR B 57 -15.12 -83.84 24.53
C TYR B 57 -13.72 -83.25 24.40
N GLY B 58 -13.55 -82.33 23.46
CA GLY B 58 -12.25 -81.71 23.20
C GLY B 58 -11.44 -82.43 22.16
N ASN B 59 -11.88 -83.63 21.78
CA ASN B 59 -11.16 -84.43 20.80
C ASN B 59 -11.31 -83.93 19.38
N SER B 60 -10.19 -83.88 18.68
CA SER B 60 -10.14 -83.43 17.31
C SER B 60 -9.61 -84.53 16.39
N SER B 61 -10.10 -84.49 15.15
CA SER B 61 -9.53 -85.27 14.06
C SER B 61 -9.10 -84.28 13.00
N VAL B 62 -8.16 -84.68 12.14
CA VAL B 62 -7.77 -83.83 11.03
C VAL B 62 -8.92 -83.84 10.03
N PHE B 63 -9.52 -82.66 9.84
CA PHE B 63 -10.60 -82.47 8.87
C PHE B 63 -10.02 -82.41 7.46
N LEU B 64 -8.94 -81.65 7.32
CA LEU B 64 -8.26 -81.47 6.04
C LEU B 64 -6.78 -81.20 6.27
N GLU B 65 -5.94 -82.09 5.75
CA GLU B 65 -4.49 -81.99 5.92
C GLU B 65 -3.89 -80.88 5.07
N ASN B 66 -2.86 -80.22 5.60
CA ASN B 66 -2.11 -79.20 4.87
C ASN B 66 -1.53 -79.74 3.57
N SER B 67 -1.31 -81.06 3.54
CA SER B 67 -0.77 -81.77 2.39
C SER B 67 -1.89 -82.28 1.48
N THR B 68 -2.78 -81.37 1.08
CA THR B 68 -3.88 -81.69 0.16
C THR B 68 -3.85 -80.84 -1.11
N PHE B 69 -3.62 -79.53 -0.95
CA PHE B 69 -3.61 -78.60 -2.08
C PHE B 69 -2.22 -78.07 -2.42
N ASP B 70 -1.22 -78.93 -2.24
CA ASP B 70 0.16 -78.62 -2.58
C ASP B 70 0.35 -78.75 -4.09
N GLU B 71 -0.39 -79.69 -4.67
CA GLU B 71 -0.35 -79.97 -6.10
C GLU B 71 -1.10 -78.89 -6.87
N PHE B 72 -1.92 -78.14 -6.14
CA PHE B 72 -2.78 -77.08 -6.66
C PHE B 72 -2.04 -76.09 -7.57
N GLY B 73 -0.80 -75.78 -7.22
CA GLY B 73 0.04 -74.89 -8.02
C GLY B 73 -0.21 -73.42 -7.75
N HIS B 74 -1.05 -73.15 -6.75
CA HIS B 74 -1.39 -71.78 -6.33
C HIS B 74 -1.28 -71.65 -4.83
N SER B 75 -1.02 -70.43 -4.38
CA SER B 75 -0.99 -70.11 -2.97
C SER B 75 -2.40 -69.75 -2.50
N ILE B 76 -2.95 -70.57 -1.60
CA ILE B 76 -4.32 -70.39 -1.12
C ILE B 76 -4.38 -69.40 0.05
N ASN B 77 -5.13 -68.32 -0.16
CA ASN B 77 -5.26 -67.22 0.79
C ASN B 77 -6.22 -67.56 1.92
N ASP B 78 -7.32 -68.20 1.56
CA ASP B 78 -8.34 -68.59 2.50
C ASP B 78 -9.18 -69.72 1.95
N TYR B 79 -10.09 -70.21 2.77
CA TYR B 79 -10.98 -71.30 2.38
C TYR B 79 -12.38 -71.04 2.94
N SER B 80 -13.35 -71.83 2.48
CA SER B 80 -14.71 -71.72 2.96
C SER B 80 -15.45 -73.01 2.70
N ILE B 81 -15.93 -73.64 3.77
CA ILE B 81 -16.65 -74.89 3.61
C ILE B 81 -18.14 -74.63 3.54
N SER B 82 -18.79 -75.35 2.61
CA SER B 82 -20.23 -75.24 2.45
C SER B 82 -20.92 -75.74 3.72
N PRO B 83 -22.05 -75.09 4.10
CA PRO B 83 -22.79 -75.43 5.32
C PRO B 83 -23.04 -76.92 5.51
N ASP B 84 -23.19 -77.64 4.41
CA ASP B 84 -23.47 -79.07 4.45
C ASP B 84 -22.21 -79.94 4.52
N GLY B 85 -21.05 -79.30 4.53
CA GLY B 85 -19.76 -79.97 4.67
C GLY B 85 -19.31 -80.76 3.45
N GLN B 86 -19.93 -80.51 2.29
CA GLN B 86 -19.65 -81.30 1.08
C GLN B 86 -18.64 -80.68 0.12
N PHE B 87 -18.47 -79.36 0.19
CA PHE B 87 -17.54 -78.67 -0.70
C PHE B 87 -16.72 -77.66 0.07
N ILE B 88 -15.50 -77.46 -0.41
CA ILE B 88 -14.64 -76.40 0.11
C ILE B 88 -14.27 -75.39 -0.98
N LEU B 89 -14.51 -74.13 -0.68
CA LEU B 89 -14.18 -73.05 -1.56
C LEU B 89 -12.75 -72.57 -1.24
N LEU B 90 -11.85 -72.70 -2.21
CA LEU B 90 -10.46 -72.27 -2.05
C LEU B 90 -10.22 -70.92 -2.71
N GLU B 91 -9.82 -69.93 -1.91
CA GLU B 91 -9.65 -68.55 -2.36
C GLU B 91 -8.17 -68.25 -2.57
N TYR B 92 -7.81 -67.90 -3.81
CA TYR B 92 -6.42 -67.64 -4.19
C TYR B 92 -6.37 -66.44 -5.14
N ASN B 93 -5.17 -66.03 -5.57
CA ASN B 93 -4.95 -64.77 -6.32
C ASN B 93 -5.64 -63.55 -5.69
N TYR B 94 -5.68 -63.55 -4.36
CA TYR B 94 -6.23 -62.45 -3.60
C TYR B 94 -5.53 -61.16 -3.99
N VAL B 95 -6.32 -60.16 -4.37
CA VAL B 95 -5.82 -58.80 -4.55
C VAL B 95 -6.73 -57.85 -3.77
N LYS B 96 -6.15 -57.19 -2.77
CA LYS B 96 -6.87 -56.22 -1.94
C LYS B 96 -7.33 -55.02 -2.75
N GLN B 97 -8.56 -54.58 -2.50
CA GLN B 97 -9.02 -53.28 -3.00
C GLN B 97 -9.04 -52.34 -1.79
N TRP B 98 -10.21 -52.16 -1.18
CA TRP B 98 -10.30 -51.23 -0.06
C TRP B 98 -10.14 -51.94 1.29
N ARG B 99 -10.78 -51.45 2.34
CA ARG B 99 -10.66 -52.04 3.67
C ARG B 99 -11.17 -53.49 3.70
N HIS B 100 -12.33 -53.74 3.07
CA HIS B 100 -12.92 -55.09 3.06
C HIS B 100 -12.94 -55.70 1.67
N SER B 101 -13.03 -54.88 0.65
CA SER B 101 -13.10 -55.38 -0.71
C SER B 101 -11.78 -55.92 -1.26
N TYR B 102 -11.92 -56.91 -2.15
CA TYR B 102 -10.82 -57.52 -2.86
C TYR B 102 -11.40 -58.36 -3.99
N THR B 103 -10.54 -58.78 -4.91
CA THR B 103 -10.88 -59.80 -5.89
C THR B 103 -10.00 -61.03 -5.67
N ALA B 104 -10.46 -62.17 -6.17
CA ALA B 104 -9.75 -63.42 -6.02
C ALA B 104 -10.19 -64.42 -7.07
N SER B 105 -9.38 -65.47 -7.20
CA SER B 105 -9.72 -66.63 -7.97
C SER B 105 -10.28 -67.64 -6.99
N TYR B 106 -11.11 -68.56 -7.48
CA TYR B 106 -11.76 -69.54 -6.63
C TYR B 106 -11.85 -70.88 -7.31
N ASP B 107 -11.50 -71.91 -6.55
CA ASP B 107 -11.75 -73.27 -6.98
C ASP B 107 -12.63 -73.93 -5.95
N ILE B 108 -13.39 -74.92 -6.39
CA ILE B 108 -14.23 -75.72 -5.50
C ILE B 108 -13.70 -77.14 -5.48
N TYR B 109 -13.47 -77.65 -4.27
CA TYR B 109 -13.04 -79.02 -4.07
C TYR B 109 -14.20 -79.79 -3.49
N ASP B 110 -14.49 -80.94 -4.11
CA ASP B 110 -15.52 -81.86 -3.65
C ASP B 110 -14.94 -82.68 -2.50
N LEU B 111 -15.46 -82.49 -1.29
CA LEU B 111 -14.90 -83.12 -0.10
C LEU B 111 -15.17 -84.63 -0.03
N ASN B 112 -16.07 -85.10 -0.90
CA ASN B 112 -16.45 -86.51 -0.93
C ASN B 112 -15.84 -87.26 -2.11
N LYS B 113 -15.86 -86.62 -3.27
CA LYS B 113 -15.19 -87.18 -4.46
C LYS B 113 -13.68 -87.01 -4.36
N ARG B 114 -13.26 -86.05 -3.53
CA ARG B 114 -11.85 -85.72 -3.34
C ARG B 114 -11.16 -85.29 -4.65
N GLN B 115 -11.79 -84.33 -5.32
CA GLN B 115 -11.27 -83.78 -6.58
C GLN B 115 -11.64 -82.31 -6.72
N LEU B 116 -10.79 -81.56 -7.41
CA LEU B 116 -11.13 -80.22 -7.84
C LEU B 116 -12.25 -80.26 -8.88
N ILE B 117 -13.23 -79.38 -8.73
CA ILE B 117 -14.23 -79.16 -9.78
C ILE B 117 -13.54 -78.38 -10.91
N THR B 118 -13.55 -78.96 -12.11
CA THR B 118 -12.88 -78.35 -13.26
C THR B 118 -13.87 -77.79 -14.29
N GLU B 119 -15.13 -78.22 -14.19
CA GLU B 119 -16.17 -77.69 -15.06
C GLU B 119 -16.78 -76.43 -14.45
N GLU B 120 -17.09 -75.46 -15.31
CA GLU B 120 -17.85 -74.26 -14.93
C GLU B 120 -17.26 -73.58 -13.70
N ARG B 121 -15.94 -73.40 -13.70
CA ARG B 121 -15.25 -72.78 -12.58
C ARG B 121 -15.70 -71.34 -12.37
N ILE B 122 -15.67 -70.90 -11.11
CA ILE B 122 -15.86 -69.50 -10.76
C ILE B 122 -14.75 -68.73 -11.48
N PRO B 123 -15.11 -67.62 -12.16
CA PRO B 123 -14.09 -66.87 -12.90
C PRO B 123 -13.05 -66.17 -12.04
N ASN B 124 -11.91 -65.86 -12.67
CA ASN B 124 -10.90 -65.02 -12.05
C ASN B 124 -11.50 -63.63 -11.83
N ASN B 125 -10.91 -62.88 -10.89
CA ASN B 125 -11.33 -61.51 -10.60
C ASN B 125 -12.71 -61.43 -9.96
N THR B 126 -13.15 -62.52 -9.34
CA THR B 126 -14.43 -62.52 -8.65
C THR B 126 -14.37 -61.58 -7.45
N GLN B 127 -15.45 -60.83 -7.27
CA GLN B 127 -15.52 -59.74 -6.30
C GLN B 127 -16.08 -60.19 -4.96
N TRP B 128 -16.97 -61.17 -4.98
CA TRP B 128 -17.54 -61.72 -3.77
C TRP B 128 -18.09 -63.12 -4.05
N VAL B 129 -17.98 -64.03 -3.07
CA VAL B 129 -18.50 -65.39 -3.16
C VAL B 129 -19.11 -65.77 -1.83
N THR B 130 -20.27 -66.41 -1.88
CA THR B 130 -20.98 -66.82 -0.65
C THR B 130 -21.89 -68.02 -0.85
N TRP B 131 -21.71 -69.00 0.04
CA TRP B 131 -22.59 -70.16 0.14
C TRP B 131 -23.92 -69.73 0.72
N SER B 132 -25.00 -70.38 0.28
CA SER B 132 -26.27 -70.31 0.99
C SER B 132 -26.03 -70.73 2.45
N PRO B 133 -26.87 -70.28 3.39
CA PRO B 133 -26.72 -70.70 4.79
C PRO B 133 -26.93 -72.20 5.02
N VAL B 134 -27.63 -72.88 4.10
CA VAL B 134 -27.77 -74.32 4.16
C VAL B 134 -27.48 -74.93 2.78
N GLY B 135 -27.01 -76.18 2.77
CA GLY B 135 -26.63 -76.85 1.54
C GLY B 135 -25.36 -76.27 0.96
N HIS B 136 -25.31 -76.14 -0.37
CA HIS B 136 -24.09 -75.73 -1.06
C HIS B 136 -24.38 -74.91 -2.31
N LYS B 137 -25.42 -74.10 -2.26
CA LYS B 137 -25.65 -73.10 -3.31
C LYS B 137 -24.62 -71.99 -3.19
N LEU B 138 -24.19 -71.46 -4.34
CA LEU B 138 -23.22 -70.38 -4.43
C LEU B 138 -23.83 -69.13 -5.05
N ALA B 139 -23.54 -67.98 -4.46
CA ALA B 139 -23.74 -66.69 -5.10
C ALA B 139 -22.38 -65.98 -5.18
N TYR B 140 -22.03 -65.50 -6.37
CA TYR B 140 -20.81 -64.69 -6.51
C TYR B 140 -21.04 -63.50 -7.40
N VAL B 141 -20.23 -62.47 -7.18
CA VAL B 141 -20.26 -61.25 -7.97
C VAL B 141 -18.98 -61.19 -8.79
N TRP B 142 -19.13 -61.04 -10.10
CA TRP B 142 -18.02 -60.93 -11.03
C TRP B 142 -18.41 -59.85 -12.02
N ASN B 143 -17.52 -58.90 -12.25
CA ASN B 143 -17.77 -57.75 -13.14
C ASN B 143 -19.01 -56.95 -12.76
N ASN B 144 -19.23 -56.81 -11.45
CA ASN B 144 -20.39 -56.08 -10.92
C ASN B 144 -21.77 -56.72 -11.10
N ASP B 145 -21.80 -57.98 -11.55
CA ASP B 145 -23.04 -58.76 -11.68
C ASP B 145 -23.09 -60.03 -10.81
N ILE B 146 -24.29 -60.36 -10.35
CA ILE B 146 -24.54 -61.51 -9.50
C ILE B 146 -24.81 -62.77 -10.34
N TYR B 147 -24.14 -63.86 -9.96
CA TYR B 147 -24.36 -65.17 -10.55
C TYR B 147 -24.68 -66.15 -9.45
N VAL B 148 -25.50 -67.14 -9.79
CA VAL B 148 -25.83 -68.19 -8.84
C VAL B 148 -25.54 -69.56 -9.45
N LYS B 149 -24.83 -70.39 -8.71
CA LYS B 149 -24.74 -71.83 -9.01
C LYS B 149 -25.52 -72.60 -7.97
N ILE B 150 -26.40 -73.47 -8.45
CA ILE B 150 -27.18 -74.35 -7.59
C ILE B 150 -26.28 -75.51 -7.17
N GLU B 151 -25.52 -76.03 -8.12
CA GLU B 151 -24.50 -77.05 -7.87
C GLU B 151 -23.13 -76.53 -8.32
N PRO B 152 -22.07 -76.88 -7.56
CA PRO B 152 -20.68 -76.43 -7.81
C PRO B 152 -20.13 -76.64 -9.23
N ASN B 153 -20.50 -77.75 -9.88
CA ASN B 153 -19.95 -78.10 -11.19
C ASN B 153 -20.89 -77.76 -12.35
N LEU B 154 -21.94 -77.02 -12.05
CA LEU B 154 -22.97 -76.69 -13.03
C LEU B 154 -22.82 -75.26 -13.52
N PRO B 155 -23.33 -74.97 -14.73
CA PRO B 155 -23.28 -73.60 -15.25
C PRO B 155 -23.93 -72.62 -14.28
N SER B 156 -23.38 -71.40 -14.22
CA SER B 156 -23.96 -70.31 -13.45
C SER B 156 -25.23 -69.77 -14.09
N TYR B 157 -26.13 -69.26 -13.25
CA TYR B 157 -27.24 -68.42 -13.70
C TYR B 157 -26.85 -66.96 -13.45
N ARG B 158 -26.91 -66.14 -14.49
CA ARG B 158 -26.66 -64.71 -14.32
C ARG B 158 -27.94 -64.04 -13.81
N ILE B 159 -27.83 -63.38 -12.66
CA ILE B 159 -28.99 -62.75 -12.03
C ILE B 159 -29.16 -61.31 -12.51
N THR B 160 -28.05 -60.62 -12.72
CA THR B 160 -28.09 -59.21 -13.11
C THR B 160 -27.28 -59.00 -14.38
N TRP B 161 -27.74 -58.04 -15.19
CA TRP B 161 -27.11 -57.78 -16.49
C TRP B 161 -26.67 -56.32 -16.62
N THR B 162 -26.73 -55.58 -15.52
CA THR B 162 -26.58 -54.13 -15.53
C THR B 162 -25.26 -53.63 -14.93
N GLY B 163 -24.55 -54.51 -14.22
CA GLY B 163 -23.29 -54.16 -13.57
C GLY B 163 -22.30 -53.49 -14.52
N LYS B 164 -21.72 -52.39 -14.05
CA LYS B 164 -20.80 -51.59 -14.83
C LYS B 164 -19.77 -50.97 -13.91
N GLU B 165 -18.50 -51.29 -14.17
CA GLU B 165 -17.37 -50.84 -13.36
C GLU B 165 -17.53 -49.37 -12.98
N ASP B 166 -17.42 -49.09 -11.67
CA ASP B 166 -17.50 -47.73 -11.10
C ASP B 166 -18.86 -47.03 -11.20
N ILE B 167 -19.87 -47.71 -11.78
CA ILE B 167 -21.18 -47.09 -11.99
C ILE B 167 -22.32 -47.89 -11.36
N ILE B 168 -22.47 -49.16 -11.78
CA ILE B 168 -23.54 -50.03 -11.28
C ILE B 168 -22.97 -51.24 -10.52
N TYR B 169 -23.32 -51.34 -9.24
CA TYR B 169 -22.81 -52.40 -8.38
C TYR B 169 -23.96 -53.31 -7.94
N ASN B 170 -23.95 -54.55 -8.40
CA ASN B 170 -24.97 -55.52 -8.01
C ASN B 170 -24.39 -56.54 -7.04
N GLY B 171 -24.89 -56.55 -5.81
CA GLY B 171 -24.45 -57.50 -4.81
C GLY B 171 -23.15 -57.13 -4.11
N ILE B 172 -22.58 -56.00 -4.49
CA ILE B 172 -21.38 -55.46 -3.84
C ILE B 172 -21.58 -53.96 -3.57
N THR B 173 -20.92 -53.46 -2.53
CA THR B 173 -21.03 -52.06 -2.16
C THR B 173 -20.08 -51.21 -2.97
N ASP B 174 -20.41 -49.92 -3.11
CA ASP B 174 -19.46 -48.97 -3.67
C ASP B 174 -18.53 -48.51 -2.55
N TRP B 175 -17.63 -47.58 -2.84
CA TRP B 175 -16.67 -47.10 -1.83
C TRP B 175 -17.29 -46.73 -0.47
N VAL B 176 -18.25 -45.80 -0.42
CA VAL B 176 -18.76 -45.29 0.88
C VAL B 176 -19.59 -46.31 1.66
N TYR B 177 -20.34 -47.12 0.95
CA TYR B 177 -21.18 -48.10 1.58
C TYR B 177 -20.32 -49.17 2.22
N GLU B 178 -19.24 -49.55 1.52
CA GLU B 178 -18.24 -50.47 2.05
C GLU B 178 -17.61 -49.92 3.32
N GLU B 179 -17.09 -48.68 3.24
CA GLU B 179 -16.36 -48.08 4.35
C GLU B 179 -17.25 -47.63 5.50
N GLU B 180 -18.42 -47.07 5.16
CA GLU B 180 -19.21 -46.33 6.15
C GLU B 180 -20.59 -46.89 6.50
N VAL B 181 -21.10 -47.81 5.69
CA VAL B 181 -22.45 -48.32 5.97
C VAL B 181 -22.39 -49.78 6.39
N PHE B 182 -21.92 -50.63 5.49
CA PHE B 182 -21.94 -52.05 5.77
C PHE B 182 -20.66 -52.60 6.40
N SER B 183 -19.58 -51.82 6.39
CA SER B 183 -18.25 -52.32 6.81
C SER B 183 -17.97 -53.64 6.15
N ALA B 184 -18.33 -53.73 4.87
CA ALA B 184 -18.19 -54.95 4.07
C ALA B 184 -18.34 -54.59 2.61
N TYR B 185 -17.76 -55.43 1.75
CA TYR B 185 -17.94 -55.37 0.31
C TYR B 185 -19.21 -56.07 -0.13
N SER B 186 -19.62 -57.08 0.64
CA SER B 186 -20.78 -57.85 0.29
C SER B 186 -22.06 -57.03 0.43
N ALA B 187 -22.93 -57.17 -0.58
CA ALA B 187 -24.30 -56.67 -0.50
C ALA B 187 -25.26 -57.74 -1.03
N LEU B 188 -25.03 -58.96 -0.55
CA LEU B 188 -25.83 -60.14 -0.86
C LEU B 188 -26.33 -60.76 0.44
N TRP B 189 -27.62 -60.99 0.54
CA TRP B 189 -28.19 -61.60 1.74
C TRP B 189 -29.08 -62.79 1.39
N TRP B 190 -28.59 -64.01 1.63
CA TRP B 190 -29.37 -65.24 1.46
C TRP B 190 -30.42 -65.32 2.57
N SER B 191 -31.59 -65.86 2.26
CA SER B 191 -32.59 -66.14 3.28
C SER B 191 -32.13 -67.35 4.08
N PRO B 192 -32.69 -67.55 5.30
CA PRO B 192 -32.23 -68.61 6.20
C PRO B 192 -32.00 -69.98 5.55
N ASN B 193 -32.92 -70.47 4.72
CA ASN B 193 -32.75 -71.78 4.07
C ASN B 193 -32.28 -71.69 2.61
N GLY B 194 -31.84 -70.50 2.24
CA GLY B 194 -31.24 -70.28 0.92
C GLY B 194 -32.22 -70.29 -0.25
N THR B 195 -33.52 -70.21 0.04
CA THR B 195 -34.52 -70.06 -1.01
C THR B 195 -34.34 -68.74 -1.78
N PHE B 196 -34.31 -67.62 -1.05
CA PHE B 196 -34.17 -66.29 -1.64
C PHE B 196 -32.75 -65.75 -1.49
N LEU B 197 -32.36 -64.95 -2.47
CA LEU B 197 -31.14 -64.17 -2.41
C LEU B 197 -31.52 -62.69 -2.57
N ALA B 198 -31.36 -61.95 -1.49
CA ALA B 198 -31.62 -60.53 -1.48
C ALA B 198 -30.30 -59.80 -1.78
N TYR B 199 -30.42 -58.65 -2.44
CA TYR B 199 -29.26 -57.88 -2.80
C TYR B 199 -29.56 -56.40 -2.98
N ALA B 200 -28.57 -55.56 -2.70
CA ALA B 200 -28.63 -54.13 -2.94
C ALA B 200 -27.93 -53.82 -4.25
N GLN B 201 -28.47 -52.85 -4.99
CA GLN B 201 -27.82 -52.39 -6.20
C GLN B 201 -27.47 -50.94 -5.98
N PHE B 202 -26.21 -50.60 -6.18
CA PHE B 202 -25.76 -49.23 -6.00
C PHE B 202 -25.49 -48.56 -7.34
N ASN B 203 -25.77 -47.27 -7.35
CA ASN B 203 -25.65 -46.50 -8.56
C ASN B 203 -24.83 -45.24 -8.31
N ASP B 204 -23.66 -45.20 -8.94
CA ASP B 204 -22.70 -44.11 -8.74
C ASP B 204 -22.55 -43.16 -9.92
N THR B 205 -23.48 -43.24 -10.87
CA THR B 205 -23.37 -42.52 -12.14
C THR B 205 -22.88 -41.07 -12.02
N GLU B 206 -23.44 -40.32 -11.08
CA GLU B 206 -23.10 -38.91 -10.91
C GLU B 206 -22.28 -38.62 -9.65
N VAL B 207 -21.80 -39.68 -9.00
CA VAL B 207 -20.88 -39.53 -7.87
C VAL B 207 -19.54 -39.06 -8.46
N PRO B 208 -18.98 -37.95 -7.94
CA PRO B 208 -17.68 -37.44 -8.40
C PRO B 208 -16.53 -38.36 -8.01
N LEU B 209 -15.45 -38.29 -8.79
CA LEU B 209 -14.31 -39.19 -8.65
C LEU B 209 -13.19 -38.49 -7.90
N ILE B 210 -12.66 -39.16 -6.87
CA ILE B 210 -11.37 -38.79 -6.33
C ILE B 210 -10.34 -39.41 -7.27
N GLU B 211 -9.37 -38.60 -7.66
CA GLU B 211 -8.31 -39.00 -8.56
C GLU B 211 -7.00 -38.76 -7.84
N TYR B 212 -6.08 -39.72 -7.94
CA TYR B 212 -4.77 -39.63 -7.33
C TYR B 212 -3.81 -40.52 -8.08
N SER B 213 -2.54 -40.13 -8.05
CA SER B 213 -1.47 -40.87 -8.66
C SER B 213 -1.10 -42.13 -7.89
N PHE B 214 -0.85 -43.19 -8.66
CA PHE B 214 -0.30 -44.43 -8.15
C PHE B 214 0.95 -44.74 -8.94
N TYR B 215 2.08 -44.79 -8.25
CA TYR B 215 3.39 -44.84 -8.88
C TYR B 215 3.82 -46.26 -9.20
N SER B 216 3.44 -47.20 -8.33
CA SER B 216 3.58 -48.63 -8.58
C SER B 216 5.05 -49.06 -8.50
N ASP B 217 5.37 -50.21 -9.07
CA ASP B 217 6.75 -50.70 -9.09
C ASP B 217 7.56 -49.67 -9.87
N GLU B 218 8.83 -49.47 -9.52
CA GLU B 218 9.66 -48.52 -10.28
C GLU B 218 9.74 -48.80 -11.79
N SER B 219 9.29 -49.97 -12.22
CA SER B 219 9.30 -50.31 -13.66
C SER B 219 8.14 -49.63 -14.41
N LEU B 220 7.12 -49.14 -13.70
CA LEU B 220 6.08 -48.33 -14.35
C LEU B 220 6.67 -46.96 -14.77
N GLN B 221 6.70 -46.71 -16.07
CA GLN B 221 7.34 -45.50 -16.58
C GLN B 221 6.47 -44.25 -16.31
N TYR B 222 5.19 -44.35 -16.63
CA TYR B 222 4.21 -43.30 -16.34
C TYR B 222 3.32 -43.67 -15.16
N PRO B 223 3.20 -42.78 -14.17
CA PRO B 223 2.30 -43.10 -13.07
C PRO B 223 0.87 -43.29 -13.55
N LYS B 224 0.10 -44.05 -12.77
CA LYS B 224 -1.29 -44.32 -13.09
C LYS B 224 -2.14 -43.32 -12.30
N THR B 225 -3.27 -42.94 -12.88
CA THR B 225 -4.28 -42.19 -12.13
C THR B 225 -5.41 -43.13 -11.75
N VAL B 226 -5.54 -43.32 -10.43
CA VAL B 226 -6.63 -44.08 -9.86
C VAL B 226 -7.82 -43.12 -9.71
N ARG B 227 -9.00 -43.59 -10.12
CA ARG B 227 -10.21 -42.78 -10.14
C ARG B 227 -11.29 -43.56 -9.40
N VAL B 228 -11.82 -42.98 -8.33
CA VAL B 228 -12.76 -43.68 -7.46
C VAL B 228 -14.00 -42.85 -7.21
N PRO B 229 -15.19 -43.38 -7.56
CA PRO B 229 -16.44 -42.69 -7.23
C PRO B 229 -16.50 -42.53 -5.72
N TYR B 230 -16.38 -41.29 -5.27
CA TYR B 230 -16.22 -41.04 -3.83
C TYR B 230 -16.93 -39.77 -3.50
N PRO B 231 -18.03 -39.86 -2.73
CA PRO B 231 -18.77 -38.66 -2.43
C PRO B 231 -18.23 -37.93 -1.20
N LYS B 232 -17.71 -36.72 -1.43
CA LYS B 232 -17.26 -35.88 -0.34
C LYS B 232 -18.50 -35.19 0.25
N ALA B 233 -18.36 -34.64 1.46
CA ALA B 233 -19.48 -34.00 2.14
C ALA B 233 -20.23 -33.08 1.20
N GLY B 234 -21.53 -33.29 1.07
CA GLY B 234 -22.39 -32.42 0.27
C GLY B 234 -22.49 -32.79 -1.20
N ALA B 235 -21.63 -33.69 -1.66
CA ALA B 235 -21.59 -34.06 -3.07
C ALA B 235 -22.74 -35.02 -3.40
N VAL B 236 -22.97 -35.30 -4.68
CA VAL B 236 -24.04 -36.23 -4.97
C VAL B 236 -23.63 -37.65 -4.55
N ASN B 237 -24.56 -38.30 -3.86
CA ASN B 237 -24.37 -39.59 -3.26
C ASN B 237 -24.78 -40.68 -4.23
N PRO B 238 -24.26 -41.91 -4.05
CA PRO B 238 -24.81 -43.05 -4.77
C PRO B 238 -26.26 -43.26 -4.41
N THR B 239 -27.04 -43.75 -5.36
CA THR B 239 -28.38 -44.20 -5.07
C THR B 239 -28.37 -45.73 -4.89
N VAL B 240 -29.43 -46.24 -4.28
CA VAL B 240 -29.51 -47.66 -3.96
C VAL B 240 -30.88 -48.22 -4.28
N LYS B 241 -30.91 -49.41 -4.85
CA LYS B 241 -32.14 -50.17 -4.99
C LYS B 241 -31.96 -51.51 -4.30
N PHE B 242 -33.07 -52.11 -3.88
CA PHE B 242 -33.03 -53.39 -3.22
C PHE B 242 -33.90 -54.41 -3.94
N PHE B 243 -33.34 -55.59 -4.16
CA PHE B 243 -34.06 -56.67 -4.82
C PHE B 243 -34.03 -57.97 -4.01
N VAL B 244 -34.97 -58.87 -4.33
CA VAL B 244 -34.98 -60.23 -3.80
C VAL B 244 -35.32 -61.18 -4.93
N VAL B 245 -34.46 -62.15 -5.17
CA VAL B 245 -34.69 -63.15 -6.19
C VAL B 245 -34.92 -64.53 -5.56
N ASN B 246 -35.93 -65.24 -6.07
CA ASN B 246 -36.13 -66.63 -5.72
C ASN B 246 -35.19 -67.51 -6.55
N THR B 247 -34.20 -68.10 -5.87
CA THR B 247 -33.20 -68.96 -6.52
C THR B 247 -33.72 -70.35 -6.91
N ASP B 248 -34.83 -70.78 -6.31
CA ASP B 248 -35.43 -72.08 -6.62
C ASP B 248 -36.20 -72.07 -7.95
N SER B 249 -36.68 -70.90 -8.35
CA SER B 249 -37.42 -70.80 -9.61
C SER B 249 -36.58 -70.23 -10.77
N LEU B 250 -35.26 -70.32 -10.62
CA LEU B 250 -34.31 -70.01 -11.69
C LEU B 250 -34.50 -70.91 -12.91
N SER B 251 -34.05 -70.43 -14.06
CA SER B 251 -34.15 -71.20 -15.29
C SER B 251 -33.02 -70.88 -16.25
N SER B 252 -32.63 -71.88 -17.02
CA SER B 252 -31.53 -71.78 -17.97
C SER B 252 -32.03 -71.22 -19.30
N VAL B 253 -33.35 -71.16 -19.45
CA VAL B 253 -33.95 -70.69 -20.70
C VAL B 253 -34.62 -69.32 -20.57
N THR B 254 -34.79 -68.86 -19.33
CA THR B 254 -35.39 -67.55 -19.05
C THR B 254 -34.59 -66.79 -18.02
N ASN B 255 -34.48 -65.48 -18.19
CA ASN B 255 -33.79 -64.61 -17.23
C ASN B 255 -34.48 -64.55 -15.87
N ALA B 256 -33.68 -64.47 -14.82
CA ALA B 256 -34.17 -64.37 -13.44
C ALA B 256 -34.98 -63.10 -13.18
N THR B 257 -36.08 -63.24 -12.43
CA THR B 257 -36.89 -62.10 -12.01
C THR B 257 -36.54 -61.66 -10.58
N SER B 258 -35.93 -60.49 -10.47
CA SER B 258 -35.65 -59.90 -9.17
C SER B 258 -36.81 -59.00 -8.76
N ILE B 259 -37.42 -59.27 -7.61
CA ILE B 259 -38.51 -58.42 -7.11
C ILE B 259 -37.94 -57.25 -6.32
N GLN B 260 -38.26 -56.03 -6.76
CA GLN B 260 -37.77 -54.86 -6.06
C GLN B 260 -38.54 -54.59 -4.77
N ILE B 261 -37.81 -54.28 -3.71
CA ILE B 261 -38.42 -53.72 -2.53
C ILE B 261 -38.02 -52.25 -2.50
N THR B 262 -38.99 -51.39 -2.73
CA THR B 262 -38.75 -49.94 -2.77
C THR B 262 -38.71 -49.43 -1.34
N ALA B 263 -37.90 -48.39 -1.13
CA ALA B 263 -37.82 -47.66 0.14
C ALA B 263 -39.19 -47.07 0.44
N PRO B 264 -39.54 -46.90 1.73
CA PRO B 264 -40.82 -46.26 2.08
C PRO B 264 -40.86 -44.83 1.56
N ALA B 265 -42.06 -44.28 1.41
CA ALA B 265 -42.27 -42.94 0.88
C ALA B 265 -41.53 -41.88 1.67
N SER B 266 -41.40 -42.10 2.98
CA SER B 266 -40.71 -41.18 3.89
C SER B 266 -39.24 -41.02 3.52
N MET B 267 -38.69 -42.04 2.88
CA MET B 267 -37.30 -42.07 2.45
C MET B 267 -37.13 -41.55 1.03
N LEU B 268 -38.07 -41.90 0.15
CA LEU B 268 -37.98 -41.56 -1.28
C LEU B 268 -38.12 -40.07 -1.60
N ILE B 269 -38.62 -39.28 -0.65
CA ILE B 269 -38.75 -37.83 -0.80
C ILE B 269 -37.42 -37.05 -0.80
N GLY B 270 -36.33 -37.71 -0.41
CA GLY B 270 -34.99 -37.09 -0.46
C GLY B 270 -33.91 -38.13 -0.68
N ASP B 271 -32.65 -37.70 -0.55
CA ASP B 271 -31.52 -38.62 -0.52
C ASP B 271 -31.65 -39.52 0.70
N HIS B 272 -31.36 -40.80 0.52
CA HIS B 272 -31.46 -41.76 1.63
C HIS B 272 -30.42 -42.87 1.49
N TYR B 273 -30.31 -43.69 2.52
CA TYR B 273 -29.42 -44.86 2.48
C TYR B 273 -30.18 -46.11 2.89
N LEU B 274 -29.69 -47.24 2.40
CA LEU B 274 -30.04 -48.54 2.95
C LEU B 274 -29.02 -48.82 4.05
N CYS B 275 -29.45 -48.96 5.29
CA CYS B 275 -28.48 -49.11 6.37
C CYS B 275 -28.48 -50.46 7.09
N ASP B 276 -29.43 -51.34 6.77
CA ASP B 276 -29.50 -52.66 7.39
C ASP B 276 -30.42 -53.62 6.65
N VAL B 277 -29.92 -54.83 6.44
CA VAL B 277 -30.72 -55.89 5.89
C VAL B 277 -30.62 -57.05 6.87
N THR B 278 -31.77 -57.59 7.28
CA THR B 278 -31.82 -58.68 8.22
C THR B 278 -33.03 -59.55 7.92
N TRP B 279 -32.78 -60.77 7.44
CA TRP B 279 -33.84 -61.77 7.30
C TRP B 279 -34.43 -62.16 8.65
N ALA B 280 -35.75 -62.25 8.72
CA ALA B 280 -36.47 -62.64 9.93
C ALA B 280 -36.88 -64.11 9.89
N THR B 281 -37.41 -64.54 8.75
CA THR B 281 -37.84 -65.93 8.56
C THR B 281 -37.52 -66.31 7.14
N GLN B 282 -37.94 -67.52 6.75
CA GLN B 282 -37.77 -68.01 5.38
C GLN B 282 -38.42 -67.09 4.35
N GLU B 283 -39.47 -66.38 4.77
CA GLU B 283 -40.29 -65.56 3.89
C GLU B 283 -40.52 -64.15 4.42
N ARG B 284 -39.63 -63.67 5.28
CA ARG B 284 -39.75 -62.34 5.86
C ARG B 284 -38.39 -61.67 6.02
N ILE B 285 -38.30 -60.44 5.53
CA ILE B 285 -37.06 -59.71 5.57
C ILE B 285 -37.32 -58.34 6.19
N SER B 286 -36.37 -57.85 6.99
CA SER B 286 -36.45 -56.48 7.48
C SER B 286 -35.38 -55.62 6.84
N LEU B 287 -35.80 -54.43 6.38
CA LEU B 287 -34.90 -53.45 5.78
C LEU B 287 -34.90 -52.22 6.66
N GLN B 288 -33.73 -51.66 6.90
CA GLN B 288 -33.66 -50.35 7.51
C GLN B 288 -33.11 -49.36 6.51
N TRP B 289 -33.79 -48.23 6.40
CA TRP B 289 -33.39 -47.16 5.51
C TRP B 289 -33.09 -45.94 6.37
N LEU B 290 -32.27 -45.06 5.83
CA LEU B 290 -31.78 -43.90 6.58
C LEU B 290 -31.85 -42.67 5.70
N ARG B 291 -32.43 -41.58 6.22
CA ARG B 291 -32.35 -40.31 5.50
C ARG B 291 -30.92 -39.78 5.47
N ARG B 292 -30.58 -39.07 4.41
CA ARG B 292 -29.25 -38.48 4.28
C ARG B 292 -28.94 -37.61 5.49
N ILE B 293 -29.95 -36.89 5.98
CA ILE B 293 -29.86 -36.33 7.32
C ILE B 293 -30.22 -37.45 8.28
N GLN B 294 -29.20 -37.94 8.96
CA GLN B 294 -29.22 -39.26 9.58
C GLN B 294 -29.79 -39.26 10.98
N ASN B 295 -30.79 -38.43 11.21
CA ASN B 295 -31.54 -38.46 12.47
C ASN B 295 -32.87 -39.19 12.33
N TYR B 296 -33.09 -39.80 11.17
CA TYR B 296 -34.39 -40.41 10.90
C TYR B 296 -34.26 -41.67 10.04
N SER B 297 -34.62 -42.81 10.63
CA SER B 297 -34.62 -44.08 9.91
C SER B 297 -35.93 -44.83 10.03
N VAL B 298 -36.22 -45.61 8.99
CA VAL B 298 -37.41 -46.42 8.94
C VAL B 298 -37.00 -47.87 8.71
N MET B 299 -37.44 -48.74 9.62
CA MET B 299 -37.37 -50.19 9.40
C MET B 299 -38.65 -50.67 8.71
N ASP B 300 -38.51 -51.18 7.49
CA ASP B 300 -39.59 -51.91 6.83
C ASP B 300 -39.53 -53.39 7.20
N ILE B 301 -40.69 -54.03 7.29
CA ILE B 301 -40.76 -55.47 7.49
C ILE B 301 -41.61 -56.08 6.39
N CYS B 302 -40.96 -56.86 5.51
CA CYS B 302 -41.57 -57.27 4.25
C CYS B 302 -41.81 -58.77 4.14
N ASP B 303 -43.06 -59.13 3.91
CA ASP B 303 -43.48 -60.52 3.80
C ASP B 303 -43.60 -60.91 2.35
N TYR B 304 -43.31 -62.18 2.07
CA TYR B 304 -43.42 -62.74 0.74
C TYR B 304 -44.84 -63.21 0.51
N ASP B 305 -45.46 -62.68 -0.54
CA ASP B 305 -46.80 -63.11 -0.93
C ASP B 305 -46.66 -64.30 -1.88
N GLU B 306 -47.18 -65.45 -1.44
CA GLU B 306 -47.12 -66.70 -2.21
C GLU B 306 -47.72 -66.59 -3.62
N SER B 307 -48.95 -66.09 -3.71
CA SER B 307 -49.66 -66.01 -4.99
C SER B 307 -49.04 -65.03 -5.98
N SER B 308 -48.48 -63.92 -5.46
CA SER B 308 -47.85 -62.88 -6.28
C SER B 308 -46.45 -63.26 -6.73
N GLY B 309 -45.68 -63.82 -5.80
CA GLY B 309 -44.26 -64.02 -6.02
C GLY B 309 -43.55 -62.71 -5.69
N ARG B 310 -44.27 -61.84 -5.00
CA ARG B 310 -43.78 -60.50 -4.69
C ARG B 310 -43.65 -60.25 -3.18
N TRP B 311 -43.12 -59.08 -2.83
CA TRP B 311 -42.82 -58.75 -1.45
C TRP B 311 -43.59 -57.52 -0.97
N ASN B 312 -44.13 -57.61 0.24
CA ASN B 312 -45.06 -56.61 0.74
C ASN B 312 -44.72 -56.09 2.13
N CYS B 313 -44.41 -54.80 2.17
CA CYS B 313 -44.03 -54.15 3.41
C CYS B 313 -45.23 -53.36 3.90
N LEU B 314 -45.98 -53.97 4.81
CA LEU B 314 -47.14 -53.32 5.36
C LEU B 314 -46.69 -52.11 6.17
N VAL B 315 -47.33 -50.97 5.90
CA VAL B 315 -46.96 -49.71 6.54
C VAL B 315 -47.26 -49.74 8.05
N ALA B 316 -48.09 -50.71 8.46
CA ALA B 316 -48.37 -50.94 9.86
C ALA B 316 -47.25 -51.69 10.58
N ARG B 317 -46.27 -52.17 9.81
CA ARG B 317 -45.12 -52.87 10.37
C ARG B 317 -43.86 -52.05 10.18
N GLN B 318 -44.01 -50.84 9.65
CA GLN B 318 -42.94 -49.87 9.63
C GLN B 318 -42.63 -49.44 11.05
N HIS B 319 -41.34 -49.44 11.40
CA HIS B 319 -40.89 -48.94 12.68
C HIS B 319 -39.96 -47.76 12.43
N ILE B 320 -40.17 -46.70 13.19
CA ILE B 320 -39.42 -45.47 13.04
C ILE B 320 -38.40 -45.35 14.17
N GLU B 321 -37.15 -45.08 13.80
CA GLU B 321 -36.15 -44.70 14.78
C GLU B 321 -35.57 -43.34 14.41
N MET B 322 -35.61 -42.43 15.37
CA MET B 322 -35.15 -41.07 15.17
C MET B 322 -34.47 -40.57 16.42
N SER B 323 -33.69 -39.49 16.27
CA SER B 323 -33.03 -38.83 17.38
C SER B 323 -33.27 -37.34 17.33
N THR B 324 -33.54 -36.74 18.49
CA THR B 324 -33.64 -35.29 18.60
C THR B 324 -32.31 -34.64 18.97
N THR B 325 -31.39 -35.44 19.51
CA THR B 325 -30.11 -34.94 20.02
C THR B 325 -28.94 -35.17 19.07
N GLY B 326 -29.11 -36.05 18.11
CA GLY B 326 -28.02 -36.41 17.23
C GLY B 326 -28.49 -37.22 16.04
N TRP B 327 -27.65 -38.16 15.65
CA TRP B 327 -27.89 -39.08 14.56
C TRP B 327 -28.48 -40.36 15.14
N VAL B 328 -28.89 -41.30 14.28
CA VAL B 328 -29.46 -42.57 14.76
C VAL B 328 -28.42 -43.71 14.83
N GLY B 329 -28.38 -44.36 15.99
CA GLY B 329 -27.47 -45.46 16.22
C GLY B 329 -26.07 -44.95 16.53
N ARG B 330 -25.17 -45.86 16.82
CA ARG B 330 -23.78 -45.49 17.11
C ARG B 330 -23.07 -45.01 15.84
N PHE B 331 -23.10 -45.84 14.79
CA PHE B 331 -22.65 -45.46 13.46
C PHE B 331 -23.73 -45.68 12.41
N ARG B 332 -24.69 -46.53 12.74
CA ARG B 332 -25.89 -46.72 11.95
C ARG B 332 -26.94 -47.32 12.88
N PRO B 333 -28.22 -47.29 12.48
CA PRO B 333 -29.24 -47.97 13.27
C PRO B 333 -28.88 -49.44 13.51
N SER B 334 -29.03 -49.87 14.75
CA SER B 334 -28.69 -51.22 15.15
C SER B 334 -29.50 -52.28 14.38
N GLU B 335 -28.99 -53.51 14.38
CA GLU B 335 -29.65 -54.59 13.68
C GLU B 335 -30.67 -55.27 14.62
N PRO B 336 -31.84 -55.70 14.06
CA PRO B 336 -32.82 -56.47 14.85
C PRO B 336 -32.48 -57.96 14.98
N HIS B 337 -32.91 -58.57 16.09
CA HIS B 337 -32.75 -60.00 16.29
C HIS B 337 -34.12 -60.58 16.47
N PHE B 338 -34.57 -61.30 15.46
CA PHE B 338 -35.93 -61.80 15.43
C PHE B 338 -36.09 -63.09 16.20
N THR B 339 -37.23 -63.22 16.85
CA THR B 339 -37.67 -64.50 17.37
C THR B 339 -37.91 -65.45 16.19
N LEU B 340 -37.94 -66.75 16.48
CA LEU B 340 -38.10 -67.79 15.45
C LEU B 340 -39.32 -67.60 14.55
N ASP B 341 -40.47 -67.27 15.14
CA ASP B 341 -41.69 -67.01 14.35
C ASP B 341 -41.63 -65.70 13.55
N GLY B 342 -40.64 -64.86 13.87
CA GLY B 342 -40.41 -63.61 13.19
C GLY B 342 -41.45 -62.55 13.49
N ASN B 343 -42.26 -62.80 14.52
CA ASN B 343 -43.36 -61.92 14.89
C ASN B 343 -42.96 -60.84 15.88
N SER B 344 -41.73 -60.95 16.38
CA SER B 344 -41.16 -59.90 17.21
C SER B 344 -39.64 -59.91 17.10
N PHE B 345 -39.01 -58.91 17.71
CA PHE B 345 -37.58 -58.74 17.60
C PHE B 345 -37.02 -57.89 18.72
N TYR B 346 -35.72 -58.06 18.93
CA TYR B 346 -34.99 -57.32 19.93
C TYR B 346 -33.99 -56.42 19.22
N LYS B 347 -33.87 -55.20 19.73
CA LYS B 347 -32.98 -54.21 19.12
C LYS B 347 -32.41 -53.30 20.19
N ILE B 348 -31.13 -52.96 20.03
CA ILE B 348 -30.52 -51.91 20.82
C ILE B 348 -30.98 -50.57 20.25
N ILE B 349 -31.64 -49.78 21.10
CA ILE B 349 -31.95 -48.37 20.82
C ILE B 349 -31.64 -47.57 22.10
N SER B 350 -31.45 -46.26 21.99
CA SER B 350 -31.26 -45.44 23.19
C SER B 350 -32.59 -45.12 23.86
N ASN B 351 -32.58 -45.12 25.18
CA ASN B 351 -33.77 -44.93 25.98
C ASN B 351 -33.99 -43.44 26.30
N GLU B 352 -35.00 -43.17 27.13
CA GLU B 352 -35.36 -41.82 27.56
C GLU B 352 -34.19 -41.04 28.19
N GLU B 353 -33.24 -41.77 28.78
CA GLU B 353 -32.09 -41.17 29.45
C GLU B 353 -30.89 -41.04 28.52
N GLY B 354 -31.04 -41.52 27.27
CA GLY B 354 -29.96 -41.48 26.28
C GLY B 354 -29.06 -42.71 26.28
N TYR B 355 -29.38 -43.71 27.10
CA TYR B 355 -28.57 -44.94 27.16
C TYR B 355 -29.10 -46.03 26.25
N ARG B 356 -28.19 -46.68 25.55
CA ARG B 356 -28.54 -47.71 24.58
C ARG B 356 -28.83 -49.05 25.25
N HIS B 357 -30.06 -49.53 25.07
CA HIS B 357 -30.53 -50.75 25.70
C HIS B 357 -31.35 -51.62 24.74
N ILE B 358 -31.57 -52.87 25.15
CA ILE B 358 -32.36 -53.80 24.36
C ILE B 358 -33.84 -53.52 24.53
N CYS B 359 -34.46 -53.11 23.43
CA CYS B 359 -35.89 -52.95 23.39
C CYS B 359 -36.52 -54.15 22.69
N TYR B 360 -37.65 -54.59 23.23
CA TYR B 360 -38.37 -55.71 22.68
C TYR B 360 -39.60 -55.21 21.93
N PHE B 361 -39.65 -55.50 20.64
CA PHE B 361 -40.72 -54.99 19.79
C PHE B 361 -41.58 -56.14 19.29
N GLN B 362 -42.90 -55.97 19.36
CA GLN B 362 -43.79 -56.74 18.52
C GLN B 362 -43.84 -56.10 17.13
N ILE B 363 -44.01 -56.95 16.12
CA ILE B 363 -43.92 -56.53 14.72
C ILE B 363 -45.03 -55.56 14.30
N ASP B 364 -46.15 -55.60 15.02
CA ASP B 364 -47.35 -54.83 14.72
C ASP B 364 -47.55 -53.65 15.68
N LYS B 365 -46.58 -53.41 16.56
CA LYS B 365 -46.73 -52.37 17.60
C LYS B 365 -45.65 -51.29 17.59
N LYS B 366 -46.10 -50.05 17.74
CA LYS B 366 -45.25 -48.86 17.79
C LYS B 366 -44.30 -48.91 18.99
N ASP B 367 -44.89 -48.95 20.19
CA ASP B 367 -44.14 -48.87 21.43
C ASP B 367 -43.45 -50.20 21.76
N CYS B 368 -42.16 -50.15 22.00
CA CYS B 368 -41.47 -51.33 22.46
C CYS B 368 -41.34 -51.28 23.99
N THR B 369 -40.99 -52.43 24.59
CA THR B 369 -40.59 -52.41 25.99
C THR B 369 -39.09 -52.70 26.16
N PHE B 370 -38.42 -51.89 26.96
CA PHE B 370 -37.02 -52.06 27.26
C PHE B 370 -36.84 -53.21 28.24
N ILE B 371 -35.96 -54.15 27.89
CA ILE B 371 -35.71 -55.33 28.72
C ILE B 371 -34.47 -55.13 29.60
N THR B 372 -33.63 -54.17 29.22
CA THR B 372 -32.51 -53.71 30.05
C THR B 372 -32.60 -52.20 30.27
N LYS B 373 -31.93 -51.74 31.32
CA LYS B 373 -31.84 -50.31 31.66
C LYS B 373 -30.71 -50.08 32.66
N GLY B 374 -30.29 -48.82 32.78
CA GLY B 374 -29.24 -48.43 33.70
C GLY B 374 -28.31 -47.42 33.07
N THR B 375 -27.44 -46.84 33.90
CA THR B 375 -26.48 -45.85 33.45
C THR B 375 -25.25 -46.59 32.90
N TRP B 376 -25.51 -47.45 31.94
CA TRP B 376 -24.50 -48.20 31.19
C TRP B 376 -25.17 -48.50 29.85
N GLU B 377 -24.44 -49.20 28.98
CA GLU B 377 -24.95 -49.49 27.65
C GLU B 377 -24.77 -50.93 27.22
N VAL B 378 -25.75 -51.41 26.46
CA VAL B 378 -25.63 -52.69 25.79
C VAL B 378 -24.82 -52.48 24.51
N ILE B 379 -23.74 -53.25 24.36
CA ILE B 379 -22.83 -53.13 23.21
C ILE B 379 -23.39 -53.86 21.99
N GLY B 380 -23.81 -55.11 22.16
CA GLY B 380 -24.35 -55.89 21.06
C GLY B 380 -25.18 -57.06 21.54
N ILE B 381 -26.21 -57.39 20.79
CA ILE B 381 -26.95 -58.63 21.02
C ILE B 381 -26.20 -59.75 20.29
N GLU B 382 -25.80 -60.77 21.03
CA GLU B 382 -24.94 -61.82 20.51
C GLU B 382 -25.65 -63.13 20.09
N ALA B 383 -26.68 -63.51 20.83
CA ALA B 383 -27.46 -64.68 20.48
C ALA B 383 -28.85 -64.50 21.05
N LEU B 384 -29.81 -65.19 20.42
CA LEU B 384 -31.19 -65.23 20.88
C LEU B 384 -31.70 -66.66 20.73
N THR B 385 -32.07 -67.26 21.87
CA THR B 385 -32.79 -68.53 21.87
C THR B 385 -34.21 -68.22 22.36
N SER B 386 -35.04 -69.25 22.45
CA SER B 386 -36.42 -69.07 22.89
C SER B 386 -36.55 -68.74 24.38
N ASP B 387 -35.48 -68.95 25.15
CA ASP B 387 -35.50 -68.72 26.59
C ASP B 387 -34.57 -67.58 27.04
N TYR B 388 -33.47 -67.40 26.33
CA TYR B 388 -32.49 -66.40 26.70
C TYR B 388 -32.03 -65.52 25.55
N LEU B 389 -31.65 -64.30 25.91
CA LEU B 389 -30.97 -63.40 24.99
C LEU B 389 -29.60 -63.16 25.59
N TYR B 390 -28.58 -63.30 24.74
CA TYR B 390 -27.20 -63.09 25.15
C TYR B 390 -26.72 -61.76 24.58
N TYR B 391 -26.02 -61.00 25.42
CA TYR B 391 -25.57 -59.66 25.03
C TYR B 391 -24.31 -59.27 25.77
N ILE B 392 -23.51 -58.44 25.12
CA ILE B 392 -22.32 -57.84 25.71
C ILE B 392 -22.71 -56.44 26.20
N SER B 393 -22.27 -56.09 27.39
CA SER B 393 -22.50 -54.75 27.93
C SER B 393 -21.32 -54.30 28.80
N ASN B 394 -21.31 -53.00 29.12
CA ASN B 394 -20.30 -52.46 30.01
C ASN B 394 -20.86 -52.15 31.42
N GLU B 395 -21.84 -52.94 31.87
CA GLU B 395 -22.44 -52.73 33.16
C GLU B 395 -21.48 -53.02 34.33
N TYR B 396 -20.81 -54.17 34.27
CA TYR B 396 -19.97 -54.60 35.37
C TYR B 396 -19.09 -53.48 35.96
N LYS B 397 -19.21 -53.29 37.28
CA LYS B 397 -18.40 -52.32 38.03
C LYS B 397 -18.52 -50.88 37.53
N GLY B 398 -19.55 -50.62 36.73
CA GLY B 398 -19.79 -49.30 36.13
C GLY B 398 -18.61 -48.77 35.34
N MET B 399 -17.94 -49.66 34.61
CA MET B 399 -16.76 -49.30 33.80
C MET B 399 -17.12 -49.35 32.31
N PRO B 400 -17.28 -48.18 31.67
CA PRO B 400 -17.68 -48.07 30.27
C PRO B 400 -16.74 -48.80 29.32
N GLY B 401 -15.50 -49.01 29.75
CA GLY B 401 -14.47 -49.60 28.94
C GLY B 401 -14.26 -51.07 29.20
N GLY B 402 -15.12 -51.67 30.04
CA GLY B 402 -15.15 -53.11 30.24
C GLY B 402 -16.21 -53.75 29.35
N ARG B 403 -16.13 -55.06 29.18
CA ARG B 403 -17.10 -55.81 28.37
C ARG B 403 -17.31 -57.19 28.94
N ASN B 404 -18.56 -57.50 29.25
CA ASN B 404 -18.92 -58.80 29.74
C ASN B 404 -20.18 -59.35 29.08
N LEU B 405 -20.27 -60.68 29.00
CA LEU B 405 -21.43 -61.34 28.44
C LEU B 405 -22.46 -61.57 29.55
N TYR B 406 -23.70 -61.21 29.27
CA TYR B 406 -24.80 -61.43 30.16
C TYR B 406 -25.83 -62.24 29.39
N LYS B 407 -26.71 -62.91 30.12
CA LYS B 407 -27.91 -63.47 29.55
C LYS B 407 -29.14 -63.04 30.37
N ILE B 408 -30.18 -62.64 29.66
CA ILE B 408 -31.42 -62.25 30.28
C ILE B 408 -32.52 -63.27 29.95
N GLN B 409 -33.27 -63.67 30.96
CA GLN B 409 -34.39 -64.58 30.78
C GLN B 409 -35.55 -63.83 30.12
N LEU B 410 -35.94 -64.30 28.94
CA LEU B 410 -36.99 -63.65 28.13
C LEU B 410 -38.33 -63.49 28.86
N SER B 411 -38.64 -64.43 29.75
CA SER B 411 -39.90 -64.40 30.48
C SER B 411 -39.82 -63.63 31.80
N ASP B 412 -38.62 -63.22 32.19
CA ASP B 412 -38.43 -62.45 33.42
C ASP B 412 -37.16 -61.63 33.36
N TYR B 413 -37.32 -60.33 33.09
CA TYR B 413 -36.21 -59.40 32.84
C TYR B 413 -35.40 -59.04 34.08
N THR B 414 -35.95 -59.33 35.25
CA THR B 414 -35.22 -59.16 36.50
C THR B 414 -34.20 -60.31 36.67
N LYS B 415 -34.33 -61.35 35.86
CA LYS B 415 -33.39 -62.47 35.89
C LYS B 415 -32.28 -62.33 34.85
N VAL B 416 -31.28 -61.54 35.20
CA VAL B 416 -30.09 -61.38 34.37
C VAL B 416 -28.90 -62.01 35.11
N THR B 417 -28.11 -62.79 34.38
CA THR B 417 -26.91 -63.42 34.91
C THR B 417 -25.73 -62.94 34.10
N CYS B 418 -24.66 -62.54 34.77
CA CYS B 418 -23.41 -62.27 34.06
C CYS B 418 -22.66 -63.58 33.88
N LEU B 419 -22.33 -63.90 32.63
CA LEU B 419 -21.67 -65.14 32.31
C LEU B 419 -20.13 -65.06 32.38
N SER B 420 -19.58 -63.89 32.15
CA SER B 420 -18.13 -63.73 32.08
C SER B 420 -17.48 -62.98 33.27
N CYS B 421 -18.31 -62.30 34.07
CA CYS B 421 -17.83 -61.32 35.05
C CYS B 421 -16.82 -61.89 36.05
N GLU B 422 -17.17 -63.04 36.63
CA GLU B 422 -16.42 -63.64 37.73
C GLU B 422 -15.51 -64.78 37.32
N LEU B 423 -15.41 -65.05 36.01
CA LEU B 423 -14.53 -66.11 35.50
C LEU B 423 -13.08 -65.91 35.91
N ASN B 424 -12.53 -64.74 35.60
CA ASN B 424 -11.18 -64.35 36.00
C ASN B 424 -11.15 -62.85 36.23
N PRO B 425 -11.68 -62.39 37.37
CA PRO B 425 -11.91 -60.95 37.56
C PRO B 425 -10.69 -60.02 37.35
N GLU B 426 -9.49 -60.47 37.73
CA GLU B 426 -8.30 -59.62 37.68
C GLU B 426 -7.67 -59.61 36.29
N ARG B 427 -7.69 -60.76 35.64
CA ARG B 427 -7.10 -60.94 34.32
C ARG B 427 -8.07 -60.56 33.19
N CYS B 428 -9.37 -60.72 33.44
CA CYS B 428 -10.36 -60.67 32.36
C CYS B 428 -11.56 -59.74 32.56
N GLN B 429 -11.53 -58.59 31.89
CA GLN B 429 -12.59 -57.59 32.04
C GLN B 429 -13.08 -57.08 30.68
N TYR B 430 -12.66 -57.74 29.61
CA TYR B 430 -13.06 -57.32 28.28
C TYR B 430 -13.29 -58.55 27.42
N TYR B 431 -14.56 -58.91 27.25
CA TYR B 431 -14.92 -60.15 26.58
C TYR B 431 -15.64 -59.90 25.29
N SER B 432 -15.43 -60.81 24.34
CA SER B 432 -16.31 -60.97 23.19
C SER B 432 -16.69 -62.45 23.10
N VAL B 433 -17.64 -62.79 22.24
CA VAL B 433 -18.17 -64.14 22.26
C VAL B 433 -18.44 -64.73 20.87
N SER B 434 -18.20 -66.03 20.73
CA SER B 434 -18.57 -66.75 19.54
C SER B 434 -19.49 -67.92 19.88
N PHE B 435 -20.77 -67.80 19.55
CA PHE B 435 -21.78 -68.82 19.81
C PHE B 435 -21.87 -69.83 18.70
N SER B 436 -22.10 -71.09 19.05
CA SER B 436 -22.37 -72.14 18.07
C SER B 436 -23.69 -71.91 17.34
N LYS B 437 -23.94 -72.69 16.29
CA LYS B 437 -25.05 -72.47 15.35
C LYS B 437 -26.40 -72.23 16.00
N GLU B 438 -26.71 -72.94 17.08
CA GLU B 438 -27.92 -72.69 17.85
C GLU B 438 -27.58 -72.45 19.34
N ALA B 439 -26.49 -71.69 19.55
CA ALA B 439 -26.05 -71.22 20.87
C ALA B 439 -25.87 -72.27 22.00
N LYS B 440 -25.66 -73.55 21.65
CA LYS B 440 -25.46 -74.56 22.68
C LYS B 440 -24.08 -74.47 23.32
N TYR B 441 -23.14 -73.89 22.57
CA TYR B 441 -21.80 -73.62 23.08
C TYR B 441 -21.40 -72.19 22.74
N TYR B 442 -20.47 -71.66 23.51
CA TYR B 442 -19.86 -70.39 23.18
C TYR B 442 -18.39 -70.37 23.55
N GLN B 443 -17.60 -69.79 22.67
CA GLN B 443 -16.24 -69.48 22.98
C GLN B 443 -16.23 -68.06 23.57
N LEU B 444 -15.62 -67.93 24.73
CA LEU B 444 -15.34 -66.61 25.27
C LEU B 444 -13.93 -66.18 24.89
N ARG B 445 -13.79 -64.91 24.52
CA ARG B 445 -12.49 -64.32 24.26
C ARG B 445 -12.31 -63.08 25.13
N CYS B 446 -11.36 -63.17 26.05
CA CYS B 446 -11.04 -62.11 26.98
C CYS B 446 -9.79 -61.42 26.44
N SER B 447 -9.85 -60.10 26.32
CA SER B 447 -8.78 -59.33 25.68
C SER B 447 -7.92 -58.56 26.67
N GLY B 448 -8.28 -58.60 27.95
CA GLY B 448 -7.57 -57.82 28.96
C GLY B 448 -8.37 -57.61 30.24
N PRO B 449 -7.75 -56.97 31.26
CA PRO B 449 -6.44 -56.33 31.21
C PRO B 449 -5.24 -57.28 31.24
N GLY B 450 -5.47 -58.54 31.62
CA GLY B 450 -4.41 -59.55 31.62
C GLY B 450 -4.15 -60.02 30.19
N LEU B 451 -3.28 -61.01 30.05
CA LEU B 451 -3.08 -61.63 28.73
C LEU B 451 -4.37 -62.26 28.21
N PRO B 452 -4.60 -62.18 26.88
CA PRO B 452 -5.76 -62.82 26.24
C PRO B 452 -6.00 -64.29 26.62
N LEU B 453 -7.28 -64.63 26.75
CA LEU B 453 -7.70 -65.92 27.28
C LEU B 453 -8.94 -66.38 26.54
N TYR B 454 -8.81 -67.54 25.90
CA TYR B 454 -9.86 -68.12 25.07
C TYR B 454 -10.34 -69.42 25.75
N THR B 455 -11.64 -69.49 25.99
CA THR B 455 -12.24 -70.60 26.73
C THR B 455 -13.51 -71.09 26.04
N LEU B 456 -13.83 -72.37 26.21
CA LEU B 456 -15.06 -72.93 25.62
C LEU B 456 -16.10 -73.21 26.72
N HIS B 457 -17.37 -72.95 26.41
CA HIS B 457 -18.44 -73.10 27.39
C HIS B 457 -19.67 -73.74 26.80
N SER B 458 -20.37 -74.51 27.63
CA SER B 458 -21.71 -74.99 27.29
C SER B 458 -22.70 -74.04 27.94
N SER B 459 -23.58 -73.46 27.13
CA SER B 459 -24.56 -72.51 27.60
C SER B 459 -25.65 -73.20 28.43
N VAL B 460 -25.74 -74.53 28.31
CA VAL B 460 -26.71 -75.35 29.06
C VAL B 460 -26.74 -74.99 30.56
N ASN B 461 -25.58 -75.12 31.21
CA ASN B 461 -25.44 -74.73 32.61
C ASN B 461 -24.23 -73.80 32.82
N ASP B 462 -23.84 -73.12 31.74
CA ASP B 462 -22.77 -72.12 31.72
C ASP B 462 -21.44 -72.55 32.36
N LYS B 463 -21.20 -73.86 32.41
CA LYS B 463 -19.94 -74.38 32.91
C LYS B 463 -18.83 -74.24 31.85
N GLY B 464 -17.60 -74.04 32.31
CA GLY B 464 -16.44 -74.00 31.44
C GLY B 464 -16.05 -75.40 30.99
N LEU B 465 -15.87 -75.58 29.69
CA LEU B 465 -15.52 -76.89 29.13
C LEU B 465 -14.01 -77.05 29.12
N ARG B 466 -13.31 -76.06 28.56
CA ARG B 466 -11.84 -76.05 28.54
C ARG B 466 -11.21 -74.70 28.18
N VAL B 467 -9.95 -74.56 28.57
CA VAL B 467 -9.09 -73.47 28.16
C VAL B 467 -8.60 -73.79 26.75
N LEU B 468 -8.97 -72.94 25.80
CA LEU B 468 -8.50 -73.09 24.42
C LEU B 468 -7.10 -72.51 24.23
N GLU B 469 -6.89 -71.28 24.70
CA GLU B 469 -5.59 -70.61 24.65
C GLU B 469 -5.42 -69.69 25.85
N ASP B 470 -4.35 -69.91 26.60
CA ASP B 470 -4.11 -69.10 27.81
C ASP B 470 -2.86 -68.24 27.72
N ASN B 471 -2.24 -68.25 26.54
CA ASN B 471 -1.06 -67.44 26.25
C ASN B 471 0.07 -67.62 27.24
N SER B 472 0.32 -68.86 27.64
CA SER B 472 1.31 -69.13 28.67
C SER B 472 2.71 -69.00 28.14
N ALA B 473 2.91 -69.32 26.86
CA ALA B 473 4.21 -69.14 26.21
C ALA B 473 4.66 -67.66 26.18
N LEU B 474 3.72 -66.74 25.96
CA LEU B 474 4.01 -65.32 26.08
C LEU B 474 4.19 -64.88 27.54
N ASP B 475 3.29 -65.31 28.40
CA ASP B 475 3.43 -65.12 29.84
C ASP B 475 4.85 -65.49 30.26
N LYS B 476 5.32 -66.64 29.77
CA LYS B 476 6.65 -67.15 30.09
C LYS B 476 7.75 -66.19 29.59
N MET B 477 7.60 -65.67 28.38
CA MET B 477 8.56 -64.76 27.78
C MET B 477 8.66 -63.40 28.48
N LEU B 478 7.55 -62.98 29.09
CA LEU B 478 7.43 -61.65 29.68
C LEU B 478 7.86 -61.59 31.14
N GLN B 479 8.17 -62.74 31.73
CA GLN B 479 8.58 -62.83 33.14
C GLN B 479 9.64 -61.81 33.57
N ASN B 480 10.72 -61.72 32.79
CA ASN B 480 11.80 -60.76 33.08
C ASN B 480 11.89 -59.57 32.09
N VAL B 481 10.74 -59.20 31.54
CA VAL B 481 10.62 -57.96 30.77
C VAL B 481 10.01 -56.89 31.67
N GLN B 482 10.61 -55.71 31.68
CA GLN B 482 10.06 -54.57 32.41
C GLN B 482 8.91 -53.98 31.59
N MET B 483 7.73 -54.58 31.78
CA MET B 483 6.54 -54.20 31.03
C MET B 483 5.84 -53.01 31.67
N PRO B 484 5.13 -52.22 30.85
CA PRO B 484 4.33 -51.14 31.43
C PRO B 484 3.08 -51.69 32.10
N SER B 485 2.46 -50.88 32.95
CA SER B 485 1.12 -51.19 33.47
C SER B 485 0.10 -50.23 32.86
N LYS B 486 -1.18 -50.51 33.08
CA LYS B 486 -2.23 -49.59 32.67
C LYS B 486 -2.99 -49.07 33.89
N LYS B 487 -3.18 -47.76 33.93
CA LYS B 487 -4.13 -47.16 34.86
C LYS B 487 -5.37 -46.77 34.06
N LEU B 488 -6.52 -47.34 34.44
CA LEU B 488 -7.82 -47.00 33.86
C LEU B 488 -8.65 -46.33 34.95
N ASP B 489 -9.02 -45.07 34.75
CA ASP B 489 -9.79 -44.34 35.75
C ASP B 489 -10.57 -43.16 35.15
N PHE B 490 -11.18 -42.35 36.01
CA PHE B 490 -11.97 -41.21 35.56
C PHE B 490 -11.59 -39.91 36.26
N ILE B 491 -11.95 -38.79 35.64
CA ILE B 491 -11.95 -37.49 36.29
C ILE B 491 -13.35 -36.90 36.19
N ILE B 492 -13.73 -36.13 37.21
CA ILE B 492 -15.02 -35.46 37.19
C ILE B 492 -14.84 -34.05 36.59
N LEU B 493 -15.65 -33.76 35.57
CA LEU B 493 -15.65 -32.45 34.92
C LEU B 493 -17.10 -32.10 34.65
N ASN B 494 -17.52 -30.90 35.05
CA ASN B 494 -18.95 -30.54 35.03
C ASN B 494 -19.81 -31.70 35.52
N GLU B 495 -19.54 -32.14 36.75
CA GLU B 495 -20.22 -33.28 37.40
C GLU B 495 -20.42 -34.53 36.53
N THR B 496 -19.52 -34.73 35.57
CA THR B 496 -19.57 -35.87 34.67
C THR B 496 -18.26 -36.64 34.73
N LYS B 497 -18.39 -37.97 34.83
CA LYS B 497 -17.25 -38.87 34.76
C LYS B 497 -16.69 -38.90 33.34
N PHE B 498 -15.38 -38.73 33.21
CA PHE B 498 -14.70 -38.89 31.94
C PHE B 498 -13.52 -39.82 32.10
N TRP B 499 -13.50 -40.90 31.32
CA TRP B 499 -12.53 -41.97 31.51
C TRP B 499 -11.23 -41.70 30.75
N TYR B 500 -10.13 -42.13 31.35
CA TYR B 500 -8.82 -42.04 30.71
C TYR B 500 -8.07 -43.31 31.08
N GLN B 501 -7.10 -43.65 30.24
CA GLN B 501 -6.13 -44.67 30.56
C GLN B 501 -4.73 -44.11 30.40
N MET B 502 -3.81 -44.64 31.21
CA MET B 502 -2.40 -44.31 31.12
C MET B 502 -1.63 -45.59 31.03
N ILE B 503 -0.79 -45.69 30.00
CA ILE B 503 0.20 -46.74 29.90
C ILE B 503 1.40 -46.19 30.66
N LEU B 504 1.74 -46.83 31.78
CA LEU B 504 2.74 -46.28 32.69
C LEU B 504 4.03 -47.07 32.61
N PRO B 505 5.19 -46.37 32.47
CA PRO B 505 6.50 -47.03 32.46
C PRO B 505 6.67 -47.94 33.67
N PRO B 506 7.47 -49.02 33.53
CA PRO B 506 7.76 -49.89 34.68
C PRO B 506 8.33 -49.09 35.83
N HIS B 507 8.12 -49.57 37.06
CA HIS B 507 8.66 -48.93 38.27
C HIS B 507 8.21 -47.48 38.33
N PHE B 508 6.96 -47.25 37.93
CA PHE B 508 6.36 -45.92 37.92
C PHE B 508 6.44 -45.25 39.29
N ASP B 509 6.88 -44.00 39.30
CA ASP B 509 7.11 -43.23 40.52
C ASP B 509 6.44 -41.86 40.41
N LYS B 510 5.36 -41.66 41.15
CA LYS B 510 4.62 -40.39 41.13
C LYS B 510 5.43 -39.15 41.56
N SER B 511 6.59 -39.39 42.17
CA SER B 511 7.54 -38.33 42.51
C SER B 511 8.24 -37.78 41.27
N LYS B 512 8.36 -38.62 40.24
CA LYS B 512 9.01 -38.21 38.99
C LYS B 512 8.07 -37.42 38.08
N LYS B 513 8.65 -36.63 37.19
CA LYS B 513 7.93 -36.00 36.11
C LYS B 513 8.25 -36.76 34.83
N TYR B 514 7.23 -37.39 34.25
CA TYR B 514 7.38 -38.11 32.99
C TYR B 514 6.90 -37.27 31.82
N PRO B 515 7.55 -37.45 30.65
CA PRO B 515 6.98 -36.93 29.42
C PRO B 515 5.65 -37.64 29.18
N LEU B 516 4.71 -36.97 28.49
CA LEU B 516 3.42 -37.58 28.21
C LEU B 516 3.07 -37.49 26.74
N LEU B 517 2.64 -38.62 26.20
CA LEU B 517 2.08 -38.64 24.88
C LEU B 517 0.57 -38.87 24.98
N LEU B 518 -0.19 -37.93 24.47
CA LEU B 518 -1.62 -38.13 24.37
C LEU B 518 -1.94 -38.84 23.06
N ASP B 519 -2.39 -40.06 23.19
CA ASP B 519 -2.77 -40.89 22.08
C ASP B 519 -4.28 -40.66 21.88
N VAL B 520 -4.64 -40.07 20.74
CA VAL B 520 -6.01 -39.58 20.54
C VAL B 520 -6.71 -40.18 19.33
N TYR B 521 -8.01 -40.40 19.50
CA TYR B 521 -8.95 -40.69 18.42
C TYR B 521 -10.00 -39.57 18.58
N ALA B 522 -10.80 -39.68 19.63
CA ALA B 522 -11.78 -38.66 20.03
C ALA B 522 -12.86 -38.38 18.98
N GLY B 523 -12.98 -39.30 18.03
CA GLY B 523 -14.06 -39.25 17.06
C GLY B 523 -15.37 -39.63 17.74
N PRO B 524 -16.49 -39.31 17.09
CA PRO B 524 -17.81 -39.73 17.55
C PRO B 524 -17.87 -41.24 17.89
N CYS B 525 -18.36 -41.56 19.08
CA CYS B 525 -18.49 -42.95 19.59
C CYS B 525 -17.14 -43.69 19.72
N SER B 526 -16.04 -42.94 19.78
CA SER B 526 -14.74 -43.54 20.05
C SER B 526 -14.65 -43.93 21.52
N GLN B 527 -13.76 -44.87 21.79
CA GLN B 527 -13.38 -45.26 23.14
C GLN B 527 -11.91 -45.63 23.10
N LYS B 528 -11.10 -44.87 23.84
CA LYS B 528 -9.67 -45.08 23.92
C LYS B 528 -9.22 -45.46 25.33
N ALA B 529 -10.13 -45.37 26.29
CA ALA B 529 -9.87 -45.90 27.63
C ALA B 529 -10.63 -47.22 27.78
N ASP B 530 -9.91 -48.33 27.86
CA ASP B 530 -10.56 -49.63 28.00
C ASP B 530 -9.67 -50.60 28.75
N THR B 531 -10.21 -51.78 29.03
CA THR B 531 -9.50 -52.78 29.81
C THR B 531 -8.71 -53.77 28.93
N VAL B 532 -8.53 -53.43 27.66
CA VAL B 532 -7.87 -54.30 26.70
C VAL B 532 -6.34 -54.27 26.83
N PHE B 533 -5.72 -55.45 26.88
CA PHE B 533 -4.27 -55.59 26.84
C PHE B 533 -3.75 -55.46 25.41
N ARG B 534 -2.79 -54.55 25.22
CA ARG B 534 -2.22 -54.28 23.90
C ARG B 534 -0.72 -54.35 23.91
N LEU B 535 -0.16 -54.95 22.86
CA LEU B 535 1.27 -54.89 22.61
C LEU B 535 1.46 -54.02 21.37
N ASN B 536 1.83 -52.77 21.61
CA ASN B 536 1.87 -51.75 20.56
C ASN B 536 3.00 -50.76 20.74
N TRP B 537 2.94 -49.66 20.00
CA TRP B 537 3.96 -48.64 20.01
C TRP B 537 4.00 -47.96 21.38
N ALA B 538 2.83 -47.70 21.97
CA ALA B 538 2.68 -47.20 23.34
C ALA B 538 3.41 -48.07 24.37
N THR B 539 3.36 -49.39 24.18
CA THR B 539 4.06 -50.34 25.06
C THR B 539 5.55 -50.09 25.06
N TYR B 540 6.14 -49.97 23.87
CA TYR B 540 7.57 -49.62 23.71
C TYR B 540 7.92 -48.29 24.38
N LEU B 541 7.14 -47.24 24.10
CA LEU B 541 7.42 -45.90 24.61
C LEU B 541 7.43 -45.81 26.14
N ALA B 542 6.52 -46.54 26.77
CA ALA B 542 6.47 -46.60 28.22
C ALA B 542 7.61 -47.49 28.75
N SER B 543 7.68 -48.71 28.21
CA SER B 543 8.64 -49.71 28.67
C SER B 543 10.07 -49.29 28.45
N THR B 544 10.39 -48.79 27.26
CA THR B 544 11.78 -48.48 26.90
C THR B 544 12.11 -46.99 27.09
N GLU B 545 11.20 -46.14 26.66
CA GLU B 545 11.47 -44.71 26.63
C GLU B 545 10.94 -43.92 27.83
N ASN B 546 10.26 -44.62 28.76
CA ASN B 546 9.74 -44.02 30.02
C ASN B 546 8.78 -42.84 29.80
N ILE B 547 7.97 -42.96 28.76
CA ILE B 547 6.96 -41.98 28.43
C ILE B 547 5.62 -42.55 28.89
N ILE B 548 4.82 -41.75 29.59
CA ILE B 548 3.42 -42.11 29.83
C ILE B 548 2.66 -41.82 28.55
N VAL B 549 1.95 -42.84 28.05
CA VAL B 549 1.05 -42.68 26.90
C VAL B 549 -0.39 -42.76 27.42
N ALA B 550 -1.06 -41.61 27.40
CA ALA B 550 -2.40 -41.47 27.95
C ALA B 550 -3.42 -41.29 26.84
N SER B 551 -4.64 -41.78 27.06
CA SER B 551 -5.76 -41.48 26.17
C SER B 551 -6.96 -41.03 27.00
N PHE B 552 -7.76 -40.15 26.43
CA PHE B 552 -8.90 -39.59 27.12
C PHE B 552 -10.16 -39.67 26.27
N ASP B 553 -11.25 -40.10 26.91
CA ASP B 553 -12.57 -40.16 26.29
C ASP B 553 -13.43 -39.02 26.81
N GLY B 554 -13.50 -37.94 26.04
CA GLY B 554 -14.25 -36.75 26.42
C GLY B 554 -15.57 -36.70 25.69
N ARG B 555 -16.14 -35.51 25.58
CA ARG B 555 -17.43 -35.36 24.90
C ARG B 555 -17.35 -35.91 23.48
N GLY B 556 -18.39 -36.63 23.08
CA GLY B 556 -18.43 -37.25 21.76
C GLY B 556 -18.08 -38.72 21.81
N SER B 557 -17.40 -39.14 22.86
CA SER B 557 -16.99 -40.54 23.02
C SER B 557 -18.20 -41.45 23.27
N GLY B 558 -18.06 -42.73 22.99
CA GLY B 558 -19.19 -43.63 23.00
C GLY B 558 -19.37 -44.46 24.25
N TYR B 559 -20.52 -45.14 24.31
CA TYR B 559 -20.78 -46.21 25.27
C TYR B 559 -21.13 -45.72 26.67
N GLN B 560 -21.42 -44.42 26.78
CA GLN B 560 -21.69 -43.79 28.07
C GLN B 560 -22.96 -42.93 28.03
N GLY B 561 -23.76 -43.14 26.99
CA GLY B 561 -24.99 -42.39 26.78
C GLY B 561 -24.86 -41.28 25.75
N ASP B 562 -26.00 -40.84 25.24
CA ASP B 562 -26.08 -39.78 24.25
C ASP B 562 -25.69 -38.39 24.75
N LYS B 563 -25.81 -38.14 26.05
CA LYS B 563 -25.44 -36.83 26.63
C LYS B 563 -23.97 -36.51 26.37
N ILE B 564 -23.12 -37.54 26.51
CA ILE B 564 -21.72 -37.49 26.13
C ILE B 564 -21.54 -37.62 24.61
N MET B 565 -22.15 -38.65 24.01
CA MET B 565 -21.93 -38.95 22.58
C MET B 565 -22.41 -37.88 21.63
N HIS B 566 -23.63 -37.41 21.85
CA HIS B 566 -24.25 -36.42 20.99
C HIS B 566 -23.79 -34.98 21.29
N ALA B 567 -22.87 -34.81 22.24
CA ALA B 567 -22.42 -33.47 22.65
C ALA B 567 -21.72 -32.69 21.53
N ILE B 568 -21.13 -33.41 20.58
CA ILE B 568 -20.45 -32.76 19.45
C ILE B 568 -21.26 -32.79 18.13
N ASN B 569 -22.57 -33.06 18.26
CA ASN B 569 -23.46 -33.07 17.11
C ASN B 569 -23.46 -31.75 16.37
N ARG B 570 -23.24 -31.82 15.05
CA ARG B 570 -23.15 -30.65 14.16
C ARG B 570 -21.96 -29.76 14.50
N ARG B 571 -21.01 -30.33 15.25
CA ARG B 571 -19.97 -29.53 15.88
C ARG B 571 -18.65 -30.29 16.06
N LEU B 572 -18.18 -30.95 15.01
CA LEU B 572 -16.87 -31.59 15.05
C LEU B 572 -15.79 -30.51 15.09
N GLY B 573 -14.70 -30.79 15.79
CA GLY B 573 -13.60 -29.84 15.94
C GLY B 573 -13.78 -28.88 17.09
N THR B 574 -14.63 -29.25 18.05
CA THR B 574 -14.96 -28.38 19.18
C THR B 574 -14.68 -29.04 20.52
N PHE B 575 -15.73 -29.49 21.23
CA PHE B 575 -15.62 -30.02 22.60
C PHE B 575 -14.63 -31.19 22.75
N GLU B 576 -14.64 -32.08 21.78
CA GLU B 576 -13.73 -33.22 21.70
C GLU B 576 -12.25 -32.84 21.67
N VAL B 577 -11.94 -31.83 20.85
CA VAL B 577 -10.62 -31.19 20.80
C VAL B 577 -10.32 -30.51 22.12
N GLU B 578 -11.31 -29.77 22.64
CA GLU B 578 -11.21 -29.03 23.90
C GLU B 578 -10.97 -29.96 25.08
N ASP B 579 -11.56 -31.16 25.04
CA ASP B 579 -11.46 -32.11 26.15
C ASP B 579 -10.11 -32.83 26.19
N GLN B 580 -9.50 -33.04 25.02
CA GLN B 580 -8.13 -33.56 24.95
C GLN B 580 -7.11 -32.60 25.57
N ILE B 581 -7.30 -31.31 25.31
CA ILE B 581 -6.46 -30.27 25.91
C ILE B 581 -6.67 -30.24 27.41
N GLU B 582 -7.93 -30.20 27.84
CA GLU B 582 -8.26 -30.19 29.27
C GLU B 582 -7.72 -31.44 29.97
N ALA B 583 -7.85 -32.59 29.32
CA ALA B 583 -7.26 -33.83 29.83
C ALA B 583 -5.78 -33.67 30.21
N ALA B 584 -4.99 -33.10 29.31
CA ALA B 584 -3.56 -32.84 29.54
C ALA B 584 -3.33 -31.90 30.73
N ARG B 585 -4.15 -30.86 30.86
CA ARG B 585 -4.13 -29.99 32.04
C ARG B 585 -4.34 -30.82 33.30
N GLN B 586 -5.36 -31.68 33.27
CA GLN B 586 -5.70 -32.55 34.39
C GLN B 586 -4.59 -33.55 34.70
N PHE B 587 -4.00 -34.10 33.62
CA PHE B 587 -2.91 -35.04 33.73
C PHE B 587 -1.68 -34.38 34.38
N SER B 588 -1.32 -33.20 33.90
CA SER B 588 -0.22 -32.46 34.51
C SER B 588 -0.52 -32.08 35.96
N LYS B 589 -1.78 -31.81 36.27
CA LYS B 589 -2.22 -31.49 37.64
C LYS B 589 -2.11 -32.65 38.62
N MET B 590 -2.08 -33.88 38.10
CA MET B 590 -1.87 -35.08 38.91
C MET B 590 -0.46 -35.19 39.52
N GLY B 591 0.47 -34.35 39.04
CA GLY B 591 1.77 -34.19 39.71
C GLY B 591 2.92 -35.05 39.24
N PHE B 592 2.68 -35.93 38.27
CA PHE B 592 3.75 -36.79 37.74
C PHE B 592 4.04 -36.58 36.25
N VAL B 593 3.64 -35.42 35.73
CA VAL B 593 3.82 -35.09 34.34
C VAL B 593 4.70 -33.85 34.15
N ASP B 594 5.62 -33.94 33.19
CA ASP B 594 6.47 -32.84 32.81
C ASP B 594 5.65 -31.92 31.90
N ASN B 595 5.28 -30.76 32.44
CA ASN B 595 4.55 -29.73 31.70
C ASN B 595 5.22 -29.32 30.41
N LYS B 596 6.55 -29.44 30.38
CA LYS B 596 7.37 -28.98 29.26
C LYS B 596 7.47 -30.01 28.14
N ARG B 597 7.13 -31.26 28.45
CA ARG B 597 7.16 -32.35 27.47
C ARG B 597 5.84 -33.09 27.42
N ILE B 598 4.88 -32.47 26.77
CA ILE B 598 3.58 -33.09 26.57
C ILE B 598 3.35 -33.07 25.09
N ALA B 599 3.01 -34.23 24.55
CA ALA B 599 2.85 -34.39 23.12
C ALA B 599 1.49 -34.98 22.83
N ILE B 600 1.11 -34.99 21.57
CA ILE B 600 -0.19 -35.49 21.17
C ILE B 600 -0.02 -36.12 19.82
N TRP B 601 -0.66 -37.26 19.60
CA TRP B 601 -0.67 -37.84 18.27
C TRP B 601 -1.95 -38.59 18.01
N GLY B 602 -2.27 -38.75 16.73
CA GLY B 602 -3.38 -39.59 16.33
C GLY B 602 -3.35 -39.87 14.84
N TRP B 603 -4.09 -40.92 14.46
CA TRP B 603 -4.33 -41.34 13.09
C TRP B 603 -5.80 -40.99 12.78
N SER B 604 -6.08 -40.67 11.52
CA SER B 604 -7.47 -40.49 11.05
C SER B 604 -8.20 -39.34 11.73
N TYR B 605 -9.31 -39.66 12.43
CA TYR B 605 -10.00 -38.65 13.22
C TYR B 605 -9.08 -38.09 14.28
N GLY B 606 -8.28 -38.96 14.86
CA GLY B 606 -7.25 -38.57 15.84
C GLY B 606 -6.16 -37.69 15.29
N GLY B 607 -5.90 -37.76 13.98
CA GLY B 607 -4.94 -36.91 13.31
C GLY B 607 -5.53 -35.51 13.21
N TYR B 608 -6.82 -35.45 12.88
CA TYR B 608 -7.60 -34.20 12.87
C TYR B 608 -7.53 -33.51 14.23
N VAL B 609 -7.87 -34.25 15.29
CA VAL B 609 -7.85 -33.73 16.67
C VAL B 609 -6.45 -33.29 17.11
N THR B 610 -5.45 -34.09 16.80
CA THR B 610 -4.06 -33.71 17.03
C THR B 610 -3.76 -32.36 16.36
N SER B 611 -4.12 -32.25 15.08
CA SER B 611 -3.85 -31.03 14.31
C SER B 611 -4.65 -29.85 14.87
N MET B 612 -5.88 -30.10 15.30
CA MET B 612 -6.71 -29.03 15.86
C MET B 612 -6.21 -28.57 17.23
N VAL B 613 -5.74 -29.51 18.03
CA VAL B 613 -5.11 -29.19 19.31
C VAL B 613 -3.80 -28.40 19.16
N LEU B 614 -2.94 -28.83 18.24
CA LEU B 614 -1.64 -28.20 18.00
C LEU B 614 -1.80 -26.81 17.40
N GLY B 615 -2.92 -26.59 16.72
CA GLY B 615 -3.25 -25.30 16.17
C GLY B 615 -4.16 -24.46 17.06
N SER B 616 -4.43 -24.93 18.27
CA SER B 616 -5.40 -24.26 19.14
C SER B 616 -4.82 -23.05 19.86
N GLY B 617 -3.50 -23.01 19.98
CA GLY B 617 -2.80 -21.95 20.70
C GLY B 617 -2.81 -22.13 22.21
N SER B 618 -3.14 -23.32 22.69
CA SER B 618 -3.34 -23.57 24.13
C SER B 618 -2.05 -23.45 24.96
N GLY B 619 -0.92 -23.72 24.31
CA GLY B 619 0.40 -23.66 24.93
C GLY B 619 0.74 -24.89 25.75
N VAL B 620 -0.19 -25.84 25.82
CA VAL B 620 -0.05 -27.05 26.63
C VAL B 620 0.91 -28.07 25.99
N PHE B 621 0.82 -28.21 24.68
CA PHE B 621 1.53 -29.24 23.92
C PHE B 621 2.78 -28.72 23.22
N LYS B 622 3.89 -29.42 23.46
CA LYS B 622 5.16 -29.12 22.83
C LYS B 622 5.18 -29.58 21.37
N CYS B 623 4.60 -30.74 21.10
CA CYS B 623 4.72 -31.33 19.76
C CYS B 623 3.59 -32.31 19.43
N GLY B 624 3.57 -32.80 18.19
CA GLY B 624 2.56 -33.74 17.80
C GLY B 624 2.72 -34.31 16.42
N ILE B 625 2.05 -35.44 16.23
CA ILE B 625 2.13 -36.17 14.97
C ILE B 625 0.72 -36.44 14.47
N ALA B 626 0.39 -35.97 13.27
CA ALA B 626 -0.87 -36.30 12.64
C ALA B 626 -0.60 -37.29 11.52
N VAL B 627 -1.27 -38.44 11.58
CA VAL B 627 -1.13 -39.45 10.53
C VAL B 627 -2.44 -39.54 9.80
N ALA B 628 -2.39 -39.38 8.47
CA ALA B 628 -3.58 -39.40 7.64
C ALA B 628 -4.78 -38.63 8.24
N PRO B 629 -4.54 -37.36 8.64
CA PRO B 629 -5.62 -36.60 9.25
C PRO B 629 -6.61 -36.03 8.24
N VAL B 630 -7.84 -35.84 8.69
CA VAL B 630 -8.81 -34.97 8.06
C VAL B 630 -8.37 -33.54 8.35
N SER B 631 -8.44 -32.67 7.35
CA SER B 631 -8.08 -31.26 7.55
C SER B 631 -9.28 -30.33 7.46
N ARG B 632 -10.24 -30.70 6.61
CA ARG B 632 -11.52 -30.01 6.57
C ARG B 632 -12.60 -30.97 6.13
N TRP B 633 -13.76 -30.84 6.75
CA TRP B 633 -14.83 -31.82 6.64
C TRP B 633 -15.44 -32.01 5.26
N GLU B 634 -15.35 -30.95 4.44
CA GLU B 634 -15.77 -31.00 3.05
C GLU B 634 -14.94 -31.94 2.20
N TYR B 635 -13.72 -32.26 2.65
CA TYR B 635 -12.85 -33.22 1.97
C TYR B 635 -13.22 -34.67 2.24
N TYR B 636 -13.91 -34.93 3.35
CA TYR B 636 -14.17 -36.30 3.77
C TYR B 636 -15.51 -36.86 3.23
N ASP B 637 -15.74 -38.16 3.37
CA ASP B 637 -16.91 -38.78 2.74
C ASP B 637 -18.23 -38.34 3.35
N SER B 638 -19.26 -38.29 2.51
CA SER B 638 -20.58 -37.82 2.88
C SER B 638 -21.21 -38.58 4.05
N VAL B 639 -21.23 -39.91 3.99
CA VAL B 639 -21.97 -40.64 5.03
C VAL B 639 -21.39 -40.48 6.44
N TYR B 640 -20.07 -40.61 6.58
CA TYR B 640 -19.45 -40.35 7.86
C TYR B 640 -19.65 -38.89 8.29
N THR B 641 -19.27 -37.96 7.41
CA THR B 641 -19.22 -36.55 7.77
C THR B 641 -20.59 -35.95 8.06
N GLU B 642 -21.57 -36.24 7.21
CA GLU B 642 -22.89 -35.62 7.33
C GLU B 642 -23.68 -36.21 8.49
N ARG B 643 -23.27 -37.40 8.93
CA ARG B 643 -23.82 -38.01 10.12
C ARG B 643 -23.71 -37.08 11.32
N TYR B 644 -22.57 -36.39 11.41
CA TYR B 644 -22.25 -35.54 12.55
C TYR B 644 -22.32 -34.06 12.20
N MET B 645 -22.18 -33.72 10.93
CA MET B 645 -22.08 -32.31 10.56
C MET B 645 -23.27 -31.73 9.77
N GLY B 646 -24.17 -32.60 9.32
CA GLY B 646 -25.20 -32.21 8.34
C GLY B 646 -24.56 -31.78 7.03
N LEU B 647 -25.28 -31.03 6.22
CA LEU B 647 -24.78 -30.59 4.90
C LEU B 647 -23.99 -29.28 4.95
N PRO B 648 -22.90 -29.17 4.16
CA PRO B 648 -22.14 -27.94 4.08
C PRO B 648 -22.79 -26.92 3.15
N THR B 649 -24.08 -26.64 3.39
CA THR B 649 -24.84 -25.62 2.67
C THR B 649 -25.14 -24.46 3.63
N PRO B 650 -25.34 -23.23 3.09
CA PRO B 650 -25.72 -22.07 3.90
C PRO B 650 -26.99 -22.26 4.74
N GLU B 651 -27.91 -23.09 4.26
CA GLU B 651 -29.15 -23.38 4.99
C GLU B 651 -28.94 -24.40 6.10
N ASP B 652 -27.87 -25.18 6.00
CA ASP B 652 -27.59 -26.22 6.99
C ASP B 652 -26.43 -25.85 7.93
N ASN B 653 -25.22 -26.29 7.61
CA ASN B 653 -24.12 -26.20 8.57
C ASN B 653 -22.78 -25.73 7.98
N LEU B 654 -22.82 -25.04 6.84
CA LEU B 654 -21.60 -24.56 6.18
C LEU B 654 -20.70 -23.73 7.10
N ASP B 655 -21.29 -22.82 7.88
CA ASP B 655 -20.50 -21.98 8.79
C ASP B 655 -19.51 -22.81 9.63
N HIS B 656 -19.99 -23.87 10.29
CA HIS B 656 -19.10 -24.71 11.10
C HIS B 656 -18.19 -25.64 10.30
N TYR B 657 -18.61 -26.02 9.10
CA TYR B 657 -17.71 -26.67 8.16
C TYR B 657 -16.49 -25.78 7.89
N ARG B 658 -16.74 -24.48 7.85
CA ARG B 658 -15.70 -23.52 7.53
C ARG B 658 -14.88 -23.11 8.77
N ASN B 659 -15.50 -23.22 9.94
CA ASN B 659 -14.89 -22.83 11.21
C ASN B 659 -14.04 -23.94 11.84
N SER B 660 -14.08 -25.13 11.24
CA SER B 660 -13.49 -26.31 11.87
C SER B 660 -12.43 -27.00 11.00
N THR B 661 -11.72 -26.21 10.19
CA THR B 661 -10.64 -26.72 9.35
C THR B 661 -9.31 -26.57 10.12
N VAL B 662 -8.33 -27.43 9.85
CA VAL B 662 -7.07 -27.22 10.53
C VAL B 662 -6.31 -26.07 9.89
N MET B 663 -6.50 -25.89 8.57
CA MET B 663 -5.83 -24.80 7.82
C MET B 663 -6.00 -23.44 8.45
N SER B 664 -7.18 -23.16 9.01
CA SER B 664 -7.42 -21.82 9.58
C SER B 664 -6.62 -21.60 10.86
N ARG B 665 -6.01 -22.67 11.36
CA ARG B 665 -5.27 -22.60 12.61
C ARG B 665 -3.76 -22.58 12.40
N ALA B 666 -3.35 -22.60 11.13
CA ALA B 666 -1.94 -22.63 10.71
C ALA B 666 -0.99 -21.70 11.47
N GLU B 667 -1.38 -20.43 11.60
CA GLU B 667 -0.63 -19.45 12.39
C GLU B 667 -0.20 -19.99 13.78
N ASN B 668 -1.13 -20.65 14.47
CA ASN B 668 -0.89 -21.18 15.81
C ASN B 668 0.15 -22.30 15.92
N PHE B 669 0.46 -22.94 14.77
CA PHE B 669 1.50 -23.96 14.69
C PHE B 669 2.92 -23.42 14.91
N LYS B 670 3.10 -22.10 14.98
CA LYS B 670 4.42 -21.51 15.25
C LYS B 670 4.92 -21.85 16.65
N GLN B 671 4.02 -22.38 17.46
CA GLN B 671 4.26 -22.62 18.88
C GLN B 671 4.64 -24.07 19.15
N VAL B 672 4.43 -24.94 18.17
CA VAL B 672 4.61 -26.38 18.35
C VAL B 672 5.59 -26.99 17.35
N GLU B 673 6.08 -28.18 17.66
CA GLU B 673 6.76 -29.04 16.68
C GLU B 673 5.75 -30.02 16.08
N TYR B 674 5.66 -30.05 14.76
CA TYR B 674 4.62 -30.83 14.06
C TYR B 674 5.19 -31.78 13.05
N LEU B 675 4.76 -33.03 13.16
CA LEU B 675 5.01 -34.06 12.15
C LEU B 675 3.69 -34.51 11.53
N LEU B 676 3.66 -34.41 10.21
CA LEU B 676 2.48 -34.65 9.39
C LEU B 676 2.82 -35.79 8.42
N ILE B 677 2.03 -36.86 8.46
CA ILE B 677 2.31 -38.08 7.71
C ILE B 677 1.08 -38.51 6.92
N HIS B 678 1.30 -38.86 5.65
CA HIS B 678 0.23 -39.30 4.77
C HIS B 678 0.70 -40.24 3.66
N GLY B 679 -0.04 -41.34 3.50
CA GLY B 679 0.17 -42.23 2.37
C GLY B 679 -0.42 -41.63 1.12
N THR B 680 0.30 -41.74 0.01
CA THR B 680 -0.11 -41.01 -1.20
C THR B 680 -1.33 -41.63 -1.88
N ALA B 681 -1.49 -42.95 -1.73
CA ALA B 681 -2.61 -43.72 -2.26
C ALA B 681 -3.72 -43.94 -1.24
N ASP B 682 -3.92 -42.97 -0.34
CA ASP B 682 -4.95 -43.06 0.67
C ASP B 682 -6.30 -42.73 0.03
N ASP B 683 -7.13 -43.74 -0.08
CA ASP B 683 -8.40 -43.66 -0.78
C ASP B 683 -9.50 -43.19 0.17
N ASN B 684 -9.15 -43.11 1.45
CA ASN B 684 -10.12 -42.91 2.52
C ASN B 684 -10.07 -41.48 2.97
N VAL B 685 -8.99 -41.10 3.66
CA VAL B 685 -8.67 -39.70 3.76
C VAL B 685 -7.56 -39.36 2.79
N HIS B 686 -7.97 -38.61 1.77
CA HIS B 686 -7.13 -38.33 0.64
C HIS B 686 -5.95 -37.50 1.04
N PHE B 687 -4.82 -37.87 0.46
CA PHE B 687 -3.55 -37.17 0.63
C PHE B 687 -3.77 -35.66 0.50
N GLN B 688 -4.64 -35.27 -0.42
CA GLN B 688 -5.22 -33.90 -0.51
C GLN B 688 -5.39 -33.17 0.83
N GLN B 689 -5.83 -33.90 1.84
CA GLN B 689 -6.17 -33.29 3.11
C GLN B 689 -4.93 -32.74 3.85
N SER B 690 -3.85 -33.54 3.84
CA SER B 690 -2.54 -33.14 4.36
C SER B 690 -1.79 -32.22 3.41
N ALA B 691 -1.97 -32.41 2.10
CA ALA B 691 -1.44 -31.45 1.14
C ALA B 691 -1.97 -30.03 1.38
N GLN B 692 -3.23 -29.91 1.79
CA GLN B 692 -3.80 -28.60 2.14
C GLN B 692 -3.30 -28.10 3.49
N ILE B 693 -3.09 -29.01 4.44
CA ILE B 693 -2.43 -28.58 5.68
C ILE B 693 -1.04 -28.03 5.37
N SER B 694 -0.22 -28.79 4.65
CA SER B 694 1.15 -28.35 4.36
C SER B 694 1.20 -26.99 3.69
N LYS B 695 0.36 -26.78 2.69
CA LYS B 695 0.33 -25.52 1.94
C LYS B 695 -0.01 -24.32 2.85
N ALA B 696 -0.96 -24.51 3.76
CA ALA B 696 -1.34 -23.49 4.73
C ALA B 696 -0.21 -23.19 5.70
N LEU B 697 0.52 -24.23 6.12
CA LEU B 697 1.67 -24.04 7.01
C LEU B 697 2.83 -23.29 6.34
N VAL B 698 3.07 -23.61 5.05
CA VAL B 698 4.04 -22.90 4.22
C VAL B 698 3.64 -21.44 4.05
N ASP B 699 2.35 -21.18 3.88
CA ASP B 699 1.84 -19.85 3.58
C ASP B 699 1.90 -18.86 4.75
N VAL B 700 1.90 -19.38 5.98
CA VAL B 700 2.15 -18.56 7.17
C VAL B 700 3.61 -18.70 7.68
N GLY B 701 4.44 -19.43 6.93
CA GLY B 701 5.86 -19.59 7.25
C GLY B 701 6.15 -20.40 8.51
N VAL B 702 5.41 -21.47 8.75
CA VAL B 702 5.74 -22.36 9.87
C VAL B 702 6.50 -23.61 9.43
N ASP B 703 7.65 -23.83 10.06
CA ASP B 703 8.42 -25.04 9.84
C ASP B 703 7.79 -26.22 10.58
N PHE B 704 7.75 -27.35 9.88
CA PHE B 704 7.22 -28.59 10.41
C PHE B 704 7.94 -29.73 9.71
N GLN B 705 7.72 -30.94 10.21
CA GLN B 705 8.24 -32.17 9.64
C GLN B 705 7.12 -32.86 8.88
N ALA B 706 7.50 -33.52 7.80
CA ALA B 706 6.56 -34.21 6.93
C ALA B 706 7.14 -35.53 6.46
N MET B 707 6.25 -36.45 6.11
CA MET B 707 6.64 -37.72 5.54
C MET B 707 5.47 -38.20 4.72
N TRP B 708 5.68 -38.33 3.42
CA TRP B 708 4.70 -39.04 2.60
C TRP B 708 5.11 -40.51 2.53
N TYR B 709 4.14 -41.40 2.34
CA TYR B 709 4.41 -42.81 2.11
C TYR B 709 3.86 -43.21 0.75
N THR B 710 4.77 -43.33 -0.20
CA THR B 710 4.42 -43.65 -1.57
C THR B 710 3.61 -44.93 -1.66
N ASP B 711 2.41 -44.78 -2.21
CA ASP B 711 1.49 -45.87 -2.53
C ASP B 711 0.89 -46.56 -1.33
N GLU B 712 1.07 -45.95 -0.15
CA GLU B 712 0.46 -46.49 1.05
C GLU B 712 -0.95 -45.92 1.16
N ASP B 713 -1.85 -46.70 1.74
CA ASP B 713 -3.21 -46.20 1.92
C ASP B 713 -3.41 -45.72 3.33
N HIS B 714 -4.67 -45.69 3.76
CA HIS B 714 -5.01 -45.17 5.08
C HIS B 714 -4.38 -45.96 6.23
N GLY B 715 -4.15 -47.25 6.01
CA GLY B 715 -3.57 -48.10 7.03
C GLY B 715 -2.05 -47.98 7.19
N ILE B 716 -1.37 -47.40 6.18
CA ILE B 716 0.11 -47.39 6.07
C ILE B 716 0.64 -48.72 6.61
N ALA B 717 0.09 -49.79 6.05
CA ALA B 717 0.10 -51.13 6.62
C ALA B 717 1.07 -52.10 5.97
N SER B 718 1.67 -51.75 4.83
CA SER B 718 2.74 -52.60 4.29
C SER B 718 3.70 -52.87 5.41
N SER B 719 4.17 -54.10 5.48
CA SER B 719 5.22 -54.47 6.42
C SER B 719 6.35 -53.40 6.50
N THR B 720 6.96 -53.03 5.38
CA THR B 720 8.07 -52.08 5.40
C THR B 720 7.67 -50.66 5.79
N ALA B 721 6.50 -50.21 5.35
CA ALA B 721 6.00 -48.88 5.67
C ALA B 721 5.57 -48.75 7.12
N HIS B 722 4.93 -49.78 7.66
CA HIS B 722 4.57 -49.84 9.09
C HIS B 722 5.78 -49.65 10.00
N GLN B 723 6.84 -50.41 9.71
CA GLN B 723 8.10 -50.32 10.42
C GLN B 723 8.75 -48.93 10.27
N HIS B 724 8.65 -48.37 9.08
CA HIS B 724 9.29 -47.10 8.76
C HIS B 724 8.60 -45.94 9.47
N ILE B 725 7.28 -45.92 9.46
CA ILE B 725 6.51 -44.83 10.10
C ILE B 725 6.68 -44.81 11.62
N TYR B 726 6.57 -45.98 12.25
CA TYR B 726 6.81 -46.08 13.69
C TYR B 726 8.27 -45.78 14.14
N THR B 727 9.23 -46.19 13.31
CA THR B 727 10.62 -45.80 13.52
C THR B 727 10.76 -44.28 13.40
N HIS B 728 10.16 -43.72 12.36
CA HIS B 728 10.19 -42.30 12.11
C HIS B 728 9.51 -41.52 13.22
N MET B 729 8.29 -41.91 13.60
CA MET B 729 7.61 -41.24 14.72
C MET B 729 8.37 -41.35 16.02
N SER B 730 9.00 -42.52 16.26
CA SER B 730 9.79 -42.72 17.47
C SER B 730 10.93 -41.72 17.61
N HIS B 731 11.65 -41.48 16.52
CA HIS B 731 12.74 -40.48 16.47
C HIS B 731 12.17 -39.09 16.76
N PHE B 732 11.04 -38.77 16.14
CA PHE B 732 10.41 -37.47 16.32
C PHE B 732 10.03 -37.23 17.79
N ILE B 733 9.38 -38.21 18.39
CA ILE B 733 9.00 -38.15 19.81
C ILE B 733 10.22 -38.07 20.75
N LYS B 734 11.18 -38.98 20.54
CA LYS B 734 12.42 -38.96 21.33
C LYS B 734 13.13 -37.61 21.27
N GLN B 735 13.20 -37.03 20.07
CA GLN B 735 13.80 -35.72 19.87
C GLN B 735 13.02 -34.59 20.56
N CYS B 736 11.70 -34.56 20.38
CA CYS B 736 10.84 -33.59 21.06
C CYS B 736 10.96 -33.68 22.58
N PHE B 737 11.19 -34.90 23.07
CA PHE B 737 11.33 -35.18 24.50
C PHE B 737 12.76 -35.16 25.03
N SER B 738 13.72 -34.81 24.18
CA SER B 738 15.15 -34.83 24.50
C SER B 738 15.59 -36.19 25.05
N LEU B 739 15.05 -37.25 24.47
CA LEU B 739 15.46 -38.61 24.83
C LEU B 739 16.56 -39.08 23.87
N PRO B 740 17.69 -39.57 24.41
CA PRO B 740 18.85 -39.87 23.56
C PRO B 740 18.83 -41.27 22.92
N LYS C 15 39.33 41.18 -5.57
CA LYS C 15 37.98 40.99 -4.95
C LYS C 15 36.81 41.28 -5.91
N THR C 16 35.63 40.81 -5.53
CA THR C 16 34.43 40.93 -6.37
C THR C 16 33.39 41.85 -5.76
N TYR C 17 32.39 42.21 -6.57
CA TYR C 17 31.26 42.98 -6.10
C TYR C 17 30.28 41.99 -5.44
N THR C 18 30.24 41.99 -4.11
CA THR C 18 29.53 40.96 -3.36
C THR C 18 28.08 41.34 -3.12
N LEU C 19 27.29 40.40 -2.59
CA LEU C 19 25.91 40.67 -2.22
C LEU C 19 25.84 41.76 -1.15
N THR C 20 26.72 41.66 -0.15
CA THR C 20 26.83 42.69 0.89
C THR C 20 27.14 44.08 0.33
N ASP C 21 27.99 44.16 -0.70
CA ASP C 21 28.28 45.46 -1.32
C ASP C 21 27.02 46.06 -1.93
N TYR C 22 26.23 45.22 -2.59
CA TYR C 22 24.96 45.66 -3.14
C TYR C 22 24.00 46.11 -2.02
N LEU C 23 23.95 45.33 -0.94
CA LEU C 23 22.95 45.54 0.08
C LEU C 23 23.28 46.71 1.00
N LYS C 24 24.59 46.97 1.17
CA LYS C 24 25.08 48.01 2.08
C LYS C 24 25.56 49.26 1.35
N ASN C 25 25.42 49.27 0.02
CA ASN C 25 25.84 50.39 -0.83
C ASN C 25 27.31 50.77 -0.61
N THR C 26 28.18 49.79 -0.72
CA THR C 26 29.61 49.98 -0.50
C THR C 26 30.22 50.82 -1.61
N TYR C 27 29.77 50.60 -2.83
CA TYR C 27 30.21 51.38 -3.97
C TYR C 27 29.11 52.32 -4.43
N ARG C 28 29.15 53.55 -3.90
CA ARG C 28 28.09 54.52 -4.07
C ARG C 28 28.27 55.36 -5.34
N LEU C 29 27.19 55.52 -6.11
CA LEU C 29 27.16 56.46 -7.22
C LEU C 29 26.90 57.84 -6.65
N LYS C 30 27.79 58.78 -6.96
CA LYS C 30 27.58 60.17 -6.61
C LYS C 30 26.70 60.83 -7.67
N LEU C 31 25.78 61.66 -7.19
CA LEU C 31 24.89 62.44 -8.03
C LEU C 31 25.30 63.91 -7.92
N TYR C 32 24.81 64.73 -8.83
CA TYR C 32 24.86 66.16 -8.64
C TYR C 32 23.45 66.70 -8.78
N SER C 33 22.68 66.54 -7.72
CA SER C 33 21.28 66.94 -7.72
C SER C 33 21.22 68.41 -7.36
N LEU C 34 20.92 69.24 -8.36
CA LEU C 34 20.78 70.67 -8.17
C LEU C 34 19.33 71.09 -8.37
N ARG C 35 19.03 72.34 -8.05
CA ARG C 35 17.72 72.93 -8.33
C ARG C 35 17.84 74.39 -8.72
N TRP C 36 17.40 74.71 -9.94
CA TRP C 36 17.54 76.06 -10.50
C TRP C 36 16.57 77.06 -9.86
N ILE C 37 17.07 77.81 -8.88
CA ILE C 37 16.27 78.83 -8.21
C ILE C 37 15.95 80.00 -9.14
N SER C 38 16.90 80.29 -10.04
CA SER C 38 16.74 81.33 -11.06
C SER C 38 17.35 80.86 -12.38
N ASP C 39 17.65 81.81 -13.26
CA ASP C 39 18.23 81.53 -14.56
C ASP C 39 19.77 81.56 -14.50
N HIS C 40 20.31 81.81 -13.31
CA HIS C 40 21.76 82.01 -13.13
C HIS C 40 22.39 81.14 -12.06
N GLU C 41 21.58 80.73 -11.08
CA GLU C 41 22.09 80.05 -9.90
C GLU C 41 21.31 78.77 -9.56
N TYR C 42 21.92 77.92 -8.74
CA TYR C 42 21.26 76.71 -8.24
C TYR C 42 21.75 76.37 -6.83
N LEU C 43 21.24 75.26 -6.28
CA LEU C 43 21.65 74.80 -4.94
C LEU C 43 22.25 73.40 -4.98
N TYR C 44 23.11 73.09 -4.01
CA TYR C 44 23.71 71.74 -3.89
C TYR C 44 24.07 71.36 -2.45
N LYS C 45 23.55 70.21 -2.02
CA LYS C 45 23.83 69.66 -0.69
C LYS C 45 25.21 68.98 -0.64
N GLN C 46 26.16 69.64 0.02
CA GLN C 46 27.46 69.03 0.26
C GLN C 46 27.52 68.41 1.65
N GLU C 47 27.32 67.08 1.67
CA GLU C 47 27.12 66.30 2.90
C GLU C 47 25.84 66.67 3.65
N ASN C 48 25.89 67.74 4.46
CA ASN C 48 24.69 68.25 5.14
C ASN C 48 24.44 69.75 4.97
N ASN C 49 25.50 70.49 4.67
CA ASN C 49 25.37 71.93 4.42
C ASN C 49 25.09 72.22 2.93
N ILE C 50 24.07 73.03 2.70
CA ILE C 50 23.61 73.33 1.33
C ILE C 50 23.99 74.74 0.91
N LEU C 51 24.66 74.84 -0.23
CA LEU C 51 25.24 76.10 -0.72
C LEU C 51 24.58 76.55 -2.03
N VAL C 52 24.57 77.86 -2.26
CA VAL C 52 24.00 78.43 -3.49
C VAL C 52 25.08 78.75 -4.54
N PHE C 53 25.14 77.90 -5.57
CA PHE C 53 26.15 78.00 -6.62
C PHE C 53 25.75 78.94 -7.75
N ASN C 54 26.68 79.81 -8.13
CA ASN C 54 26.59 80.57 -9.36
C ASN C 54 27.05 79.66 -10.49
N ALA C 55 26.18 79.42 -11.47
CA ALA C 55 26.48 78.49 -12.55
C ALA C 55 27.56 79.00 -13.49
N GLU C 56 27.59 80.31 -13.69
CA GLU C 56 28.50 80.97 -14.63
C GLU C 56 29.97 80.92 -14.21
N TYR C 57 30.22 81.08 -12.90
CA TYR C 57 31.59 81.18 -12.39
C TYR C 57 31.98 80.02 -11.48
N GLY C 58 31.00 79.37 -10.87
CA GLY C 58 31.25 78.25 -9.96
C GLY C 58 31.36 78.65 -8.52
N ASN C 59 31.40 79.97 -8.27
CA ASN C 59 31.48 80.50 -6.90
C ASN C 59 30.16 80.37 -6.15
N SER C 60 30.26 80.26 -4.83
CA SER C 60 29.09 79.97 -3.98
C SER C 60 29.21 80.53 -2.56
N SER C 61 28.06 80.58 -1.88
CA SER C 61 27.98 81.01 -0.48
C SER C 61 27.05 80.09 0.31
N VAL C 62 27.35 79.91 1.60
CA VAL C 62 26.57 79.02 2.47
C VAL C 62 25.15 79.56 2.68
N PHE C 63 24.18 78.65 2.72
CA PHE C 63 22.76 79.02 2.86
C PHE C 63 22.07 78.21 3.95
N LEU C 64 22.73 77.13 4.38
CA LEU C 64 22.29 76.27 5.46
C LEU C 64 23.48 75.39 5.86
N GLU C 65 23.69 75.21 7.15
CA GLU C 65 24.74 74.31 7.63
C GLU C 65 24.17 73.07 8.30
N ASN C 66 25.06 72.22 8.82
CA ASN C 66 24.68 71.00 9.56
C ASN C 66 23.65 71.25 10.67
N SER C 67 23.63 72.48 11.18
CA SER C 67 22.67 72.90 12.19
C SER C 67 22.40 74.41 12.15
N THR C 68 21.71 74.87 11.10
CA THR C 68 21.12 76.21 11.07
C THR C 68 19.73 76.12 11.72
N PHE C 69 19.16 74.92 11.67
CA PHE C 69 17.92 74.61 12.38
C PHE C 69 18.17 73.44 13.36
N ASP C 70 18.99 73.72 14.37
CA ASP C 70 19.37 72.74 15.38
C ASP C 70 18.35 72.60 16.50
N GLU C 71 18.00 73.73 17.13
CA GLU C 71 17.01 73.75 18.22
C GLU C 71 15.58 73.58 17.70
N PHE C 72 15.45 73.50 16.38
CA PHE C 72 14.21 73.08 15.72
C PHE C 72 13.70 71.77 16.33
N GLY C 73 14.58 70.77 16.41
CA GLY C 73 14.27 69.48 17.03
C GLY C 73 13.86 68.42 16.01
N HIS C 74 13.02 68.83 15.06
CA HIS C 74 12.56 67.96 13.98
C HIS C 74 13.64 67.86 12.92
N SER C 75 13.85 66.66 12.40
CA SER C 75 14.75 66.45 11.28
C SER C 75 14.03 66.76 9.97
N ILE C 76 14.65 67.61 9.16
CA ILE C 76 14.01 68.18 7.97
C ILE C 76 14.04 67.19 6.82
N ASN C 77 12.88 66.66 6.46
CA ASN C 77 12.77 65.70 5.35
C ASN C 77 13.08 66.34 3.99
N ASP C 78 12.67 67.59 3.82
CA ASP C 78 12.81 68.31 2.56
C ASP C 78 12.57 69.82 2.74
N TYR C 79 13.12 70.62 1.84
CA TYR C 79 12.89 72.05 1.85
C TYR C 79 12.33 72.51 0.49
N SER C 80 11.68 73.68 0.49
CA SER C 80 11.15 74.25 -0.74
C SER C 80 11.20 75.77 -0.68
N ILE C 81 12.09 76.37 -1.47
CA ILE C 81 12.20 77.82 -1.58
C ILE C 81 11.05 78.36 -2.43
N SER C 82 10.43 79.45 -1.97
CA SER C 82 9.45 80.17 -2.79
C SER C 82 10.20 80.76 -3.98
N PRO C 83 9.60 80.69 -5.19
CA PRO C 83 10.29 81.12 -6.41
C PRO C 83 10.85 82.56 -6.39
N ASP C 84 10.32 83.41 -5.51
CA ASP C 84 10.83 84.77 -5.36
C ASP C 84 12.05 84.80 -4.43
N GLY C 85 12.23 83.72 -3.66
CA GLY C 85 13.38 83.53 -2.79
C GLY C 85 13.28 84.20 -1.43
N GLN C 86 12.05 84.52 -1.03
CA GLN C 86 11.82 85.23 0.23
C GLN C 86 11.47 84.30 1.38
N PHE C 87 10.88 83.15 1.05
CA PHE C 87 10.41 82.19 2.06
C PHE C 87 10.84 80.77 1.75
N ILE C 88 11.09 80.01 2.81
CA ILE C 88 11.41 78.59 2.70
C ILE C 88 10.44 77.72 3.48
N LEU C 89 9.88 76.75 2.78
CA LEU C 89 8.97 75.77 3.34
C LEU C 89 9.76 74.55 3.84
N LEU C 90 9.58 74.23 5.11
CA LEU C 90 10.25 73.07 5.72
C LEU C 90 9.31 71.88 5.82
N GLU C 91 9.75 70.73 5.34
CA GLU C 91 8.95 69.50 5.36
C GLU C 91 9.53 68.54 6.40
N TYR C 92 8.65 68.04 7.28
CA TYR C 92 9.04 67.10 8.33
C TYR C 92 7.81 66.29 8.75
N ASN C 93 7.96 65.43 9.76
CA ASN C 93 6.90 64.45 10.12
C ASN C 93 6.35 63.69 8.90
N TYR C 94 7.23 63.39 7.95
CA TYR C 94 6.88 62.70 6.72
C TYR C 94 6.35 61.29 7.00
N VAL C 95 5.25 60.95 6.34
CA VAL C 95 4.67 59.59 6.38
C VAL C 95 4.27 59.16 4.96
N LYS C 96 4.98 58.18 4.41
CA LYS C 96 4.70 57.68 3.07
C LYS C 96 3.31 57.05 2.98
N GLN C 97 2.59 57.35 1.90
CA GLN C 97 1.36 56.62 1.61
C GLN C 97 1.67 55.66 0.48
N TRP C 98 1.28 56.01 -0.75
CA TRP C 98 1.57 55.12 -1.90
C TRP C 98 2.88 55.50 -2.56
N ARG C 99 3.01 55.28 -3.86
CA ARG C 99 4.31 55.48 -4.56
C ARG C 99 4.75 56.95 -4.51
N HIS C 100 3.79 57.86 -4.68
CA HIS C 100 4.05 59.32 -4.70
C HIS C 100 3.45 60.06 -3.51
N SER C 101 2.24 59.64 -3.12
CA SER C 101 1.53 60.25 -1.99
C SER C 101 2.22 60.08 -0.67
N TYR C 102 2.11 61.11 0.16
CA TYR C 102 2.58 61.08 1.53
C TYR C 102 1.92 62.21 2.32
N THR C 103 2.19 62.23 3.62
CA THR C 103 1.62 63.22 4.53
C THR C 103 2.81 63.87 5.26
N ALA C 104 2.68 65.14 5.62
CA ALA C 104 3.78 65.82 6.33
C ALA C 104 3.35 67.03 7.13
N SER C 105 4.22 67.44 8.04
CA SER C 105 4.12 68.73 8.73
C SER C 105 5.03 69.73 8.03
N TYR C 106 4.59 70.99 8.02
CA TYR C 106 5.32 72.08 7.35
C TYR C 106 5.47 73.33 8.21
N ASP C 107 6.66 73.93 8.14
CA ASP C 107 6.96 75.22 8.76
C ASP C 107 7.56 76.16 7.73
N ILE C 108 7.13 77.43 7.75
CA ILE C 108 7.68 78.43 6.84
C ILE C 108 8.65 79.34 7.59
N TYR C 109 9.73 79.73 6.90
CA TYR C 109 10.69 80.69 7.42
C TYR C 109 10.86 81.82 6.41
N ASP C 110 10.85 83.06 6.91
CA ASP C 110 11.29 84.20 6.10
C ASP C 110 12.79 84.04 5.90
N LEU C 111 13.20 83.79 4.66
CA LEU C 111 14.60 83.49 4.33
C LEU C 111 15.56 84.62 4.69
N ASN C 112 15.05 85.85 4.64
CA ASN C 112 15.86 87.02 4.93
C ASN C 112 16.27 87.11 6.40
N LYS C 113 15.57 86.38 7.26
CA LYS C 113 15.72 86.50 8.72
C LYS C 113 16.01 85.18 9.42
N ARG C 114 15.85 84.07 8.67
CA ARG C 114 15.90 82.69 9.21
C ARG C 114 15.27 82.50 10.61
N GLN C 115 14.18 83.24 10.84
CA GLN C 115 13.29 83.02 12.00
C GLN C 115 11.96 82.37 11.56
N LEU C 116 11.39 81.56 12.44
CA LEU C 116 10.15 80.83 12.14
C LEU C 116 8.93 81.74 12.06
N ILE C 117 8.16 81.59 10.98
CA ILE C 117 6.86 82.24 10.87
C ILE C 117 5.87 81.52 11.78
N THR C 118 5.79 82.03 13.02
CA THR C 118 5.14 81.33 14.12
C THR C 118 3.61 81.28 14.07
N GLU C 119 3.00 82.17 13.30
CA GLU C 119 1.54 82.27 13.27
C GLU C 119 0.90 81.72 11.99
N GLU C 120 -0.39 81.40 12.08
CA GLU C 120 -1.16 80.78 10.98
C GLU C 120 -0.41 79.65 10.28
N ARG C 121 0.08 78.70 11.07
CA ARG C 121 0.88 77.60 10.56
C ARG C 121 0.07 76.63 9.70
N ILE C 122 0.73 76.09 8.68
CA ILE C 122 0.18 75.00 7.86
C ILE C 122 -0.10 73.80 8.78
N PRO C 123 -1.26 73.13 8.62
CA PRO C 123 -1.61 72.08 9.58
C PRO C 123 -0.74 70.83 9.45
N ASN C 124 -0.83 69.95 10.45
CA ASN C 124 -0.23 68.62 10.38
C ASN C 124 -1.05 67.75 9.44
N ASN C 125 -0.50 66.62 9.02
CA ASN C 125 -1.19 65.68 8.13
C ASN C 125 -1.59 66.34 6.78
N THR C 126 -0.75 67.28 6.33
CA THR C 126 -0.95 67.98 5.06
C THR C 126 -0.56 67.06 3.90
N GLN C 127 -1.42 67.02 2.90
CA GLN C 127 -1.32 66.04 1.82
C GLN C 127 -0.48 66.52 0.65
N TRP C 128 -0.55 67.82 0.38
CA TRP C 128 0.26 68.45 -0.64
C TRP C 128 0.45 69.91 -0.33
N VAL C 129 1.62 70.44 -0.68
CA VAL C 129 1.89 71.86 -0.56
C VAL C 129 2.73 72.31 -1.76
N THR C 130 2.37 73.47 -2.32
CA THR C 130 3.07 74.02 -3.49
C THR C 130 3.09 75.55 -3.51
N TRP C 131 4.23 76.10 -3.91
CA TRP C 131 4.36 77.53 -4.17
C TRP C 131 3.78 77.82 -5.55
N SER C 132 3.25 79.04 -5.72
CA SER C 132 2.89 79.55 -7.03
C SER C 132 4.20 79.72 -7.84
N PRO C 133 4.13 79.71 -9.20
CA PRO C 133 5.37 79.72 -9.98
C PRO C 133 6.23 81.00 -9.82
N VAL C 134 5.60 82.10 -9.42
CA VAL C 134 6.32 83.30 -9.00
C VAL C 134 5.66 83.93 -7.77
N GLY C 135 6.46 84.66 -6.98
CA GLY C 135 6.01 85.16 -5.69
C GLY C 135 6.13 84.09 -4.62
N HIS C 136 5.29 84.19 -3.59
CA HIS C 136 5.32 83.26 -2.46
C HIS C 136 3.92 82.87 -1.97
N LYS C 137 3.03 82.57 -2.92
CA LYS C 137 1.71 82.02 -2.58
C LYS C 137 1.81 80.52 -2.32
N LEU C 138 1.13 80.08 -1.27
CA LEU C 138 1.02 78.66 -0.93
C LEU C 138 -0.34 78.11 -1.34
N ALA C 139 -0.33 76.92 -1.90
CA ALA C 139 -1.52 76.11 -2.05
C ALA C 139 -1.24 74.77 -1.39
N TYR C 140 -2.08 74.38 -0.45
CA TYR C 140 -1.95 73.08 0.20
C TYR C 140 -3.28 72.32 0.27
N VAL C 141 -3.18 70.99 0.22
CA VAL C 141 -4.33 70.12 0.42
C VAL C 141 -4.23 69.48 1.81
N TRP C 142 -5.26 69.71 2.63
CA TRP C 142 -5.36 69.11 3.95
C TRP C 142 -6.78 68.60 4.17
N ASN C 143 -6.88 67.37 4.66
CA ASN C 143 -8.15 66.65 4.78
C ASN C 143 -8.98 66.65 3.49
N ASN C 144 -8.27 66.43 2.39
CA ASN C 144 -8.87 66.28 1.05
C ASN C 144 -9.41 67.56 0.42
N ASP C 145 -9.09 68.70 1.04
CA ASP C 145 -9.55 70.02 0.62
C ASP C 145 -8.40 70.98 0.36
N ILE C 146 -8.61 71.87 -0.60
CA ILE C 146 -7.62 72.88 -1.01
C ILE C 146 -7.70 74.19 -0.20
N TYR C 147 -6.53 74.65 0.25
CA TYR C 147 -6.40 75.94 0.92
C TYR C 147 -5.35 76.79 0.21
N VAL C 148 -5.42 78.11 0.38
CA VAL C 148 -4.45 79.02 -0.23
C VAL C 148 -3.96 80.09 0.76
N LYS C 149 -2.64 80.24 0.86
CA LYS C 149 -2.04 81.31 1.66
C LYS C 149 -1.35 82.34 0.77
N ILE C 150 -1.97 83.51 0.64
CA ILE C 150 -1.42 84.61 -0.16
C ILE C 150 -0.17 85.16 0.54
N GLU C 151 -0.15 85.03 1.87
CA GLU C 151 1.00 85.40 2.67
C GLU C 151 1.21 84.36 3.77
N PRO C 152 2.44 83.83 3.90
CA PRO C 152 2.79 82.77 4.84
C PRO C 152 2.47 83.07 6.33
N ASN C 153 2.08 84.30 6.63
CA ASN C 153 1.66 84.65 7.99
C ASN C 153 0.15 84.85 8.12
N LEU C 154 -0.55 84.93 6.99
CA LEU C 154 -1.98 85.23 6.96
C LEU C 154 -2.85 83.97 6.96
N PRO C 155 -4.07 84.07 7.54
CA PRO C 155 -4.99 82.93 7.47
C PRO C 155 -5.17 82.43 6.05
N SER C 156 -5.32 81.11 5.92
CA SER C 156 -5.55 80.47 4.64
C SER C 156 -6.98 80.71 4.19
N TYR C 157 -7.15 80.88 2.88
CA TYR C 157 -8.48 80.87 2.28
C TYR C 157 -8.79 79.45 1.81
N ARG C 158 -9.84 78.86 2.37
CA ARG C 158 -10.28 77.52 1.98
C ARG C 158 -10.99 77.56 0.63
N ILE C 159 -10.52 76.76 -0.31
CA ILE C 159 -11.11 76.71 -1.64
C ILE C 159 -12.28 75.75 -1.65
N THR C 160 -12.05 74.51 -1.22
CA THR C 160 -13.06 73.47 -1.31
C THR C 160 -13.59 73.04 0.06
N TRP C 161 -14.80 72.47 0.06
CA TRP C 161 -15.49 72.09 1.29
C TRP C 161 -16.08 70.69 1.18
N THR C 162 -15.76 69.99 0.08
CA THR C 162 -16.37 68.71 -0.24
C THR C 162 -15.45 67.50 0.03
N GLY C 163 -14.17 67.78 0.29
CA GLY C 163 -13.18 66.73 0.57
C GLY C 163 -13.62 65.78 1.67
N LYS C 164 -13.51 64.49 1.36
CA LYS C 164 -13.93 63.42 2.24
C LYS C 164 -12.98 62.24 2.04
N GLU C 165 -12.47 61.70 3.13
CA GLU C 165 -11.48 60.63 3.10
C GLU C 165 -11.95 59.47 2.22
N ASP C 166 -11.09 59.03 1.31
CA ASP C 166 -11.36 57.87 0.43
C ASP C 166 -12.51 58.05 -0.57
N ILE C 167 -13.15 59.22 -0.57
CA ILE C 167 -14.32 59.45 -1.43
C ILE C 167 -14.20 60.64 -2.39
N ILE C 168 -13.99 61.86 -1.86
CA ILE C 168 -13.78 63.06 -2.69
C ILE C 168 -12.39 63.64 -2.42
N TYR C 169 -11.64 63.85 -3.50
CA TYR C 169 -10.27 64.34 -3.42
C TYR C 169 -10.15 65.65 -4.15
N ASN C 170 -9.86 66.73 -3.43
CA ASN C 170 -9.67 68.04 -4.05
C ASN C 170 -8.21 68.38 -4.11
N GLY C 171 -7.68 68.54 -5.32
CA GLY C 171 -6.28 68.91 -5.50
C GLY C 171 -5.25 67.83 -5.20
N ILE C 172 -5.73 66.61 -4.95
CA ILE C 172 -4.89 65.40 -4.81
C ILE C 172 -5.50 64.25 -5.59
N THR C 173 -4.68 63.30 -6.01
CA THR C 173 -5.14 62.16 -6.79
C THR C 173 -5.61 61.03 -5.88
N ASP C 174 -6.56 60.24 -6.38
CA ASP C 174 -6.90 58.98 -5.74
C ASP C 174 -5.87 57.93 -6.13
N TRP C 175 -6.06 56.68 -5.66
CA TRP C 175 -5.04 55.65 -5.84
C TRP C 175 -4.59 55.53 -7.29
N VAL C 176 -5.54 55.30 -8.19
CA VAL C 176 -5.22 54.94 -9.57
C VAL C 176 -4.72 56.12 -10.44
N TYR C 177 -5.23 57.33 -10.18
CA TYR C 177 -4.68 58.52 -10.82
C TYR C 177 -3.23 58.81 -10.39
N GLU C 178 -2.95 58.56 -9.11
CA GLU C 178 -1.61 58.67 -8.57
C GLU C 178 -0.65 57.69 -9.24
N GLU C 179 -1.00 56.40 -9.22
CA GLU C 179 -0.14 55.35 -9.76
C GLU C 179 -0.04 55.36 -11.28
N GLU C 180 -1.17 55.56 -11.95
CA GLU C 180 -1.29 55.24 -13.37
C GLU C 180 -1.53 56.42 -14.33
N VAL C 181 -1.95 57.57 -13.80
CA VAL C 181 -2.20 58.71 -14.68
C VAL C 181 -1.16 59.83 -14.52
N PHE C 182 -1.03 60.37 -13.30
CA PHE C 182 -0.18 61.56 -13.14
C PHE C 182 1.20 61.28 -12.58
N SER C 183 1.43 60.07 -12.08
CA SER C 183 2.65 59.72 -11.38
C SER C 183 2.96 60.79 -10.33
N ALA C 184 1.91 61.17 -9.60
CA ALA C 184 2.00 62.21 -8.59
C ALA C 184 0.76 62.19 -7.69
N TYR C 185 0.93 62.69 -6.48
CA TYR C 185 -0.19 62.94 -5.56
C TYR C 185 -0.92 64.23 -5.93
N SER C 186 -0.16 65.29 -6.22
CA SER C 186 -0.75 66.59 -6.50
C SER C 186 -1.67 66.57 -7.71
N ALA C 187 -2.74 67.34 -7.61
CA ALA C 187 -3.63 67.60 -8.72
C ALA C 187 -3.98 69.09 -8.66
N LEU C 188 -2.92 69.89 -8.50
CA LEU C 188 -2.98 71.35 -8.43
C LEU C 188 -2.01 71.95 -9.44
N TRP C 189 -2.52 72.81 -10.31
CA TRP C 189 -1.69 73.41 -11.36
C TRP C 189 -1.83 74.93 -11.38
N TRP C 190 -0.92 75.62 -10.68
CA TRP C 190 -0.87 77.09 -10.73
C TRP C 190 -0.68 77.61 -12.15
N SER C 191 -1.23 78.79 -12.42
CA SER C 191 -1.00 79.48 -13.69
C SER C 191 0.38 80.11 -13.65
N PRO C 192 1.03 80.29 -14.83
CA PRO C 192 2.40 80.79 -14.91
C PRO C 192 2.75 81.97 -13.99
N ASN C 193 1.80 82.91 -13.80
CA ASN C 193 2.04 84.07 -12.93
C ASN C 193 1.55 83.90 -11.49
N GLY C 194 0.89 82.78 -11.22
CA GLY C 194 0.34 82.49 -9.89
C GLY C 194 -1.00 83.16 -9.61
N THR C 195 -1.68 83.62 -10.70
CA THR C 195 -2.99 84.24 -10.56
C THR C 195 -4.11 83.19 -10.37
N PHE C 196 -4.00 82.05 -11.14
CA PHE C 196 -5.05 81.05 -11.16
C PHE C 196 -4.56 79.71 -10.63
N LEU C 197 -5.36 79.08 -9.77
CA LEU C 197 -5.10 77.72 -9.33
C LEU C 197 -6.06 76.76 -10.03
N ALA C 198 -5.47 75.89 -10.87
CA ALA C 198 -6.23 74.84 -11.52
C ALA C 198 -6.17 73.59 -10.67
N TYR C 199 -7.29 72.91 -10.54
CA TYR C 199 -7.31 71.66 -9.81
C TYR C 199 -8.32 70.66 -10.32
N ALA C 200 -8.05 69.39 -10.00
CA ALA C 200 -8.92 68.30 -10.30
C ALA C 200 -9.56 67.78 -9.02
N GLN C 201 -10.83 67.38 -9.16
CA GLN C 201 -11.56 66.73 -8.08
C GLN C 201 -11.88 65.32 -8.54
N PHE C 202 -11.53 64.35 -7.71
CA PHE C 202 -11.76 62.95 -8.01
C PHE C 202 -12.85 62.42 -7.11
N ASN C 203 -13.68 61.54 -7.65
CA ASN C 203 -14.78 60.94 -6.92
C ASN C 203 -14.79 59.42 -7.00
N ASP C 204 -14.46 58.79 -5.86
CA ASP C 204 -14.37 57.34 -5.75
C ASP C 204 -15.60 56.70 -5.11
N THR C 205 -16.70 57.44 -5.03
CA THR C 205 -17.87 56.99 -4.25
C THR C 205 -18.26 55.53 -4.54
N GLU C 206 -18.41 55.20 -5.82
CA GLU C 206 -18.86 53.85 -6.18
C GLU C 206 -17.69 52.88 -6.51
N VAL C 207 -16.46 53.34 -6.31
CA VAL C 207 -15.26 52.51 -6.53
C VAL C 207 -15.12 51.47 -5.41
N PRO C 208 -14.98 50.18 -5.79
CA PRO C 208 -14.84 49.12 -4.78
C PRO C 208 -13.50 49.19 -4.07
N LEU C 209 -13.50 48.77 -2.80
CA LEU C 209 -12.32 48.76 -1.96
C LEU C 209 -11.58 47.43 -2.04
N ILE C 210 -10.27 47.48 -2.23
CA ILE C 210 -9.42 46.33 -1.91
C ILE C 210 -9.19 46.32 -0.39
N GLU C 211 -9.29 45.14 0.21
CA GLU C 211 -9.12 45.02 1.64
C GLU C 211 -8.05 44.00 1.87
N TYR C 212 -7.09 44.34 2.73
CA TYR C 212 -6.06 43.42 3.17
C TYR C 212 -5.72 43.69 4.62
N SER C 213 -5.12 42.68 5.27
CA SER C 213 -4.70 42.80 6.65
C SER C 213 -3.39 43.58 6.73
N PHE C 214 -3.30 44.44 7.73
CA PHE C 214 -2.04 45.04 8.08
C PHE C 214 -1.74 44.65 9.53
N TYR C 215 -0.60 44.00 9.73
CA TYR C 215 -0.29 43.37 11.01
C TYR C 215 0.39 44.31 12.02
N SER C 216 1.16 45.27 11.54
CA SER C 216 1.75 46.32 12.39
C SER C 216 2.83 45.75 13.29
N ASP C 217 3.30 46.56 14.22
CA ASP C 217 4.20 46.12 15.30
C ASP C 217 3.55 44.93 16.03
N GLU C 218 4.36 44.06 16.62
CA GLU C 218 3.82 42.90 17.35
C GLU C 218 2.93 43.26 18.53
N SER C 219 2.96 44.52 18.97
CA SER C 219 2.13 44.95 20.08
C SER C 219 0.67 45.16 19.68
N LEU C 220 0.38 45.17 18.38
CA LEU C 220 -1.01 45.30 17.93
C LEU C 220 -1.68 43.92 18.09
N GLN C 221 -2.64 43.83 19.00
CA GLN C 221 -3.25 42.54 19.31
C GLN C 221 -4.10 41.98 18.15
N TYR C 222 -4.91 42.84 17.54
CA TYR C 222 -5.78 42.50 16.40
C TYR C 222 -5.28 43.17 15.13
N PRO C 223 -5.04 42.39 14.05
CA PRO C 223 -4.63 43.01 12.78
C PRO C 223 -5.62 44.08 12.31
N LYS C 224 -5.11 45.02 11.52
CA LYS C 224 -5.90 46.13 11.01
C LYS C 224 -6.32 45.68 9.61
N THR C 225 -7.51 46.05 9.19
CA THR C 225 -7.88 45.88 7.78
C THR C 225 -7.74 47.23 7.10
N VAL C 226 -6.87 47.26 6.10
CA VAL C 226 -6.73 48.43 5.22
C VAL C 226 -7.70 48.27 4.07
N ARG C 227 -8.44 49.35 3.82
CA ARG C 227 -9.48 49.42 2.80
C ARG C 227 -9.16 50.59 1.85
N VAL C 228 -8.90 50.30 0.59
CA VAL C 228 -8.51 51.33 -0.38
C VAL C 228 -9.39 51.23 -1.61
N PRO C 229 -10.02 52.36 -2.02
CA PRO C 229 -10.77 52.40 -3.28
C PRO C 229 -9.80 52.11 -4.44
N TYR C 230 -10.06 51.03 -5.16
CA TYR C 230 -9.15 50.55 -6.18
C TYR C 230 -9.97 49.91 -7.29
N PRO C 231 -9.95 50.52 -8.48
CA PRO C 231 -10.68 49.92 -9.59
C PRO C 231 -9.86 48.87 -10.32
N LYS C 232 -10.31 47.63 -10.24
CA LYS C 232 -9.69 46.54 -10.96
C LYS C 232 -10.29 46.51 -12.37
N ALA C 233 -9.67 45.76 -13.28
CA ALA C 233 -10.11 45.71 -14.66
C ALA C 233 -11.63 45.50 -14.75
N GLY C 234 -12.31 46.49 -15.28
CA GLY C 234 -13.76 46.41 -15.50
C GLY C 234 -14.61 47.04 -14.41
N ALA C 235 -14.02 47.38 -13.27
CA ALA C 235 -14.80 47.86 -12.14
C ALA C 235 -15.21 49.33 -12.32
N VAL C 236 -16.07 49.82 -11.42
CA VAL C 236 -16.42 51.23 -11.45
C VAL C 236 -15.17 52.09 -11.21
N ASN C 237 -14.89 52.99 -12.14
CA ASN C 237 -13.78 53.90 -12.03
C ASN C 237 -14.13 55.14 -11.22
N PRO C 238 -13.12 55.85 -10.72
CA PRO C 238 -13.36 57.21 -10.23
C PRO C 238 -13.83 58.14 -11.35
N THR C 239 -14.65 59.12 -11.00
CA THR C 239 -15.00 60.20 -11.90
C THR C 239 -14.18 61.42 -11.52
N VAL C 240 -14.01 62.33 -12.48
CA VAL C 240 -13.19 63.51 -12.26
C VAL C 240 -13.91 64.77 -12.73
N LYS C 241 -13.71 65.85 -12.01
CA LYS C 241 -14.10 67.18 -12.45
C LYS C 241 -12.87 68.09 -12.43
N PHE C 242 -12.87 69.10 -13.29
CA PHE C 242 -11.77 70.07 -13.35
C PHE C 242 -12.27 71.49 -13.06
N PHE C 243 -11.50 72.22 -12.28
CA PHE C 243 -11.85 73.57 -11.86
C PHE C 243 -10.67 74.54 -11.95
N VAL C 244 -10.98 75.82 -12.18
CA VAL C 244 -9.98 76.88 -12.03
C VAL C 244 -10.50 77.92 -11.03
N VAL C 245 -9.60 78.44 -10.20
CA VAL C 245 -9.95 79.52 -9.27
C VAL C 245 -8.96 80.69 -9.34
N ASN C 246 -9.50 81.91 -9.40
CA ASN C 246 -8.71 83.13 -9.36
C ASN C 246 -8.28 83.41 -7.91
N THR C 247 -6.99 83.24 -7.64
CA THR C 247 -6.44 83.36 -6.28
C THR C 247 -6.17 84.79 -5.83
N ASP C 248 -6.35 85.76 -6.74
CA ASP C 248 -6.11 87.17 -6.44
C ASP C 248 -7.37 87.91 -5.98
N SER C 249 -8.52 87.28 -6.19
CA SER C 249 -9.80 87.87 -5.78
C SER C 249 -10.40 87.09 -4.60
N LEU C 250 -9.53 86.41 -3.85
CA LEU C 250 -9.96 85.63 -2.69
C LEU C 250 -10.47 86.52 -1.55
N SER C 251 -11.80 86.53 -1.38
CA SER C 251 -12.43 87.27 -0.29
C SER C 251 -12.43 86.44 0.99
N SER C 252 -12.41 87.13 2.13
CA SER C 252 -12.44 86.47 3.43
C SER C 252 -13.85 86.47 4.01
N VAL C 253 -14.75 87.19 3.34
CA VAL C 253 -16.13 87.33 3.82
C VAL C 253 -17.05 86.36 3.08
N THR C 254 -16.62 85.95 1.89
CA THR C 254 -17.39 85.03 1.05
C THR C 254 -16.53 83.88 0.52
N ASN C 255 -17.12 82.68 0.52
CA ASN C 255 -16.48 81.47 0.03
C ASN C 255 -15.88 81.62 -1.36
N ALA C 256 -14.66 81.07 -1.52
CA ALA C 256 -13.96 81.06 -2.80
C ALA C 256 -14.82 80.44 -3.91
N THR C 257 -14.97 81.23 -5.05
CA THR C 257 -15.84 80.76 -6.13
C THR C 257 -15.05 80.24 -7.34
N SER C 258 -15.15 78.85 -7.49
CA SER C 258 -14.37 78.15 -8.52
C SER C 258 -15.18 77.87 -9.78
N ILE C 259 -14.57 78.15 -10.94
CA ILE C 259 -15.19 77.90 -12.26
C ILE C 259 -14.84 76.49 -12.79
N GLN C 260 -15.88 75.73 -13.13
CA GLN C 260 -15.68 74.39 -13.69
C GLN C 260 -15.41 74.42 -15.19
N ILE C 261 -14.26 73.88 -15.60
CA ILE C 261 -14.08 73.51 -16.99
C ILE C 261 -14.54 72.06 -17.12
N THR C 262 -15.64 71.85 -17.86
CA THR C 262 -16.16 70.50 -18.06
C THR C 262 -15.45 69.83 -19.23
N ALA C 263 -15.44 68.50 -19.20
CA ALA C 263 -14.85 67.68 -20.27
C ALA C 263 -15.66 67.84 -21.55
N PRO C 264 -14.99 67.71 -22.72
CA PRO C 264 -15.68 67.78 -24.02
C PRO C 264 -16.80 66.76 -24.16
N ALA C 265 -17.76 67.08 -25.02
CA ALA C 265 -18.96 66.27 -25.26
C ALA C 265 -18.64 64.80 -25.57
N SER C 266 -17.57 64.59 -26.34
CA SER C 266 -17.20 63.27 -26.84
C SER C 266 -16.61 62.35 -25.78
N MET C 267 -16.33 62.92 -24.61
CA MET C 267 -15.82 62.18 -23.44
C MET C 267 -16.97 61.86 -22.50
N LEU C 268 -17.83 62.85 -22.24
CA LEU C 268 -19.00 62.70 -21.37
C LEU C 268 -19.94 61.56 -21.76
N ILE C 269 -19.86 61.17 -23.05
CA ILE C 269 -20.54 59.99 -23.61
C ILE C 269 -20.39 58.71 -22.77
N GLY C 270 -19.27 58.58 -22.07
CA GLY C 270 -19.03 57.40 -21.24
C GLY C 270 -17.92 57.66 -20.26
N ASP C 271 -17.30 56.57 -19.81
CA ASP C 271 -16.18 56.65 -18.88
C ASP C 271 -14.97 57.25 -19.56
N HIS C 272 -14.32 58.16 -18.84
CA HIS C 272 -13.17 58.90 -19.36
C HIS C 272 -12.23 59.28 -18.21
N TYR C 273 -11.03 59.72 -18.56
CA TYR C 273 -10.09 60.25 -17.58
C TYR C 273 -9.60 61.64 -17.99
N LEU C 274 -9.20 62.42 -17.00
CA LEU C 274 -8.36 63.58 -17.25
C LEU C 274 -6.92 63.04 -17.26
N CYS C 275 -6.20 63.24 -18.36
CA CYS C 275 -4.86 62.67 -18.50
C CYS C 275 -3.71 63.69 -18.58
N ASP C 276 -4.03 64.94 -18.89
CA ASP C 276 -3.00 65.99 -18.94
C ASP C 276 -3.58 67.35 -18.64
N VAL C 277 -2.83 68.15 -17.89
CA VAL C 277 -3.15 69.56 -17.65
C VAL C 277 -1.89 70.40 -17.97
N THR C 278 -2.04 71.38 -18.86
CA THR C 278 -0.92 72.23 -19.27
C THR C 278 -1.37 73.68 -19.46
N TRP C 279 -0.86 74.57 -18.61
CA TRP C 279 -1.07 76.00 -18.77
C TRP C 279 -0.30 76.49 -19.99
N ALA C 280 -0.97 77.26 -20.84
CA ALA C 280 -0.36 77.81 -22.06
C ALA C 280 0.10 79.25 -21.85
N THR C 281 -0.77 80.06 -21.26
CA THR C 281 -0.43 81.44 -20.89
C THR C 281 -0.96 81.75 -19.49
N GLN C 282 -0.88 83.02 -19.10
CA GLN C 282 -1.45 83.51 -17.86
C GLN C 282 -2.97 83.25 -17.80
N GLU C 283 -3.61 83.32 -19.05
CA GLU C 283 -5.07 83.24 -19.14
C GLU C 283 -5.56 82.13 -20.08
N ARG C 284 -4.62 81.14 -20.36
CA ARG C 284 -4.95 80.01 -21.23
C ARG C 284 -4.42 78.71 -20.66
N ILE C 285 -5.28 77.70 -20.67
CA ILE C 285 -4.93 76.38 -20.15
C ILE C 285 -5.44 75.29 -21.10
N SER C 286 -4.63 74.21 -21.21
CA SER C 286 -5.02 73.07 -22.04
C SER C 286 -5.24 71.81 -21.20
N LEU C 287 -6.19 71.00 -21.64
CA LEU C 287 -6.59 69.79 -20.93
C LEU C 287 -6.67 68.68 -21.92
N GLN C 288 -6.09 67.53 -21.58
CA GLN C 288 -6.27 66.35 -22.40
C GLN C 288 -7.07 65.32 -21.62
N TRP C 289 -8.07 64.78 -22.31
CA TRP C 289 -9.00 63.84 -21.73
C TRP C 289 -8.87 62.55 -22.51
N LEU C 290 -9.09 61.44 -21.83
CA LEU C 290 -8.87 60.14 -22.40
C LEU C 290 -10.10 59.30 -22.14
N ARG C 291 -10.67 58.70 -23.19
CA ARG C 291 -11.72 57.70 -23.01
C ARG C 291 -11.17 56.50 -22.24
N ARG C 292 -12.06 55.78 -21.55
CA ARG C 292 -11.65 54.58 -20.79
C ARG C 292 -11.13 53.49 -21.72
N ILE C 293 -11.66 53.45 -22.93
CA ILE C 293 -11.01 52.72 -24.01
C ILE C 293 -9.96 53.68 -24.57
N GLN C 294 -8.72 53.48 -24.13
CA GLN C 294 -7.66 54.48 -24.24
C GLN C 294 -6.97 54.57 -25.62
N ASN C 295 -7.75 54.38 -26.69
CA ASN C 295 -7.29 54.62 -28.06
C ASN C 295 -7.90 55.88 -28.67
N TYR C 296 -8.50 56.70 -27.81
CA TYR C 296 -9.14 57.94 -28.24
C TYR C 296 -8.92 59.04 -27.20
N SER C 297 -8.34 60.15 -27.61
CA SER C 297 -8.14 61.28 -26.70
C SER C 297 -8.48 62.61 -27.38
N VAL C 298 -8.84 63.60 -26.56
CA VAL C 298 -9.19 64.93 -27.04
C VAL C 298 -8.53 65.99 -26.17
N MET C 299 -7.85 66.93 -26.82
CA MET C 299 -7.27 68.09 -26.16
C MET C 299 -8.17 69.32 -26.34
N ASP C 300 -8.60 69.90 -25.22
CA ASP C 300 -9.37 71.13 -25.24
C ASP C 300 -8.43 72.26 -24.82
N ILE C 301 -8.61 73.42 -25.45
CA ILE C 301 -7.83 74.62 -25.13
C ILE C 301 -8.81 75.72 -24.70
N CYS C 302 -8.62 76.23 -23.47
CA CYS C 302 -9.59 77.12 -22.85
C CYS C 302 -8.96 78.45 -22.45
N ASP C 303 -9.62 79.56 -22.94
CA ASP C 303 -9.20 80.91 -22.56
C ASP C 303 -10.06 81.41 -21.37
N TYR C 304 -9.39 82.05 -20.39
CA TYR C 304 -10.11 82.78 -19.34
C TYR C 304 -10.84 84.01 -19.97
N ASP C 305 -12.06 84.24 -19.51
CA ASP C 305 -12.90 85.34 -20.02
C ASP C 305 -13.05 86.45 -18.97
N GLU C 306 -12.39 87.60 -19.21
CA GLU C 306 -12.31 88.68 -18.21
C GLU C 306 -13.67 89.21 -17.72
N SER C 307 -14.51 89.63 -18.74
CA SER C 307 -15.82 90.22 -18.41
C SER C 307 -16.82 89.21 -17.82
N SER C 308 -16.51 87.92 -17.92
CA SER C 308 -17.41 86.85 -17.45
C SER C 308 -16.96 86.23 -16.12
N GLY C 309 -15.66 85.97 -16.01
CA GLY C 309 -15.10 85.27 -14.85
C GLY C 309 -14.99 83.77 -15.12
N ARG C 310 -15.31 83.38 -16.36
CA ARG C 310 -15.38 81.97 -16.75
C ARG C 310 -14.24 81.53 -17.68
N TRP C 311 -14.14 80.15 -17.88
CA TRP C 311 -13.21 79.59 -18.86
C TRP C 311 -14.01 79.06 -20.08
N ASN C 312 -13.48 79.47 -21.27
CA ASN C 312 -14.15 79.10 -22.53
C ASN C 312 -13.23 78.22 -23.41
N CYS C 313 -13.84 77.04 -23.92
CA CYS C 313 -13.08 76.13 -24.76
C CYS C 313 -13.80 75.89 -26.09
N LEU C 314 -13.27 76.48 -27.17
CA LEU C 314 -13.91 76.40 -28.49
C LEU C 314 -13.77 75.02 -29.13
N VAL C 315 -14.78 74.61 -29.90
CA VAL C 315 -14.84 73.27 -30.49
C VAL C 315 -13.89 73.14 -31.70
N ALA C 316 -13.58 74.27 -32.33
CA ALA C 316 -12.65 74.30 -33.44
C ALA C 316 -11.20 74.22 -32.94
N ARG C 317 -10.99 74.58 -31.68
CA ARG C 317 -9.67 74.52 -31.04
C ARG C 317 -9.41 73.15 -30.39
N GLN C 318 -10.29 72.20 -30.68
CA GLN C 318 -10.13 70.85 -30.20
C GLN C 318 -9.17 70.06 -31.07
N HIS C 319 -8.37 69.22 -30.43
CA HIS C 319 -7.44 68.36 -31.12
C HIS C 319 -7.66 66.91 -30.73
N ILE C 320 -7.76 66.04 -31.72
CA ILE C 320 -7.96 64.61 -31.47
C ILE C 320 -6.68 63.83 -31.73
N GLU C 321 -6.19 63.17 -30.68
CA GLU C 321 -5.10 62.19 -30.79
C GLU C 321 -5.71 60.81 -30.58
N MET C 322 -5.69 59.99 -31.62
CA MET C 322 -6.25 58.63 -31.56
C MET C 322 -5.32 57.59 -32.20
N SER C 323 -5.50 56.33 -31.79
CA SER C 323 -4.73 55.23 -32.35
C SER C 323 -5.67 54.15 -32.87
N THR C 324 -5.36 53.63 -34.06
CA THR C 324 -6.13 52.54 -34.65
C THR C 324 -5.48 51.18 -34.41
N THR C 325 -4.21 51.19 -34.00
CA THR C 325 -3.42 49.97 -33.85
C THR C 325 -3.27 49.53 -32.40
N GLY C 326 -3.38 50.51 -31.49
CA GLY C 326 -3.26 50.25 -30.06
C GLY C 326 -3.87 51.36 -29.23
N TRP C 327 -3.21 51.71 -28.14
CA TRP C 327 -3.62 52.78 -27.25
C TRP C 327 -2.93 54.10 -27.62
N VAL C 328 -3.26 55.16 -26.90
CA VAL C 328 -2.72 56.49 -27.19
C VAL C 328 -1.62 56.90 -26.20
N GLY C 329 -0.46 57.27 -26.75
CA GLY C 329 0.70 57.66 -25.97
C GLY C 329 1.54 56.47 -25.55
N ARG C 330 2.66 56.73 -24.89
CA ARG C 330 3.49 55.64 -24.35
C ARG C 330 2.80 55.00 -23.15
N PHE C 331 2.40 55.82 -22.19
CA PHE C 331 1.56 55.40 -21.07
C PHE C 331 0.36 56.32 -20.97
N ARG C 332 0.45 57.46 -21.66
CA ARG C 332 -0.64 58.44 -21.72
C ARG C 332 -0.31 59.45 -22.82
N PRO C 333 -1.33 60.13 -23.36
CA PRO C 333 -1.08 61.20 -24.31
C PRO C 333 0.00 62.17 -23.81
N SER C 334 0.88 62.57 -24.71
CA SER C 334 2.00 63.44 -24.37
C SER C 334 1.59 64.87 -24.06
N GLU C 335 2.39 65.53 -23.22
CA GLU C 335 2.16 66.93 -22.83
C GLU C 335 2.58 67.90 -23.94
N PRO C 336 1.75 68.96 -24.18
CA PRO C 336 2.12 69.98 -25.15
C PRO C 336 3.06 71.05 -24.57
N HIS C 337 3.86 71.64 -25.44
CA HIS C 337 4.84 72.67 -25.06
C HIS C 337 4.56 73.92 -25.86
N PHE C 338 4.04 74.94 -25.18
CA PHE C 338 3.52 76.13 -25.84
C PHE C 338 4.54 77.23 -26.06
N THR C 339 4.48 77.84 -27.24
CA THR C 339 5.26 79.03 -27.55
C THR C 339 4.77 80.21 -26.72
N LEU C 340 5.63 81.22 -26.58
CA LEU C 340 5.38 82.36 -25.68
C LEU C 340 3.97 82.97 -25.78
N ASP C 341 3.48 83.16 -27.00
CA ASP C 341 2.16 83.76 -27.21
C ASP C 341 0.98 82.87 -26.80
N GLY C 342 1.16 81.55 -26.89
CA GLY C 342 0.10 80.59 -26.56
C GLY C 342 -0.78 80.23 -27.74
N ASN C 343 -0.26 80.61 -28.97
CA ASN C 343 -1.00 80.35 -30.20
C ASN C 343 -0.51 79.10 -30.94
N SER C 344 0.52 78.44 -30.38
CA SER C 344 1.12 77.27 -31.00
C SER C 344 1.79 76.36 -29.97
N PHE C 345 1.78 75.05 -30.23
CA PHE C 345 2.41 74.08 -29.34
C PHE C 345 3.04 72.88 -30.05
N TYR C 346 4.11 72.38 -29.45
CA TYR C 346 4.79 71.18 -29.91
C TYR C 346 4.46 70.06 -28.94
N LYS C 347 3.97 68.93 -29.47
CA LYS C 347 3.87 67.71 -28.68
C LYS C 347 4.15 66.46 -29.51
N ILE C 348 4.74 65.47 -28.84
CA ILE C 348 5.17 64.21 -29.45
C ILE C 348 3.95 63.33 -29.72
N ILE C 349 3.81 62.91 -30.98
CA ILE C 349 2.76 61.98 -31.37
C ILE C 349 3.33 60.89 -32.26
N SER C 350 2.62 59.76 -32.33
CA SER C 350 2.96 58.66 -33.22
C SER C 350 2.66 59.06 -34.67
N ASN C 351 3.69 59.06 -35.53
CA ASN C 351 3.52 59.46 -36.92
C ASN C 351 2.89 58.37 -37.81
N GLU C 352 2.81 58.65 -39.11
CA GLU C 352 2.19 57.72 -40.06
C GLU C 352 2.80 56.32 -40.04
N GLU C 353 4.13 56.24 -39.85
CA GLU C 353 4.85 54.97 -39.79
C GLU C 353 5.09 54.45 -38.37
N GLY C 354 4.29 54.92 -37.42
CA GLY C 354 4.30 54.40 -36.04
C GLY C 354 5.34 54.97 -35.08
N TYR C 355 6.25 55.79 -35.61
CA TYR C 355 7.32 56.37 -34.80
C TYR C 355 6.89 57.67 -34.15
N ARG C 356 7.33 57.86 -32.91
CA ARG C 356 6.93 59.02 -32.12
C ARG C 356 7.85 60.20 -32.34
N HIS C 357 7.27 61.25 -32.93
CA HIS C 357 8.00 62.45 -33.31
C HIS C 357 7.24 63.72 -32.94
N ILE C 358 7.97 64.83 -32.92
CA ILE C 358 7.41 66.13 -32.53
C ILE C 358 6.61 66.74 -33.67
N CYS C 359 5.33 67.01 -33.39
CA CYS C 359 4.46 67.70 -34.34
C CYS C 359 4.29 69.15 -33.92
N TYR C 360 4.17 70.04 -34.91
CA TYR C 360 3.93 71.45 -34.69
C TYR C 360 2.47 71.78 -34.99
N PHE C 361 1.73 72.14 -33.96
CA PHE C 361 0.31 72.43 -34.07
C PHE C 361 0.04 73.93 -34.05
N GLN C 362 -0.92 74.35 -34.84
CA GLN C 362 -1.52 75.66 -34.65
C GLN C 362 -2.76 75.47 -33.80
N ILE C 363 -3.03 76.45 -32.94
CA ILE C 363 -4.17 76.42 -32.03
C ILE C 363 -5.50 76.30 -32.78
N ASP C 364 -5.54 76.91 -33.97
CA ASP C 364 -6.78 77.10 -34.74
C ASP C 364 -7.06 76.02 -35.78
N LYS C 365 -6.13 75.81 -36.72
CA LYS C 365 -6.20 74.70 -37.67
C LYS C 365 -5.96 73.39 -36.93
N LYS C 366 -6.30 72.26 -37.55
CA LYS C 366 -6.11 70.95 -36.92
C LYS C 366 -4.79 70.27 -37.34
N ASP C 367 -4.73 69.81 -38.59
CA ASP C 367 -3.55 69.15 -39.17
C ASP C 367 -2.23 69.80 -38.73
N CYS C 368 -1.38 69.03 -38.06
CA CYS C 368 -0.05 69.51 -37.71
C CYS C 368 0.99 69.19 -38.78
N THR C 369 2.23 69.59 -38.52
CA THR C 369 3.36 69.22 -39.36
C THR C 369 4.52 68.68 -38.50
N PHE C 370 5.01 67.49 -38.87
CA PHE C 370 6.10 66.85 -38.15
C PHE C 370 7.43 67.58 -38.33
N ILE C 371 8.03 68.01 -37.22
CA ILE C 371 9.33 68.68 -37.28
C ILE C 371 10.49 67.68 -37.28
N THR C 372 10.20 66.44 -36.89
CA THR C 372 11.17 65.33 -36.94
C THR C 372 10.57 64.07 -37.59
N LYS C 373 11.43 63.26 -38.21
CA LYS C 373 11.04 61.95 -38.76
C LYS C 373 12.20 60.93 -38.74
N GLY C 374 11.90 59.67 -39.04
CA GLY C 374 12.92 58.62 -39.13
C GLY C 374 12.57 57.36 -38.34
N THR C 375 13.39 56.31 -38.49
CA THR C 375 13.21 55.08 -37.73
C THR C 375 13.87 55.18 -36.35
N TRP C 376 13.36 56.09 -35.54
CA TRP C 376 13.76 56.31 -34.17
C TRP C 376 12.65 57.13 -33.50
N GLU C 377 12.83 57.47 -32.22
CA GLU C 377 11.77 58.17 -31.49
C GLU C 377 12.28 59.34 -30.66
N VAL C 378 11.46 60.38 -30.59
CA VAL C 378 11.66 61.43 -29.61
C VAL C 378 11.17 60.91 -28.26
N ILE C 379 12.00 61.05 -27.23
CA ILE C 379 11.64 60.57 -25.89
C ILE C 379 10.91 61.63 -25.09
N GLY C 380 11.25 62.91 -25.31
CA GLY C 380 10.65 64.00 -24.58
C GLY C 380 11.15 65.36 -25.02
N ILE C 381 10.23 66.31 -25.13
CA ILE C 381 10.55 67.71 -25.41
C ILE C 381 11.01 68.35 -24.11
N GLU C 382 12.21 68.90 -24.10
CA GLU C 382 12.81 69.38 -22.85
C GLU C 382 12.73 70.89 -22.66
N ALA C 383 13.13 71.65 -23.68
CA ALA C 383 13.04 73.10 -23.60
C ALA C 383 12.41 73.69 -24.85
N LEU C 384 11.93 74.92 -24.72
CA LEU C 384 11.45 75.69 -25.86
C LEU C 384 11.78 77.16 -25.63
N THR C 385 12.64 77.70 -26.48
CA THR C 385 12.86 79.15 -26.54
C THR C 385 12.28 79.68 -27.84
N SER C 386 12.14 80.99 -27.95
CA SER C 386 11.60 81.59 -29.17
C SER C 386 12.56 81.48 -30.36
N ASP C 387 13.57 80.61 -30.22
CA ASP C 387 14.58 80.36 -31.26
C ASP C 387 14.78 78.86 -31.52
N TYR C 388 14.89 78.08 -30.45
CA TYR C 388 15.18 76.64 -30.56
C TYR C 388 14.20 75.74 -29.81
N LEU C 389 14.18 74.48 -30.22
CA LEU C 389 13.51 73.41 -29.50
C LEU C 389 14.58 72.41 -29.08
N TYR C 390 14.54 72.02 -27.81
CA TYR C 390 15.50 71.07 -27.26
C TYR C 390 14.75 69.79 -26.86
N TYR C 391 15.19 68.66 -27.41
CA TYR C 391 14.55 67.37 -27.17
C TYR C 391 15.57 66.25 -26.97
N ILE C 392 15.11 65.16 -26.38
CA ILE C 392 15.92 63.96 -26.21
C ILE C 392 15.38 62.84 -27.09
N SER C 393 16.28 62.15 -27.78
CA SER C 393 15.90 61.06 -28.68
C SER C 393 16.91 59.92 -28.66
N ASN C 394 16.50 58.79 -29.26
CA ASN C 394 17.36 57.61 -29.36
C ASN C 394 17.90 57.38 -30.78
N GLU C 395 18.13 58.47 -31.51
CA GLU C 395 18.58 58.42 -32.91
C GLU C 395 20.05 58.01 -33.06
N TYR C 396 20.92 58.56 -32.21
CA TYR C 396 22.37 58.32 -32.32
C TYR C 396 22.73 56.85 -32.45
N LYS C 397 23.37 56.52 -33.56
CA LYS C 397 23.84 55.17 -33.88
C LYS C 397 22.74 54.11 -33.98
N GLY C 398 21.49 54.58 -34.10
CA GLY C 398 20.33 53.71 -34.29
C GLY C 398 20.09 52.81 -33.10
N MET C 399 20.42 53.33 -31.91
CA MET C 399 20.32 52.57 -30.67
C MET C 399 19.11 53.06 -29.89
N PRO C 400 18.04 52.24 -29.82
CA PRO C 400 16.82 52.60 -29.11
C PRO C 400 17.06 52.80 -27.62
N GLY C 401 18.12 52.18 -27.09
CA GLY C 401 18.48 52.27 -25.68
C GLY C 401 19.48 53.35 -25.34
N GLY C 402 19.67 54.28 -26.28
CA GLY C 402 20.55 55.42 -26.08
C GLY C 402 19.71 56.67 -25.90
N ARG C 403 20.27 57.68 -25.23
CA ARG C 403 19.59 58.96 -25.06
C ARG C 403 20.59 60.08 -25.33
N ASN C 404 20.16 61.06 -26.13
CA ASN C 404 20.97 62.24 -26.39
C ASN C 404 20.10 63.47 -26.53
N LEU C 405 20.67 64.62 -26.14
CA LEU C 405 20.00 65.90 -26.26
C LEU C 405 20.25 66.52 -27.63
N TYR C 406 19.17 66.75 -28.38
CA TYR C 406 19.23 67.40 -29.68
C TYR C 406 18.58 68.78 -29.61
N LYS C 407 19.12 69.70 -30.42
CA LYS C 407 18.61 71.06 -30.53
C LYS C 407 18.18 71.29 -31.98
N ILE C 408 16.90 71.64 -32.16
CA ILE C 408 16.35 71.89 -33.50
C ILE C 408 15.94 73.36 -33.71
N GLN C 409 16.45 73.97 -34.78
CA GLN C 409 16.15 75.37 -35.10
C GLN C 409 14.72 75.55 -35.62
N LEU C 410 13.98 76.43 -34.95
CA LEU C 410 12.59 76.72 -35.30
C LEU C 410 12.42 77.56 -36.57
N SER C 411 13.53 78.05 -37.11
CA SER C 411 13.50 78.78 -38.38
C SER C 411 13.85 77.87 -39.56
N ASP C 412 14.45 76.72 -39.27
CA ASP C 412 14.83 75.74 -40.30
C ASP C 412 14.97 74.36 -39.67
N TYR C 413 14.00 73.49 -39.96
CA TYR C 413 13.87 72.17 -39.31
C TYR C 413 14.95 71.15 -39.69
N THR C 414 15.63 71.38 -40.81
CA THR C 414 16.74 70.52 -41.23
C THR C 414 18.01 70.82 -40.43
N LYS C 415 18.03 71.97 -39.75
CA LYS C 415 19.14 72.33 -38.87
C LYS C 415 18.94 71.76 -37.46
N VAL C 416 19.26 70.48 -37.31
CA VAL C 416 19.21 69.83 -36.00
C VAL C 416 20.62 69.52 -35.53
N THR C 417 20.97 70.03 -34.35
CA THR C 417 22.27 69.80 -33.75
C THR C 417 22.15 68.86 -32.55
N CYS C 418 22.89 67.76 -32.56
CA CYS C 418 23.00 66.94 -31.36
C CYS C 418 24.01 67.61 -30.43
N LEU C 419 23.58 67.84 -29.19
CA LEU C 419 24.38 68.59 -28.23
C LEU C 419 25.24 67.69 -27.34
N SER C 420 24.83 66.43 -27.19
CA SER C 420 25.46 65.52 -26.25
C SER C 420 26.18 64.32 -26.90
N CYS C 421 25.74 63.92 -28.08
CA CYS C 421 26.28 62.76 -28.81
C CYS C 421 27.81 62.65 -28.75
N GLU C 422 28.48 63.73 -29.17
CA GLU C 422 29.93 63.74 -29.37
C GLU C 422 30.74 64.10 -28.13
N LEU C 423 30.05 64.43 -27.03
CA LEU C 423 30.71 64.90 -25.80
C LEU C 423 31.71 63.89 -25.26
N ASN C 424 31.23 62.66 -25.05
CA ASN C 424 32.08 61.55 -24.69
C ASN C 424 31.46 60.29 -25.27
N PRO C 425 31.94 59.85 -26.45
CA PRO C 425 31.24 58.84 -27.23
C PRO C 425 31.14 57.49 -26.51
N GLU C 426 32.24 57.09 -25.87
CA GLU C 426 32.37 55.74 -25.32
C GLU C 426 31.90 55.65 -23.88
N ARG C 427 32.05 56.74 -23.13
CA ARG C 427 31.58 56.81 -21.75
C ARG C 427 30.09 57.15 -21.65
N CYS C 428 29.61 57.98 -22.58
CA CYS C 428 28.32 58.63 -22.44
C CYS C 428 27.36 58.45 -23.61
N GLN C 429 26.36 57.59 -23.42
CA GLN C 429 25.37 57.32 -24.45
C GLN C 429 23.94 57.45 -23.91
N TYR C 430 23.81 57.88 -22.66
CA TYR C 430 22.49 58.01 -22.05
C TYR C 430 22.36 59.29 -21.23
N TYR C 431 21.76 60.31 -21.83
CA TYR C 431 21.71 61.65 -21.26
C TYR C 431 20.29 62.07 -20.91
N SER C 432 20.17 62.74 -19.76
CA SER C 432 19.00 63.55 -19.42
C SER C 432 19.51 64.98 -19.17
N VAL C 433 18.58 65.94 -19.09
CA VAL C 433 18.96 67.34 -19.08
C VAL C 433 18.09 68.19 -18.15
N SER C 434 18.69 69.25 -17.59
CA SER C 434 17.99 70.17 -16.71
C SER C 434 18.39 71.59 -17.06
N PHE C 435 17.44 72.35 -17.59
CA PHE C 435 17.68 73.73 -17.99
C PHE C 435 17.43 74.72 -16.86
N SER C 436 18.14 75.84 -16.91
CA SER C 436 17.91 76.97 -16.01
C SER C 436 16.56 77.61 -16.32
N LYS C 437 16.11 78.49 -15.42
CA LYS C 437 14.74 79.03 -15.44
C LYS C 437 14.34 79.72 -16.75
N GLU C 438 15.25 79.76 -17.72
CA GLU C 438 14.98 80.30 -19.05
C GLU C 438 15.91 79.67 -20.10
N ALA C 439 16.52 78.55 -19.74
CA ALA C 439 17.39 77.77 -20.63
C ALA C 439 18.65 78.51 -21.10
N LYS C 440 19.29 79.26 -20.20
CA LYS C 440 20.56 79.89 -20.52
C LYS C 440 21.74 79.06 -20.02
N TYR C 441 21.44 78.08 -19.18
CA TYR C 441 22.42 77.12 -18.67
C TYR C 441 21.73 75.78 -18.49
N TYR C 442 22.20 74.75 -19.21
CA TYR C 442 21.69 73.39 -18.99
C TYR C 442 22.71 72.44 -18.38
N GLN C 443 22.24 71.61 -17.46
CA GLN C 443 23.03 70.52 -16.89
C GLN C 443 22.76 69.25 -17.69
N LEU C 444 23.81 68.53 -18.05
CA LEU C 444 23.67 67.24 -18.70
C LEU C 444 24.00 66.11 -17.73
N ARG C 445 23.06 65.18 -17.59
CA ARG C 445 23.27 64.00 -16.76
C ARG C 445 23.55 62.78 -17.63
N CYS C 446 24.77 62.27 -17.54
CA CYS C 446 25.19 61.09 -18.27
C CYS C 446 25.05 59.90 -17.34
N SER C 447 24.17 58.95 -17.69
CA SER C 447 23.91 57.77 -16.84
C SER C 447 24.73 56.54 -17.23
N GLY C 448 25.53 56.65 -18.28
CA GLY C 448 26.34 55.52 -18.74
C GLY C 448 26.57 55.54 -20.24
N PRO C 449 27.21 54.47 -20.78
CA PRO C 449 27.56 53.20 -20.14
C PRO C 449 28.69 53.25 -19.09
N GLY C 450 29.52 54.28 -19.14
CA GLY C 450 30.55 54.49 -18.12
C GLY C 450 29.97 55.01 -16.81
N LEU C 451 30.84 55.37 -15.88
CA LEU C 451 30.41 56.01 -14.64
C LEU C 451 29.67 57.33 -14.93
N PRO C 452 28.52 57.57 -14.27
CA PRO C 452 27.73 58.78 -14.54
C PRO C 452 28.52 60.10 -14.45
N LEU C 453 28.17 61.04 -15.32
CA LEU C 453 28.91 62.27 -15.45
C LEU C 453 27.95 63.45 -15.51
N TYR C 454 28.25 64.46 -14.69
CA TYR C 454 27.42 65.65 -14.57
C TYR C 454 28.23 66.88 -14.98
N THR C 455 27.73 67.57 -16.00
CA THR C 455 28.44 68.71 -16.57
C THR C 455 27.48 69.89 -16.78
N LEU C 456 28.03 71.10 -16.70
CA LEU C 456 27.24 72.33 -16.91
C LEU C 456 27.61 72.99 -18.23
N HIS C 457 26.60 73.36 -18.99
CA HIS C 457 26.80 73.95 -20.31
C HIS C 457 26.02 75.25 -20.47
N SER C 458 26.62 76.20 -21.19
CA SER C 458 25.90 77.38 -21.63
C SER C 458 25.24 77.06 -22.97
N SER C 459 23.96 77.39 -23.10
CA SER C 459 23.21 77.13 -24.32
C SER C 459 23.42 78.24 -25.33
N VAL C 460 24.10 79.30 -24.90
CA VAL C 460 24.46 80.42 -25.78
C VAL C 460 25.42 79.97 -26.88
N ASN C 461 26.52 79.30 -26.50
CA ASN C 461 27.51 78.83 -27.47
C ASN C 461 27.74 77.32 -27.39
N ASP C 462 26.86 76.64 -26.66
CA ASP C 462 26.93 75.18 -26.42
C ASP C 462 28.29 74.69 -25.90
N LYS C 463 28.97 75.55 -25.16
CA LYS C 463 30.28 75.24 -24.61
C LYS C 463 30.18 74.82 -23.15
N GLY C 464 30.88 73.76 -22.79
CA GLY C 464 30.91 73.25 -21.43
C GLY C 464 31.63 74.16 -20.46
N LEU C 465 30.95 74.54 -19.39
CA LEU C 465 31.51 75.39 -18.34
C LEU C 465 32.41 74.58 -17.40
N ARG C 466 31.84 73.61 -16.69
CA ARG C 466 32.61 72.78 -15.76
C ARG C 466 32.04 71.38 -15.54
N VAL C 467 32.88 70.49 -15.02
CA VAL C 467 32.47 69.17 -14.59
C VAL C 467 31.96 69.26 -13.15
N LEU C 468 30.69 68.96 -12.95
CA LEU C 468 30.05 69.04 -11.64
C LEU C 468 30.36 67.82 -10.79
N GLU C 469 30.19 66.64 -11.37
CA GLU C 469 30.58 65.38 -10.76
C GLU C 469 30.97 64.38 -11.87
N ASP C 470 32.12 63.75 -11.71
CA ASP C 470 32.61 62.75 -12.69
C ASP C 470 32.82 61.39 -12.03
N ASN C 471 32.37 61.29 -10.78
CA ASN C 471 32.43 60.04 -10.01
C ASN C 471 33.85 59.47 -9.88
N SER C 472 34.84 60.37 -9.78
CA SER C 472 36.24 59.96 -9.68
C SER C 472 36.52 59.17 -8.40
N ALA C 473 35.80 59.50 -7.33
CA ALA C 473 35.89 58.79 -6.06
C ALA C 473 35.53 57.32 -6.23
N LEU C 474 34.39 57.04 -6.86
CA LEU C 474 33.91 55.67 -7.11
C LEU C 474 34.79 54.91 -8.11
N ASP C 475 35.23 55.61 -9.16
CA ASP C 475 36.16 55.08 -10.16
C ASP C 475 37.39 54.44 -9.51
N LYS C 476 37.90 55.08 -8.46
CA LYS C 476 39.13 54.63 -7.81
C LYS C 476 38.95 53.32 -7.06
N MET C 477 37.90 53.23 -6.24
CA MET C 477 37.68 52.00 -5.46
C MET C 477 37.15 50.82 -6.29
N LEU C 478 36.67 51.11 -7.50
CA LEU C 478 36.21 50.08 -8.45
C LEU C 478 37.34 49.47 -9.30
N GLN C 479 38.52 50.05 -9.21
CA GLN C 479 39.72 49.52 -9.89
C GLN C 479 40.30 48.35 -9.09
N ASN C 480 39.94 48.29 -7.81
CA ASN C 480 40.35 47.22 -6.90
C ASN C 480 39.36 46.04 -6.94
N VAL C 481 38.35 46.17 -7.79
CA VAL C 481 37.24 45.21 -7.85
C VAL C 481 37.11 44.62 -9.25
N GLN C 482 36.82 43.31 -9.31
CA GLN C 482 36.59 42.61 -10.57
C GLN C 482 35.17 42.82 -11.05
N MET C 483 34.99 43.92 -11.78
CA MET C 483 33.67 44.38 -12.18
C MET C 483 33.18 43.68 -13.44
N PRO C 484 31.87 43.40 -13.50
CA PRO C 484 31.32 42.83 -14.73
C PRO C 484 31.31 43.83 -15.88
N SER C 485 31.17 43.34 -17.10
CA SER C 485 30.96 44.20 -18.28
C SER C 485 29.53 44.12 -18.78
N LYS C 486 29.17 45.03 -19.67
CA LYS C 486 27.85 45.04 -20.30
C LYS C 486 27.96 44.99 -21.83
N LYS C 487 27.38 43.95 -22.43
CA LYS C 487 27.16 43.92 -23.88
C LYS C 487 25.74 44.37 -24.22
N LEU C 488 25.62 45.41 -25.04
CA LEU C 488 24.35 45.83 -25.61
C LEU C 488 24.41 45.57 -27.11
N ASP C 489 23.43 44.84 -27.63
CA ASP C 489 23.44 44.47 -29.05
C ASP C 489 22.04 44.01 -29.44
N PHE C 490 21.88 43.58 -30.69
CA PHE C 490 20.60 43.15 -31.20
C PHE C 490 20.69 41.79 -31.87
N ILE C 491 19.55 41.11 -31.95
CA ILE C 491 19.40 39.91 -32.76
C ILE C 491 18.31 40.20 -33.80
N ILE C 492 18.43 39.57 -34.97
CA ILE C 492 17.42 39.72 -36.01
C ILE C 492 16.41 38.59 -35.94
N LEU C 493 15.16 38.96 -35.69
CA LEU C 493 14.04 38.03 -35.64
C LEU C 493 12.99 38.49 -36.64
N ASN C 494 12.83 37.72 -37.72
CA ASN C 494 11.91 38.06 -38.80
C ASN C 494 12.13 39.49 -39.29
N GLU C 495 13.38 39.77 -39.68
CA GLU C 495 13.79 41.07 -40.25
C GLU C 495 13.59 42.29 -39.32
N THR C 496 13.44 42.02 -38.02
CA THR C 496 13.31 43.08 -37.02
C THR C 496 14.48 43.04 -36.05
N LYS C 497 15.01 44.21 -35.70
CA LYS C 497 16.03 44.32 -34.65
C LYS C 497 15.41 44.30 -33.27
N PHE C 498 15.79 43.30 -32.48
CA PHE C 498 15.40 43.24 -31.09
C PHE C 498 16.65 43.29 -30.21
N TRP C 499 16.68 44.27 -29.31
CA TRP C 499 17.86 44.56 -28.52
C TRP C 499 17.88 43.79 -27.20
N TYR C 500 19.07 43.35 -26.82
CA TYR C 500 19.28 42.70 -25.54
C TYR C 500 20.49 43.32 -24.86
N GLN C 501 20.56 43.19 -23.53
CA GLN C 501 21.78 43.51 -22.82
C GLN C 501 22.24 42.32 -22.00
N MET C 502 23.56 42.21 -21.84
CA MET C 502 24.15 41.15 -21.03
C MET C 502 25.14 41.70 -20.03
N ILE C 503 24.88 41.41 -18.76
CA ILE C 503 25.85 41.65 -17.70
C ILE C 503 26.73 40.42 -17.68
N LEU C 504 27.99 40.63 -18.04
CA LEU C 504 28.94 39.57 -18.25
C LEU C 504 29.97 39.55 -17.13
N PRO C 505 30.17 38.38 -16.52
CA PRO C 505 31.17 38.19 -15.47
C PRO C 505 32.56 38.73 -15.85
N PRO C 506 33.36 39.16 -14.86
CA PRO C 506 34.71 39.60 -15.17
C PRO C 506 35.52 38.47 -15.83
N HIS C 507 36.48 38.83 -16.68
CA HIS C 507 37.30 37.84 -17.42
C HIS C 507 36.42 36.91 -18.25
N PHE C 508 35.41 37.48 -18.91
CA PHE C 508 34.43 36.72 -19.70
C PHE C 508 35.11 35.86 -20.77
N ASP C 509 34.87 34.57 -20.69
CA ASP C 509 35.53 33.60 -21.55
C ASP C 509 34.43 32.90 -22.34
N LYS C 510 34.29 33.26 -23.61
CA LYS C 510 33.15 32.75 -24.37
C LYS C 510 33.39 31.35 -24.92
N SER C 511 34.53 30.75 -24.55
CA SER C 511 34.77 29.32 -24.75
C SER C 511 34.21 28.51 -23.58
N LYS C 512 33.81 29.21 -22.52
CA LYS C 512 33.15 28.59 -21.37
C LYS C 512 31.63 28.66 -21.49
N LYS C 513 30.95 27.77 -20.76
CA LYS C 513 29.50 27.76 -20.73
C LYS C 513 29.06 28.25 -19.36
N TYR C 514 28.48 29.45 -19.34
CA TYR C 514 28.02 30.11 -18.10
C TYR C 514 26.53 29.89 -17.83
N PRO C 515 26.14 29.85 -16.54
CA PRO C 515 24.71 29.92 -16.25
C PRO C 515 24.16 31.30 -16.58
N LEU C 516 22.86 31.37 -16.81
CA LEU C 516 22.24 32.57 -17.33
C LEU C 516 20.94 32.83 -16.62
N LEU C 517 20.77 34.09 -16.22
CA LEU C 517 19.54 34.59 -15.65
C LEU C 517 18.92 35.61 -16.60
N LEU C 518 17.73 35.30 -17.10
CA LEU C 518 16.90 36.27 -17.81
C LEU C 518 16.19 37.22 -16.82
N ASP C 519 16.60 38.48 -16.89
CA ASP C 519 16.02 39.56 -16.11
C ASP C 519 14.91 40.20 -16.96
N VAL C 520 13.68 40.09 -16.49
CA VAL C 520 12.54 40.47 -17.32
C VAL C 520 11.63 41.52 -16.69
N TYR C 521 11.23 42.46 -17.54
CA TYR C 521 10.11 43.34 -17.31
C TYR C 521 9.12 43.02 -18.41
N ALA C 522 9.47 43.36 -19.65
CA ALA C 522 8.71 43.00 -20.87
C ALA C 522 7.25 43.50 -20.97
N GLY C 523 6.87 44.41 -20.08
CA GLY C 523 5.59 45.09 -20.17
C GLY C 523 5.55 46.04 -21.34
N PRO C 524 4.35 46.52 -21.71
CA PRO C 524 4.22 47.54 -22.75
C PRO C 524 5.11 48.77 -22.47
N CYS C 525 5.86 49.15 -23.49
CA CYS C 525 6.81 50.26 -23.46
C CYS C 525 7.99 50.09 -22.50
N SER C 526 8.23 48.86 -22.04
CA SER C 526 9.43 48.57 -21.28
C SER C 526 10.69 48.70 -22.14
N GLN C 527 11.76 49.14 -21.51
CA GLN C 527 13.09 49.03 -22.08
C GLN C 527 14.08 48.53 -21.04
N LYS C 528 14.53 47.28 -21.23
CA LYS C 528 15.46 46.62 -20.33
C LYS C 528 16.86 46.49 -20.91
N ALA C 529 17.01 46.76 -22.19
CA ALA C 529 18.33 46.83 -22.83
C ALA C 529 18.63 48.29 -23.13
N ASP C 530 19.63 48.85 -22.46
CA ASP C 530 19.99 50.26 -22.63
C ASP C 530 21.46 50.55 -22.28
N THR C 531 21.82 51.83 -22.33
CA THR C 531 23.20 52.24 -22.09
C THR C 531 23.47 52.70 -20.65
N VAL C 532 22.53 52.45 -19.74
CA VAL C 532 22.67 52.88 -18.34
C VAL C 532 23.65 52.01 -17.54
N PHE C 533 24.63 52.65 -16.90
CA PHE C 533 25.46 52.01 -15.88
C PHE C 533 24.64 51.80 -14.60
N ARG C 534 24.72 50.59 -14.05
CA ARG C 534 23.95 50.22 -12.86
C ARG C 534 24.79 49.41 -11.89
N LEU C 535 24.55 49.61 -10.60
CA LEU C 535 25.12 48.76 -9.58
C LEU C 535 23.94 48.15 -8.85
N ASN C 536 23.69 46.88 -9.14
CA ASN C 536 22.50 46.21 -8.67
C ASN C 536 22.78 44.75 -8.32
N TRP C 537 21.71 43.98 -8.22
CA TRP C 537 21.80 42.58 -7.89
C TRP C 537 22.48 41.80 -9.02
N ALA C 538 22.15 42.15 -10.27
CA ALA C 538 22.83 41.58 -11.44
C ALA C 538 24.34 41.80 -11.41
N THR C 539 24.77 42.97 -10.95
CA THR C 539 26.21 43.27 -10.80
C THR C 539 26.88 42.21 -9.95
N TYR C 540 26.31 41.99 -8.74
CA TYR C 540 26.76 40.98 -7.81
C TYR C 540 26.75 39.59 -8.42
N LEU C 541 25.64 39.26 -9.10
CA LEU C 541 25.46 37.95 -9.71
C LEU C 541 26.55 37.64 -10.72
N ALA C 542 26.92 38.63 -11.53
CA ALA C 542 27.95 38.45 -12.56
C ALA C 542 29.36 38.53 -11.95
N SER C 543 29.55 39.51 -11.07
CA SER C 543 30.86 39.74 -10.43
C SER C 543 31.30 38.57 -9.54
N THR C 544 30.42 38.15 -8.63
CA THR C 544 30.76 37.14 -7.65
C THR C 544 30.37 35.73 -8.15
N GLU C 545 29.13 35.57 -8.58
CA GLU C 545 28.59 34.25 -8.84
C GLU C 545 28.84 33.77 -10.26
N ASN C 546 29.43 34.63 -11.09
CA ASN C 546 29.78 34.29 -12.49
C ASN C 546 28.55 33.87 -13.30
N ILE C 547 27.45 34.58 -13.08
CA ILE C 547 26.22 34.37 -13.80
C ILE C 547 26.06 35.47 -14.85
N ILE C 548 25.69 35.10 -16.06
CA ILE C 548 25.30 36.10 -17.04
C ILE C 548 23.86 36.50 -16.77
N VAL C 549 23.65 37.80 -16.61
CA VAL C 549 22.31 38.34 -16.42
C VAL C 549 21.93 39.13 -17.67
N ALA C 550 20.88 38.67 -18.31
CA ALA C 550 20.48 39.20 -19.60
C ALA C 550 19.05 39.72 -19.54
N SER C 551 18.77 40.71 -20.39
CA SER C 551 17.42 41.19 -20.61
C SER C 551 17.19 41.35 -22.11
N PHE C 552 15.95 41.17 -22.53
CA PHE C 552 15.59 41.22 -23.94
C PHE C 552 14.37 42.11 -24.13
N ASP C 553 14.44 42.98 -25.13
CA ASP C 553 13.32 43.86 -25.47
C ASP C 553 12.62 43.32 -26.71
N GLY C 554 11.60 42.50 -26.48
CA GLY C 554 10.81 41.91 -27.54
C GLY C 554 9.58 42.74 -27.81
N ARG C 555 8.65 42.19 -28.59
CA ARG C 555 7.39 42.85 -28.93
C ARG C 555 6.64 43.35 -27.71
N GLY C 556 6.12 44.57 -27.82
CA GLY C 556 5.53 45.26 -26.68
C GLY C 556 6.47 46.29 -26.08
N SER C 557 7.77 46.09 -26.28
CA SER C 557 8.78 47.01 -25.73
C SER C 557 8.72 48.34 -26.46
N GLY C 558 9.19 49.40 -25.81
CA GLY C 558 8.95 50.74 -26.30
C GLY C 558 10.11 51.33 -27.03
N TYR C 559 9.90 52.55 -27.53
CA TYR C 559 10.93 53.42 -28.13
C TYR C 559 11.47 52.87 -29.47
N GLN C 560 10.71 51.96 -30.09
CA GLN C 560 11.08 51.34 -31.36
C GLN C 560 9.96 51.48 -32.41
N GLY C 561 9.00 52.36 -32.15
CA GLY C 561 7.85 52.52 -33.04
C GLY C 561 6.66 51.64 -32.65
N ASP C 562 5.46 52.09 -33.02
CA ASP C 562 4.21 51.42 -32.65
C ASP C 562 4.08 49.99 -33.15
N LYS C 563 4.81 49.66 -34.23
CA LYS C 563 4.76 48.32 -34.81
C LYS C 563 5.20 47.28 -33.79
N ILE C 564 6.21 47.64 -32.99
CA ILE C 564 6.70 46.77 -31.94
C ILE C 564 5.85 46.92 -30.67
N MET C 565 5.71 48.16 -30.18
CA MET C 565 4.99 48.42 -28.93
C MET C 565 3.54 47.93 -28.94
N HIS C 566 2.81 48.22 -30.02
CA HIS C 566 1.39 47.82 -30.12
C HIS C 566 1.21 46.35 -30.55
N ALA C 567 2.32 45.63 -30.74
CA ALA C 567 2.27 44.21 -31.12
C ALA C 567 1.47 43.33 -30.15
N ILE C 568 1.43 43.73 -28.88
CA ILE C 568 0.66 42.96 -27.89
C ILE C 568 -0.69 43.61 -27.53
N ASN C 569 -1.11 44.59 -28.33
CA ASN C 569 -2.39 45.25 -28.09
C ASN C 569 -3.54 44.25 -27.95
N ARG C 570 -4.27 44.36 -26.84
CA ARG C 570 -5.39 43.47 -26.49
C ARG C 570 -4.94 42.04 -26.24
N ARG C 571 -3.63 41.83 -26.17
CA ARG C 571 -3.05 40.51 -26.26
C ARG C 571 -1.88 40.33 -25.30
N LEU C 572 -2.07 40.76 -24.05
CA LEU C 572 -1.08 40.57 -23.00
C LEU C 572 -0.87 39.09 -22.70
N GLY C 573 0.38 38.73 -22.40
CA GLY C 573 0.76 37.37 -22.09
C GLY C 573 0.87 36.49 -23.31
N THR C 574 1.31 37.06 -24.44
CA THR C 574 1.50 36.27 -25.65
C THR C 574 2.90 36.47 -26.23
N PHE C 575 3.03 37.45 -27.12
CA PHE C 575 4.28 37.74 -27.83
C PHE C 575 5.45 38.17 -26.93
N GLU C 576 5.20 39.04 -25.96
CA GLU C 576 6.24 39.46 -25.00
C GLU C 576 6.74 38.29 -24.14
N VAL C 577 5.83 37.37 -23.84
CA VAL C 577 6.16 36.15 -23.11
C VAL C 577 6.94 35.20 -24.01
N GLU C 578 6.36 34.88 -25.18
CA GLU C 578 7.04 34.06 -26.20
C GLU C 578 8.42 34.61 -26.56
N ASP C 579 8.54 35.93 -26.73
CA ASP C 579 9.80 36.56 -27.11
C ASP C 579 10.90 36.44 -26.06
N GLN C 580 10.51 36.33 -24.78
CA GLN C 580 11.47 36.08 -23.71
C GLN C 580 12.04 34.66 -23.79
N ILE C 581 11.18 33.69 -24.12
CA ILE C 581 11.62 32.32 -24.34
C ILE C 581 12.57 32.24 -25.55
N GLU C 582 12.20 32.88 -26.66
CA GLU C 582 13.03 32.87 -27.86
C GLU C 582 14.39 33.58 -27.64
N ALA C 583 14.39 34.59 -26.77
CA ALA C 583 15.62 35.29 -26.40
C ALA C 583 16.62 34.35 -25.76
N ALA C 584 16.15 33.57 -24.79
CA ALA C 584 16.97 32.56 -24.11
C ALA C 584 17.51 31.49 -25.07
N ARG C 585 16.72 31.10 -26.08
CA ARG C 585 17.18 30.18 -27.13
C ARG C 585 18.33 30.79 -27.93
N GLN C 586 18.25 32.09 -28.18
CA GLN C 586 19.28 32.79 -28.94
C GLN C 586 20.57 32.91 -28.15
N PHE C 587 20.44 33.14 -26.85
CA PHE C 587 21.60 33.21 -25.99
C PHE C 587 22.32 31.86 -25.90
N SER C 588 21.55 30.79 -25.80
CA SER C 588 22.09 29.42 -25.85
C SER C 588 22.80 29.17 -27.17
N LYS C 589 22.19 29.65 -28.25
CA LYS C 589 22.69 29.54 -29.61
C LYS C 589 24.05 30.23 -29.77
N MET C 590 24.29 31.24 -28.93
CA MET C 590 25.53 32.03 -28.92
C MET C 590 26.76 31.24 -28.42
N GLY C 591 26.52 30.11 -27.76
CA GLY C 591 27.60 29.15 -27.45
C GLY C 591 28.30 29.25 -26.10
N PHE C 592 28.12 30.36 -25.39
CA PHE C 592 28.71 30.54 -24.05
C PHE C 592 27.72 30.37 -22.89
N VAL C 593 26.57 29.76 -23.19
CA VAL C 593 25.51 29.57 -22.19
C VAL C 593 25.31 28.08 -21.86
N ASP C 594 25.28 27.78 -20.56
CA ASP C 594 24.87 26.46 -20.10
C ASP C 594 23.34 26.33 -20.20
N ASN C 595 22.90 25.58 -21.21
CA ASN C 595 21.49 25.26 -21.46
C ASN C 595 20.79 24.55 -20.31
N LYS C 596 21.57 23.96 -19.40
CA LYS C 596 21.03 23.21 -18.27
C LYS C 596 20.82 24.14 -17.08
N ARG C 597 21.30 25.36 -17.21
CA ARG C 597 21.20 26.36 -16.15
C ARG C 597 20.78 27.72 -16.69
N ILE C 598 19.51 27.82 -17.08
CA ILE C 598 18.93 29.08 -17.52
C ILE C 598 17.74 29.40 -16.63
N ALA C 599 17.81 30.56 -15.97
CA ALA C 599 16.77 30.97 -15.03
C ALA C 599 16.12 32.25 -15.52
N ILE C 600 15.01 32.61 -14.89
CA ILE C 600 14.27 33.79 -15.27
C ILE C 600 13.70 34.43 -14.02
N TRP C 601 13.77 35.75 -13.93
CA TRP C 601 13.19 36.43 -12.80
C TRP C 601 12.66 37.80 -13.22
N GLY C 602 11.75 38.33 -12.41
CA GLY C 602 11.13 39.59 -12.68
C GLY C 602 10.22 40.01 -11.55
N TRP C 603 9.96 41.29 -11.50
CA TRP C 603 9.11 41.93 -10.53
C TRP C 603 7.97 42.54 -11.32
N SER C 604 6.78 42.59 -10.71
CA SER C 604 5.63 43.31 -11.26
C SER C 604 5.19 42.66 -12.57
N TYR C 605 5.22 43.44 -13.66
CA TYR C 605 4.94 42.87 -14.96
C TYR C 605 5.97 41.79 -15.24
N GLY C 606 7.21 42.02 -14.79
CA GLY C 606 8.28 41.02 -14.89
C GLY C 606 7.93 39.71 -14.20
N GLY C 607 7.24 39.82 -13.07
CA GLY C 607 6.78 38.66 -12.33
C GLY C 607 5.76 37.88 -13.14
N TYR C 608 4.81 38.62 -13.72
CA TYR C 608 3.79 38.02 -14.59
C TYR C 608 4.43 37.26 -15.75
N VAL C 609 5.35 37.91 -16.47
CA VAL C 609 5.99 37.29 -17.62
C VAL C 609 6.84 36.08 -17.20
N THR C 610 7.57 36.24 -16.10
CA THR C 610 8.36 35.13 -15.54
C THR C 610 7.50 33.90 -15.27
N SER C 611 6.34 34.11 -14.65
CA SER C 611 5.44 32.99 -14.34
C SER C 611 4.83 32.39 -15.60
N MET C 612 4.45 33.25 -16.53
CA MET C 612 3.88 32.81 -17.81
C MET C 612 4.89 31.95 -18.58
N VAL C 613 6.15 32.41 -18.61
CA VAL C 613 7.27 31.67 -19.19
C VAL C 613 7.50 30.32 -18.49
N LEU C 614 7.54 30.33 -17.16
CA LEU C 614 7.68 29.10 -16.38
C LEU C 614 6.48 28.16 -16.49
N GLY C 615 5.34 28.67 -16.94
CA GLY C 615 4.15 27.84 -17.19
C GLY C 615 3.88 27.55 -18.65
N SER C 616 4.81 27.93 -19.52
CA SER C 616 4.65 27.75 -20.97
C SER C 616 4.96 26.33 -21.44
N GLY C 617 5.79 25.63 -20.67
CA GLY C 617 6.20 24.27 -21.02
C GLY C 617 7.29 24.20 -22.08
N SER C 618 7.99 25.32 -22.29
CA SER C 618 9.03 25.43 -23.30
C SER C 618 10.21 24.49 -23.03
N GLY C 619 10.52 24.29 -21.75
CA GLY C 619 11.63 23.43 -21.34
C GLY C 619 12.99 24.11 -21.38
N VAL C 620 12.99 25.42 -21.57
CA VAL C 620 14.23 26.21 -21.68
C VAL C 620 14.76 26.56 -20.29
N PHE C 621 13.84 26.86 -19.40
CA PHE C 621 14.18 27.34 -18.07
C PHE C 621 14.10 26.25 -17.04
N LYS C 622 15.13 26.22 -16.18
CA LYS C 622 15.25 25.25 -15.10
C LYS C 622 14.46 25.74 -13.89
N CYS C 623 14.58 27.03 -13.62
CA CYS C 623 13.99 27.64 -12.44
C CYS C 623 13.66 29.11 -12.70
N GLY C 624 12.94 29.72 -11.76
CA GLY C 624 12.64 31.15 -11.81
C GLY C 624 12.00 31.73 -10.57
N ILE C 625 11.97 33.07 -10.53
CA ILE C 625 11.49 33.83 -9.41
C ILE C 625 10.52 34.91 -9.91
N ALA C 626 9.29 34.88 -9.42
CA ALA C 626 8.32 35.92 -9.71
C ALA C 626 8.13 36.73 -8.43
N VAL C 627 8.27 38.05 -8.54
CA VAL C 627 8.09 38.91 -7.37
C VAL C 627 6.90 39.87 -7.59
N ALA C 628 5.96 39.85 -6.64
CA ALA C 628 4.71 40.60 -6.77
C ALA C 628 4.16 40.59 -8.21
N PRO C 629 3.94 39.38 -8.76
CA PRO C 629 3.46 39.27 -10.13
C PRO C 629 1.97 39.49 -10.28
N VAL C 630 1.55 39.98 -11.44
CA VAL C 630 0.15 39.89 -11.82
C VAL C 630 -0.11 38.42 -12.14
N SER C 631 -1.29 37.91 -11.81
CA SER C 631 -1.62 36.50 -12.08
C SER C 631 -2.77 36.35 -13.08
N ARG C 632 -3.74 37.26 -12.98
CA ARG C 632 -4.73 37.46 -14.03
C ARG C 632 -5.05 38.92 -14.05
N TRP C 633 -5.39 39.44 -15.22
CA TRP C 633 -5.51 40.86 -15.42
C TRP C 633 -6.74 41.49 -14.77
N GLU C 634 -7.78 40.68 -14.52
CA GLU C 634 -8.97 41.16 -13.82
C GLU C 634 -8.64 41.63 -12.40
N TYR C 635 -7.48 41.22 -11.86
CA TYR C 635 -7.11 41.57 -10.49
C TYR C 635 -6.36 42.87 -10.41
N TYR C 636 -5.91 43.38 -11.57
CA TYR C 636 -5.06 44.55 -11.60
C TYR C 636 -5.88 45.79 -11.92
N ASP C 637 -5.31 46.98 -11.77
CA ASP C 637 -6.09 48.20 -11.87
C ASP C 637 -6.58 48.49 -13.29
N SER C 638 -7.72 49.17 -13.36
CA SER C 638 -8.38 49.48 -14.61
C SER C 638 -7.52 50.32 -15.56
N VAL C 639 -6.91 51.39 -15.06
CA VAL C 639 -6.21 52.34 -15.93
C VAL C 639 -5.08 51.66 -16.68
N TYR C 640 -4.19 50.98 -15.96
CA TYR C 640 -3.08 50.28 -16.62
C TYR C 640 -3.56 49.14 -17.52
N THR C 641 -4.39 48.27 -16.94
CA THR C 641 -4.79 47.00 -17.57
C THR C 641 -5.58 47.18 -18.84
N GLU C 642 -6.59 48.05 -18.77
CA GLU C 642 -7.56 48.21 -19.84
C GLU C 642 -6.98 48.96 -21.01
N ARG C 643 -5.92 49.72 -20.75
CA ARG C 643 -5.16 50.40 -21.79
C ARG C 643 -4.69 49.40 -22.86
N TYR C 644 -4.29 48.20 -22.41
CA TYR C 644 -3.73 47.17 -23.29
C TYR C 644 -4.72 46.04 -23.55
N MET C 645 -5.61 45.78 -22.59
CA MET C 645 -6.47 44.61 -22.63
C MET C 645 -7.92 44.91 -23.01
N GLY C 646 -8.31 46.17 -23.02
CA GLY C 646 -9.72 46.52 -23.17
C GLY C 646 -10.47 46.14 -21.90
N LEU C 647 -11.73 45.77 -22.04
CA LEU C 647 -12.57 45.43 -20.90
C LEU C 647 -12.80 43.92 -20.83
N PRO C 648 -12.93 43.36 -19.61
CA PRO C 648 -13.20 41.94 -19.46
C PRO C 648 -14.70 41.63 -19.54
N THR C 649 -15.30 41.99 -20.67
CA THR C 649 -16.70 41.71 -20.92
C THR C 649 -16.81 40.80 -22.16
N PRO C 650 -17.84 39.93 -22.19
CA PRO C 650 -18.07 39.04 -23.34
C PRO C 650 -18.09 39.77 -24.68
N GLU C 651 -18.50 41.04 -24.69
CA GLU C 651 -18.56 41.84 -25.92
C GLU C 651 -17.28 42.68 -26.17
N ASP C 652 -16.27 42.51 -25.33
CA ASP C 652 -14.99 43.18 -25.53
C ASP C 652 -13.80 42.23 -25.56
N ASN C 653 -13.20 41.95 -24.40
CA ASN C 653 -11.98 41.12 -24.38
C ASN C 653 -11.88 40.11 -23.24
N LEU C 654 -13.02 39.63 -22.74
CA LEU C 654 -13.06 38.67 -21.63
C LEU C 654 -12.34 37.36 -21.97
N ASP C 655 -12.51 36.91 -23.21
CA ASP C 655 -11.90 35.66 -23.68
C ASP C 655 -10.41 35.61 -23.42
N HIS C 656 -9.70 36.67 -23.82
CA HIS C 656 -8.26 36.71 -23.64
C HIS C 656 -7.83 36.96 -22.20
N TYR C 657 -8.66 37.71 -21.46
CA TYR C 657 -8.48 37.88 -20.02
C TYR C 657 -8.42 36.50 -19.35
N ARG C 658 -9.37 35.65 -19.71
CA ARG C 658 -9.44 34.29 -19.18
C ARG C 658 -8.30 33.40 -19.68
N ASN C 659 -7.82 33.67 -20.90
CA ASN C 659 -6.75 32.90 -21.52
C ASN C 659 -5.34 33.29 -21.09
N SER C 660 -5.17 34.47 -20.51
CA SER C 660 -3.84 35.01 -20.18
C SER C 660 -3.43 34.93 -18.69
N THR C 661 -4.06 34.04 -17.93
CA THR C 661 -3.76 33.92 -16.49
C THR C 661 -2.59 32.96 -16.26
N VAL C 662 -1.85 33.16 -15.17
CA VAL C 662 -0.78 32.20 -14.83
C VAL C 662 -1.35 30.87 -14.27
N MET C 663 -2.47 30.99 -13.55
CA MET C 663 -3.23 29.87 -13.02
C MET C 663 -3.57 28.80 -14.08
N SER C 664 -4.00 29.24 -15.26
CA SER C 664 -4.33 28.31 -16.34
C SER C 664 -3.15 27.41 -16.72
N ARG C 665 -1.94 27.86 -16.39
CA ARG C 665 -0.69 27.19 -16.75
C ARG C 665 -0.08 26.35 -15.63
N ALA C 666 -0.76 26.33 -14.48
CA ALA C 666 -0.28 25.68 -13.24
C ALA C 666 0.42 24.32 -13.45
N GLU C 667 -0.23 23.43 -14.20
CA GLU C 667 0.29 22.07 -14.45
C GLU C 667 1.72 22.08 -15.01
N ASN C 668 2.02 23.08 -15.82
CA ASN C 668 3.30 23.14 -16.53
C ASN C 668 4.46 23.45 -15.62
N PHE C 669 4.15 23.88 -14.40
CA PHE C 669 5.16 24.24 -13.40
C PHE C 669 5.84 23.01 -12.79
N LYS C 670 5.30 21.83 -13.07
CA LYS C 670 5.96 20.57 -12.69
C LYS C 670 7.37 20.41 -13.28
N GLN C 671 7.65 21.13 -14.36
CA GLN C 671 8.94 21.04 -15.06
C GLN C 671 9.99 22.05 -14.56
N VAL C 672 9.58 22.98 -13.69
CA VAL C 672 10.47 24.07 -13.25
C VAL C 672 10.57 24.20 -11.73
N GLU C 673 11.59 24.90 -11.26
CA GLU C 673 11.70 25.30 -9.87
C GLU C 673 11.30 26.76 -9.79
N TYR C 674 10.41 27.06 -8.87
CA TYR C 674 9.71 28.32 -8.87
C TYR C 674 9.73 28.89 -7.48
N LEU C 675 10.05 30.18 -7.39
CA LEU C 675 9.96 30.91 -6.16
C LEU C 675 9.02 32.08 -6.39
N LEU C 676 7.98 32.11 -5.57
CA LEU C 676 6.95 33.13 -5.66
C LEU C 676 7.08 34.03 -4.42
N ILE C 677 7.18 35.34 -4.62
CA ILE C 677 7.40 36.27 -3.49
C ILE C 677 6.41 37.42 -3.58
N HIS C 678 5.86 37.83 -2.44
CA HIS C 678 4.88 38.90 -2.42
C HIS C 678 4.77 39.54 -1.04
N GLY C 679 4.65 40.87 -1.03
CA GLY C 679 4.34 41.64 0.18
C GLY C 679 2.88 41.56 0.52
N THR C 680 2.57 41.43 1.81
CA THR C 680 1.18 41.26 2.24
C THR C 680 0.38 42.58 2.21
N ALA C 681 1.11 43.70 2.28
CA ALA C 681 0.53 45.03 2.26
C ALA C 681 0.73 45.73 0.91
N ASP C 682 0.85 44.91 -0.14
CA ASP C 682 0.93 45.39 -1.52
C ASP C 682 -0.43 45.95 -1.96
N ASP C 683 -0.51 47.28 -2.02
CA ASP C 683 -1.68 48.03 -2.47
C ASP C 683 -1.78 48.02 -3.98
N ASN C 684 -0.67 47.69 -4.64
CA ASN C 684 -0.55 47.82 -6.08
C ASN C 684 -0.96 46.53 -6.78
N VAL C 685 -0.12 45.51 -6.67
CA VAL C 685 -0.42 44.17 -7.09
C VAL C 685 -0.79 43.46 -5.81
N HIS C 686 -2.08 43.20 -5.65
CA HIS C 686 -2.57 42.66 -4.39
C HIS C 686 -2.02 41.29 -4.09
N PHE C 687 -1.72 41.05 -2.82
CA PHE C 687 -1.22 39.75 -2.38
C PHE C 687 -2.09 38.63 -2.98
N GLN C 688 -3.38 38.93 -3.11
CA GLN C 688 -4.38 38.08 -3.80
C GLN C 688 -3.86 37.44 -5.07
N GLN C 689 -3.09 38.19 -5.84
CA GLN C 689 -2.61 37.69 -7.12
C GLN C 689 -1.70 36.46 -6.96
N SER C 690 -0.79 36.51 -5.99
CA SER C 690 0.10 35.39 -5.68
C SER C 690 -0.61 34.28 -4.90
N ALA C 691 -1.54 34.69 -4.03
CA ALA C 691 -2.41 33.75 -3.31
C ALA C 691 -3.19 32.86 -4.28
N GLN C 692 -3.59 33.43 -5.41
CA GLN C 692 -4.30 32.67 -6.42
C GLN C 692 -3.36 31.81 -7.24
N ILE C 693 -2.13 32.25 -7.40
CA ILE C 693 -1.11 31.42 -8.06
C ILE C 693 -0.80 30.19 -7.21
N SER C 694 -0.61 30.40 -5.91
CA SER C 694 -0.22 29.32 -5.01
C SER C 694 -1.33 28.29 -4.90
N LYS C 695 -2.56 28.76 -4.73
CA LYS C 695 -3.69 27.84 -4.68
C LYS C 695 -3.77 26.94 -5.95
N ALA C 696 -3.52 27.51 -7.13
CA ALA C 696 -3.55 26.71 -8.36
C ALA C 696 -2.43 25.68 -8.45
N LEU C 697 -1.25 26.04 -7.97
CA LEU C 697 -0.12 25.12 -7.98
C LEU C 697 -0.38 23.95 -7.02
N VAL C 698 -0.89 24.30 -5.85
CA VAL C 698 -1.33 23.32 -4.84
C VAL C 698 -2.41 22.37 -5.40
N ASP C 699 -3.42 22.94 -6.05
CA ASP C 699 -4.51 22.14 -6.66
C ASP C 699 -4.07 21.18 -7.78
N VAL C 700 -2.98 21.50 -8.48
CA VAL C 700 -2.43 20.56 -9.48
C VAL C 700 -1.28 19.68 -8.97
N GLY C 701 -0.81 19.90 -7.74
CA GLY C 701 0.21 19.06 -7.12
C GLY C 701 1.65 19.47 -7.41
N VAL C 702 1.87 20.73 -7.77
CA VAL C 702 3.23 21.17 -8.02
C VAL C 702 3.84 21.85 -6.79
N ASP C 703 4.97 21.32 -6.37
CA ASP C 703 5.74 21.92 -5.31
C ASP C 703 6.49 23.12 -5.87
N PHE C 704 6.71 24.11 -5.02
CA PHE C 704 7.36 25.36 -5.37
C PHE C 704 7.79 26.05 -4.08
N GLN C 705 8.57 27.11 -4.19
CA GLN C 705 9.01 27.87 -3.01
C GLN C 705 8.21 29.15 -2.93
N ALA C 706 7.98 29.61 -1.70
CA ALA C 706 7.24 30.83 -1.45
C ALA C 706 7.91 31.65 -0.35
N MET C 707 7.70 32.94 -0.42
CA MET C 707 8.07 33.85 0.66
C MET C 707 7.08 34.99 0.64
N TRP C 708 6.35 35.16 1.73
CA TRP C 708 5.56 36.36 1.91
C TRP C 708 6.42 37.34 2.69
N TYR C 709 6.17 38.63 2.48
CA TYR C 709 6.81 39.68 3.27
C TYR C 709 5.75 40.44 4.04
N THR C 710 5.71 40.21 5.35
CA THR C 710 4.72 40.81 6.23
C THR C 710 4.77 42.32 6.20
N ASP C 711 3.67 42.92 5.75
CA ASP C 711 3.49 44.39 5.77
C ASP C 711 4.34 45.16 4.75
N GLU C 712 4.93 44.43 3.79
CA GLU C 712 5.69 45.06 2.72
C GLU C 712 4.76 45.37 1.57
N ASP C 713 5.03 46.46 0.87
CA ASP C 713 4.22 46.79 -0.28
C ASP C 713 4.93 46.37 -1.57
N HIS C 714 4.56 47.00 -2.68
CA HIS C 714 5.06 46.58 -4.00
C HIS C 714 6.57 46.77 -4.15
N GLY C 715 7.09 47.70 -3.37
CA GLY C 715 8.53 47.96 -3.35
C GLY C 715 9.34 46.91 -2.62
N ILE C 716 8.72 46.23 -1.64
CA ILE C 716 9.43 45.38 -0.64
C ILE C 716 10.74 46.07 -0.28
N ALA C 717 10.61 47.33 0.11
CA ALA C 717 11.71 48.28 0.12
C ALA C 717 12.18 48.77 1.50
N SER C 718 11.53 48.32 2.59
CA SER C 718 12.09 48.49 3.93
C SER C 718 13.50 47.94 3.90
N SER C 719 14.39 48.58 4.65
CA SER C 719 15.80 48.21 4.63
C SER C 719 16.00 46.72 4.89
N THR C 720 15.38 46.20 5.95
CA THR C 720 15.54 44.80 6.31
C THR C 720 14.86 43.85 5.31
N ALA C 721 13.70 44.20 4.79
CA ALA C 721 13.04 43.32 3.79
C ALA C 721 13.76 43.33 2.44
N HIS C 722 14.27 44.50 2.03
CA HIS C 722 15.06 44.62 0.81
C HIS C 722 16.28 43.69 0.87
N GLN C 723 16.98 43.69 1.99
CA GLN C 723 18.14 42.80 2.17
C GLN C 723 17.72 41.33 2.19
N HIS C 724 16.61 41.05 2.85
CA HIS C 724 16.12 39.68 3.02
C HIS C 724 15.68 39.06 1.69
N ILE C 725 14.88 39.79 0.89
CA ILE C 725 14.45 39.25 -0.40
C ILE C 725 15.63 38.91 -1.32
N TYR C 726 16.60 39.82 -1.44
CA TYR C 726 17.73 39.60 -2.34
C TYR C 726 18.65 38.50 -1.83
N THR C 727 18.73 38.36 -0.51
CA THR C 727 19.46 37.25 0.11
C THR C 727 18.75 35.92 -0.15
N HIS C 728 17.42 35.92 -0.04
CA HIS C 728 16.63 34.74 -0.29
C HIS C 728 16.74 34.33 -1.76
N MET C 729 16.75 35.31 -2.65
CA MET C 729 16.74 35.05 -4.09
C MET C 729 18.10 34.56 -4.55
N SER C 730 19.15 35.10 -3.93
CA SER C 730 20.51 34.66 -4.13
C SER C 730 20.67 33.18 -3.83
N HIS C 731 20.21 32.75 -2.65
CA HIS C 731 20.28 31.33 -2.27
C HIS C 731 19.52 30.48 -3.27
N PHE C 732 18.35 30.96 -3.68
CA PHE C 732 17.53 30.24 -4.64
C PHE C 732 18.26 30.07 -5.97
N ILE C 733 18.81 31.16 -6.50
CA ILE C 733 19.49 31.13 -7.80
C ILE C 733 20.75 30.27 -7.75
N LYS C 734 21.53 30.42 -6.68
CA LYS C 734 22.77 29.65 -6.51
C LYS C 734 22.51 28.15 -6.40
N GLN C 735 21.47 27.79 -5.64
CA GLN C 735 21.09 26.39 -5.47
C GLN C 735 20.62 25.78 -6.79
N CYS C 736 19.73 26.49 -7.49
CA CYS C 736 19.27 26.12 -8.82
C CYS C 736 20.44 25.90 -9.81
N PHE C 737 21.47 26.74 -9.71
CA PHE C 737 22.63 26.70 -10.60
C PHE C 737 23.74 25.81 -10.05
N SER C 738 23.50 25.22 -8.89
CA SER C 738 24.49 24.36 -8.22
C SER C 738 25.76 25.15 -7.87
N LEU C 739 25.58 26.37 -7.38
CA LEU C 739 26.69 27.26 -7.01
C LEU C 739 26.96 27.18 -5.51
N PRO C 740 28.16 26.72 -5.12
CA PRO C 740 28.47 26.44 -3.71
C PRO C 740 28.88 27.68 -2.91
N ARG D 14 9.37 -6.18 -0.37
CA ARG D 14 10.54 -5.26 -0.57
C ARG D 14 10.21 -3.78 -0.40
N LYS D 15 8.99 -3.40 -0.79
CA LYS D 15 8.56 -2.01 -0.80
C LYS D 15 8.50 -1.40 0.61
N THR D 16 8.57 -0.08 0.66
CA THR D 16 8.42 0.65 1.92
C THR D 16 7.08 1.36 1.93
N TYR D 17 6.68 1.82 3.11
CA TYR D 17 5.53 2.71 3.24
C TYR D 17 5.93 4.12 2.75
N THR D 18 5.47 4.48 1.55
CA THR D 18 5.89 5.73 0.88
C THR D 18 5.06 6.95 1.29
N LEU D 19 5.51 8.12 0.84
CA LEU D 19 4.77 9.34 1.01
C LEU D 19 3.47 9.24 0.24
N THR D 20 3.56 8.71 -0.98
CA THR D 20 2.40 8.52 -1.85
C THR D 20 1.38 7.58 -1.21
N ASP D 21 1.86 6.57 -0.47
CA ASP D 21 0.96 5.68 0.28
C ASP D 21 0.20 6.45 1.34
N TYR D 22 0.92 7.27 2.10
CA TYR D 22 0.31 8.09 3.14
C TYR D 22 -0.67 9.09 2.54
N LEU D 23 -0.23 9.78 1.49
CA LEU D 23 -1.05 10.84 0.90
C LEU D 23 -2.27 10.35 0.12
N LYS D 24 -2.17 9.13 -0.43
CA LYS D 24 -3.22 8.58 -1.28
C LYS D 24 -4.07 7.57 -0.53
N ASN D 25 -3.65 7.21 0.69
CA ASN D 25 -4.38 6.27 1.56
C ASN D 25 -4.43 4.87 0.95
N THR D 26 -3.26 4.38 0.58
CA THR D 26 -3.09 3.08 -0.07
C THR D 26 -3.46 1.97 0.90
N TYR D 27 -2.97 2.11 2.13
CA TYR D 27 -3.22 1.13 3.18
C TYR D 27 -4.24 1.69 4.18
N ARG D 28 -5.52 1.43 3.91
CA ARG D 28 -6.60 1.99 4.70
C ARG D 28 -6.83 1.24 6.01
N LEU D 29 -7.13 2.00 7.04
CA LEU D 29 -7.54 1.46 8.32
C LEU D 29 -9.06 1.25 8.26
N LYS D 30 -9.52 0.06 8.62
CA LYS D 30 -10.95 -0.22 8.70
C LYS D 30 -11.50 0.11 10.08
N LEU D 31 -12.65 0.77 10.09
CA LEU D 31 -13.34 1.12 11.33
C LEU D 31 -14.55 0.20 11.47
N TYR D 32 -15.27 0.36 12.56
CA TYR D 32 -16.58 -0.24 12.72
C TYR D 32 -17.46 0.69 13.54
N SER D 33 -18.06 1.65 12.85
CA SER D 33 -18.90 2.65 13.49
C SER D 33 -20.35 2.19 13.57
N LEU D 34 -20.91 2.25 14.78
CA LEU D 34 -22.26 1.79 15.04
C LEU D 34 -22.99 2.78 15.95
N ARG D 35 -24.33 2.76 15.87
CA ARG D 35 -25.15 3.61 16.71
C ARG D 35 -26.16 2.75 17.45
N TRP D 36 -26.01 2.67 18.77
CA TRP D 36 -26.98 2.00 19.62
C TRP D 36 -28.33 2.73 19.56
N ILE D 37 -29.42 1.96 19.45
CA ILE D 37 -30.77 2.54 19.36
C ILE D 37 -31.68 2.01 20.46
N SER D 38 -31.21 0.97 21.13
CA SER D 38 -31.87 0.36 22.28
C SER D 38 -30.78 -0.24 23.16
N ASP D 39 -31.18 -1.07 24.11
CA ASP D 39 -30.22 -1.71 25.01
C ASP D 39 -29.53 -2.92 24.38
N HIS D 40 -29.98 -3.34 23.21
CA HIS D 40 -29.45 -4.56 22.58
C HIS D 40 -29.44 -4.51 21.05
N GLU D 41 -29.63 -3.32 20.49
CA GLU D 41 -29.59 -3.14 19.04
C GLU D 41 -28.80 -1.91 18.60
N TYR D 42 -28.11 -2.05 17.47
CA TYR D 42 -27.37 -0.95 16.87
C TYR D 42 -27.47 -0.93 15.35
N LEU D 43 -27.30 0.26 14.77
CA LEU D 43 -27.29 0.43 13.32
C LEU D 43 -25.86 0.45 12.79
N TYR D 44 -25.67 -0.16 11.62
CA TYR D 44 -24.34 -0.18 10.97
C TYR D 44 -24.47 -0.08 9.44
N LYS D 45 -23.43 0.43 8.80
CA LYS D 45 -23.45 0.71 7.35
C LYS D 45 -22.56 -0.26 6.55
N GLN D 46 -23.18 -1.13 5.76
CA GLN D 46 -22.45 -2.04 4.85
C GLN D 46 -22.24 -1.40 3.47
N GLU D 47 -22.90 -1.91 2.44
CA GLU D 47 -22.84 -1.29 1.10
C GLU D 47 -23.89 -0.19 0.98
N ASN D 48 -23.63 0.94 1.63
CA ASN D 48 -24.55 2.08 1.67
C ASN D 48 -25.91 1.77 2.32
N ASN D 49 -26.11 0.51 2.66
CA ASN D 49 -27.36 0.04 3.26
C ASN D 49 -27.25 0.00 4.78
N ILE D 50 -28.22 0.60 5.45
CA ILE D 50 -28.24 0.65 6.92
C ILE D 50 -28.95 -0.58 7.48
N LEU D 51 -28.20 -1.39 8.23
CA LEU D 51 -28.74 -2.59 8.88
C LEU D 51 -28.83 -2.39 10.38
N VAL D 52 -29.82 -3.02 11.00
CA VAL D 52 -29.92 -3.06 12.45
C VAL D 52 -29.50 -4.45 12.96
N PHE D 53 -28.40 -4.49 13.70
CA PHE D 53 -27.86 -5.74 14.21
C PHE D 53 -28.42 -6.05 15.59
N ASN D 54 -28.69 -7.34 15.81
CA ASN D 54 -29.08 -7.81 17.14
C ASN D 54 -27.82 -8.25 17.88
N ALA D 55 -27.38 -7.38 18.79
CA ALA D 55 -26.12 -7.55 19.53
C ALA D 55 -26.02 -8.88 20.28
N GLU D 56 -27.17 -9.42 20.65
CA GLU D 56 -27.26 -10.65 21.41
C GLU D 56 -26.89 -11.88 20.56
N TYR D 57 -27.34 -11.90 19.30
CA TYR D 57 -27.24 -13.08 18.45
C TYR D 57 -26.35 -12.88 17.23
N GLY D 58 -26.70 -11.90 16.41
CA GLY D 58 -25.93 -11.60 15.19
C GLY D 58 -26.79 -11.40 13.96
N ASN D 59 -28.06 -11.80 14.04
CA ASN D 59 -28.99 -11.60 12.94
C ASN D 59 -29.34 -10.12 12.74
N SER D 60 -29.21 -9.66 11.49
CA SER D 60 -29.52 -8.29 11.14
C SER D 60 -30.52 -8.21 10.01
N SER D 61 -31.45 -7.25 10.11
CA SER D 61 -32.38 -6.96 9.03
C SER D 61 -31.96 -5.68 8.34
N VAL D 62 -32.31 -5.55 7.06
CA VAL D 62 -32.03 -4.33 6.32
C VAL D 62 -33.05 -3.27 6.74
N PHE D 63 -32.58 -2.27 7.49
CA PHE D 63 -33.44 -1.25 8.07
C PHE D 63 -33.78 -0.14 7.07
N LEU D 64 -32.80 0.22 6.24
CA LEU D 64 -32.95 1.27 5.24
C LEU D 64 -31.93 1.05 4.13
N GLU D 65 -32.32 0.32 3.10
CA GLU D 65 -31.48 0.08 1.92
C GLU D 65 -31.37 1.33 1.04
N ASN D 66 -30.20 1.55 0.45
CA ASN D 66 -29.98 2.72 -0.39
C ASN D 66 -30.58 2.59 -1.80
N SER D 67 -31.66 1.82 -1.87
CA SER D 67 -32.56 1.83 -3.02
C SER D 67 -33.76 2.71 -2.65
N THR D 68 -33.56 3.59 -1.67
CA THR D 68 -34.59 4.48 -1.16
C THR D 68 -34.42 5.88 -1.73
N PHE D 69 -33.24 6.45 -1.51
CA PHE D 69 -33.00 7.86 -1.81
C PHE D 69 -32.25 8.09 -3.12
N ASP D 70 -32.22 7.07 -3.98
CA ASP D 70 -31.57 7.17 -5.30
C ASP D 70 -32.02 8.43 -6.06
N GLU D 71 -33.33 8.72 -6.00
CA GLU D 71 -33.88 9.96 -6.55
C GLU D 71 -34.36 10.91 -5.46
N PHE D 72 -33.47 11.21 -4.51
CA PHE D 72 -33.69 12.23 -3.51
C PHE D 72 -33.41 13.60 -4.12
N GLY D 73 -32.39 13.65 -4.99
CA GLY D 73 -32.03 14.87 -5.70
C GLY D 73 -30.85 15.59 -5.08
N HIS D 74 -30.45 15.14 -3.89
CA HIS D 74 -29.34 15.73 -3.15
C HIS D 74 -28.44 14.65 -2.57
N SER D 75 -27.15 14.98 -2.41
CA SER D 75 -26.20 14.08 -1.76
C SER D 75 -26.39 14.15 -0.24
N ILE D 76 -26.84 13.04 0.35
CA ILE D 76 -27.04 12.98 1.78
C ILE D 76 -25.69 12.85 2.50
N ASN D 77 -25.35 13.88 3.26
CA ASN D 77 -24.10 13.90 4.01
C ASN D 77 -24.17 13.03 5.27
N ASP D 78 -25.31 13.08 5.95
CA ASP D 78 -25.49 12.37 7.22
C ASP D 78 -26.97 12.12 7.49
N TYR D 79 -27.25 11.20 8.41
CA TYR D 79 -28.62 10.89 8.79
C TYR D 79 -28.75 10.82 10.32
N SER D 80 -29.98 10.95 10.81
CA SER D 80 -30.26 10.89 12.24
C SER D 80 -31.67 10.35 12.46
N ILE D 81 -31.75 9.11 12.94
CA ILE D 81 -33.04 8.48 13.20
C ILE D 81 -33.53 8.91 14.58
N SER D 82 -34.82 9.25 14.66
CA SER D 82 -35.45 9.60 15.93
C SER D 82 -35.38 8.41 16.90
N PRO D 83 -35.30 8.69 18.22
CA PRO D 83 -35.14 7.63 19.23
C PRO D 83 -36.23 6.55 19.23
N ASP D 84 -37.46 6.92 18.83
CA ASP D 84 -38.54 5.94 18.74
C ASP D 84 -38.60 5.23 17.38
N GLY D 85 -37.68 5.59 16.49
CA GLY D 85 -37.47 4.90 15.22
C GLY D 85 -38.50 5.11 14.14
N GLN D 86 -39.23 6.22 14.23
CA GLN D 86 -40.31 6.52 13.28
C GLN D 86 -39.87 7.46 12.16
N PHE D 87 -38.88 8.30 12.44
CA PHE D 87 -38.47 9.33 11.48
C PHE D 87 -36.96 9.37 11.29
N ILE D 88 -36.53 9.52 10.04
CA ILE D 88 -35.13 9.71 9.73
C ILE D 88 -34.85 11.12 9.23
N LEU D 89 -34.02 11.85 9.99
CA LEU D 89 -33.55 13.19 9.62
C LEU D 89 -32.43 13.04 8.59
N LEU D 90 -32.55 13.74 7.47
CA LEU D 90 -31.55 13.67 6.40
C LEU D 90 -30.82 14.99 6.23
N GLU D 91 -29.49 14.91 6.27
CA GLU D 91 -28.64 16.09 6.24
C GLU D 91 -27.96 16.24 4.88
N TYR D 92 -28.25 17.35 4.21
CA TYR D 92 -27.63 17.66 2.93
C TYR D 92 -27.30 19.14 2.89
N ASN D 93 -26.66 19.57 1.80
CA ASN D 93 -26.14 20.95 1.69
C ASN D 93 -25.23 21.36 2.86
N TYR D 94 -24.38 20.42 3.28
CA TYR D 94 -23.39 20.67 4.32
C TYR D 94 -22.41 21.76 3.88
N VAL D 95 -22.24 22.77 4.74
CA VAL D 95 -21.21 23.80 4.56
C VAL D 95 -20.53 24.00 5.89
N LYS D 96 -19.28 23.54 5.97
CA LYS D 96 -18.45 23.65 7.18
C LYS D 96 -18.26 25.10 7.59
N GLN D 97 -18.37 25.34 8.89
CA GLN D 97 -17.93 26.61 9.44
C GLN D 97 -16.60 26.40 10.17
N TRP D 98 -16.64 26.22 11.49
CA TRP D 98 -15.39 26.01 12.21
C TRP D 98 -15.09 24.52 12.41
N ARG D 99 -14.53 24.15 13.56
CA ARG D 99 -14.08 22.79 13.77
C ARG D 99 -15.27 21.85 13.92
N HIS D 100 -16.33 22.35 14.56
CA HIS D 100 -17.53 21.55 14.81
C HIS D 100 -18.72 22.13 14.10
N SER D 101 -18.76 23.47 14.03
CA SER D 101 -19.89 24.17 13.42
C SER D 101 -20.00 23.95 11.93
N TYR D 102 -21.24 24.02 11.47
CA TYR D 102 -21.57 23.97 10.07
C TYR D 102 -23.04 24.28 9.91
N THR D 103 -23.40 24.51 8.65
CA THR D 103 -24.76 24.78 8.26
C THR D 103 -25.15 23.62 7.36
N ALA D 104 -26.43 23.25 7.38
CA ALA D 104 -26.97 22.24 6.46
C ALA D 104 -28.46 22.43 6.18
N SER D 105 -28.93 21.79 5.09
CA SER D 105 -30.35 21.65 4.80
C SER D 105 -30.81 20.31 5.36
N TYR D 106 -32.11 20.20 5.66
CA TYR D 106 -32.65 18.99 6.30
C TYR D 106 -34.04 18.61 5.80
N ASP D 107 -34.24 17.32 5.56
CA ASP D 107 -35.55 16.76 5.27
C ASP D 107 -35.81 15.62 6.24
N ILE D 108 -37.03 15.54 6.75
CA ILE D 108 -37.43 14.41 7.59
C ILE D 108 -38.24 13.41 6.76
N TYR D 109 -37.94 12.14 6.98
CA TYR D 109 -38.57 11.05 6.25
C TYR D 109 -39.28 10.16 7.26
N ASP D 110 -40.60 10.00 7.07
CA ASP D 110 -41.43 9.11 7.87
C ASP D 110 -41.12 7.67 7.47
N LEU D 111 -40.66 6.87 8.42
CA LEU D 111 -40.28 5.49 8.14
C LEU D 111 -41.48 4.56 7.95
N ASN D 112 -42.53 4.75 8.76
CA ASN D 112 -43.73 3.91 8.72
C ASN D 112 -44.54 4.08 7.43
N LYS D 113 -44.71 5.33 7.00
CA LYS D 113 -45.40 5.65 5.75
C LYS D 113 -44.49 5.40 4.54
N ARG D 114 -43.18 5.38 4.81
CA ARG D 114 -42.13 5.34 3.80
C ARG D 114 -42.17 6.60 2.91
N GLN D 115 -42.38 7.75 3.55
CA GLN D 115 -42.58 9.02 2.83
C GLN D 115 -41.77 10.18 3.41
N LEU D 116 -41.61 11.22 2.60
CA LEU D 116 -40.88 12.43 3.00
C LEU D 116 -41.84 13.56 3.34
N ILE D 117 -41.65 14.19 4.50
CA ILE D 117 -42.48 15.31 4.94
C ILE D 117 -42.21 16.60 4.12
N THR D 118 -43.25 17.12 3.47
CA THR D 118 -43.12 18.33 2.64
C THR D 118 -43.71 19.59 3.29
N GLU D 119 -44.36 19.42 4.45
CA GLU D 119 -44.96 20.56 5.17
C GLU D 119 -44.14 20.99 6.39
N GLU D 120 -44.20 22.29 6.67
CA GLU D 120 -43.44 22.92 7.76
C GLU D 120 -42.02 22.34 7.84
N ARG D 121 -41.29 22.50 6.74
CA ARG D 121 -39.97 21.93 6.60
C ARG D 121 -38.93 22.69 7.43
N ILE D 122 -37.88 21.97 7.80
CA ILE D 122 -36.70 22.58 8.46
C ILE D 122 -35.98 23.44 7.42
N PRO D 123 -35.71 24.72 7.74
CA PRO D 123 -35.16 25.68 6.77
C PRO D 123 -33.77 25.32 6.30
N ASN D 124 -33.42 25.80 5.10
CA ASN D 124 -32.03 25.85 4.65
C ASN D 124 -31.18 26.63 5.65
N ASN D 125 -29.85 26.43 5.62
CA ASN D 125 -28.93 27.14 6.53
C ASN D 125 -29.22 26.94 8.03
N THR D 126 -29.76 25.77 8.35
CA THR D 126 -29.97 25.39 9.76
C THR D 126 -28.61 25.12 10.42
N GLN D 127 -28.43 25.71 11.59
CA GLN D 127 -27.13 25.68 12.27
C GLN D 127 -26.95 24.44 13.16
N TRP D 128 -28.07 23.95 13.71
CA TRP D 128 -28.07 22.73 14.52
C TRP D 128 -29.46 22.13 14.59
N VAL D 129 -29.54 20.81 14.51
CA VAL D 129 -30.79 20.07 14.73
C VAL D 129 -30.51 18.94 15.72
N THR D 130 -31.45 18.71 16.64
CA THR D 130 -31.38 17.57 17.54
C THR D 130 -32.78 16.99 17.84
N TRP D 131 -32.89 15.65 17.81
CA TRP D 131 -34.06 14.98 18.34
C TRP D 131 -34.06 15.11 19.86
N SER D 132 -35.24 15.00 20.47
CA SER D 132 -35.34 14.84 21.91
C SER D 132 -34.77 13.45 22.26
N PRO D 133 -34.41 13.20 23.54
CA PRO D 133 -33.77 11.92 23.84
C PRO D 133 -34.70 10.71 23.70
N VAL D 134 -36.00 10.92 23.89
CA VAL D 134 -37.02 9.93 23.53
C VAL D 134 -38.05 10.57 22.58
N GLY D 135 -38.77 9.73 21.83
CA GLY D 135 -39.81 10.21 20.94
C GLY D 135 -39.25 10.75 19.62
N HIS D 136 -39.84 11.85 19.14
CA HIS D 136 -39.42 12.48 17.88
C HIS D 136 -39.67 13.99 17.83
N LYS D 137 -39.49 14.66 18.96
CA LYS D 137 -39.45 16.12 18.98
C LYS D 137 -38.18 16.60 18.29
N LEU D 138 -38.26 17.74 17.62
CA LEU D 138 -37.08 18.40 17.06
C LEU D 138 -36.86 19.77 17.69
N ALA D 139 -35.62 20.02 18.08
CA ALA D 139 -35.16 21.38 18.31
C ALA D 139 -34.16 21.67 17.22
N TYR D 140 -34.24 22.86 16.64
CA TYR D 140 -33.22 23.31 15.70
C TYR D 140 -32.88 24.77 15.89
N VAL D 141 -31.68 25.14 15.46
CA VAL D 141 -31.25 26.53 15.48
C VAL D 141 -31.12 27.03 14.05
N TRP D 142 -31.77 28.16 13.78
CA TRP D 142 -31.77 28.78 12.47
C TRP D 142 -31.72 30.29 12.72
N ASN D 143 -30.83 30.97 12.02
CA ASN D 143 -30.57 32.40 12.24
C ASN D 143 -30.34 32.74 13.72
N ASN D 144 -29.56 31.91 14.40
CA ASN D 144 -29.20 32.14 15.80
C ASN D 144 -30.36 32.09 16.79
N ASP D 145 -31.46 31.48 16.37
CA ASP D 145 -32.65 31.32 17.20
C ASP D 145 -33.08 29.86 17.30
N ILE D 146 -33.72 29.49 18.41
CA ILE D 146 -34.20 28.13 18.62
C ILE D 146 -35.67 27.96 18.20
N TYR D 147 -35.95 26.82 17.58
CA TYR D 147 -37.29 26.46 17.12
C TYR D 147 -37.56 25.03 17.57
N VAL D 148 -38.80 24.74 17.98
CA VAL D 148 -39.18 23.38 18.37
C VAL D 148 -40.34 22.82 17.55
N LYS D 149 -40.19 21.58 17.06
CA LYS D 149 -41.29 20.82 16.47
C LYS D 149 -41.72 19.68 17.40
N ILE D 150 -42.98 19.71 17.82
CA ILE D 150 -43.55 18.61 18.61
C ILE D 150 -43.78 17.37 17.71
N GLU D 151 -44.16 17.64 16.46
CA GLU D 151 -44.34 16.60 15.45
C GLU D 151 -43.72 17.16 14.17
N PRO D 152 -43.03 16.29 13.37
CA PRO D 152 -42.20 16.71 12.21
C PRO D 152 -42.96 17.47 11.11
N ASN D 153 -44.26 17.18 10.99
CA ASN D 153 -45.15 17.77 10.01
C ASN D 153 -45.94 18.97 10.55
N LEU D 154 -45.64 19.34 11.79
CA LEU D 154 -46.33 20.45 12.45
C LEU D 154 -45.43 21.71 12.49
N PRO D 155 -46.06 22.90 12.58
CA PRO D 155 -45.28 24.15 12.64
C PRO D 155 -44.30 24.18 13.81
N SER D 156 -43.24 24.97 13.66
CA SER D 156 -42.26 25.17 14.72
C SER D 156 -42.77 26.21 15.72
N TYR D 157 -42.24 26.15 16.94
CA TYR D 157 -42.45 27.20 17.92
C TYR D 157 -41.13 27.95 18.08
N ARG D 158 -41.15 29.25 17.74
CA ARG D 158 -40.02 30.14 18.00
C ARG D 158 -39.86 30.27 19.49
N ILE D 159 -38.76 29.72 19.99
CA ILE D 159 -38.40 29.82 21.40
C ILE D 159 -37.70 31.14 21.67
N THR D 160 -36.79 31.53 20.78
CA THR D 160 -36.05 32.78 20.94
C THR D 160 -36.29 33.75 19.79
N TRP D 161 -36.32 35.05 20.11
CA TRP D 161 -36.52 36.08 19.09
C TRP D 161 -35.37 37.08 19.06
N THR D 162 -34.29 36.78 19.79
CA THR D 162 -33.20 37.74 20.00
C THR D 162 -31.94 37.41 19.18
N GLY D 163 -31.97 36.31 18.44
CA GLY D 163 -30.82 35.91 17.63
C GLY D 163 -30.35 36.93 16.61
N LYS D 164 -29.08 37.31 16.70
CA LYS D 164 -28.47 38.21 15.73
C LYS D 164 -27.11 37.70 15.31
N GLU D 165 -26.91 37.56 14.01
CA GLU D 165 -25.65 37.06 13.45
C GLU D 165 -24.41 37.69 14.09
N ASP D 166 -23.50 36.85 14.53
CA ASP D 166 -22.25 37.26 15.18
C ASP D 166 -22.40 38.02 16.52
N ILE D 167 -23.63 38.18 17.00
CA ILE D 167 -23.85 38.91 18.26
C ILE D 167 -24.55 38.07 19.34
N ILE D 168 -25.77 37.61 19.07
CA ILE D 168 -26.51 36.75 20.01
C ILE D 168 -26.70 35.34 19.45
N TYR D 169 -26.29 34.36 20.24
CA TYR D 169 -26.34 32.96 19.83
C TYR D 169 -27.23 32.20 20.79
N ASN D 170 -28.40 31.80 20.33
CA ASN D 170 -29.30 30.96 21.11
C ASN D 170 -29.17 29.49 20.74
N GLY D 171 -28.73 28.67 21.70
CA GLY D 171 -28.60 27.23 21.51
C GLY D 171 -27.50 26.80 20.56
N ILE D 172 -26.60 27.74 20.25
CA ILE D 172 -25.36 27.46 19.53
C ILE D 172 -24.25 28.29 20.19
N THR D 173 -23.02 27.81 20.06
CA THR D 173 -21.88 28.47 20.71
C THR D 173 -21.26 29.51 19.79
N ASP D 174 -20.50 30.44 20.36
CA ASP D 174 -19.75 31.37 19.54
C ASP D 174 -18.41 30.73 19.24
N TRP D 175 -17.50 31.46 18.59
CA TRP D 175 -16.25 30.85 18.18
C TRP D 175 -15.51 30.22 19.36
N VAL D 176 -15.30 30.98 20.42
CA VAL D 176 -14.44 30.51 21.51
C VAL D 176 -15.08 29.40 22.38
N TYR D 177 -16.39 29.47 22.58
CA TYR D 177 -17.09 28.40 23.32
C TYR D 177 -17.12 27.09 22.53
N GLU D 178 -17.15 27.18 21.21
CA GLU D 178 -17.13 26.01 20.35
C GLU D 178 -15.78 25.31 20.38
N GLU D 179 -14.72 26.07 20.13
CA GLU D 179 -13.37 25.55 20.07
C GLU D 179 -12.80 25.13 21.42
N GLU D 180 -13.13 25.88 22.49
CA GLU D 180 -12.38 25.77 23.76
C GLU D 180 -13.17 25.32 24.99
N VAL D 181 -14.48 25.43 24.93
CA VAL D 181 -15.29 25.05 26.07
C VAL D 181 -16.06 23.76 25.81
N PHE D 182 -17.00 23.81 24.86
CA PHE D 182 -17.93 22.69 24.66
C PHE D 182 -17.49 21.71 23.60
N SER D 183 -16.52 22.10 22.78
CA SER D 183 -16.02 21.23 21.72
C SER D 183 -17.18 20.79 20.83
N ALA D 184 -18.11 21.71 20.62
CA ALA D 184 -19.32 21.51 19.81
C ALA D 184 -19.94 22.87 19.52
N TYR D 185 -20.74 22.90 18.47
CA TYR D 185 -21.47 24.07 18.06
C TYR D 185 -22.79 24.12 18.85
N SER D 186 -23.26 22.94 19.24
CA SER D 186 -24.53 22.82 19.92
C SER D 186 -24.47 23.39 21.32
N ALA D 187 -25.50 24.14 21.70
CA ALA D 187 -25.68 24.57 23.08
C ALA D 187 -27.15 24.36 23.47
N LEU D 188 -27.67 23.19 23.11
CA LEU D 188 -29.03 22.74 23.45
C LEU D 188 -28.96 21.43 24.22
N TRP D 189 -29.68 21.36 25.35
CA TRP D 189 -29.71 20.14 26.14
C TRP D 189 -31.13 19.78 26.54
N TRP D 190 -31.67 18.74 25.90
CA TRP D 190 -33.01 18.23 26.22
C TRP D 190 -32.93 17.51 27.56
N SER D 191 -34.01 17.57 28.34
CA SER D 191 -34.11 16.76 29.55
C SER D 191 -34.25 15.28 29.15
N PRO D 192 -33.86 14.35 30.05
CA PRO D 192 -33.89 12.90 29.78
C PRO D 192 -35.10 12.39 28.99
N ASN D 193 -36.31 12.86 29.29
CA ASN D 193 -37.48 12.44 28.52
C ASN D 193 -38.05 13.47 27.52
N GLY D 194 -37.26 14.50 27.22
CA GLY D 194 -37.63 15.52 26.23
C GLY D 194 -38.71 16.51 26.64
N THR D 195 -38.94 16.67 27.94
CA THR D 195 -39.93 17.64 28.42
C THR D 195 -39.39 19.07 28.39
N PHE D 196 -38.18 19.25 28.94
CA PHE D 196 -37.55 20.55 28.95
C PHE D 196 -36.43 20.61 27.93
N LEU D 197 -36.34 21.75 27.24
CA LEU D 197 -35.17 22.03 26.43
C LEU D 197 -34.40 23.13 27.14
N ALA D 198 -33.19 22.79 27.60
CA ALA D 198 -32.31 23.77 28.21
C ALA D 198 -31.38 24.34 27.16
N TYR D 199 -31.03 25.60 27.30
CA TYR D 199 -30.10 26.22 26.36
C TYR D 199 -29.27 27.38 26.91
N ALA D 200 -28.11 27.55 26.30
CA ALA D 200 -27.26 28.71 26.54
C ALA D 200 -27.52 29.76 25.47
N GLN D 201 -27.42 31.03 25.87
CA GLN D 201 -27.40 32.13 24.94
C GLN D 201 -26.10 32.89 25.15
N PHE D 202 -25.34 33.03 24.08
CA PHE D 202 -24.08 33.76 24.10
C PHE D 202 -24.23 35.14 23.53
N ASN D 203 -23.51 36.08 24.14
CA ASN D 203 -23.54 37.49 23.76
C ASN D 203 -22.12 37.97 23.43
N ASP D 204 -21.88 38.30 22.15
CA ASP D 204 -20.56 38.67 21.67
C ASP D 204 -20.41 40.15 21.31
N THR D 205 -21.27 40.98 21.87
CA THR D 205 -21.37 42.39 21.49
C THR D 205 -20.05 43.16 21.53
N GLU D 206 -19.28 42.97 22.60
CA GLU D 206 -18.05 43.76 22.75
C GLU D 206 -16.78 42.97 22.46
N VAL D 207 -16.97 41.73 22.01
CA VAL D 207 -15.86 40.89 21.57
C VAL D 207 -15.30 41.45 20.27
N PRO D 208 -14.00 41.81 20.26
CA PRO D 208 -13.42 42.32 19.02
C PRO D 208 -13.41 41.24 17.94
N LEU D 209 -13.19 41.67 16.71
CA LEU D 209 -13.28 40.77 15.57
C LEU D 209 -11.90 40.54 15.02
N ILE D 210 -11.56 39.28 14.79
CA ILE D 210 -10.43 38.99 13.92
C ILE D 210 -10.89 39.21 12.48
N GLU D 211 -10.05 39.90 11.71
CA GLU D 211 -10.40 40.18 10.34
C GLU D 211 -9.29 39.62 9.50
N TYR D 212 -9.65 38.90 8.45
CA TYR D 212 -8.65 38.39 7.53
C TYR D 212 -9.24 38.22 6.15
N SER D 213 -8.35 38.12 5.18
CA SER D 213 -8.72 38.02 3.78
C SER D 213 -9.10 36.61 3.40
N PHE D 214 -10.16 36.50 2.59
CA PHE D 214 -10.52 35.25 1.95
C PHE D 214 -10.58 35.48 0.46
N TYR D 215 -9.75 34.74 -0.25
CA TYR D 215 -9.47 35.01 -1.66
C TYR D 215 -10.48 34.35 -2.61
N SER D 216 -11.06 33.26 -2.12
CA SER D 216 -12.05 32.44 -2.82
C SER D 216 -11.54 31.91 -4.15
N ASP D 217 -12.48 31.52 -5.01
CA ASP D 217 -12.20 31.09 -6.38
C ASP D 217 -11.53 32.19 -7.16
N GLU D 218 -10.77 31.81 -8.19
CA GLU D 218 -10.03 32.79 -8.96
C GLU D 218 -10.98 33.78 -9.66
N SER D 219 -12.27 33.45 -9.64
CA SER D 219 -13.30 34.29 -10.24
C SER D 219 -13.71 35.47 -9.34
N LEU D 220 -13.41 35.38 -8.05
CA LEU D 220 -13.64 36.51 -7.14
C LEU D 220 -12.65 37.64 -7.44
N GLN D 221 -13.14 38.74 -8.00
CA GLN D 221 -12.26 39.85 -8.37
C GLN D 221 -11.65 40.54 -7.14
N TYR D 222 -12.48 40.76 -6.13
CA TYR D 222 -12.05 41.43 -4.91
C TYR D 222 -12.15 40.46 -3.76
N PRO D 223 -11.03 40.23 -3.05
CA PRO D 223 -11.01 39.37 -1.89
C PRO D 223 -12.07 39.75 -0.87
N LYS D 224 -12.50 38.76 -0.10
CA LYS D 224 -13.51 38.94 0.93
C LYS D 224 -12.77 39.18 2.26
N THR D 225 -13.29 40.05 3.11
CA THR D 225 -12.76 40.14 4.46
C THR D 225 -13.69 39.36 5.38
N VAL D 226 -13.16 38.30 5.96
CA VAL D 226 -13.89 37.55 6.97
C VAL D 226 -13.66 38.22 8.33
N ARG D 227 -14.75 38.41 9.06
CA ARG D 227 -14.72 39.08 10.35
C ARG D 227 -15.41 38.19 11.40
N VAL D 228 -14.64 37.74 12.39
CA VAL D 228 -15.14 36.78 13.40
C VAL D 228 -14.98 37.32 14.82
N PRO D 229 -16.06 37.31 15.63
CA PRO D 229 -15.83 37.68 17.03
C PRO D 229 -14.93 36.64 17.70
N TYR D 230 -13.83 37.10 18.25
CA TYR D 230 -12.78 36.21 18.75
C TYR D 230 -12.08 36.96 19.85
N PRO D 231 -12.25 36.53 21.12
CA PRO D 231 -11.55 37.15 22.23
C PRO D 231 -10.12 36.62 22.32
N LYS D 232 -9.16 37.48 21.97
CA LYS D 232 -7.75 37.17 22.18
C LYS D 232 -7.48 37.35 23.68
N ALA D 233 -6.37 36.81 24.17
CA ALA D 233 -6.09 36.84 25.61
C ALA D 233 -6.20 38.26 26.15
N GLY D 234 -6.95 38.40 27.24
CA GLY D 234 -7.10 39.69 27.93
C GLY D 234 -8.19 40.58 27.36
N ALA D 235 -8.85 40.14 26.29
CA ALA D 235 -9.88 40.93 25.61
C ALA D 235 -11.27 40.77 26.25
N VAL D 236 -12.23 41.55 25.77
CA VAL D 236 -13.61 41.40 26.23
C VAL D 236 -14.13 40.02 25.77
N ASN D 237 -14.58 39.24 26.75
CA ASN D 237 -15.11 37.92 26.50
C ASN D 237 -16.60 37.99 26.16
N PRO D 238 -17.10 36.99 25.42
CA PRO D 238 -18.55 36.82 25.34
C PRO D 238 -19.17 36.66 26.73
N THR D 239 -20.42 37.10 26.91
CA THR D 239 -21.14 36.78 28.13
C THR D 239 -22.14 35.65 27.84
N VAL D 240 -22.68 35.06 28.89
CA VAL D 240 -23.54 33.89 28.75
C VAL D 240 -24.71 33.88 29.75
N LYS D 241 -25.87 33.48 29.26
CA LYS D 241 -27.03 33.25 30.12
C LYS D 241 -27.51 31.83 29.91
N PHE D 242 -28.31 31.33 30.85
CA PHE D 242 -28.86 29.99 30.72
C PHE D 242 -30.35 29.96 30.93
N PHE D 243 -31.05 29.27 30.03
CA PHE D 243 -32.51 29.24 30.05
C PHE D 243 -33.00 27.81 29.95
N VAL D 244 -34.19 27.57 30.48
CA VAL D 244 -34.90 26.29 30.33
C VAL D 244 -36.34 26.56 29.92
N VAL D 245 -36.77 25.94 28.83
CA VAL D 245 -38.14 26.06 28.37
C VAL D 245 -38.85 24.69 28.44
N ASN D 246 -40.11 24.73 28.86
CA ASN D 246 -40.98 23.55 28.88
C ASN D 246 -41.61 23.39 27.51
N THR D 247 -41.25 22.33 26.80
CA THR D 247 -41.76 22.09 25.46
C THR D 247 -43.10 21.30 25.40
N ASP D 248 -43.66 20.95 26.55
CA ASP D 248 -44.98 20.30 26.61
C ASP D 248 -46.09 21.33 26.80
N SER D 249 -45.71 22.54 27.21
CA SER D 249 -46.66 23.61 27.47
C SER D 249 -46.54 24.74 26.46
N LEU D 250 -46.04 24.42 25.26
CA LEU D 250 -45.91 25.39 24.16
C LEU D 250 -47.27 25.83 23.62
N SER D 251 -47.33 27.05 23.09
CA SER D 251 -48.58 27.64 22.60
C SER D 251 -48.40 28.39 21.28
N SER D 252 -49.48 28.51 20.51
CA SER D 252 -49.45 29.29 19.26
C SER D 252 -49.80 30.76 19.48
N VAL D 253 -50.76 31.01 20.36
CA VAL D 253 -51.26 32.36 20.64
C VAL D 253 -50.26 33.23 21.43
N THR D 254 -49.37 32.58 22.21
CA THR D 254 -48.43 33.28 23.08
C THR D 254 -46.98 32.81 22.87
N ASN D 255 -46.03 33.74 22.99
CA ASN D 255 -44.61 33.41 22.91
C ASN D 255 -44.14 32.52 24.08
N ALA D 256 -43.26 31.57 23.78
CA ALA D 256 -42.74 30.64 24.78
C ALA D 256 -41.87 31.35 25.81
N THR D 257 -42.21 31.19 27.10
CA THR D 257 -41.43 31.81 28.17
C THR D 257 -40.30 30.87 28.60
N SER D 258 -39.07 31.37 28.48
CA SER D 258 -37.90 30.64 28.94
C SER D 258 -37.52 31.13 30.34
N ILE D 259 -37.22 30.19 31.21
CA ILE D 259 -36.88 30.51 32.60
C ILE D 259 -35.37 30.59 32.67
N GLN D 260 -34.85 31.77 33.02
CA GLN D 260 -33.42 31.96 33.19
C GLN D 260 -32.92 31.30 34.47
N ILE D 261 -31.82 30.58 34.36
CA ILE D 261 -31.07 30.15 35.53
C ILE D 261 -29.81 30.99 35.60
N THR D 262 -29.73 31.84 36.63
CA THR D 262 -28.59 32.72 36.83
C THR D 262 -27.37 32.00 37.40
N ALA D 263 -26.18 32.44 37.00
CA ALA D 263 -24.93 31.96 37.56
C ALA D 263 -24.90 32.34 39.04
N PRO D 264 -24.23 31.53 39.89
CA PRO D 264 -24.14 31.88 41.31
C PRO D 264 -23.36 33.17 41.58
N ALA D 265 -23.64 33.79 42.73
CA ALA D 265 -23.02 35.06 43.15
C ALA D 265 -21.51 35.06 42.99
N SER D 266 -20.89 33.94 43.36
CA SER D 266 -19.44 33.78 43.33
C SER D 266 -18.86 33.89 41.92
N MET D 267 -19.72 33.76 40.92
CA MET D 267 -19.33 33.83 39.52
C MET D 267 -19.67 35.16 38.90
N LEU D 268 -20.79 35.73 39.32
CA LEU D 268 -21.28 37.01 38.83
C LEU D 268 -20.44 38.20 39.33
N ILE D 269 -19.63 37.96 40.36
CA ILE D 269 -18.64 38.91 40.83
C ILE D 269 -17.75 39.44 39.68
N GLY D 270 -17.55 38.64 38.64
CA GLY D 270 -16.80 39.08 37.44
C GLY D 270 -16.97 38.18 36.23
N ASP D 271 -15.98 38.23 35.32
CA ASP D 271 -15.99 37.37 34.14
C ASP D 271 -15.98 35.89 34.52
N HIS D 272 -16.83 35.14 33.84
CA HIS D 272 -17.00 33.71 34.07
C HIS D 272 -17.47 33.02 32.78
N TYR D 273 -17.50 31.68 32.83
CA TYR D 273 -17.98 30.87 31.72
C TYR D 273 -19.02 29.86 32.21
N LEU D 274 -19.94 29.49 31.33
CA LEU D 274 -20.68 28.26 31.54
C LEU D 274 -19.80 27.14 30.99
N CYS D 275 -19.52 26.12 31.79
CA CYS D 275 -18.57 25.11 31.29
C CYS D 275 -19.08 23.67 31.23
N ASP D 276 -20.22 23.40 31.86
CA ASP D 276 -20.85 22.07 31.80
C ASP D 276 -22.34 22.15 32.03
N VAL D 277 -23.08 21.40 31.21
CA VAL D 277 -24.50 21.22 31.43
C VAL D 277 -24.76 19.73 31.43
N THR D 278 -25.40 19.25 32.50
CA THR D 278 -25.75 17.83 32.66
C THR D 278 -27.09 17.72 33.37
N TRP D 279 -28.07 17.13 32.69
CA TRP D 279 -29.32 16.75 33.33
C TRP D 279 -29.11 15.58 34.27
N ALA D 280 -29.66 15.69 35.48
CA ALA D 280 -29.59 14.66 36.51
C ALA D 280 -30.84 13.79 36.49
N THR D 281 -31.99 14.42 36.34
CA THR D 281 -33.29 13.76 36.29
C THR D 281 -34.20 14.52 35.31
N GLN D 282 -35.49 14.16 35.29
CA GLN D 282 -36.50 14.87 34.49
C GLN D 282 -36.69 16.32 34.94
N GLU D 283 -36.35 16.60 36.19
CA GLU D 283 -36.66 17.87 36.85
C GLU D 283 -35.50 18.44 37.64
N ARG D 284 -34.30 17.91 37.35
CA ARG D 284 -33.08 18.37 38.01
C ARG D 284 -31.94 18.48 37.02
N ILE D 285 -31.37 19.68 36.95
CA ILE D 285 -30.25 19.95 36.07
C ILE D 285 -29.03 20.41 36.87
N SER D 286 -27.86 19.93 36.49
CA SER D 286 -26.61 20.44 37.06
C SER D 286 -25.87 21.31 36.05
N LEU D 287 -25.45 22.49 36.51
CA LEU D 287 -24.66 23.43 35.70
C LEU D 287 -23.35 23.75 36.39
N GLN D 288 -22.27 23.80 35.61
CA GLN D 288 -20.97 24.16 36.15
C GLN D 288 -20.49 25.46 35.53
N TRP D 289 -20.02 26.36 36.37
CA TRP D 289 -19.54 27.66 35.93
C TRP D 289 -18.08 27.78 36.30
N LEU D 290 -17.34 28.57 35.52
CA LEU D 290 -15.91 28.71 35.70
C LEU D 290 -15.55 30.18 35.70
N ARG D 291 -14.87 30.65 36.74
CA ARG D 291 -14.32 32.01 36.73
C ARG D 291 -13.36 32.18 35.56
N ARG D 292 -13.24 33.40 35.05
CA ARG D 292 -12.30 33.70 33.96
C ARG D 292 -10.86 33.32 34.33
N ILE D 293 -10.53 33.54 35.61
CA ILE D 293 -9.35 32.93 36.24
C ILE D 293 -9.78 31.49 36.56
N GLN D 294 -9.37 30.56 35.69
CA GLN D 294 -9.94 29.22 35.63
C GLN D 294 -9.42 28.23 36.67
N ASN D 295 -9.22 28.72 37.90
CA ASN D 295 -8.81 27.89 39.03
C ASN D 295 -9.94 27.72 40.07
N TYR D 296 -11.12 28.27 39.75
CA TYR D 296 -12.28 28.21 40.64
C TYR D 296 -13.58 27.97 39.86
N SER D 297 -14.22 26.82 40.11
CA SER D 297 -15.52 26.55 39.48
C SER D 297 -16.59 26.05 40.48
N VAL D 298 -17.84 26.31 40.16
CA VAL D 298 -18.98 25.97 40.99
C VAL D 298 -20.00 25.14 40.21
N MET D 299 -20.52 24.09 40.85
CA MET D 299 -21.63 23.33 40.29
C MET D 299 -22.93 23.70 40.98
N ASP D 300 -23.91 24.11 40.19
CA ASP D 300 -25.27 24.35 40.69
C ASP D 300 -26.17 23.17 40.34
N ILE D 301 -26.93 22.71 41.33
CA ILE D 301 -27.92 21.67 41.11
C ILE D 301 -29.25 22.37 41.22
N CYS D 302 -30.00 22.37 40.12
CA CYS D 302 -31.19 23.21 40.01
C CYS D 302 -32.46 22.39 39.77
N ASP D 303 -33.46 22.68 40.58
CA ASP D 303 -34.70 21.90 40.60
C ASP D 303 -35.90 22.68 40.08
N TYR D 304 -36.71 21.98 39.27
CA TYR D 304 -37.98 22.53 38.82
C TYR D 304 -38.99 22.57 39.96
N ASP D 305 -39.53 23.76 40.21
CA ASP D 305 -40.58 23.95 41.19
C ASP D 305 -41.91 24.10 40.46
N GLU D 306 -42.72 23.03 40.50
CA GLU D 306 -44.03 22.95 39.83
C GLU D 306 -44.97 24.12 40.10
N SER D 307 -44.97 24.64 41.32
CA SER D 307 -45.91 25.71 41.72
C SER D 307 -45.53 27.10 41.19
N SER D 308 -44.23 27.39 41.12
CA SER D 308 -43.78 28.68 40.58
C SER D 308 -43.47 28.61 39.08
N GLY D 309 -43.25 27.40 38.59
CA GLY D 309 -42.78 27.17 37.21
C GLY D 309 -41.33 27.56 37.04
N ARG D 310 -40.65 27.77 38.17
CA ARG D 310 -39.28 28.27 38.18
C ARG D 310 -38.28 27.18 38.56
N TRP D 311 -37.01 27.52 38.40
CA TRP D 311 -35.90 26.62 38.67
C TRP D 311 -35.07 27.13 39.84
N ASN D 312 -35.10 26.39 40.93
CA ASN D 312 -34.38 26.76 42.14
C ASN D 312 -33.09 25.97 42.32
N CYS D 313 -32.00 26.71 42.49
CA CYS D 313 -30.69 26.13 42.77
C CYS D 313 -30.31 26.45 44.20
N LEU D 314 -30.50 25.49 45.09
CA LEU D 314 -30.18 25.72 46.50
C LEU D 314 -28.67 25.88 46.69
N VAL D 315 -28.30 26.98 47.35
CA VAL D 315 -26.89 27.32 47.61
C VAL D 315 -26.19 26.24 48.45
N ALA D 316 -26.97 25.50 49.23
CA ALA D 316 -26.48 24.38 50.01
C ALA D 316 -26.13 23.17 49.15
N ARG D 317 -26.63 23.15 47.91
CA ARG D 317 -26.32 22.07 46.97
C ARG D 317 -25.21 22.45 45.99
N GLN D 318 -24.61 23.62 46.20
CA GLN D 318 -23.49 24.08 45.39
C GLN D 318 -22.23 23.32 45.74
N HIS D 319 -21.49 22.95 44.70
CA HIS D 319 -20.26 22.20 44.86
C HIS D 319 -19.11 22.98 44.25
N ILE D 320 -18.08 23.24 45.05
CA ILE D 320 -16.92 23.99 44.59
C ILE D 320 -15.82 23.01 44.23
N GLU D 321 -15.29 23.16 43.02
CA GLU D 321 -14.09 22.48 42.61
C GLU D 321 -13.08 23.55 42.19
N MET D 322 -11.98 23.64 42.93
CA MET D 322 -10.94 24.62 42.70
C MET D 322 -9.54 23.98 42.63
N SER D 323 -8.53 24.77 42.25
CA SER D 323 -7.14 24.31 42.22
C SER D 323 -6.21 25.40 42.76
N THR D 324 -5.16 24.96 43.45
CA THR D 324 -4.14 25.85 43.99
C THR D 324 -2.84 25.82 43.17
N THR D 325 -2.67 24.79 42.35
CA THR D 325 -1.46 24.61 41.57
C THR D 325 -1.68 24.92 40.09
N GLY D 326 -2.95 24.98 39.68
CA GLY D 326 -3.27 25.17 38.28
C GLY D 326 -4.70 25.59 38.01
N TRP D 327 -5.21 25.11 36.89
CA TRP D 327 -6.57 25.35 36.46
C TRP D 327 -7.41 24.17 36.95
N VAL D 328 -8.72 24.25 36.73
CA VAL D 328 -9.56 23.12 37.12
C VAL D 328 -9.93 22.29 35.90
N GLY D 329 -9.76 20.97 36.04
CA GLY D 329 -10.05 20.03 34.99
C GLY D 329 -8.81 19.78 34.13
N ARG D 330 -8.94 18.90 33.15
CA ARG D 330 -7.85 18.69 32.22
C ARG D 330 -7.85 19.87 31.24
N PHE D 331 -9.04 20.15 30.71
CA PHE D 331 -9.27 21.32 29.87
C PHE D 331 -10.46 22.12 30.40
N ARG D 332 -11.27 21.47 31.24
CA ARG D 332 -12.42 22.07 31.92
C ARG D 332 -12.86 21.09 33.00
N PRO D 333 -13.53 21.58 34.06
CA PRO D 333 -14.13 20.65 35.02
C PRO D 333 -14.83 19.48 34.31
N SER D 334 -14.69 18.27 34.85
CA SER D 334 -15.33 17.10 34.24
C SER D 334 -16.82 17.04 34.58
N GLU D 335 -17.55 16.28 33.77
CA GLU D 335 -18.98 16.12 33.92
C GLU D 335 -19.35 15.14 35.05
N PRO D 336 -20.42 15.45 35.79
CA PRO D 336 -20.95 14.51 36.76
C PRO D 336 -21.73 13.38 36.10
N HIS D 337 -21.73 12.22 36.76
CA HIS D 337 -22.58 11.11 36.37
C HIS D 337 -23.49 10.81 37.54
N PHE D 338 -24.75 11.15 37.35
CA PHE D 338 -25.75 11.11 38.40
C PHE D 338 -26.33 9.72 38.49
N THR D 339 -26.58 9.30 39.72
CA THR D 339 -27.34 8.09 39.97
C THR D 339 -28.77 8.30 39.47
N LEU D 340 -29.48 7.20 39.23
CA LEU D 340 -30.85 7.23 38.70
C LEU D 340 -31.76 8.25 39.42
N ASP D 341 -31.70 8.28 40.75
CA ASP D 341 -32.55 9.19 41.53
C ASP D 341 -32.05 10.64 41.55
N GLY D 342 -30.85 10.85 41.05
CA GLY D 342 -30.27 12.19 40.93
C GLY D 342 -29.83 12.84 42.24
N ASN D 343 -29.77 12.03 43.30
CA ASN D 343 -29.38 12.51 44.63
C ASN D 343 -27.89 12.37 44.91
N SER D 344 -27.19 11.70 44.01
CA SER D 344 -25.76 11.53 44.13
C SER D 344 -25.16 11.55 42.73
N PHE D 345 -23.85 11.76 42.67
CA PHE D 345 -23.12 11.72 41.40
C PHE D 345 -21.67 11.34 41.56
N TYR D 346 -21.09 10.86 40.46
CA TYR D 346 -19.69 10.51 40.38
C TYR D 346 -18.99 11.44 39.43
N LYS D 347 -17.81 11.91 39.80
CA LYS D 347 -17.01 12.66 38.84
C LYS D 347 -15.52 12.61 39.14
N ILE D 348 -14.76 12.68 38.06
CA ILE D 348 -13.32 12.73 38.14
C ILE D 348 -12.91 14.11 38.66
N ILE D 349 -12.12 14.11 39.72
CA ILE D 349 -11.47 15.29 40.22
C ILE D 349 -10.07 14.83 40.65
N SER D 350 -9.11 15.74 40.72
CA SER D 350 -7.79 15.35 41.23
C SER D 350 -7.83 15.24 42.74
N ASN D 351 -7.22 14.18 43.25
CA ASN D 351 -7.19 13.92 44.68
C ASN D 351 -6.12 14.77 45.38
N GLU D 352 -5.89 14.49 46.67
CA GLU D 352 -4.92 15.23 47.46
C GLU D 352 -3.51 15.12 46.87
N GLU D 353 -3.26 14.03 46.13
CA GLU D 353 -1.95 13.75 45.52
C GLU D 353 -1.83 14.30 44.09
N GLY D 354 -2.88 14.94 43.60
CA GLY D 354 -2.86 15.50 42.26
C GLY D 354 -3.21 14.53 41.15
N TYR D 355 -3.68 13.34 41.52
CA TYR D 355 -4.15 12.36 40.51
C TYR D 355 -5.66 12.36 40.36
N ARG D 356 -6.11 12.29 39.11
CA ARG D 356 -7.54 12.35 38.79
C ARG D 356 -8.21 11.01 39.00
N HIS D 357 -9.20 11.02 39.89
CA HIS D 357 -9.92 9.82 40.30
C HIS D 357 -11.41 10.06 40.52
N ILE D 358 -12.17 8.96 40.55
CA ILE D 358 -13.60 9.04 40.68
C ILE D 358 -13.98 9.32 42.13
N CYS D 359 -14.71 10.42 42.32
CA CYS D 359 -15.22 10.80 43.61
C CYS D 359 -16.73 10.74 43.59
N TYR D 360 -17.29 10.25 44.70
CA TYR D 360 -18.71 10.15 44.86
C TYR D 360 -19.22 11.27 45.76
N PHE D 361 -20.21 11.99 45.27
CA PHE D 361 -20.78 13.09 46.00
C PHE D 361 -22.22 12.81 46.27
N GLN D 362 -22.68 13.29 47.41
CA GLN D 362 -24.11 13.40 47.65
C GLN D 362 -24.48 14.86 47.42
N ILE D 363 -25.63 15.07 46.78
CA ILE D 363 -26.14 16.40 46.46
C ILE D 363 -26.18 17.35 47.67
N ASP D 364 -26.56 16.81 48.81
CA ASP D 364 -26.71 17.56 50.07
C ASP D 364 -25.41 17.79 50.86
N LYS D 365 -24.30 17.21 50.42
CA LYS D 365 -23.07 17.17 51.23
C LYS D 365 -21.84 17.79 50.57
N LYS D 366 -20.93 18.31 51.41
CA LYS D 366 -19.71 18.99 50.94
C LYS D 366 -18.58 18.02 50.55
N ASP D 367 -18.26 17.11 51.45
CA ASP D 367 -17.12 16.21 51.26
C ASP D 367 -17.52 14.98 50.45
N CYS D 368 -16.72 14.64 49.46
CA CYS D 368 -16.97 13.43 48.68
C CYS D 368 -16.16 12.23 49.23
N THR D 369 -16.45 11.02 48.73
CA THR D 369 -15.56 9.88 48.97
C THR D 369 -14.98 9.38 47.65
N PHE D 370 -13.66 9.27 47.58
CA PHE D 370 -12.97 8.71 46.41
C PHE D 370 -13.13 7.21 46.35
N ILE D 371 -13.38 6.69 45.14
CA ILE D 371 -13.60 5.25 45.00
C ILE D 371 -12.56 4.58 44.11
N THR D 372 -11.69 5.40 43.50
CA THR D 372 -10.43 4.94 42.93
C THR D 372 -9.30 5.77 43.51
N LYS D 373 -8.08 5.22 43.47
CA LYS D 373 -6.87 5.91 43.93
C LYS D 373 -5.63 5.31 43.27
N GLY D 374 -4.52 6.03 43.35
CA GLY D 374 -3.25 5.51 42.86
C GLY D 374 -2.53 6.48 41.96
N THR D 375 -1.29 6.14 41.61
CA THR D 375 -0.45 6.96 40.72
C THR D 375 -0.71 6.57 39.26
N TRP D 376 -1.90 6.94 38.82
CA TRP D 376 -2.41 6.74 37.47
C TRP D 376 -3.70 7.56 37.53
N GLU D 377 -4.31 7.79 36.38
CA GLU D 377 -5.53 8.59 36.34
C GLU D 377 -6.67 7.84 35.71
N VAL D 378 -7.89 8.14 36.19
CA VAL D 378 -9.12 7.84 35.46
C VAL D 378 -9.23 8.82 34.29
N ILE D 379 -9.45 8.29 33.08
CA ILE D 379 -9.57 9.10 31.87
C ILE D 379 -11.02 9.58 31.69
N GLY D 380 -11.98 8.68 31.85
CA GLY D 380 -13.39 9.06 31.82
C GLY D 380 -14.34 8.00 32.37
N ILE D 381 -15.44 8.46 32.98
CA ILE D 381 -16.51 7.59 33.39
C ILE D 381 -17.35 7.27 32.15
N GLU D 382 -17.58 5.99 31.88
CA GLU D 382 -18.17 5.56 30.61
C GLU D 382 -19.62 5.12 30.74
N ALA D 383 -19.93 4.41 31.82
CA ALA D 383 -21.31 4.01 32.08
C ALA D 383 -21.57 3.85 33.57
N LEU D 384 -22.78 4.20 33.99
CA LEU D 384 -23.25 3.96 35.35
C LEU D 384 -24.54 3.13 35.31
N THR D 385 -24.51 1.98 35.99
CA THR D 385 -25.73 1.21 36.20
C THR D 385 -26.08 1.28 37.68
N SER D 386 -27.03 0.46 38.12
CA SER D 386 -27.32 0.36 39.55
C SER D 386 -26.28 -0.50 40.26
N ASP D 387 -25.58 -1.34 39.49
CA ASP D 387 -24.62 -2.29 40.05
C ASP D 387 -23.16 -1.93 39.78
N TYR D 388 -22.89 -1.21 38.70
CA TYR D 388 -21.52 -0.95 38.23
C TYR D 388 -21.30 0.42 37.64
N LEU D 389 -20.15 1.00 37.99
CA LEU D 389 -19.58 2.16 37.31
C LEU D 389 -18.47 1.62 36.41
N TYR D 390 -18.58 1.91 35.11
CA TYR D 390 -17.56 1.55 34.13
C TYR D 390 -16.71 2.77 33.80
N TYR D 391 -15.39 2.61 33.78
CA TYR D 391 -14.48 3.74 33.49
C TYR D 391 -13.25 3.31 32.67
N ILE D 392 -12.64 4.27 31.99
CA ILE D 392 -11.36 4.12 31.28
C ILE D 392 -10.26 4.74 32.14
N SER D 393 -9.15 4.04 32.30
CA SER D 393 -7.97 4.61 32.97
C SER D 393 -6.69 4.15 32.31
N ASN D 394 -5.58 4.74 32.73
CA ASN D 394 -4.25 4.30 32.31
C ASN D 394 -3.51 3.46 33.35
N GLU D 395 -4.26 2.81 34.24
CA GLU D 395 -3.69 2.03 35.35
C GLU D 395 -2.81 0.86 34.94
N TYR D 396 -3.22 0.14 33.90
CA TYR D 396 -2.56 -1.12 33.55
C TYR D 396 -1.09 -0.95 33.20
N LYS D 397 -0.27 -1.73 33.90
CA LYS D 397 1.20 -1.77 33.71
C LYS D 397 1.89 -0.41 33.91
N GLY D 398 1.22 0.48 34.63
CA GLY D 398 1.73 1.81 34.92
C GLY D 398 2.06 2.65 33.69
N MET D 399 1.42 2.35 32.57
CA MET D 399 1.66 3.05 31.32
C MET D 399 0.67 4.19 31.16
N PRO D 400 1.13 5.44 31.33
CA PRO D 400 0.21 6.58 31.21
C PRO D 400 -0.40 6.70 29.81
N GLY D 401 0.22 6.05 28.82
CA GLY D 401 -0.22 6.09 27.42
C GLY D 401 -1.05 4.90 26.98
N GLY D 402 -1.46 4.06 27.94
CA GLY D 402 -2.39 2.97 27.69
C GLY D 402 -3.78 3.33 28.19
N ARG D 403 -4.79 2.66 27.65
CA ARG D 403 -6.20 2.88 28.04
C ARG D 403 -6.90 1.54 28.15
N ASN D 404 -7.53 1.30 29.29
CA ASN D 404 -8.29 0.08 29.48
C ASN D 404 -9.62 0.35 30.14
N LEU D 405 -10.56 -0.59 29.93
CA LEU D 405 -11.88 -0.53 30.55
C LEU D 405 -11.88 -1.28 31.88
N TYR D 406 -12.44 -0.62 32.90
CA TYR D 406 -12.60 -1.21 34.22
C TYR D 406 -14.04 -1.05 34.69
N LYS D 407 -14.49 -1.94 35.56
CA LYS D 407 -15.77 -1.75 36.23
C LYS D 407 -15.64 -1.87 37.74
N ILE D 408 -16.30 -0.93 38.42
CA ILE D 408 -16.35 -0.89 39.88
C ILE D 408 -17.67 -1.51 40.33
N GLN D 409 -17.58 -2.53 41.18
CA GLN D 409 -18.75 -3.12 41.80
C GLN D 409 -19.26 -2.11 42.82
N LEU D 410 -20.42 -1.53 42.52
CA LEU D 410 -20.97 -0.45 43.36
C LEU D 410 -21.25 -0.86 44.82
N SER D 411 -21.57 -2.14 45.04
CA SER D 411 -21.76 -2.68 46.39
C SER D 411 -20.46 -2.74 47.22
N ASP D 412 -19.32 -2.79 46.54
CA ASP D 412 -18.02 -2.78 47.20
C ASP D 412 -17.00 -2.25 46.20
N TYR D 413 -16.73 -0.94 46.25
CA TYR D 413 -15.88 -0.30 45.24
C TYR D 413 -14.43 -0.77 45.16
N THR D 414 -13.97 -1.47 46.19
CA THR D 414 -12.64 -2.10 46.18
C THR D 414 -12.60 -3.32 45.25
N LYS D 415 -13.77 -3.81 44.85
CA LYS D 415 -13.85 -4.87 43.85
C LYS D 415 -13.93 -4.25 42.46
N VAL D 416 -12.81 -4.36 41.72
CA VAL D 416 -12.66 -3.73 40.40
C VAL D 416 -12.15 -4.77 39.40
N THR D 417 -12.83 -4.90 38.25
CA THR D 417 -12.38 -5.82 37.20
C THR D 417 -11.85 -5.04 36.01
N CYS D 418 -10.69 -5.45 35.49
CA CYS D 418 -10.28 -4.94 34.18
C CYS D 418 -10.92 -5.78 33.09
N LEU D 419 -11.75 -5.13 32.29
CA LEU D 419 -12.53 -5.82 31.27
C LEU D 419 -11.75 -5.98 29.98
N SER D 420 -10.72 -5.16 29.80
CA SER D 420 -10.02 -5.11 28.53
C SER D 420 -8.53 -5.45 28.58
N CYS D 421 -7.96 -5.47 29.79
CA CYS D 421 -6.50 -5.59 29.98
C CYS D 421 -5.87 -6.82 29.35
N GLU D 422 -6.57 -7.95 29.45
CA GLU D 422 -6.01 -9.26 29.15
C GLU D 422 -6.63 -9.89 27.90
N LEU D 423 -7.51 -9.14 27.24
CA LEU D 423 -8.23 -9.64 26.06
C LEU D 423 -7.29 -9.98 24.93
N ASN D 424 -6.32 -9.10 24.70
CA ASN D 424 -5.26 -9.29 23.74
C ASN D 424 -4.12 -8.32 24.12
N PRO D 425 -3.36 -8.65 25.17
CA PRO D 425 -2.38 -7.73 25.77
C PRO D 425 -1.27 -7.25 24.83
N GLU D 426 -0.85 -8.10 23.90
CA GLU D 426 0.23 -7.76 22.97
C GLU D 426 -0.26 -6.84 21.85
N ARG D 427 -1.46 -7.11 21.35
CA ARG D 427 -2.03 -6.33 20.24
C ARG D 427 -2.79 -5.10 20.71
N CYS D 428 -3.29 -5.15 21.94
CA CYS D 428 -4.30 -4.20 22.42
C CYS D 428 -4.04 -3.63 23.81
N GLN D 429 -3.71 -2.34 23.84
CA GLN D 429 -3.41 -1.63 25.09
C GLN D 429 -4.04 -0.24 25.12
N TYR D 430 -4.80 0.09 24.08
CA TYR D 430 -5.51 1.37 24.03
C TYR D 430 -6.94 1.09 23.65
N TYR D 431 -7.84 1.25 24.61
CA TYR D 431 -9.26 0.97 24.38
C TYR D 431 -10.16 2.17 24.57
N SER D 432 -11.19 2.24 23.74
CA SER D 432 -12.35 3.07 24.02
C SER D 432 -13.56 2.12 23.99
N VAL D 433 -14.70 2.59 24.50
CA VAL D 433 -15.87 1.73 24.64
C VAL D 433 -17.15 2.45 24.18
N SER D 434 -18.13 1.68 23.70
CA SER D 434 -19.47 2.19 23.41
C SER D 434 -20.51 1.26 24.00
N PHE D 435 -21.15 1.72 25.06
CA PHE D 435 -22.16 0.95 25.78
C PHE D 435 -23.53 1.13 25.18
N SER D 436 -24.31 0.05 25.18
CA SER D 436 -25.70 0.09 24.78
C SER D 436 -26.50 0.97 25.74
N LYS D 437 -27.76 1.21 25.40
CA LYS D 437 -28.59 2.18 26.11
C LYS D 437 -28.58 2.03 27.64
N GLU D 438 -28.63 0.79 28.13
CA GLU D 438 -28.58 0.54 29.58
C GLU D 438 -27.33 -0.27 29.97
N ALA D 439 -26.29 -0.16 29.14
CA ALA D 439 -25.01 -0.86 29.35
C ALA D 439 -25.11 -2.40 29.38
N LYS D 440 -26.14 -2.95 28.76
CA LYS D 440 -26.29 -4.41 28.69
C LYS D 440 -25.23 -5.01 27.77
N TYR D 441 -24.86 -4.27 26.73
CA TYR D 441 -23.79 -4.68 25.83
C TYR D 441 -22.78 -3.55 25.63
N TYR D 442 -21.59 -3.91 25.15
CA TYR D 442 -20.60 -2.91 24.78
C TYR D 442 -19.69 -3.33 23.64
N GLN D 443 -19.31 -2.33 22.84
CA GLN D 443 -18.30 -2.47 21.83
C GLN D 443 -16.99 -1.92 22.35
N LEU D 444 -15.94 -2.74 22.26
CA LEU D 444 -14.58 -2.31 22.52
C LEU D 444 -13.90 -1.91 21.22
N ARG D 445 -13.34 -0.70 21.22
CA ARG D 445 -12.45 -0.25 20.14
C ARG D 445 -11.01 -0.22 20.66
N CYS D 446 -10.18 -1.09 20.09
CA CYS D 446 -8.76 -1.15 20.41
C CYS D 446 -7.96 -0.47 19.28
N SER D 447 -7.23 0.59 19.63
CA SER D 447 -6.50 1.40 18.65
C SER D 447 -4.99 1.15 18.56
N GLY D 448 -4.49 0.20 19.35
CA GLY D 448 -3.08 -0.18 19.31
C GLY D 448 -2.62 -0.91 20.57
N PRO D 449 -1.34 -1.33 20.62
CA PRO D 449 -0.26 -1.07 19.65
C PRO D 449 -0.40 -1.80 18.30
N GLY D 450 -1.16 -2.90 18.27
CA GLY D 450 -1.37 -3.66 17.02
C GLY D 450 -2.43 -2.98 16.16
N LEU D 451 -2.79 -3.62 15.05
CA LEU D 451 -3.88 -3.12 14.19
C LEU D 451 -5.19 -3.02 14.94
N PRO D 452 -6.03 -1.98 14.64
CA PRO D 452 -7.25 -1.85 15.42
C PRO D 452 -8.16 -3.08 15.39
N LEU D 453 -8.84 -3.30 16.51
CA LEU D 453 -9.72 -4.43 16.73
C LEU D 453 -11.01 -3.93 17.37
N TYR D 454 -12.13 -4.23 16.74
CA TYR D 454 -13.44 -3.87 17.25
C TYR D 454 -14.14 -5.16 17.64
N THR D 455 -14.60 -5.23 18.89
CA THR D 455 -15.19 -6.44 19.44
C THR D 455 -16.48 -6.12 20.20
N LEU D 456 -17.40 -7.09 20.23
CA LEU D 456 -18.68 -6.94 20.91
C LEU D 456 -18.77 -7.85 22.13
N HIS D 457 -19.39 -7.35 23.20
CA HIS D 457 -19.37 -8.01 24.51
C HIS D 457 -20.71 -7.86 25.25
N SER D 458 -21.00 -8.80 26.15
CA SER D 458 -22.14 -8.67 27.06
C SER D 458 -21.68 -8.30 28.46
N SER D 459 -22.38 -7.35 29.08
CA SER D 459 -22.08 -6.87 30.45
C SER D 459 -22.42 -7.86 31.56
N VAL D 460 -23.34 -8.78 31.28
CA VAL D 460 -23.75 -9.79 32.26
C VAL D 460 -22.55 -10.65 32.69
N ASN D 461 -21.79 -11.14 31.71
CA ASN D 461 -20.68 -12.06 31.97
C ASN D 461 -19.35 -11.49 31.51
N ASP D 462 -19.40 -10.37 30.79
CA ASP D 462 -18.26 -9.81 30.06
C ASP D 462 -17.67 -10.80 29.05
N LYS D 463 -18.52 -11.69 28.55
CA LYS D 463 -18.15 -12.66 27.52
C LYS D 463 -17.92 -11.96 26.18
N GLY D 464 -16.88 -12.37 25.47
CA GLY D 464 -16.65 -11.92 24.10
C GLY D 464 -17.70 -12.52 23.20
N LEU D 465 -18.51 -11.68 22.58
CA LEU D 465 -19.59 -12.13 21.69
C LEU D 465 -19.09 -12.39 20.27
N ARG D 466 -18.48 -11.37 19.66
CA ARG D 466 -17.89 -11.49 18.32
C ARG D 466 -16.87 -10.40 17.96
N VAL D 467 -16.00 -10.75 17.01
CA VAL D 467 -15.08 -9.81 16.38
C VAL D 467 -15.86 -9.07 15.28
N LEU D 468 -16.00 -7.77 15.45
CA LEU D 468 -16.70 -6.90 14.49
C LEU D 468 -15.79 -6.51 13.33
N GLU D 469 -14.55 -6.15 13.67
CA GLU D 469 -13.52 -5.79 12.70
C GLU D 469 -12.15 -6.09 13.29
N ASP D 470 -11.34 -6.84 12.55
CA ASP D 470 -10.00 -7.19 13.00
C ASP D 470 -8.90 -6.76 12.02
N ASN D 471 -9.29 -6.05 10.97
CA ASN D 471 -8.34 -5.46 10.01
C ASN D 471 -7.42 -6.46 9.31
N SER D 472 -7.91 -7.68 9.08
CA SER D 472 -7.14 -8.74 8.44
C SER D 472 -6.74 -8.41 6.99
N ALA D 473 -7.55 -7.58 6.31
CA ALA D 473 -7.24 -7.09 4.97
C ALA D 473 -6.02 -6.16 4.97
N LEU D 474 -5.98 -5.23 5.93
CA LEU D 474 -4.81 -4.36 6.10
C LEU D 474 -3.60 -5.18 6.53
N ASP D 475 -3.81 -6.07 7.49
CA ASP D 475 -2.79 -6.99 7.99
C ASP D 475 -2.10 -7.75 6.88
N LYS D 476 -2.88 -8.14 5.87
CA LYS D 476 -2.39 -8.96 4.77
C LYS D 476 -1.42 -8.18 3.87
N MET D 477 -1.91 -7.06 3.34
CA MET D 477 -1.11 -6.26 2.40
C MET D 477 0.01 -5.47 3.08
N LEU D 478 0.08 -5.52 4.41
CA LEU D 478 1.08 -4.79 5.19
C LEU D 478 2.28 -5.66 5.55
N GLN D 479 2.10 -6.97 5.62
CA GLN D 479 3.19 -7.87 6.02
C GLN D 479 4.29 -8.04 4.96
N ASN D 480 4.07 -7.47 3.76
CA ASN D 480 5.13 -7.37 2.77
C ASN D 480 5.68 -5.95 2.57
N VAL D 481 5.14 -5.01 3.33
CA VAL D 481 5.74 -3.69 3.46
C VAL D 481 6.75 -3.71 4.60
N GLN D 482 7.95 -3.20 4.32
CA GLN D 482 8.92 -2.91 5.36
C GLN D 482 8.34 -1.83 6.29
N MET D 483 7.77 -2.24 7.42
CA MET D 483 7.11 -1.32 8.33
C MET D 483 7.99 -0.92 9.51
N PRO D 484 7.85 0.35 10.00
CA PRO D 484 8.60 0.75 11.18
C PRO D 484 8.12 0.04 12.45
N SER D 485 8.95 0.08 13.48
CA SER D 485 8.55 -0.37 14.81
C SER D 485 8.35 0.84 15.72
N LYS D 486 7.47 0.71 16.71
CA LYS D 486 7.33 1.72 17.74
C LYS D 486 7.94 1.23 19.05
N LYS D 487 8.82 2.04 19.62
CA LYS D 487 9.25 1.87 21.00
C LYS D 487 8.53 2.88 21.89
N LEU D 488 7.86 2.37 22.92
CA LEU D 488 7.26 3.19 23.96
C LEU D 488 8.05 2.93 25.24
N ASP D 489 8.75 3.93 25.75
CA ASP D 489 9.52 3.76 26.97
C ASP D 489 9.56 5.08 27.73
N PHE D 490 10.32 5.12 28.82
CA PHE D 490 10.50 6.31 29.60
C PHE D 490 11.98 6.61 29.88
N ILE D 491 12.27 7.87 30.15
CA ILE D 491 13.57 8.28 30.69
C ILE D 491 13.32 8.89 32.06
N ILE D 492 14.32 8.86 32.94
CA ILE D 492 14.16 9.36 34.31
C ILE D 492 14.86 10.72 34.53
N LEU D 493 14.07 11.80 34.48
CA LEU D 493 14.54 13.14 34.82
C LEU D 493 14.15 13.46 36.25
N ASN D 494 15.13 13.90 37.05
CA ASN D 494 14.88 14.32 38.43
C ASN D 494 13.94 13.40 39.23
N GLU D 495 14.27 12.12 39.26
CA GLU D 495 13.46 11.09 39.97
C GLU D 495 12.08 10.79 39.39
N THR D 496 11.76 11.37 38.22
CA THR D 496 10.43 11.27 37.61
C THR D 496 10.48 10.60 36.24
N LYS D 497 9.56 9.66 36.02
CA LYS D 497 9.37 9.03 34.71
C LYS D 497 8.81 10.03 33.73
N PHE D 498 9.40 10.05 32.54
CA PHE D 498 8.86 10.83 31.44
C PHE D 498 8.87 9.95 30.22
N TRP D 499 7.72 9.85 29.59
CA TRP D 499 7.52 8.90 28.52
C TRP D 499 7.81 9.48 27.15
N TYR D 500 8.34 8.63 26.30
CA TYR D 500 8.62 9.00 24.93
C TYR D 500 8.23 7.80 24.07
N GLN D 501 7.96 8.06 22.80
CA GLN D 501 7.88 7.00 21.83
C GLN D 501 8.79 7.32 20.67
N MET D 502 9.29 6.27 20.03
CA MET D 502 10.10 6.39 18.83
C MET D 502 9.53 5.53 17.72
N ILE D 503 9.32 6.16 16.56
CA ILE D 503 9.02 5.40 15.36
C ILE D 503 10.35 5.08 14.73
N LEU D 504 10.65 3.79 14.68
CA LEU D 504 11.94 3.26 14.30
C LEU D 504 11.89 2.59 12.92
N PRO D 505 12.81 2.98 12.03
CA PRO D 505 12.95 2.38 10.71
C PRO D 505 12.94 0.85 10.73
N PRO D 506 12.50 0.21 9.63
CA PRO D 506 12.56 -1.25 9.58
C PRO D 506 14.02 -1.68 9.71
N HIS D 507 14.25 -2.86 10.28
CA HIS D 507 15.61 -3.40 10.41
C HIS D 507 16.53 -2.46 11.21
N PHE D 508 15.92 -1.67 12.09
CA PHE D 508 16.62 -0.76 12.98
C PHE D 508 17.87 -1.39 13.62
N ASP D 509 18.95 -0.61 13.65
CA ASP D 509 20.27 -1.07 14.10
C ASP D 509 20.87 -0.04 15.05
N LYS D 510 21.00 -0.40 16.33
CA LYS D 510 21.59 0.48 17.34
C LYS D 510 23.08 0.82 17.14
N SER D 511 23.74 0.12 16.22
CA SER D 511 25.12 0.44 15.83
C SER D 511 25.18 1.54 14.76
N LYS D 512 24.04 1.82 14.15
CA LYS D 512 23.93 2.90 13.17
C LYS D 512 23.54 4.21 13.85
N LYS D 513 23.96 5.31 13.24
CA LYS D 513 23.54 6.63 13.65
C LYS D 513 22.45 7.11 12.71
N TYR D 514 21.27 7.36 13.28
CA TYR D 514 20.09 7.72 12.52
C TYR D 514 19.79 9.20 12.70
N PRO D 515 19.35 9.87 11.63
CA PRO D 515 18.78 11.20 11.83
C PRO D 515 17.49 11.10 12.65
N LEU D 516 17.28 12.06 13.55
CA LEU D 516 16.07 12.09 14.36
C LEU D 516 15.21 13.33 14.13
N LEU D 517 13.90 13.11 14.07
CA LEU D 517 12.91 14.16 14.07
C LEU D 517 12.07 14.10 15.33
N LEU D 518 12.05 15.19 16.07
CA LEU D 518 11.17 15.31 17.22
C LEU D 518 9.80 15.82 16.79
N ASP D 519 8.79 14.97 16.97
CA ASP D 519 7.40 15.31 16.71
C ASP D 519 6.80 15.88 18.00
N VAL D 520 6.48 17.16 17.99
CA VAL D 520 6.09 17.87 19.21
C VAL D 520 4.65 18.43 19.22
N TYR D 521 4.00 18.23 20.36
CA TYR D 521 2.80 18.96 20.75
C TYR D 521 3.24 19.73 22.01
N ALA D 522 3.33 19.03 23.13
CA ALA D 522 3.86 19.56 24.39
C ALA D 522 3.01 20.63 25.07
N GLY D 523 1.78 20.84 24.58
CA GLY D 523 0.82 21.70 25.23
C GLY D 523 0.35 21.08 26.53
N PRO D 524 -0.27 21.89 27.42
CA PRO D 524 -0.87 21.43 28.65
C PRO D 524 -1.84 20.25 28.43
N CYS D 525 -1.59 19.16 29.16
CA CYS D 525 -2.37 17.92 29.06
C CYS D 525 -2.22 17.20 27.72
N SER D 526 -1.15 17.49 27.00
CA SER D 526 -0.86 16.72 25.79
C SER D 526 -0.28 15.36 26.13
N GLN D 527 -0.46 14.44 25.19
CA GLN D 527 0.13 13.12 25.29
C GLN D 527 0.46 12.67 23.90
N LYS D 528 1.75 12.52 23.66
CA LYS D 528 2.29 12.16 22.34
C LYS D 528 3.01 10.84 22.39
N ALA D 529 3.19 10.30 23.60
CA ALA D 529 3.76 8.97 23.76
C ALA D 529 2.63 8.04 24.20
N ASP D 530 2.25 7.11 23.32
CA ASP D 530 1.09 6.26 23.57
C ASP D 530 1.13 4.99 22.76
N THR D 531 0.19 4.09 23.03
CA THR D 531 0.15 2.76 22.43
C THR D 531 -0.82 2.69 21.25
N VAL D 532 -1.20 3.84 20.71
CA VAL D 532 -2.04 3.88 19.51
C VAL D 532 -1.21 3.59 18.26
N PHE D 533 -1.70 2.65 17.45
CA PHE D 533 -1.15 2.38 16.13
C PHE D 533 -1.56 3.45 15.12
N ARG D 534 -0.58 4.07 14.47
CA ARG D 534 -0.87 5.11 13.51
C ARG D 534 -0.18 4.87 12.17
N LEU D 535 -0.84 5.32 11.11
CA LEU D 535 -0.27 5.30 9.77
C LEU D 535 -0.27 6.75 9.32
N ASN D 536 0.92 7.34 9.36
CA ASN D 536 1.01 8.76 9.15
C ASN D 536 2.32 9.18 8.47
N TRP D 537 2.60 10.48 8.50
CA TRP D 537 3.83 11.03 7.91
C TRP D 537 5.09 10.37 8.51
N ALA D 538 5.11 10.25 9.83
CA ALA D 538 6.17 9.59 10.58
C ALA D 538 6.44 8.15 10.12
N THR D 539 5.37 7.42 9.79
CA THR D 539 5.46 6.09 9.20
C THR D 539 6.28 6.09 7.91
N TYR D 540 5.96 7.00 6.99
CA TYR D 540 6.78 7.20 5.78
C TYR D 540 8.23 7.59 6.10
N LEU D 541 8.42 8.47 7.07
CA LEU D 541 9.76 8.95 7.44
C LEU D 541 10.63 7.84 8.00
N ALA D 542 10.04 6.99 8.84
CA ALA D 542 10.77 5.85 9.38
C ALA D 542 10.90 4.75 8.33
N SER D 543 9.81 4.45 7.63
CA SER D 543 9.78 3.34 6.69
C SER D 543 10.60 3.59 5.44
N THR D 544 10.48 4.78 4.87
CA THR D 544 11.12 5.08 3.59
C THR D 544 12.43 5.84 3.81
N GLU D 545 12.40 6.86 4.66
CA GLU D 545 13.56 7.75 4.79
C GLU D 545 14.57 7.33 5.86
N ASN D 546 14.26 6.27 6.61
CA ASN D 546 15.09 5.81 7.73
C ASN D 546 15.38 6.89 8.77
N ILE D 547 14.39 7.71 9.06
CA ILE D 547 14.47 8.70 10.12
C ILE D 547 13.79 8.16 11.37
N ILE D 548 14.45 8.30 12.53
CA ILE D 548 13.74 8.12 13.78
C ILE D 548 12.84 9.31 14.02
N VAL D 549 11.56 9.05 14.23
CA VAL D 549 10.67 10.11 14.63
C VAL D 549 10.18 9.85 16.05
N ALA D 550 10.54 10.75 16.95
CA ALA D 550 10.28 10.60 18.36
C ALA D 550 9.32 11.68 18.87
N SER D 551 8.59 11.32 19.92
CA SER D 551 7.82 12.27 20.68
C SER D 551 8.14 12.03 22.15
N PHE D 552 7.99 13.07 22.94
CA PHE D 552 8.34 13.05 24.35
C PHE D 552 7.30 13.85 25.11
N ASP D 553 6.86 13.32 26.23
CA ASP D 553 5.88 13.97 27.09
C ASP D 553 6.59 14.41 28.36
N GLY D 554 7.01 15.67 28.39
CA GLY D 554 7.69 16.24 29.55
C GLY D 554 6.73 16.98 30.45
N ARG D 555 7.23 18.02 31.12
CA ARG D 555 6.40 18.80 32.02
C ARG D 555 5.26 19.56 31.31
N GLY D 556 4.12 19.63 31.99
CA GLY D 556 2.91 20.15 31.37
C GLY D 556 2.05 19.08 30.73
N SER D 557 2.64 17.94 30.38
CA SER D 557 1.92 16.85 29.71
C SER D 557 0.87 16.20 30.63
N GLY D 558 -0.10 15.48 30.04
CA GLY D 558 -1.25 14.98 30.80
C GLY D 558 -1.28 13.53 31.24
N TYR D 559 -2.30 13.22 32.03
CA TYR D 559 -2.66 11.87 32.48
C TYR D 559 -1.65 11.19 33.40
N GLN D 560 -0.78 11.99 34.02
CA GLN D 560 0.25 11.52 34.96
C GLN D 560 0.23 12.30 36.28
N GLY D 561 -0.87 12.99 36.56
CA GLY D 561 -1.02 13.78 37.78
C GLY D 561 -0.72 15.26 37.59
N ASP D 562 -1.19 16.07 38.52
CA ASP D 562 -1.02 17.52 38.45
C ASP D 562 0.40 17.99 38.72
N LYS D 563 1.22 17.19 39.39
CA LYS D 563 2.59 17.64 39.62
C LYS D 563 3.27 17.86 38.26
N ILE D 564 3.08 16.91 37.35
CA ILE D 564 3.58 17.01 35.98
C ILE D 564 2.78 18.03 35.16
N MET D 565 1.46 17.89 35.15
CA MET D 565 0.61 18.75 34.29
C MET D 565 0.61 20.23 34.64
N HIS D 566 0.52 20.55 35.93
CA HIS D 566 0.49 21.94 36.38
C HIS D 566 1.86 22.62 36.42
N ALA D 567 2.91 21.90 36.03
CA ALA D 567 4.29 22.39 36.10
C ALA D 567 4.52 23.64 35.25
N ILE D 568 3.79 23.76 34.13
CA ILE D 568 3.90 24.95 33.29
C ILE D 568 2.85 26.03 33.58
N ASN D 569 2.06 25.85 34.64
CA ASN D 569 1.08 26.85 35.06
C ASN D 569 1.70 28.24 35.13
N ARG D 570 1.11 29.18 34.37
CA ARG D 570 1.51 30.58 34.32
C ARG D 570 2.83 30.78 33.58
N ARG D 571 3.33 29.69 32.99
CA ARG D 571 4.70 29.65 32.47
C ARG D 571 4.81 28.84 31.17
N LEU D 572 3.88 29.05 30.26
CA LEU D 572 4.00 28.45 28.93
C LEU D 572 5.27 28.92 28.25
N GLY D 573 5.90 28.02 27.50
CA GLY D 573 7.09 28.35 26.74
C GLY D 573 8.36 28.27 27.58
N THR D 574 8.31 27.47 28.65
CA THR D 574 9.47 27.25 29.54
C THR D 574 9.78 25.75 29.64
N PHE D 575 9.28 25.10 30.68
CA PHE D 575 9.63 23.72 31.02
C PHE D 575 9.29 22.68 29.94
N GLU D 576 8.14 22.84 29.28
CA GLU D 576 7.79 21.96 28.18
C GLU D 576 8.77 22.12 27.00
N VAL D 577 9.29 23.34 26.83
CA VAL D 577 10.28 23.67 25.81
C VAL D 577 11.63 23.04 26.16
N GLU D 578 12.09 23.29 27.39
CA GLU D 578 13.34 22.75 27.92
C GLU D 578 13.39 21.23 27.87
N ASP D 579 12.23 20.61 28.11
CA ASP D 579 12.09 19.16 28.17
C ASP D 579 12.19 18.50 26.81
N GLN D 580 11.71 19.17 25.77
CA GLN D 580 11.92 18.70 24.41
C GLN D 580 13.41 18.70 24.06
N ILE D 581 14.12 19.75 24.51
CA ILE D 581 15.55 19.88 24.28
C ILE D 581 16.32 18.82 25.06
N GLU D 582 16.00 18.67 26.35
CA GLU D 582 16.60 17.62 27.16
C GLU D 582 16.33 16.22 26.58
N ALA D 583 15.10 15.96 26.18
CA ALA D 583 14.72 14.71 25.52
C ALA D 583 15.68 14.35 24.40
N ALA D 584 15.88 15.29 23.49
CA ALA D 584 16.78 15.12 22.33
C ALA D 584 18.22 14.89 22.76
N ARG D 585 18.65 15.58 23.82
CA ARG D 585 19.99 15.30 24.41
C ARG D 585 20.07 13.85 24.87
N GLN D 586 19.03 13.38 25.52
CA GLN D 586 18.98 11.99 25.99
C GLN D 586 19.01 11.02 24.81
N PHE D 587 18.26 11.34 23.76
CA PHE D 587 18.19 10.52 22.56
C PHE D 587 19.54 10.41 21.84
N SER D 588 20.30 11.51 21.80
CA SER D 588 21.70 11.48 21.31
C SER D 588 22.60 10.66 22.22
N LYS D 589 22.36 10.76 23.54
CA LYS D 589 23.14 10.04 24.53
C LYS D 589 22.89 8.53 24.47
N MET D 590 21.77 8.12 23.85
CA MET D 590 21.44 6.71 23.64
C MET D 590 22.30 6.04 22.57
N GLY D 591 22.99 6.83 21.76
CA GLY D 591 24.10 6.31 20.94
C GLY D 591 23.75 5.92 19.52
N PHE D 592 22.47 5.94 19.17
CA PHE D 592 22.04 5.58 17.81
C PHE D 592 21.41 6.77 17.09
N VAL D 593 21.74 7.97 17.56
CA VAL D 593 21.28 9.18 16.91
C VAL D 593 22.44 9.97 16.31
N ASP D 594 22.30 10.30 15.03
CA ASP D 594 23.19 11.22 14.37
C ASP D 594 22.86 12.62 14.89
N ASN D 595 23.69 13.11 15.81
CA ASN D 595 23.39 14.40 16.44
C ASN D 595 23.67 15.63 15.54
N LYS D 596 24.27 15.37 14.38
CA LYS D 596 24.38 16.38 13.34
C LYS D 596 23.06 16.53 12.58
N ARG D 597 22.15 15.57 12.75
CA ARG D 597 20.87 15.56 12.04
C ARG D 597 19.69 15.34 13.00
N ILE D 598 19.44 16.34 13.83
CA ILE D 598 18.27 16.34 14.70
C ILE D 598 17.35 17.50 14.32
N ALA D 599 16.15 17.15 13.89
CA ALA D 599 15.12 18.11 13.53
C ALA D 599 13.97 18.10 14.54
N ILE D 600 13.14 19.13 14.47
CA ILE D 600 11.96 19.25 15.33
C ILE D 600 10.84 19.82 14.48
N TRP D 601 9.63 19.31 14.66
CA TRP D 601 8.47 19.91 14.02
C TRP D 601 7.21 19.74 14.86
N GLY D 602 6.21 20.57 14.56
CA GLY D 602 4.91 20.44 15.17
C GLY D 602 3.96 21.48 14.63
N TRP D 603 2.71 21.36 15.07
CA TRP D 603 1.58 22.07 14.54
C TRP D 603 0.90 22.65 15.76
N SER D 604 0.35 23.86 15.65
CA SER D 604 -0.43 24.46 16.74
C SER D 604 0.50 24.75 17.91
N TYR D 605 0.18 24.21 19.09
CA TYR D 605 1.09 24.34 20.24
C TYR D 605 2.49 23.81 19.95
N GLY D 606 2.59 22.74 19.18
CA GLY D 606 3.87 22.17 18.80
C GLY D 606 4.65 23.07 17.87
N GLY D 607 3.95 23.92 17.12
CA GLY D 607 4.59 24.86 16.21
C GLY D 607 5.26 25.96 17.01
N TYR D 608 4.58 26.39 18.07
CA TYR D 608 5.11 27.29 19.09
C TYR D 608 6.33 26.73 19.80
N VAL D 609 6.22 25.51 20.32
CA VAL D 609 7.36 24.86 20.99
C VAL D 609 8.54 24.62 20.04
N THR D 610 8.25 24.14 18.83
CA THR D 610 9.25 23.97 17.78
C THR D 610 10.01 25.25 17.60
N SER D 611 9.28 26.35 17.37
CA SER D 611 9.89 27.67 17.18
C SER D 611 10.68 28.12 18.40
N MET D 612 10.12 27.91 19.59
CA MET D 612 10.82 28.26 20.85
C MET D 612 12.11 27.45 21.02
N VAL D 613 12.09 26.20 20.60
CA VAL D 613 13.26 25.33 20.64
C VAL D 613 14.32 25.77 19.61
N LEU D 614 13.88 26.03 18.38
CA LEU D 614 14.79 26.53 17.34
C LEU D 614 15.35 27.94 17.65
N GLY D 615 14.64 28.71 18.48
CA GLY D 615 15.13 30.01 18.93
C GLY D 615 15.85 29.99 20.27
N SER D 616 16.10 28.79 20.78
CA SER D 616 16.61 28.62 22.14
C SER D 616 18.10 28.82 22.32
N GLY D 617 18.88 28.63 21.25
CA GLY D 617 20.35 28.65 21.34
C GLY D 617 20.96 27.35 21.85
N SER D 618 20.16 26.28 21.96
CA SER D 618 20.64 25.00 22.50
C SER D 618 21.73 24.35 21.66
N GLY D 619 21.64 24.51 20.33
CA GLY D 619 22.61 23.91 19.43
C GLY D 619 22.26 22.48 19.07
N VAL D 620 21.19 21.95 19.66
CA VAL D 620 20.84 20.53 19.49
C VAL D 620 20.19 20.26 18.15
N PHE D 621 19.37 21.21 17.70
CA PHE D 621 18.58 20.99 16.50
C PHE D 621 19.21 21.65 15.29
N LYS D 622 19.29 20.89 14.20
CA LYS D 622 19.80 21.40 12.95
C LYS D 622 18.74 22.30 12.32
N CYS D 623 17.48 21.87 12.41
CA CYS D 623 16.41 22.48 11.65
C CYS D 623 15.06 22.15 12.25
N GLY D 624 14.01 22.75 11.69
CA GLY D 624 12.66 22.49 12.18
C GLY D 624 11.55 23.12 11.37
N ILE D 625 10.34 22.59 11.54
CA ILE D 625 9.14 23.06 10.84
C ILE D 625 8.03 23.43 11.83
N ALA D 626 7.61 24.69 11.84
CA ALA D 626 6.46 25.09 12.62
C ALA D 626 5.26 25.27 11.70
N VAL D 627 4.17 24.53 11.96
CA VAL D 627 2.93 24.69 11.19
C VAL D 627 1.85 25.38 12.04
N ALA D 628 1.26 26.47 11.52
CA ALA D 628 0.24 27.23 12.25
C ALA D 628 0.60 27.47 13.74
N PRO D 629 1.84 27.95 14.01
CA PRO D 629 2.29 28.12 15.37
C PRO D 629 1.71 29.35 16.07
N VAL D 630 1.49 29.25 17.38
CA VAL D 630 1.35 30.44 18.22
C VAL D 630 2.73 31.13 18.27
N SER D 631 2.72 32.47 18.22
CA SER D 631 3.98 33.21 18.30
C SER D 631 4.10 34.04 19.56
N ARG D 632 2.97 34.55 20.05
CA ARG D 632 2.90 35.14 21.37
C ARG D 632 1.49 34.97 21.87
N TRP D 633 1.37 34.80 23.18
CA TRP D 633 0.09 34.37 23.74
C TRP D 633 -1.05 35.39 23.67
N GLU D 634 -0.74 36.69 23.59
CA GLU D 634 -1.78 37.71 23.44
C GLU D 634 -2.54 37.55 22.12
N TYR D 635 -1.93 36.88 21.14
CA TYR D 635 -2.56 36.69 19.84
C TYR D 635 -3.59 35.56 19.86
N TYR D 636 -3.50 34.71 20.88
CA TYR D 636 -4.33 33.51 20.92
C TYR D 636 -5.58 33.73 21.78
N ASP D 637 -6.55 32.81 21.71
CA ASP D 637 -7.86 33.03 22.31
C ASP D 637 -7.82 33.02 23.82
N SER D 638 -8.76 33.73 24.44
CA SER D 638 -8.78 33.91 25.87
C SER D 638 -8.93 32.62 26.70
N VAL D 639 -9.88 31.74 26.35
CA VAL D 639 -10.16 30.63 27.27
C VAL D 639 -9.03 29.60 27.36
N TYR D 640 -8.43 29.25 26.24
CA TYR D 640 -7.29 28.36 26.26
C TYR D 640 -6.11 29.07 26.94
N THR D 641 -5.76 30.24 26.44
CA THR D 641 -4.53 30.93 26.84
C THR D 641 -4.50 31.27 28.33
N GLU D 642 -5.58 31.89 28.81
CA GLU D 642 -5.65 32.38 30.17
C GLU D 642 -5.77 31.25 31.16
N ARG D 643 -6.30 30.11 30.71
CA ARG D 643 -6.39 28.92 31.56
C ARG D 643 -5.01 28.59 32.14
N TYR D 644 -3.98 28.87 31.35
CA TYR D 644 -2.61 28.54 31.67
C TYR D 644 -1.77 29.77 31.99
N MET D 645 -2.10 30.91 31.38
CA MET D 645 -1.28 32.11 31.46
C MET D 645 -1.85 33.21 32.36
N GLY D 646 -3.10 33.05 32.78
CA GLY D 646 -3.79 34.16 33.46
C GLY D 646 -3.96 35.32 32.48
N LEU D 647 -4.03 36.53 33.03
CA LEU D 647 -4.27 37.73 32.23
C LEU D 647 -2.98 38.48 31.91
N PRO D 648 -2.89 39.02 30.68
CA PRO D 648 -1.73 39.81 30.25
C PRO D 648 -1.79 41.23 30.77
N THR D 649 -1.92 41.40 32.08
CA THR D 649 -1.97 42.72 32.71
C THR D 649 -0.76 42.87 33.63
N PRO D 650 -0.35 44.11 33.95
CA PRO D 650 0.73 44.24 34.94
C PRO D 650 0.39 43.63 36.29
N GLU D 651 -0.90 43.51 36.60
CA GLU D 651 -1.36 43.01 37.89
C GLU D 651 -1.41 41.50 37.93
N ASP D 652 -1.21 40.87 36.77
CA ASP D 652 -1.25 39.42 36.73
C ASP D 652 0.02 38.84 36.10
N ASN D 653 -0.01 38.56 34.80
CA ASN D 653 1.08 37.81 34.18
C ASN D 653 1.70 38.42 32.91
N LEU D 654 1.56 39.74 32.72
CA LEU D 654 2.12 40.38 31.52
C LEU D 654 3.59 40.12 31.22
N ASP D 655 4.45 40.16 32.23
CA ASP D 655 5.89 39.94 32.02
C ASP D 655 6.18 38.61 31.36
N HIS D 656 5.51 37.54 31.78
CA HIS D 656 5.77 36.26 31.12
C HIS D 656 5.14 36.16 29.73
N TYR D 657 3.97 36.78 29.53
CA TYR D 657 3.39 36.95 28.18
C TYR D 657 4.40 37.59 27.21
N ARG D 658 5.08 38.62 27.70
CA ARG D 658 6.08 39.33 26.92
C ARG D 658 7.36 38.52 26.78
N ASN D 659 7.62 37.67 27.76
CA ASN D 659 8.81 36.85 27.79
C ASN D 659 8.76 35.58 26.98
N SER D 660 7.56 35.13 26.65
CA SER D 660 7.38 33.82 26.04
C SER D 660 6.99 33.89 24.56
N THR D 661 7.40 34.95 23.88
CA THR D 661 7.14 35.06 22.45
C THR D 661 8.26 34.41 21.63
N VAL D 662 7.93 33.92 20.43
CA VAL D 662 8.99 33.48 19.52
C VAL D 662 9.74 34.64 18.86
N MET D 663 9.06 35.78 18.71
CA MET D 663 9.68 36.98 18.11
C MET D 663 10.96 37.40 18.83
N SER D 664 10.95 37.33 20.17
CA SER D 664 12.09 37.79 20.96
C SER D 664 13.34 36.90 20.81
N ARG D 665 13.17 35.70 20.26
CA ARG D 665 14.27 34.76 20.01
C ARG D 665 14.68 34.73 18.54
N ALA D 666 14.23 35.73 17.77
CA ALA D 666 14.49 35.84 16.35
C ALA D 666 15.99 35.70 15.96
N GLU D 667 16.87 36.33 16.74
CA GLU D 667 18.31 36.33 16.44
C GLU D 667 18.89 34.93 16.43
N ASN D 668 18.43 34.09 17.35
CA ASN D 668 18.90 32.70 17.45
C ASN D 668 18.47 31.79 16.29
N PHE D 669 17.49 32.21 15.49
CA PHE D 669 17.12 31.44 14.30
C PHE D 669 18.21 31.44 13.20
N LYS D 670 19.21 32.30 13.36
CA LYS D 670 20.44 32.25 12.55
C LYS D 670 21.13 30.89 12.71
N GLN D 671 20.78 30.18 13.78
CA GLN D 671 21.46 28.93 14.19
C GLN D 671 20.83 27.64 13.65
N VAL D 672 19.73 27.79 12.91
CA VAL D 672 18.89 26.68 12.44
C VAL D 672 18.40 26.92 11.01
N GLU D 673 17.98 25.85 10.32
CA GLU D 673 17.14 25.97 9.13
C GLU D 673 15.69 25.89 9.55
N TYR D 674 14.90 26.90 9.20
CA TYR D 674 13.50 27.01 9.67
C TYR D 674 12.54 26.98 8.50
N LEU D 675 11.49 26.19 8.63
CA LEU D 675 10.38 26.24 7.72
C LEU D 675 9.11 26.64 8.46
N LEU D 676 8.54 27.77 8.05
CA LEU D 676 7.35 28.32 8.69
C LEU D 676 6.15 28.21 7.75
N ILE D 677 5.07 27.59 8.23
CA ILE D 677 3.90 27.30 7.39
C ILE D 677 2.59 27.73 8.06
N HIS D 678 1.73 28.44 7.31
CA HIS D 678 0.47 28.89 7.85
C HIS D 678 -0.58 29.03 6.78
N GLY D 679 -1.80 28.58 7.07
CA GLY D 679 -2.95 28.83 6.20
C GLY D 679 -3.48 30.24 6.40
N THR D 680 -3.74 30.94 5.31
CA THR D 680 -4.19 32.34 5.37
C THR D 680 -5.59 32.54 5.97
N ALA D 681 -6.45 31.54 5.88
CA ALA D 681 -7.80 31.62 6.46
C ALA D 681 -7.91 30.85 7.77
N ASP D 682 -6.84 30.89 8.58
CA ASP D 682 -6.84 30.23 9.87
C ASP D 682 -7.54 31.13 10.88
N ASP D 683 -8.70 30.67 11.34
CA ASP D 683 -9.58 31.40 12.25
C ASP D 683 -9.18 31.13 13.69
N ASN D 684 -8.40 30.07 13.88
CA ASN D 684 -7.98 29.57 15.18
C ASN D 684 -6.66 30.23 15.61
N VAL D 685 -5.58 29.84 14.98
CA VAL D 685 -4.37 30.61 15.13
C VAL D 685 -4.15 31.41 13.88
N HIS D 686 -4.32 32.70 14.05
CA HIS D 686 -4.50 33.60 12.96
C HIS D 686 -3.20 33.73 12.24
N PHE D 687 -3.28 33.78 10.91
CA PHE D 687 -2.09 33.96 10.08
C PHE D 687 -1.13 35.04 10.65
N GLN D 688 -1.72 36.11 11.21
CA GLN D 688 -1.05 37.10 12.08
C GLN D 688 0.13 36.58 12.90
N GLN D 689 -0.08 35.43 13.54
CA GLN D 689 0.96 34.84 14.40
C GLN D 689 2.25 34.55 13.66
N SER D 690 2.14 33.93 12.49
CA SER D 690 3.31 33.63 11.66
C SER D 690 3.82 34.86 10.93
N ALA D 691 2.91 35.75 10.57
CA ALA D 691 3.30 37.01 9.92
C ALA D 691 4.21 37.82 10.83
N GLN D 692 3.96 37.75 12.13
CA GLN D 692 4.81 38.43 13.11
C GLN D 692 6.11 37.66 13.33
N ILE D 693 6.09 36.34 13.19
CA ILE D 693 7.37 35.61 13.23
C ILE D 693 8.26 36.03 12.06
N SER D 694 7.73 35.94 10.84
CA SER D 694 8.51 36.23 9.64
C SER D 694 9.07 37.65 9.65
N LYS D 695 8.24 38.62 10.05
CA LYS D 695 8.68 40.00 10.15
C LYS D 695 9.83 40.11 11.13
N ALA D 696 9.72 39.45 12.30
CA ALA D 696 10.79 39.52 13.31
C ALA D 696 12.08 38.89 12.79
N LEU D 697 11.94 37.79 12.05
CA LEU D 697 13.07 37.13 11.42
C LEU D 697 13.70 38.01 10.35
N VAL D 698 12.87 38.63 9.51
CA VAL D 698 13.36 39.58 8.50
C VAL D 698 14.12 40.75 9.16
N ASP D 699 13.58 41.25 10.29
CA ASP D 699 14.16 42.41 10.96
C ASP D 699 15.55 42.16 11.54
N VAL D 700 15.86 40.90 11.86
CA VAL D 700 17.20 40.57 12.36
C VAL D 700 18.09 39.92 11.29
N GLY D 701 17.55 39.77 10.09
CA GLY D 701 18.35 39.29 8.96
C GLY D 701 18.55 37.79 8.97
N VAL D 702 17.55 37.02 9.43
CA VAL D 702 17.63 35.56 9.31
C VAL D 702 16.87 35.04 8.11
N ASP D 703 17.58 34.23 7.32
CA ASP D 703 16.98 33.54 6.22
C ASP D 703 16.27 32.28 6.73
N PHE D 704 15.08 32.04 6.18
CA PHE D 704 14.22 30.92 6.55
C PHE D 704 13.35 30.57 5.35
N GLN D 705 12.72 29.40 5.40
CA GLN D 705 11.75 28.96 4.40
C GLN D 705 10.36 29.30 4.87
N ALA D 706 9.50 29.70 3.95
CA ALA D 706 8.10 29.97 4.26
C ALA D 706 7.14 29.29 3.30
N MET D 707 5.91 29.08 3.76
CA MET D 707 4.86 28.63 2.86
C MET D 707 3.54 29.05 3.46
N TRP D 708 2.79 29.87 2.72
CA TRP D 708 1.40 30.15 3.07
C TRP D 708 0.50 29.17 2.30
N TYR D 709 -0.66 28.87 2.87
CA TYR D 709 -1.70 28.13 2.19
C TYR D 709 -2.95 28.96 2.02
N THR D 710 -3.18 29.41 0.79
CA THR D 710 -4.29 30.28 0.48
C THR D 710 -5.61 29.63 0.88
N ASP D 711 -6.35 30.34 1.75
CA ASP D 711 -7.73 30.00 2.12
C ASP D 711 -7.83 28.78 3.01
N GLU D 712 -6.68 28.21 3.37
CA GLU D 712 -6.65 27.06 4.26
C GLU D 712 -6.76 27.55 5.67
N ASP D 713 -7.34 26.72 6.52
CA ASP D 713 -7.53 27.07 7.92
C ASP D 713 -6.58 26.27 8.80
N HIS D 714 -6.89 26.13 10.08
CA HIS D 714 -5.93 25.50 11.03
C HIS D 714 -5.60 24.04 10.69
N GLY D 715 -6.52 23.34 10.05
CA GLY D 715 -6.31 21.96 9.67
C GLY D 715 -5.43 21.80 8.44
N ILE D 716 -5.24 22.88 7.66
CA ILE D 716 -4.67 22.78 6.31
C ILE D 716 -5.07 21.42 5.69
N ALA D 717 -6.38 21.21 5.58
CA ALA D 717 -6.99 19.88 5.49
C ALA D 717 -7.67 19.56 4.16
N SER D 718 -7.77 20.55 3.28
CA SER D 718 -8.13 20.29 1.90
C SER D 718 -7.26 19.15 1.38
N SER D 719 -7.86 18.30 0.55
CA SER D 719 -7.14 17.17 -0.03
C SER D 719 -5.83 17.63 -0.67
N THR D 720 -5.92 18.61 -1.56
CA THR D 720 -4.73 19.04 -2.31
C THR D 720 -3.71 19.77 -1.44
N ALA D 721 -4.19 20.60 -0.51
CA ALA D 721 -3.29 21.28 0.43
C ALA D 721 -2.62 20.31 1.40
N HIS D 722 -3.38 19.34 1.93
CA HIS D 722 -2.84 18.32 2.83
C HIS D 722 -1.68 17.57 2.17
N GLN D 723 -1.86 17.21 0.91
CA GLN D 723 -0.82 16.54 0.13
C GLN D 723 0.35 17.50 -0.11
N HIS D 724 0.02 18.76 -0.38
CA HIS D 724 1.05 19.75 -0.72
C HIS D 724 1.94 20.04 0.47
N ILE D 725 1.33 20.29 1.63
CA ILE D 725 2.10 20.58 2.83
C ILE D 725 3.07 19.43 3.21
N TYR D 726 2.62 18.18 3.17
CA TYR D 726 3.46 17.04 3.54
C TYR D 726 4.54 16.73 2.50
N THR D 727 4.22 16.90 1.22
CA THR D 727 5.24 16.89 0.17
C THR D 727 6.29 17.98 0.45
N HIS D 728 5.85 19.22 0.69
CA HIS D 728 6.77 20.33 0.96
C HIS D 728 7.65 20.06 2.17
N MET D 729 7.06 19.57 3.25
CA MET D 729 7.78 19.26 4.49
C MET D 729 8.80 18.13 4.34
N SER D 730 8.46 17.14 3.54
CA SER D 730 9.33 16.00 3.26
C SER D 730 10.58 16.48 2.56
N HIS D 731 10.41 17.27 1.49
CA HIS D 731 11.55 17.88 0.79
C HIS D 731 12.45 18.65 1.77
N PHE D 732 11.83 19.45 2.63
CA PHE D 732 12.60 20.22 3.60
C PHE D 732 13.38 19.33 4.56
N ILE D 733 12.72 18.29 5.06
CA ILE D 733 13.35 17.39 6.01
C ILE D 733 14.47 16.60 5.32
N LYS D 734 14.18 16.03 4.16
CA LYS D 734 15.20 15.32 3.39
C LYS D 734 16.39 16.21 3.06
N GLN D 735 16.14 17.45 2.65
CA GLN D 735 17.20 18.41 2.37
C GLN D 735 18.03 18.72 3.64
N CYS D 736 17.34 18.93 4.76
CA CYS D 736 17.99 19.14 6.07
C CYS D 736 18.92 17.98 6.46
N PHE D 737 18.52 16.76 6.14
CA PHE D 737 19.22 15.54 6.52
C PHE D 737 20.11 14.98 5.41
N SER D 738 20.24 15.72 4.31
CA SER D 738 21.03 15.37 3.13
C SER D 738 20.62 14.03 2.53
N LEU D 739 19.31 13.78 2.49
CA LEU D 739 18.76 12.54 1.94
C LEU D 739 18.39 12.72 0.46
N PRO D 740 18.84 11.77 -0.41
CA PRO D 740 18.60 11.87 -1.85
C PRO D 740 17.12 11.75 -2.21
C1 NAG E . -11.32 -10.58 -21.97
C2 NAG E . -12.46 -10.09 -22.87
C3 NAG E . -13.15 -8.91 -22.17
C4 NAG E . -13.75 -9.40 -20.85
C5 NAG E . -12.66 -10.04 -19.98
C6 NAG E . -13.25 -10.82 -18.79
C7 NAG E . -11.23 -8.87 -24.68
C8 NAG E . -10.55 -9.12 -25.99
N2 NAG E . -12.06 -9.83 -24.25
O3 NAG E . -14.12 -8.31 -23.01
O4 NAG E . -14.38 -8.32 -20.18
O5 NAG E . -11.81 -10.95 -20.68
O6 NAG E . -13.84 -12.02 -19.23
O7 NAG E . -11.01 -7.80 -24.09
C1 NAG E . -15.78 -8.60 -19.93
C2 NAG E . -16.37 -7.52 -19.00
C3 NAG E . -17.89 -7.63 -18.82
C4 NAG E . -18.67 -8.23 -20.01
C5 NAG E . -17.86 -9.25 -20.82
C6 NAG E . -18.52 -9.62 -22.15
C7 NAG E . -14.52 -7.07 -17.40
C8 NAG E . -13.78 -7.74 -16.26
N2 NAG E . -15.73 -7.57 -17.68
O3 NAG E . -18.40 -6.33 -18.55
O4 NAG E . -19.87 -8.81 -19.53
O5 NAG E . -16.58 -8.71 -21.09
O6 NAG E . -19.50 -10.63 -21.95
O7 NAG E . -13.99 -6.13 -18.00
C1 NAG F . -1.32 -35.82 -35.97
C2 NAG F . -1.75 -35.60 -37.41
C3 NAG F . -2.77 -36.67 -37.80
C4 NAG F . -2.33 -38.07 -37.35
C5 NAG F . -1.63 -38.07 -35.97
C6 NAG F . -0.98 -39.38 -35.56
C7 NAG F . -1.56 -33.29 -38.10
C8 NAG F . -2.17 -31.92 -38.10
N2 NAG F . -2.27 -34.25 -37.52
O3 NAG F . -2.94 -36.63 -39.21
O4 NAG F . -3.52 -38.83 -37.21
O5 NAG F . -0.66 -37.06 -35.90
O6 NAG F . 0.16 -39.59 -36.37
O7 NAG F . -0.46 -33.49 -38.61
C1 NAG F . -3.64 -39.88 -38.18
C2 NAG F . -4.52 -40.93 -37.51
C3 NAG F . -4.89 -42.07 -38.48
C4 NAG F . -5.49 -41.51 -39.77
C5 NAG F . -4.68 -40.35 -40.34
C6 NAG F . -5.50 -39.57 -41.36
C7 NAG F . -4.18 -41.00 -35.05
C8 NAG F . -5.27 -39.97 -34.82
N2 NAG F . -3.89 -41.42 -36.29
O3 NAG F . -5.79 -42.94 -37.84
O4 NAG F . -5.68 -42.53 -40.74
O5 NAG F . -4.26 -39.40 -39.36
O6 NAG F . -6.23 -38.55 -40.71
O7 NAG F . -3.57 -41.43 -34.07
C1 NAG G . -11.18 -22.02 -43.72
C2 NAG G . -12.27 -22.24 -44.76
C3 NAG G . -13.42 -23.05 -44.17
C4 NAG G . -12.97 -24.18 -43.21
C5 NAG G . -11.57 -24.03 -42.58
C6 NAG G . -10.94 -25.37 -42.19
C7 NAG G . -12.76 -20.77 -46.65
C8 NAG G . -14.08 -20.99 -47.36
N2 NAG G . -12.74 -20.97 -45.33
O3 NAG G . -14.18 -23.61 -45.22
O4 NAG G . -13.94 -24.26 -42.19
O5 NAG G . -10.68 -23.31 -43.43
O6 NAG G . -10.40 -26.04 -43.30
O7 NAG G . -11.77 -20.43 -47.29
C1 NAG G . -14.60 -25.55 -42.21
C2 NAG G . -15.50 -25.73 -40.98
C3 NAG G . -16.21 -27.09 -41.01
C4 NAG G . -16.82 -27.39 -42.40
C5 NAG G . -15.74 -27.17 -43.46
C6 NAG G . -16.21 -27.50 -44.87
C7 NAG G . -14.51 -24.38 -39.17
C8 NAG G . -15.42 -23.97 -38.04
N2 NAG G . -14.74 -25.57 -39.74
O3 NAG G . -17.21 -27.15 -40.01
O4 NAG G . -17.35 -28.70 -42.45
O5 NAG G . -15.31 -25.83 -43.40
O6 NAG G . -15.19 -28.20 -45.55
O7 NAG G . -13.59 -23.65 -39.52
C1 NAG H . 25.16 -43.27 -33.38
C2 NAG H . 26.58 -43.37 -33.93
C3 NAG H . 26.88 -44.84 -34.08
C4 NAG H . 26.39 -45.68 -32.87
C5 NAG H . 25.73 -44.89 -31.70
C6 NAG H . 26.70 -44.78 -30.52
C7 NAG H . 27.47 -41.51 -35.27
C8 NAG H . 26.93 -40.45 -36.18
N2 NAG H . 26.74 -42.63 -35.17
O3 NAG H . 28.27 -44.98 -34.26
O4 NAG H . 25.45 -46.68 -33.25
O5 NAG H . 25.23 -43.60 -32.01
O6 NAG H . 26.03 -44.19 -29.44
O7 NAG H . 28.53 -41.32 -34.66
C1 NAG H . 26.01 -47.95 -33.65
C2 NAG H . 26.62 -48.78 -32.50
C3 NAG H . 27.06 -50.19 -32.94
C4 NAG H . 26.15 -50.87 -33.98
C5 NAG H . 25.56 -49.86 -34.99
C6 NAG H . 24.51 -50.50 -35.91
C7 NAG H . 29.02 -48.14 -32.28
C8 NAG H . 30.05 -48.41 -31.23
N2 NAG H . 27.74 -48.07 -31.88
O3 NAG H . 27.16 -51.03 -31.81
O4 NAG H . 26.89 -51.87 -34.65
O5 NAG H . 25.03 -48.73 -34.31
O6 NAG H . 23.33 -50.77 -35.21
O7 NAG H . 29.38 -47.97 -33.45
C1 NAG I . -37.67 -73.92 1.29
C2 NAG I . -38.70 -75.01 1.62
C3 NAG I . -40.06 -74.60 1.08
C4 NAG I . -40.44 -73.21 1.63
C5 NAG I . -39.31 -72.19 1.38
C6 NAG I . -39.59 -70.83 1.99
C7 NAG I . -37.28 -77.04 1.68
C8 NAG I . -36.62 -78.06 0.81
N2 NAG I . -38.26 -76.30 1.12
O3 NAG I . -41.03 -75.57 1.44
O4 NAG I . -41.72 -72.73 1.21
O5 NAG I . -38.08 -72.69 1.88
O6 NAG I . -40.22 -70.96 3.25
O7 NAG I . -36.93 -76.91 2.86
C1 NAG I . -41.99 -72.81 -0.20
C2 NAG I . -43.49 -73.03 -0.45
C3 NAG I . -43.67 -73.31 -1.94
C4 NAG I . -43.11 -72.15 -2.78
C5 NAG I . -41.67 -71.82 -2.34
C6 NAG I . -41.14 -70.56 -3.00
C7 NAG I . -45.12 -73.89 1.16
C8 NAG I . -44.91 -73.31 2.53
N2 NAG I . -44.03 -74.08 0.40
O3 NAG I . -45.05 -73.51 -2.24
O4 NAG I . -43.16 -72.47 -4.15
O5 NAG I . -41.59 -71.66 -0.93
O6 NAG I . -40.13 -70.89 -3.93
O7 NAG I . -46.26 -74.15 0.78
C1 NAG J . -28.07 -45.00 -13.46
C2 NAG J . -29.33 -45.67 -13.96
C3 NAG J . -29.79 -44.85 -15.15
C4 NAG J . -29.91 -43.36 -14.80
C5 NAG J . -28.82 -42.83 -13.84
C6 NAG J . -29.26 -41.58 -13.09
C7 NAG J . -29.45 -48.07 -13.59
C8 NAG J . -29.32 -49.41 -14.25
N2 NAG J . -29.02 -47.03 -14.32
O3 NAG J . -31.03 -45.34 -15.60
O4 NAG J . -29.81 -42.62 -16.02
O5 NAG J . -28.46 -43.79 -12.87
O6 NAG J . -28.29 -41.28 -12.12
O7 NAG J . -29.95 -47.97 -12.46
C1 NAG J . -30.98 -41.81 -16.24
C2 NAG J . -30.51 -40.56 -17.01
C3 NAG J . -31.70 -39.72 -17.51
C4 NAG J . -32.78 -40.58 -18.18
C5 NAG J . -33.14 -41.79 -17.31
C6 NAG J . -34.12 -42.75 -18.01
C7 NAG J . -28.30 -39.71 -16.23
C8 NAG J . -27.58 -40.59 -17.21
N2 NAG J . -29.65 -39.75 -16.17
O3 NAG J . -31.24 -38.74 -18.41
O4 NAG J . -33.93 -39.78 -18.42
O5 NAG J . -31.97 -42.53 -16.94
O6 NAG J . -33.42 -43.86 -18.54
O7 NAG J . -27.65 -38.97 -15.50
C1 NAG K . -19.74 62.06 -5.88
C2 NAG K . -20.70 63.21 -5.64
C3 NAG K . -21.97 62.69 -4.99
C4 NAG K . -22.56 61.54 -5.81
C5 NAG K . -21.49 60.51 -6.15
C6 NAG K . -22.01 59.44 -7.09
C7 NAG K . -19.27 65.15 -5.38
C8 NAG K . -18.71 66.18 -4.46
N2 NAG K . -20.02 64.19 -4.83
O3 NAG K . -22.94 63.69 -4.89
O4 NAG K . -23.56 60.94 -5.01
O5 NAG K . -20.35 61.12 -6.73
O6 NAG K . -21.04 58.42 -7.14
O7 NAG K . -19.04 65.20 -6.59
C1 NAG K . -24.90 61.07 -5.55
C2 NAG K . -25.73 59.96 -4.93
C3 NAG K . -27.22 60.13 -5.24
C4 NAG K . -27.66 61.49 -4.71
C5 NAG K . -26.83 62.55 -5.45
C6 NAG K . -27.17 63.98 -5.04
C7 NAG K . -24.46 57.86 -4.47
C8 NAG K . -23.88 58.44 -3.19
N2 NAG K . -25.20 58.64 -5.29
O3 NAG K . -27.97 59.10 -4.64
O4 NAG K . -29.06 61.71 -4.85
O5 NAG K . -25.45 62.34 -5.23
O6 NAG K . -26.63 64.25 -3.75
O7 NAG K . -24.23 56.67 -4.70
C1 NAG L . -26.20 42.49 24.37
C2 NAG L . -27.35 42.39 25.34
C3 NAG L . -27.64 43.82 25.83
C4 NAG L . -26.35 44.57 26.21
C5 NAG L . -25.01 44.03 25.67
C6 NAG L . -23.90 44.07 26.71
C7 NAG L . -28.93 40.57 25.09
C8 NAG L . -29.79 39.81 24.13
N2 NAG L . -28.47 41.75 24.68
O3 NAG L . -28.51 43.79 26.93
O4 NAG L . -26.53 45.90 25.75
O5 NAG L . -25.06 42.71 25.17
O6 NAG L . -22.68 44.38 26.09
O7 NAG L . -28.70 40.09 26.20
C1 NAG L . -26.33 46.84 26.82
C2 NAG L . -25.88 48.17 26.20
C3 NAG L . -25.86 49.35 27.20
C4 NAG L . -26.92 49.28 28.31
C5 NAG L . -27.19 47.84 28.77
C6 NAG L . -28.34 47.77 29.77
C7 NAG L . -24.26 47.83 24.33
C8 NAG L . -25.35 47.70 23.30
N2 NAG L . -24.55 48.00 25.62
O3 NAG L . -26.04 50.56 26.48
O4 NAG L . -26.52 50.07 29.41
O5 NAG L . -27.47 47.02 27.64
O6 NAG L . -29.56 47.67 29.08
O7 NAG L . -23.09 47.76 23.96
C1 NAG M . 18.54 13.82 -26.98
C2 NAG M . 17.09 13.57 -27.37
C3 NAG M . 16.90 13.86 -28.87
C4 NAG M . 17.46 15.25 -29.23
C5 NAG M . 18.88 15.44 -28.68
C6 NAG M . 19.39 16.86 -28.88
C7 NAG M . 15.97 11.88 -25.98
C8 NAG M . 14.60 11.36 -26.30
N2 NAG M . 16.74 12.20 -27.03
O3 NAG M . 15.55 13.76 -29.25
O4 NAG M . 17.45 15.43 -30.64
O5 NAG M . 18.91 15.16 -27.29
O6 NAG M . 20.67 16.97 -28.33
O7 NAG M . 16.34 11.99 -24.81
C1 NAG N . 11.04 -8.78 -49.54
C2 NAG N . 10.69 -7.62 -50.49
C3 NAG N . 9.83 -7.98 -51.73
C4 NAG N . 9.99 -9.42 -52.19
C5 NAG N . 10.00 -10.34 -50.97
C6 NAG N . 9.93 -11.83 -51.34
C7 NAG N . 10.58 -5.46 -49.38
C8 NAG N . 11.34 -4.67 -50.40
N2 NAG N . 9.99 -6.59 -49.76
O3 NAG N . 10.16 -7.13 -52.80
O4 NAG N . 8.93 -9.74 -53.06
O5 NAG N . 11.15 -10.04 -50.18
O6 NAG N . 8.70 -12.11 -51.98
O7 NAG N . 10.51 -5.07 -48.21
C1 NAG O . 39.89 -40.79 -14.43
C2 NAG O . 40.23 -40.79 -12.94
C3 NAG O . 39.66 -39.55 -12.25
C4 NAG O . 39.82 -38.24 -13.06
C5 NAG O . 39.65 -38.40 -14.58
C6 NAG O . 40.24 -37.19 -15.31
C7 NAG O . 39.24 -43.08 -12.79
C8 NAG O . 39.87 -44.40 -12.44
N2 NAG O . 39.80 -42.00 -12.24
O3 NAG O . 40.27 -39.39 -10.99
O4 NAG O . 38.90 -37.28 -12.58
O5 NAG O . 40.30 -39.58 -15.05
O6 NAG O . 40.46 -37.41 -16.68
O7 NAG O . 38.24 -43.03 -13.52
C1 NAG P . 22.12 -54.02 -15.64
C2 NAG P . 21.88 -55.29 -16.48
C3 NAG P . 23.07 -56.25 -16.39
C4 NAG P . 24.40 -55.53 -16.62
C5 NAG P . 24.49 -54.27 -15.77
C6 NAG P . 25.80 -53.50 -15.99
C7 NAG P . 20.01 -56.85 -16.78
C8 NAG P . 19.17 -56.39 -17.94
N2 NAG P . 20.64 -55.91 -16.05
O3 NAG P . 22.94 -57.29 -17.34
O4 NAG P . 25.45 -56.42 -16.33
O5 NAG P . 23.37 -53.44 -16.00
O6 NAG P . 25.73 -52.64 -17.11
O7 NAG P . 20.11 -58.05 -16.51
O26 T22 Q . 19.99 -29.83 -13.74
C25 T22 Q . 19.69 -28.74 -14.28
N2 T22 Q . 19.88 -27.59 -13.57
C1 T22 Q . 20.42 -27.68 -12.19
N15 T22 Q . 19.19 -28.71 -15.53
C16 T22 Q . 19.01 -30.00 -16.26
C17 T22 Q . 18.04 -30.98 -15.60
C22 T22 Q . 16.76 -30.63 -15.13
C23 T22 Q . 16.28 -29.42 -15.23
N24 T22 Q . 15.83 -28.34 -15.31
C21 T22 Q . 15.95 -31.61 -14.55
C20 T22 Q . 16.39 -32.94 -14.42
C19 T22 Q . 17.66 -33.30 -14.90
C18 T22 Q . 18.47 -32.32 -15.48
C6 T22 Q . 18.88 -27.51 -16.11
C5 T22 Q . 19.05 -26.32 -15.40
C3 T22 Q . 19.57 -26.39 -14.12
O4 T22 Q . 19.73 -25.32 -13.50
N7 T22 Q . 18.52 -27.34 -17.47
C14 T22 Q . 17.35 -26.51 -17.86
C11 T22 Q . 16.64 -26.97 -19.14
N13 T22 Q . 15.79 -28.17 -18.91
C10 T22 Q . 17.64 -27.25 -20.26
C9 T22 Q . 18.73 -28.21 -19.80
C8 T22 Q . 19.44 -27.71 -18.55
C1 NAG R . -15.78 -86.96 18.63
C2 NAG R . -15.28 -87.40 17.26
C3 NAG R . -16.14 -88.59 16.80
C4 NAG R . -16.01 -89.72 17.84
C5 NAG R . -16.38 -89.19 19.23
C6 NAG R . -16.23 -90.24 20.32
C7 NAG R . -14.14 -85.65 15.98
C8 NAG R . -14.20 -84.15 16.03
N2 NAG R . -15.26 -86.29 16.32
O3 NAG R . -15.79 -88.99 15.50
O4 NAG R . -16.83 -90.83 17.52
O5 NAG R . -15.60 -88.04 19.54
O6 NAG R . -17.51 -90.70 20.71
O7 NAG R . -13.09 -86.20 15.64
C1 NAG S . -6.97 -68.67 -14.71
C2 NAG S . -7.78 -69.43 -15.75
C3 NAG S . -6.91 -70.58 -16.23
C4 NAG S . -5.59 -70.04 -16.82
C5 NAG S . -4.95 -68.92 -15.96
C6 NAG S . -3.94 -68.11 -16.77
C7 NAG S . -10.22 -69.22 -15.30
C8 NAG S . -10.45 -68.36 -16.51
N2 NAG S . -9.05 -69.88 -15.19
O3 NAG S . -7.60 -71.37 -17.19
O4 NAG S . -4.67 -71.11 -16.99
O5 NAG S . -5.90 -68.03 -15.39
O6 NAG S . -3.90 -66.76 -16.38
O7 NAG S . -11.11 -69.35 -14.47
C1 NAG T . -30.52 -60.75 -21.01
C2 NAG T . -31.02 -61.46 -22.27
C3 NAG T . -30.10 -61.07 -23.43
C4 NAG T . -30.05 -59.54 -23.57
C5 NAG T . -29.83 -58.81 -22.23
C6 NAG T . -30.15 -57.32 -22.35
C7 NAG T . -32.01 -63.70 -22.54
C8 NAG T . -31.59 -64.65 -23.63
N2 NAG T . -31.05 -62.90 -22.06
O3 NAG T . -30.55 -61.66 -24.61
O4 NAG T . -29.04 -59.20 -24.49
O5 NAG T . -30.62 -59.35 -21.19
O6 NAG T . -30.72 -56.84 -21.15
O7 NAG T . -33.18 -63.68 -22.16
C1 NAG U . -33.77 -32.80 10.90
C2 NAG U . -34.45 -32.71 12.27
C3 NAG U . -34.97 -31.29 12.43
C4 NAG U . -33.82 -30.27 12.29
C5 NAG U . -32.82 -30.62 11.17
C6 NAG U . -31.47 -29.92 11.39
C7 NAG U . -35.58 -34.58 13.45
C8 NAG U . -36.42 -35.81 13.21
N2 NAG U . -35.49 -33.73 12.41
O3 NAG U . -35.59 -31.14 13.69
O4 NAG U . -34.36 -28.99 12.09
O5 NAG U . -32.59 -32.01 10.99
O6 NAG U . -30.73 -30.56 12.41
O7 NAG U . -35.06 -34.40 14.56
O26 T22 V . -10.98 -42.19 13.12
C25 T22 V . -11.22 -43.42 12.97
N2 T22 V . -10.39 -44.32 13.54
C1 T22 V . -9.23 -43.82 14.32
N15 T22 V . -12.30 -43.81 12.24
C16 T22 V . -13.17 -42.76 11.63
C17 T22 V . -12.48 -41.85 10.63
C22 T22 V . -11.66 -42.30 9.58
C23 T22 V . -11.41 -43.58 9.37
N24 T22 V . -11.18 -44.71 9.16
C21 T22 V . -11.07 -41.37 8.70
C20 T22 V . -11.31 -40.00 8.86
C19 T22 V . -12.14 -39.54 9.89
C18 T22 V . -12.71 -40.47 10.76
C6 T22 V . -12.55 -45.14 12.09
C5 T22 V . -11.70 -46.09 12.66
C3 T22 V . -10.62 -45.65 13.40
O4 T22 V . -9.88 -46.50 13.92
N7 T22 V . -13.73 -45.69 11.51
C14 T22 V . -13.66 -46.77 10.50
C11 T22 V . -14.79 -46.74 9.46
N13 T22 V . -14.57 -45.69 8.43
C10 T22 V . -16.15 -46.55 10.12
C9 T22 V . -16.15 -45.34 11.04
C8 T22 V . -15.05 -45.40 12.09
C1 NAG W . 1.88 69.77 16.19
C2 NAG W . 0.88 70.84 16.56
C3 NAG W . 0.97 71.15 18.05
C4 NAG W . 1.05 69.88 18.93
C5 NAG W . 1.73 68.67 18.27
C6 NAG W . 1.30 67.34 18.91
C7 NAG W . 0.38 72.29 14.62
C8 NAG W . -1.12 72.33 14.64
N2 NAG W . 1.04 72.05 15.76
O3 NAG W . -0.15 71.91 18.44
O4 NAG W . 1.71 70.21 20.14
O5 NAG W . 1.50 68.59 16.87
O6 NAG W . -0.03 67.00 18.60
O7 NAG W . 0.97 72.49 13.55
C1 NAG X . -18.77 77.66 4.24
C2 NAG X . -19.70 78.60 4.98
C3 NAG X . -20.44 77.82 6.06
C4 NAG X . -21.15 76.60 5.43
C5 NAG X . -20.25 75.81 4.46
C6 NAG X . -21.06 74.82 3.63
C7 NAG X . -18.49 80.73 4.81
C8 NAG X . -17.12 81.22 5.18
N2 NAG X . -18.98 79.74 5.54
O3 NAG X . -21.35 78.67 6.72
O4 NAG X . -21.62 75.75 6.46
O5 NAG X . -19.53 76.67 3.59
O6 NAG X . -20.57 74.73 2.31
O7 NAG X . -19.11 81.26 3.87
C1 NAG Y . -10.54 51.40 -29.96
C2 NAG Y . -10.77 51.64 -31.45
C3 NAG Y . -11.97 50.88 -32.05
C4 NAG Y . -12.13 49.46 -31.51
C5 NAG Y . -11.92 49.43 -29.99
C6 NAG Y . -11.99 48.01 -29.40
C7 NAG Y . -10.15 53.71 -32.59
C8 NAG Y . -10.11 55.21 -32.42
N2 NAG Y . -10.94 53.06 -31.74
O3 NAG Y . -11.80 50.82 -33.46
O4 NAG Y . -13.39 48.96 -31.91
O5 NAG Y . -10.66 50.00 -29.67
O6 NAG Y . -11.00 47.17 -29.97
O7 NAG Y . -9.47 53.16 -33.47
C1 NAG Z . 7.46 35.56 -34.30
C2 NAG Z . 8.30 34.28 -34.40
C3 NAG Z . 9.69 34.35 -33.71
C4 NAG Z . 10.16 35.73 -33.20
C5 NAG Z . 9.11 36.86 -33.29
C6 NAG Z . 9.76 38.23 -33.30
C7 NAG Z . 7.34 32.03 -34.54
C8 NAG Z . 6.77 30.87 -33.76
N2 NAG Z . 7.54 33.16 -33.86
O3 NAG Z . 10.67 33.83 -34.58
O4 NAG Z . 10.57 35.59 -31.86
O5 NAG Z . 8.29 36.70 -34.43
O6 NAG Z . 9.18 39.03 -34.30
O7 NAG Z . 7.60 31.91 -35.74
O26 T22 AA . 5.96 46.35 -14.38
C25 T22 AA . 6.30 47.50 -14.03
N2 T22 AA . 7.58 47.71 -13.63
C1 T22 AA . 8.51 46.56 -13.60
N15 T22 AA . 5.40 48.51 -14.06
C16 T22 AA . 4.01 48.23 -14.53
C17 T22 AA . 3.25 47.22 -13.68
C22 T22 AA . 3.17 47.27 -12.26
C23 T22 AA . 3.76 48.20 -11.56
N24 T22 AA . 4.28 49.03 -10.92
C21 T22 AA . 2.44 46.29 -11.58
C20 T22 AA . 1.78 45.26 -12.28
C19 T22 AA . 1.82 45.23 -13.67
C18 T22 AA . 2.56 46.20 -14.36
C6 T22 AA . 5.79 49.78 -13.70
C5 T22 AA . 7.11 50.01 -13.27
C3 T22 AA . 7.98 48.94 -13.24
O4 T22 AA . 9.15 49.17 -12.87
N7 T22 AA . 5.01 50.94 -13.87
C14 T22 AA . 4.85 51.93 -12.77
C11 T22 AA . 3.50 52.67 -12.75
N13 T22 AA . 2.41 51.81 -12.23
C10 T22 AA . 3.15 53.18 -14.14
C9 T22 AA . 3.22 52.07 -15.19
C8 T22 AA . 4.57 51.38 -15.20
C1 NAG BA . -34.39 25.83 0.75
C2 NAG BA . -35.83 26.14 0.29
C3 NAG BA . -36.26 25.12 -0.77
C4 NAG BA . -35.28 25.23 -1.93
C5 NAG BA . -33.81 25.23 -1.49
C6 NAG BA . -32.92 25.74 -2.62
C7 NAG BA . -36.95 25.57 2.46
C8 NAG BA . -37.60 26.24 3.64
N2 NAG BA . -36.76 26.35 1.41
O3 NAG BA . -37.58 25.32 -1.26
O4 NAG BA . -35.52 24.18 -2.85
O5 NAG BA . -33.55 26.03 -0.31
O6 NAG BA . -33.27 27.06 -2.98
O7 NAG BA . -36.65 24.38 2.51
C1 NAG CA . -41.93 14.34 31.91
C2 NAG CA . -43.16 13.48 32.12
C3 NAG CA . -44.16 14.29 32.92
C4 NAG CA . -43.55 14.89 34.20
C5 NAG CA . -42.06 15.31 34.08
C6 NAG CA . -41.36 15.16 35.44
C7 NAG CA . -43.18 12.06 30.08
C8 NAG CA . -43.00 12.37 28.61
N2 NAG CA . -43.70 13.04 30.83
O3 NAG CA . -45.27 13.49 33.30
O4 NAG CA . -44.34 16.00 34.59
O5 NAG CA . -41.30 14.57 33.15
O6 NAG CA . -41.05 13.80 35.69
O7 NAG CA . -42.85 10.94 30.50
C1 NAG DA . -43.43 37.29 20.17
C2 NAG DA . -44.77 37.99 19.86
C3 NAG DA . -44.70 39.34 19.11
C4 NAG DA . -43.30 39.89 18.76
C5 NAG DA . -42.15 38.92 19.06
C6 NAG DA . -40.79 39.61 19.10
C7 NAG DA . -46.81 36.63 19.73
C8 NAG DA . -47.48 35.49 18.99
N2 NAG DA . -45.69 37.10 19.17
O3 NAG DA . -45.41 40.31 19.86
O4 NAG DA . -43.29 40.27 17.40
O5 NAG DA . -42.40 38.24 20.28
O6 NAG DA . -40.50 40.13 20.38
O7 NAG DA . -47.32 37.07 20.78
C1 NAG EA . 14.68 18.77 37.29
C2 NAG EA . 15.26 18.99 35.90
C3 NAG EA . 14.22 18.66 34.80
C4 NAG EA . 13.04 17.85 35.36
C5 NAG EA . 12.37 18.55 36.56
C6 NAG EA . 11.58 17.61 37.48
C7 NAG EA . 15.30 21.50 35.99
C8 NAG EA . 15.89 22.30 37.11
N2 NAG EA . 15.87 20.32 35.73
O3 NAG EA . 14.87 17.98 33.75
O4 NAG EA . 12.07 17.61 34.36
O5 NAG EA . 13.34 19.25 37.35
O6 NAG EA . 10.51 16.98 36.82
O7 NAG EA . 14.34 21.94 35.35
C1 NAG FA . 11.32 38.99 32.31
C2 NAG FA . 11.35 38.19 33.61
C3 NAG FA . 12.55 38.72 34.43
C4 NAG FA . 13.84 38.53 33.62
C5 NAG FA . 13.70 39.10 32.20
C6 NAG FA . 14.86 38.69 31.30
C7 NAG FA . 9.20 37.26 34.43
C8 NAG FA . 9.34 36.03 33.57
N2 NAG FA . 10.07 38.27 34.31
O3 NAG FA . 12.63 38.08 35.69
O4 NAG FA . 14.93 39.13 34.29
O5 NAG FA . 12.49 38.68 31.58
O6 NAG FA . 14.95 39.57 30.21
O7 NAG FA . 8.27 37.32 35.22
O26 T22 GA . -1.97 22.24 20.16
C25 T22 GA . -3.03 21.59 20.00
N2 T22 GA . -2.99 20.47 19.25
C1 T22 GA . -1.71 20.06 18.64
N15 T22 GA . -4.18 22.02 20.57
C16 T22 GA . -4.16 23.26 21.38
C17 T22 GA . -3.75 24.52 20.63
C22 T22 GA . -4.30 24.90 19.38
C23 T22 GA . -5.20 24.19 18.75
N24 T22 GA . -6.02 23.57 18.19
C21 T22 GA . -3.85 26.09 18.78
C20 T22 GA . -2.89 26.90 19.40
C19 T22 GA . -2.36 26.54 20.64
C18 T22 GA . -2.81 25.36 21.24
C6 T22 GA . -5.33 21.28 20.40
C5 T22 GA . -5.30 20.12 19.61
C3 T22 GA . -4.11 19.73 19.06
O4 T22 GA . -4.11 18.69 18.37
N7 T22 GA . -6.55 21.51 21.09
C14 T22 GA . -7.84 21.54 20.36
C11 T22 GA . -8.89 22.48 20.97
N13 T22 GA . -8.61 23.92 20.66
C10 T22 GA . -8.99 22.28 22.47
C9 T22 GA . -7.63 22.39 23.15
C8 T22 GA . -6.61 21.44 22.55
#